data_4EV2
#
_entry.id   4EV2
#
_cell.length_a   104.408
_cell.length_b   232.834
_cell.length_c   105.119
_cell.angle_alpha   90.00
_cell.angle_beta   96.66
_cell.angle_gamma   90.00
#
_symmetry.space_group_name_H-M   'P 1 21 1'
#
loop_
_entity.id
_entity.type
_entity.pdbx_description
1 polymer 'Peroxisomal primary amine oxidase'
2 non-polymer GLYCEROL
3 non-polymer 'COPPER (II) ION'
4 non-polymer 'HYDROGEN PEROXIDE'
5 non-polymer ETHANAMINE
6 non-polymer 'PHOSPHATE ION'
7 water water
#
_entity_poly.entity_id   1
_entity_poly.type   'polypeptide(L)'
_entity_poly.pdbx_seq_one_letter_code
;MERLRQIASQATAASAAPARPAHPLDPLSTAEIKAATNTVKSYFAGKKISFNTVTLREPARKAYIQWKEQGGPLPPRLAY
YVILEAGKPGVKEGLVDLASLSVIETRALETVQPILTVEDLCSTEEVIRNDPAVIEQCVLSGIPANEMHKVYCDPWTIGY
DERWGTGKRLQQALVYYRSDEDDSQYSHPLDFCPIVDTEEKKVIFIDIPNRRRKVSKHKHANFYPKHMIEKVGAMRPEAP
PINVTQPEGVSFKMTGNVMEWSNFKFHIGFNYREGIVLSDVSYNDHGNVRPIFHRISLSEMIVPYGSPEFPHQRKHALDI
GEYGAGYMTNPLSLGCDCKGVIHYLDAHFSDRAGDPITVKNAVCIHEEDDGLLFKHSDFRDNFATSLVTRATKLVVSQIF
TAAN(TYQ)EYCLYWVFMQDGAIRLDIRLTGILNTYILGDDEEAGPWGTRVYPNVNAHNHQHLFSLRIDPRIDGDGNSAA
ACDAKSSPYPLGSPENMYGNAFYSEKTTFKTVKDSLTNYESATGRSWDIFNPNKVNPYSGKPPSYKLVSTQCPPLLAKEG
SLVAKRAPWASHSVNVVPYKDNRLYPSGDHVPQWSGDGVRGMREWIGDGSENIDNTDILFFHTFGITHFPAPEDFPLMPA
EPITLMLRPRHFFTENPGLDIQPSYAMTTSEAKRAVHKETKDKTSRLAFEGSCCGK
;
_entity_poly.pdbx_strand_id   A,B,C,D,E,F
#
# COMPACT_ATOMS: atom_id res chain seq x y z
N PRO A 18 -6.24 41.41 -58.84
CA PRO A 18 -5.59 40.21 -59.36
C PRO A 18 -6.51 39.24 -60.14
N ALA A 19 -6.06 38.00 -60.31
CA ALA A 19 -6.90 36.87 -60.71
C ALA A 19 -7.11 35.97 -59.48
N ARG A 20 -8.36 35.69 -59.14
CA ARG A 20 -8.66 34.74 -58.07
C ARG A 20 -8.67 33.31 -58.64
N PRO A 21 -8.09 32.34 -57.91
CA PRO A 21 -8.39 30.93 -58.24
C PRO A 21 -9.84 30.58 -57.92
N ALA A 22 -10.39 29.57 -58.59
CA ALA A 22 -11.71 29.05 -58.24
C ALA A 22 -11.80 28.69 -56.74
N HIS A 23 -10.90 27.83 -56.27
CA HIS A 23 -11.07 27.23 -54.97
C HIS A 23 -10.33 27.99 -53.87
N PRO A 24 -11.07 28.48 -52.85
CA PRO A 24 -10.53 29.17 -51.68
C PRO A 24 -9.41 28.43 -50.94
N LEU A 25 -9.31 27.11 -51.09
CA LEU A 25 -8.25 26.34 -50.37
C LEU A 25 -7.02 26.16 -51.22
N ASP A 26 -7.10 26.55 -52.49
CA ASP A 26 -5.93 26.48 -53.36
C ASP A 26 -4.76 27.25 -52.77
N PRO A 27 -3.55 26.67 -52.84
CA PRO A 27 -2.30 27.39 -52.51
C PRO A 27 -2.12 28.69 -53.31
N LEU A 28 -1.39 29.65 -52.77
CA LEU A 28 -1.04 30.85 -53.52
C LEU A 28 -0.32 30.51 -54.84
N SER A 29 -0.75 31.17 -55.94
CA SER A 29 -0.06 31.05 -57.23
C SER A 29 1.21 31.87 -57.22
N THR A 30 2.02 31.73 -58.25
CA THR A 30 3.23 32.50 -58.35
C THR A 30 2.86 33.97 -58.48
N ALA A 31 1.82 34.27 -59.25
CA ALA A 31 1.35 35.65 -59.35
C ALA A 31 0.96 36.20 -57.98
N GLU A 32 0.17 35.44 -57.23
CA GLU A 32 -0.29 35.90 -55.93
C GLU A 32 0.84 36.08 -54.89
N ILE A 33 1.84 35.23 -54.97
CA ILE A 33 3.01 35.32 -54.09
C ILE A 33 3.73 36.67 -54.37
N LYS A 34 4.06 36.91 -55.65
CA LYS A 34 4.63 38.19 -56.08
C LYS A 34 3.74 39.40 -55.71
N ALA A 35 2.43 39.30 -55.91
CA ALA A 35 1.53 40.34 -55.43
C ALA A 35 1.67 40.55 -53.94
N ALA A 36 1.74 39.46 -53.15
CA ALA A 36 1.90 39.59 -51.70
C ALA A 36 3.18 40.35 -51.35
N THR A 37 4.29 39.96 -51.95
CA THR A 37 5.59 40.53 -51.59
C THR A 37 5.82 41.98 -52.05
N ASN A 38 5.33 42.33 -53.24
CA ASN A 38 5.25 43.75 -53.68
C ASN A 38 4.51 44.58 -52.65
N THR A 39 3.38 44.08 -52.18
CA THR A 39 2.57 44.80 -51.19
C THR A 39 3.34 45.03 -49.89
N VAL A 40 4.09 44.01 -49.45
CA VAL A 40 4.86 44.07 -48.21
C VAL A 40 6.10 44.95 -48.39
N LYS A 41 6.80 44.76 -49.50
CA LYS A 41 7.83 45.70 -49.92
C LYS A 41 7.42 47.20 -49.79
N SER A 42 6.27 47.56 -50.35
CA SER A 42 5.83 48.96 -50.40
CA SER A 42 5.88 48.97 -50.38
C SER A 42 5.26 49.44 -49.07
N TYR A 43 4.74 48.52 -48.27
CA TYR A 43 4.28 48.90 -46.93
C TYR A 43 5.48 49.20 -46.01
N PHE A 44 6.59 48.50 -46.22
CA PHE A 44 7.79 48.79 -45.46
C PHE A 44 8.78 49.64 -46.28
N ALA A 45 8.25 50.70 -46.87
CA ALA A 45 8.99 51.52 -47.83
C ALA A 45 10.31 52.00 -47.21
N GLY A 46 11.41 51.72 -47.89
CA GLY A 46 12.73 52.23 -47.49
C GLY A 46 13.43 51.44 -46.41
N LYS A 47 12.94 50.23 -46.14
CA LYS A 47 13.55 49.33 -45.17
C LYS A 47 14.08 48.04 -45.85
N LYS A 48 15.29 47.61 -45.45
CA LYS A 48 15.89 46.36 -45.99
C LYS A 48 15.24 45.15 -45.29
N ILE A 49 14.23 44.58 -45.93
CA ILE A 49 13.54 43.40 -45.44
C ILE A 49 13.83 42.18 -46.33
N SER A 50 13.84 40.98 -45.74
CA SER A 50 13.86 39.77 -46.53
C SER A 50 12.68 38.83 -46.16
N PHE A 51 12.25 38.01 -47.12
CA PHE A 51 11.08 37.16 -46.93
C PHE A 51 11.42 35.80 -46.41
N ASN A 52 10.72 35.41 -45.36
CA ASN A 52 10.90 34.07 -44.79
C ASN A 52 9.81 33.06 -45.19
N THR A 53 8.56 33.50 -45.11
CA THR A 53 7.41 32.68 -45.46
C THR A 53 6.43 33.57 -46.20
N VAL A 54 5.95 33.13 -47.35
CA VAL A 54 4.76 33.73 -47.91
C VAL A 54 3.80 32.64 -48.34
N THR A 55 2.66 32.59 -47.69
CA THR A 55 1.80 31.42 -47.82
C THR A 55 0.37 31.83 -47.59
N LEU A 56 -0.53 31.02 -48.13
CA LEU A 56 -1.98 31.13 -47.91
C LEU A 56 -2.36 31.17 -46.43
N ARG A 57 -3.14 32.20 -46.08
CA ARG A 57 -3.95 32.14 -44.89
C ARG A 57 -5.28 31.55 -45.30
N GLU A 58 -5.51 30.29 -44.90
CA GLU A 58 -6.76 29.59 -45.23
C GLU A 58 -7.94 30.34 -44.62
N PRO A 59 -9.07 30.39 -45.32
CA PRO A 59 -10.23 31.09 -44.73
C PRO A 59 -10.71 30.47 -43.42
N ALA A 60 -11.44 31.24 -42.61
CA ALA A 60 -12.12 30.67 -41.42
C ALA A 60 -12.96 29.44 -41.78
N ARG A 61 -12.94 28.42 -40.91
CA ARG A 61 -13.71 27.21 -41.13
C ARG A 61 -15.18 27.58 -41.39
N LYS A 62 -15.74 28.50 -40.62
CA LYS A 62 -17.16 28.89 -40.76
C LYS A 62 -17.37 29.56 -42.12
N ALA A 63 -16.61 30.59 -42.43
CA ALA A 63 -16.76 31.25 -43.71
C ALA A 63 -16.72 30.22 -44.86
N TYR A 64 -15.82 29.25 -44.76
CA TYR A 64 -15.63 28.29 -45.85
C TYR A 64 -16.84 27.39 -46.02
N ILE A 65 -17.39 26.97 -44.89
CA ILE A 65 -18.52 26.04 -44.89
C ILE A 65 -19.79 26.78 -45.34
N GLN A 66 -19.90 28.04 -44.93
CA GLN A 66 -20.98 28.91 -45.43
C GLN A 66 -20.91 29.07 -46.96
N TRP A 67 -19.72 29.29 -47.49
CA TRP A 67 -19.54 29.44 -48.93
C TRP A 67 -19.77 28.13 -49.66
N LYS A 68 -19.28 27.03 -49.08
CA LYS A 68 -19.47 25.73 -49.69
C LYS A 68 -20.95 25.32 -49.79
N GLU A 69 -21.73 25.62 -48.75
CA GLU A 69 -22.98 24.89 -48.48
C GLU A 69 -24.21 25.79 -48.22
N GLN A 70 -23.99 27.04 -47.83
CA GLN A 70 -25.08 27.92 -47.46
C GLN A 70 -25.17 29.14 -48.39
N GLY A 71 -24.55 29.06 -49.57
CA GLY A 71 -24.49 30.20 -50.49
C GLY A 71 -23.80 31.46 -50.00
N GLY A 72 -22.85 31.32 -49.07
CA GLY A 72 -22.20 32.49 -48.45
C GLY A 72 -21.20 33.15 -49.39
N PRO A 73 -20.71 34.36 -49.04
CA PRO A 73 -19.79 34.98 -50.00
C PRO A 73 -18.46 34.22 -50.10
N LEU A 74 -17.82 34.31 -51.28
CA LEU A 74 -16.46 33.81 -51.49
C LEU A 74 -15.49 34.53 -50.54
N PRO A 75 -14.84 33.76 -49.63
CA PRO A 75 -13.92 34.35 -48.65
C PRO A 75 -12.80 35.13 -49.33
N PRO A 76 -12.33 36.20 -48.70
CA PRO A 76 -11.25 36.93 -49.33
C PRO A 76 -9.99 36.06 -49.42
N ARG A 77 -9.26 36.26 -50.50
CA ARG A 77 -7.98 35.62 -50.71
C ARG A 77 -6.89 36.34 -49.88
N LEU A 78 -6.26 35.64 -48.92
CA LEU A 78 -5.27 36.23 -47.99
C LEU A 78 -3.91 35.51 -47.96
N ALA A 79 -2.84 36.29 -47.84
CA ALA A 79 -1.49 35.74 -47.74
C ALA A 79 -0.89 36.13 -46.42
N TYR A 80 -0.33 35.13 -45.76
CA TYR A 80 0.36 35.27 -44.50
C TYR A 80 1.83 35.42 -44.86
N TYR A 81 2.49 36.41 -44.27
CA TYR A 81 3.95 36.56 -44.48
C TYR A 81 4.70 36.65 -43.15
N VAL A 82 5.95 36.23 -43.23
CA VAL A 82 6.93 36.42 -42.20
C VAL A 82 8.17 37.05 -42.85
N ILE A 83 8.65 38.16 -42.28
CA ILE A 83 9.85 38.82 -42.81
C ILE A 83 10.91 39.05 -41.73
N LEU A 84 12.16 39.17 -42.15
CA LEU A 84 13.16 39.74 -41.28
C LEU A 84 13.57 41.15 -41.72
N GLU A 85 14.01 41.95 -40.77
CA GLU A 85 14.57 43.27 -41.08
C GLU A 85 16.01 43.36 -40.61
N ALA A 86 16.93 43.56 -41.55
CA ALA A 86 18.36 43.75 -41.21
C ALA A 86 18.49 44.66 -39.99
N GLY A 87 19.12 44.19 -38.91
CA GLY A 87 19.26 45.02 -37.72
C GLY A 87 18.11 45.05 -36.70
N LYS A 88 17.01 44.33 -36.98
CA LYS A 88 15.96 44.21 -35.97
C LYS A 88 15.91 42.78 -35.47
N PRO A 89 15.74 42.60 -34.15
CA PRO A 89 15.64 41.22 -33.61
C PRO A 89 14.34 40.54 -34.02
N GLY A 90 14.39 39.21 -34.15
CA GLY A 90 13.19 38.42 -34.32
C GLY A 90 12.62 38.64 -35.70
N VAL A 91 11.31 38.76 -35.80
CA VAL A 91 10.65 38.78 -37.09
C VAL A 91 9.51 39.75 -37.05
N LYS A 92 8.85 39.89 -38.19
CA LYS A 92 7.58 40.57 -38.28
C LYS A 92 6.69 39.65 -39.12
N GLU A 93 5.39 39.63 -38.87
CA GLU A 93 4.48 38.77 -39.60
C GLU A 93 3.18 39.53 -39.78
N GLY A 94 2.34 39.07 -40.71
CA GLY A 94 1.06 39.71 -40.85
C GLY A 94 0.33 39.16 -42.03
N LEU A 95 -0.75 39.82 -42.39
CA LEU A 95 -1.64 39.38 -43.44
C LEU A 95 -1.69 40.43 -44.55
N VAL A 96 -1.60 39.98 -45.81
CA VAL A 96 -1.87 40.84 -46.97
C VAL A 96 -3.18 40.41 -47.62
N ASP A 97 -4.10 41.37 -47.84
CA ASP A 97 -5.36 41.13 -48.58
C ASP A 97 -5.07 41.36 -50.06
N LEU A 98 -5.11 40.28 -50.85
CA LEU A 98 -4.62 40.32 -52.23
C LEU A 98 -5.49 41.14 -53.19
N ALA A 99 -6.81 41.08 -52.99
CA ALA A 99 -7.75 41.81 -53.84
C ALA A 99 -7.42 43.31 -53.77
N SER A 100 -7.12 43.82 -52.58
CA SER A 100 -6.84 45.23 -52.37
C SER A 100 -5.35 45.59 -52.29
N LEU A 101 -4.46 44.63 -52.55
CA LEU A 101 -3.00 44.86 -52.45
C LEU A 101 -2.62 45.70 -51.24
N SER A 102 -3.08 45.29 -50.07
CA SER A 102 -2.80 46.04 -48.85
CA SER A 102 -2.83 46.04 -48.85
C SER A 102 -2.52 45.14 -47.65
N VAL A 103 -1.69 45.64 -46.74
CA VAL A 103 -1.42 44.98 -45.50
C VAL A 103 -2.51 45.29 -44.49
N ILE A 104 -3.22 44.25 -44.06
CA ILE A 104 -4.40 44.41 -43.19
C ILE A 104 -4.14 44.02 -41.73
N GLU A 105 -2.92 43.57 -41.45
CA GLU A 105 -2.59 43.09 -40.12
C GLU A 105 -1.09 42.91 -40.10
N THR A 106 -0.45 43.41 -39.06
CA THR A 106 0.97 43.24 -38.88
C THR A 106 1.38 43.40 -37.40
N ARG A 107 2.42 42.67 -37.01
CA ARG A 107 2.99 42.81 -35.68
C ARG A 107 4.44 42.35 -35.68
N ALA A 108 5.20 42.92 -34.76
CA ALA A 108 6.60 42.54 -34.60
C ALA A 108 6.74 41.55 -33.47
N LEU A 109 7.52 40.49 -33.70
CA LEU A 109 7.80 39.52 -32.63
C LEU A 109 9.28 39.50 -32.43
N GLU A 110 9.74 40.29 -31.48
CA GLU A 110 11.17 40.45 -31.32
C GLU A 110 11.87 39.24 -30.72
N THR A 111 11.13 38.36 -30.06
CA THR A 111 11.79 37.32 -29.28
C THR A 111 11.44 35.89 -29.79
N VAL A 112 11.13 35.72 -31.06
CA VAL A 112 11.03 34.35 -31.61
C VAL A 112 11.99 34.26 -32.79
N GLN A 113 12.32 33.05 -33.24
CA GLN A 113 13.04 32.88 -34.49
C GLN A 113 12.20 31.98 -35.38
N PRO A 114 12.26 32.19 -36.70
CA PRO A 114 11.32 31.46 -37.55
C PRO A 114 11.94 30.24 -38.26
N ILE A 115 11.11 29.51 -38.97
CA ILE A 115 11.49 28.35 -39.76
C ILE A 115 12.72 28.65 -40.61
N LEU A 116 13.61 27.66 -40.74
CA LEU A 116 14.80 27.87 -41.53
C LEU A 116 14.58 27.45 -42.98
N THR A 117 14.76 28.39 -43.89
CA THR A 117 14.48 28.16 -45.31
C THR A 117 15.71 27.57 -45.99
N VAL A 118 15.52 27.09 -47.22
CA VAL A 118 16.64 26.54 -47.98
C VAL A 118 17.77 27.55 -48.09
N GLU A 119 17.46 28.81 -48.37
CA GLU A 119 18.49 29.84 -48.47
C GLU A 119 19.21 30.13 -47.15
N ASP A 120 18.47 30.18 -46.03
CA ASP A 120 19.07 30.37 -44.68
C ASP A 120 20.09 29.30 -44.41
N LEU A 121 19.80 28.10 -44.91
CA LEU A 121 20.63 26.93 -44.69
C LEU A 121 21.85 26.79 -45.61
N CYS A 122 21.69 27.10 -46.90
CA CYS A 122 22.72 26.72 -47.86
CA CYS A 122 22.69 26.86 -47.97
C CYS A 122 24.06 27.45 -47.66
N SER A 123 24.04 28.67 -47.11
CA SER A 123 25.26 29.44 -46.87
C SER A 123 26.13 28.93 -45.70
N THR A 124 25.59 28.08 -44.84
CA THR A 124 26.31 27.69 -43.63
C THR A 124 27.65 26.95 -43.85
N GLU A 125 27.71 26.06 -44.86
CA GLU A 125 28.94 25.28 -45.10
C GLU A 125 30.06 26.21 -45.49
N GLU A 126 29.76 27.11 -46.43
CA GLU A 126 30.76 28.06 -46.83
CA GLU A 126 30.68 28.17 -46.85
C GLU A 126 31.20 28.94 -45.65
N VAL A 127 30.28 29.30 -44.74
CA VAL A 127 30.69 30.08 -43.58
C VAL A 127 31.66 29.29 -42.73
N ILE A 128 31.35 28.03 -42.46
CA ILE A 128 32.26 27.28 -41.61
C ILE A 128 33.61 26.95 -42.28
N ARG A 129 33.57 26.72 -43.59
CA ARG A 129 34.79 26.41 -44.35
C ARG A 129 35.81 27.54 -44.28
N ASN A 130 35.31 28.77 -44.21
CA ASN A 130 36.15 29.94 -44.19
C ASN A 130 36.40 30.50 -42.82
N ASP A 131 35.94 29.84 -41.77
CA ASP A 131 36.09 30.49 -40.48
C ASP A 131 37.37 30.05 -39.79
N PRO A 132 38.16 31.00 -39.26
CA PRO A 132 39.48 30.63 -38.73
C PRO A 132 39.51 29.65 -37.55
N ALA A 133 38.61 29.80 -36.58
CA ALA A 133 38.60 28.85 -35.46
C ALA A 133 38.13 27.43 -35.92
N VAL A 134 37.18 27.38 -36.84
CA VAL A 134 36.78 26.11 -37.45
C VAL A 134 37.93 25.48 -38.19
N ILE A 135 38.62 26.27 -39.04
CA ILE A 135 39.82 25.77 -39.74
C ILE A 135 40.83 25.15 -38.77
N GLU A 136 41.06 25.80 -37.64
CA GLU A 136 41.98 25.27 -36.65
C GLU A 136 41.48 23.98 -35.99
N GLN A 137 40.17 23.90 -35.79
CA GLN A 137 39.58 22.66 -35.24
C GLN A 137 39.76 21.53 -36.23
N CYS A 138 39.57 21.84 -37.51
CA CYS A 138 39.79 20.85 -38.56
C CYS A 138 41.24 20.35 -38.57
N VAL A 139 42.21 21.26 -38.43
CA VAL A 139 43.65 20.90 -38.35
C VAL A 139 43.93 20.06 -37.11
N LEU A 140 43.41 20.47 -35.96
CA LEU A 140 43.60 19.66 -34.74
C LEU A 140 42.99 18.27 -34.89
N SER A 141 41.99 18.15 -35.74
CA SER A 141 41.34 16.86 -35.96
C SER A 141 42.01 16.03 -37.05
N GLY A 142 43.07 16.56 -37.65
CA GLY A 142 43.88 15.82 -38.65
C GLY A 142 43.55 16.08 -40.10
N ILE A 143 42.99 17.25 -40.40
CA ILE A 143 42.65 17.61 -41.77
C ILE A 143 43.35 18.94 -42.06
N PRO A 144 44.21 18.99 -43.09
CA PRO A 144 45.05 20.17 -43.34
C PRO A 144 44.23 21.37 -43.76
N ALA A 145 44.73 22.56 -43.45
CA ALA A 145 44.02 23.81 -43.70
C ALA A 145 43.66 24.02 -45.14
N ASN A 146 44.38 23.35 -46.03
CA ASN A 146 44.17 23.50 -47.46
C ASN A 146 43.29 22.39 -48.08
N GLU A 147 42.71 21.56 -47.23
CA GLU A 147 41.72 20.54 -47.61
C GLU A 147 40.33 20.91 -47.04
N MET A 148 40.12 22.19 -46.75
CA MET A 148 38.86 22.63 -46.18
C MET A 148 37.68 22.38 -47.13
N HIS A 149 37.98 22.20 -48.42
CA HIS A 149 36.98 21.84 -49.41
C HIS A 149 36.46 20.40 -49.18
N LYS A 150 37.16 19.64 -48.35
CA LYS A 150 36.71 18.29 -47.99
C LYS A 150 35.80 18.25 -46.76
N VAL A 151 35.64 19.38 -46.09
CA VAL A 151 34.85 19.47 -44.88
C VAL A 151 33.45 19.88 -45.27
N TYR A 152 32.47 19.11 -44.81
CA TYR A 152 31.08 19.41 -45.06
C TYR A 152 30.36 19.55 -43.72
N CYS A 153 29.19 20.20 -43.74
CA CYS A 153 28.37 20.19 -42.56
C CYS A 153 26.90 20.10 -42.94
N ASP A 154 26.11 19.41 -42.13
CA ASP A 154 24.67 19.58 -42.23
C ASP A 154 24.22 20.70 -41.27
N PRO A 155 23.59 21.77 -41.82
CA PRO A 155 23.23 22.86 -40.95
C PRO A 155 21.86 22.61 -40.29
N TRP A 156 21.78 22.68 -38.96
CA TRP A 156 20.52 22.46 -38.25
C TRP A 156 20.21 23.75 -37.54
N THR A 157 18.96 24.02 -37.17
CA THR A 157 18.72 24.94 -36.06
CA THR A 157 18.81 25.01 -36.11
C THR A 157 19.57 24.48 -34.88
N ILE A 158 19.91 25.42 -34.01
CA ILE A 158 20.56 25.09 -32.78
C ILE A 158 19.50 24.33 -31.96
N GLY A 159 18.22 24.50 -32.34
CA GLY A 159 17.12 23.86 -31.65
C GLY A 159 16.78 24.68 -30.42
N TYR A 160 17.45 24.40 -29.31
CA TYR A 160 17.45 25.31 -28.17
C TYR A 160 18.75 25.18 -27.41
N ASP A 161 19.38 26.32 -27.19
CA ASP A 161 20.55 26.40 -26.32
C ASP A 161 20.34 27.56 -25.35
N GLU A 162 20.36 27.23 -24.08
CA GLU A 162 20.17 28.21 -23.01
C GLU A 162 21.29 29.26 -22.85
N ARG A 163 22.36 29.15 -23.63
CA ARG A 163 23.39 30.20 -23.63
C ARG A 163 22.94 31.41 -24.46
N TRP A 164 21.95 31.22 -25.33
CA TRP A 164 21.56 32.32 -26.24
C TRP A 164 20.05 32.58 -26.39
N GLY A 165 19.20 31.62 -26.05
CA GLY A 165 17.76 31.80 -26.21
C GLY A 165 17.37 32.13 -27.64
N THR A 166 16.63 33.21 -27.83
CA THR A 166 16.20 33.59 -29.15
C THR A 166 16.92 34.87 -29.48
N GLY A 167 17.88 35.22 -28.63
CA GLY A 167 18.59 36.51 -28.76
C GLY A 167 19.35 36.74 -30.05
N LYS A 168 19.98 35.69 -30.58
CA LYS A 168 20.48 35.69 -31.97
C LYS A 168 19.78 34.55 -32.71
N ARG A 169 19.80 34.59 -34.04
CA ARG A 169 19.25 33.48 -34.85
C ARG A 169 20.39 32.52 -35.14
N LEU A 170 20.32 31.30 -34.60
CA LEU A 170 21.49 30.42 -34.64
CA LEU A 170 21.49 30.40 -34.59
C LEU A 170 21.21 29.07 -35.29
N GLN A 171 22.28 28.54 -35.90
CA GLN A 171 22.33 27.19 -36.41
C GLN A 171 23.49 26.50 -35.72
N GLN A 172 23.41 25.18 -35.68
CA GLN A 172 24.57 24.33 -35.33
C GLN A 172 24.92 23.50 -36.55
N ALA A 173 26.23 23.38 -36.78
CA ALA A 173 26.77 22.72 -37.94
C ALA A 173 27.30 21.35 -37.52
N LEU A 174 26.66 20.29 -38.00
CA LEU A 174 27.17 18.95 -37.72
C LEU A 174 28.17 18.61 -38.82
N VAL A 175 29.41 18.44 -38.39
CA VAL A 175 30.54 18.49 -39.31
C VAL A 175 30.97 17.09 -39.69
N TYR A 176 31.18 16.91 -40.99
CA TYR A 176 31.70 15.68 -41.59
C TYR A 176 32.84 15.94 -42.59
N TYR A 177 33.47 14.84 -43.00
CA TYR A 177 34.62 14.83 -43.87
C TYR A 177 34.37 13.88 -45.06
N ARG A 178 34.60 14.34 -46.30
CA ARG A 178 34.62 13.45 -47.50
C ARG A 178 36.02 13.36 -48.12
N SER A 179 36.54 12.15 -48.34
CA SER A 179 37.78 11.95 -49.11
CA SER A 179 37.78 11.96 -49.11
C SER A 179 37.57 12.35 -50.56
N ASP A 180 36.37 12.07 -51.06
CA ASP A 180 36.01 12.34 -52.44
C ASP A 180 34.58 12.89 -52.45
N GLU A 181 34.31 13.83 -53.33
CA GLU A 181 33.02 14.47 -53.40
C GLU A 181 31.83 13.47 -53.56
N ASP A 182 32.11 12.26 -54.07
CA ASP A 182 31.08 11.24 -54.24
C ASP A 182 30.91 10.35 -53.01
N ASP A 183 31.71 10.57 -51.96
CA ASP A 183 31.55 9.77 -50.73
C ASP A 183 30.22 10.12 -50.08
N SER A 184 29.67 9.17 -49.33
CA SER A 184 28.69 9.51 -48.33
C SER A 184 29.45 9.92 -47.06
N GLN A 185 29.25 11.16 -46.65
CA GLN A 185 30.11 11.72 -45.61
C GLN A 185 29.86 11.14 -44.23
N TYR A 186 28.73 10.45 -44.05
CA TYR A 186 28.34 10.03 -42.70
C TYR A 186 29.21 9.00 -41.96
N SER A 187 30.14 8.35 -42.68
CA SER A 187 31.07 7.46 -42.00
C SER A 187 32.15 8.29 -41.32
N HIS A 188 32.14 9.59 -41.60
CA HIS A 188 33.27 10.44 -41.18
C HIS A 188 32.91 11.77 -40.49
N PRO A 189 32.18 11.68 -39.36
CA PRO A 189 31.89 12.89 -38.57
C PRO A 189 33.14 13.43 -37.87
N LEU A 190 33.18 14.74 -37.63
CA LEU A 190 34.18 15.29 -36.77
C LEU A 190 33.63 15.47 -35.36
N ASP A 191 34.51 15.76 -34.42
CA ASP A 191 34.17 15.76 -33.02
C ASP A 191 33.53 17.01 -32.44
N PHE A 192 33.53 18.10 -33.18
CA PHE A 192 33.26 19.41 -32.58
C PHE A 192 32.04 20.02 -33.30
N CYS A 193 31.47 21.06 -32.72
CA CYS A 193 30.23 21.59 -33.23
C CYS A 193 30.20 23.13 -33.33
N PRO A 194 30.42 23.67 -34.53
CA PRO A 194 30.35 25.14 -34.65
C PRO A 194 28.91 25.69 -34.50
N ILE A 195 28.79 26.81 -33.80
CA ILE A 195 27.54 27.49 -33.69
C ILE A 195 27.60 28.74 -34.55
N VAL A 196 26.59 29.00 -35.37
CA VAL A 196 26.71 29.96 -36.44
C VAL A 196 25.53 30.94 -36.37
N ASP A 197 25.84 32.23 -36.31
CA ASP A 197 24.81 33.26 -36.42
C ASP A 197 24.33 33.36 -37.87
N THR A 198 23.07 32.99 -38.10
CA THR A 198 22.48 32.91 -39.45
C THR A 198 22.52 34.25 -40.16
N GLU A 199 22.19 35.33 -39.45
CA GLU A 199 22.08 36.65 -40.09
C GLU A 199 23.41 37.40 -40.26
N GLU A 200 24.34 37.23 -39.33
CA GLU A 200 25.68 37.81 -39.46
C GLU A 200 26.63 36.96 -40.32
N LYS A 201 26.21 35.76 -40.67
CA LYS A 201 27.03 34.81 -41.41
C LYS A 201 28.47 34.63 -40.84
N LYS A 202 28.53 34.21 -39.58
CA LYS A 202 29.72 34.25 -38.76
C LYS A 202 29.61 33.11 -37.71
N VAL A 203 30.69 32.35 -37.49
CA VAL A 203 30.78 31.41 -36.39
C VAL A 203 30.96 32.14 -35.04
N ILE A 204 30.04 31.93 -34.09
CA ILE A 204 30.22 32.62 -32.80
C ILE A 204 30.79 31.80 -31.67
N PHE A 205 30.78 30.47 -31.82
CA PHE A 205 31.26 29.56 -30.77
C PHE A 205 31.50 28.19 -31.39
N ILE A 206 32.39 27.41 -30.82
CA ILE A 206 32.45 26.00 -31.20
C ILE A 206 32.43 25.14 -29.97
N ASP A 207 31.47 24.20 -29.90
CA ASP A 207 31.46 23.23 -28.80
C ASP A 207 32.54 22.19 -29.08
N ILE A 208 33.43 22.00 -28.12
CA ILE A 208 34.58 21.14 -28.29
C ILE A 208 34.56 20.16 -27.14
N PRO A 209 34.57 18.86 -27.44
CA PRO A 209 34.46 17.95 -26.31
C PRO A 209 35.76 17.90 -25.52
N ASN A 210 35.72 17.42 -24.29
CA ASN A 210 36.93 17.24 -23.48
C ASN A 210 37.90 16.21 -24.05
N ARG A 211 37.40 15.05 -24.46
CA ARG A 211 38.21 14.06 -25.19
C ARG A 211 38.12 14.29 -26.70
N ARG A 212 39.22 14.77 -27.29
CA ARG A 212 39.30 14.96 -28.74
C ARG A 212 39.34 13.60 -29.45
N ARG A 213 38.66 13.52 -30.60
CA ARG A 213 38.70 12.32 -31.42
C ARG A 213 38.99 12.75 -32.84
N LYS A 214 40.11 12.30 -33.39
CA LYS A 214 40.53 12.82 -34.71
C LYS A 214 39.81 12.07 -35.82
N VAL A 215 39.76 12.64 -37.01
CA VAL A 215 39.06 12.02 -38.12
C VAL A 215 39.39 10.55 -38.33
N SER A 216 38.38 9.80 -38.72
CA SER A 216 38.55 8.37 -38.91
C SER A 216 39.51 8.16 -40.08
N LYS A 217 40.38 7.17 -39.95
CA LYS A 217 41.30 6.80 -41.02
C LYS A 217 40.75 5.70 -41.93
N HIS A 218 39.57 5.16 -41.58
CA HIS A 218 38.94 4.13 -42.39
C HIS A 218 38.48 4.59 -43.77
N LYS A 219 38.31 3.64 -44.68
CA LYS A 219 37.57 3.95 -45.91
C LYS A 219 36.16 4.48 -45.61
N HIS A 220 35.68 5.39 -46.44
CA HIS A 220 34.28 5.79 -46.36
C HIS A 220 33.31 4.61 -46.61
N ALA A 221 32.15 4.63 -45.95
CA ALA A 221 31.14 3.59 -46.17
C ALA A 221 30.15 4.06 -47.22
N ASN A 222 30.40 3.61 -48.44
CA ASN A 222 29.74 4.18 -49.61
C ASN A 222 28.73 3.25 -50.24
N PHE A 223 27.89 3.74 -51.12
CA PHE A 223 26.76 2.91 -51.54
C PHE A 223 26.35 2.99 -53.01
N TYR A 224 27.04 3.79 -53.82
CA TYR A 224 26.77 3.80 -55.25
C TYR A 224 27.29 2.53 -55.94
N PRO A 225 26.69 2.16 -57.08
CA PRO A 225 27.17 0.93 -57.73
C PRO A 225 28.70 0.85 -57.91
N LYS A 226 29.35 1.95 -58.32
CA LYS A 226 30.80 1.93 -58.49
C LYS A 226 31.47 1.57 -57.18
N HIS A 227 30.99 2.14 -56.09
CA HIS A 227 31.51 1.77 -54.77
C HIS A 227 31.21 0.34 -54.45
N MET A 228 29.99 -0.09 -54.76
CA MET A 228 29.61 -1.45 -54.40
C MET A 228 30.44 -2.50 -55.20
N ILE A 229 30.77 -2.18 -56.46
CA ILE A 229 31.64 -3.06 -57.27
C ILE A 229 33.00 -3.30 -56.58
N GLU A 230 33.61 -2.21 -56.08
CA GLU A 230 34.84 -2.32 -55.28
C GLU A 230 34.60 -3.17 -54.05
N LYS A 231 33.54 -2.88 -53.31
CA LYS A 231 33.35 -3.44 -51.97
C LYS A 231 32.95 -4.95 -51.96
N VAL A 232 32.04 -5.38 -52.84
CA VAL A 232 31.61 -6.79 -52.80
C VAL A 232 31.83 -7.58 -54.10
N GLY A 233 32.49 -6.96 -55.08
CA GLY A 233 32.87 -7.61 -56.34
C GLY A 233 32.05 -7.24 -57.57
N ALA A 234 30.75 -7.12 -57.41
CA ALA A 234 29.84 -6.89 -58.53
C ALA A 234 28.44 -6.61 -58.04
N MET A 235 27.70 -5.85 -58.84
CA MET A 235 26.28 -5.69 -58.63
C MET A 235 25.54 -6.97 -58.97
N ARG A 236 24.36 -7.17 -58.37
CA ARG A 236 23.41 -8.18 -58.83
C ARG A 236 23.01 -7.82 -60.27
N PRO A 237 22.79 -8.85 -61.13
CA PRO A 237 22.22 -8.59 -62.46
C PRO A 237 20.88 -7.82 -62.35
N GLU A 238 20.66 -6.88 -63.27
CA GLU A 238 19.34 -6.28 -63.46
C GLU A 238 18.23 -7.35 -63.45
N ALA A 239 17.21 -7.14 -62.64
CA ALA A 239 16.14 -8.12 -62.45
C ALA A 239 15.09 -8.00 -63.56
N PRO A 240 14.49 -9.14 -63.96
CA PRO A 240 13.47 -9.05 -65.03
C PRO A 240 12.38 -8.10 -64.60
N PRO A 241 11.96 -7.15 -65.46
CA PRO A 241 11.07 -6.06 -65.04
C PRO A 241 9.68 -6.51 -64.65
N ILE A 242 8.99 -5.67 -63.88
CA ILE A 242 7.57 -5.82 -63.53
C ILE A 242 6.90 -4.53 -64.02
N ASN A 243 6.13 -4.62 -65.11
CA ASN A 243 5.55 -3.40 -65.69
C ASN A 243 4.06 -3.23 -65.37
N VAL A 244 3.70 -1.96 -65.16
CA VAL A 244 2.38 -1.55 -64.73
C VAL A 244 1.84 -0.57 -65.77
N THR A 245 0.87 -1.01 -66.56
CA THR A 245 0.21 -0.08 -67.47
C THR A 245 -1.24 0.13 -67.11
N GLN A 246 -1.75 1.32 -67.39
CA GLN A 246 -3.18 1.52 -67.42
C GLN A 246 -3.62 2.00 -68.81
N PRO A 247 -3.92 1.05 -69.72
CA PRO A 247 -4.19 1.36 -71.13
C PRO A 247 -5.44 2.22 -71.34
N GLU A 248 -6.45 2.05 -70.49
CA GLU A 248 -7.65 2.89 -70.57
C GLU A 248 -7.59 4.10 -69.65
N GLY A 249 -6.42 4.42 -69.10
CA GLY A 249 -6.32 5.57 -68.19
C GLY A 249 -6.72 5.25 -66.74
N VAL A 250 -7.01 6.29 -65.96
CA VAL A 250 -7.24 6.13 -64.51
C VAL A 250 -8.72 6.32 -64.14
N SER A 251 -9.14 5.81 -63.00
CA SER A 251 -10.54 6.03 -62.56
C SER A 251 -10.74 7.33 -61.80
N PHE A 252 -9.69 7.94 -61.29
CA PHE A 252 -9.87 9.18 -60.57
C PHE A 252 -10.00 10.37 -61.52
N LYS A 253 -10.60 11.45 -61.02
CA LYS A 253 -10.80 12.69 -61.78
C LYS A 253 -10.38 13.92 -60.97
N MET A 254 -9.40 14.67 -61.48
CA MET A 254 -9.04 15.95 -60.89
C MET A 254 -9.54 17.17 -61.65
N THR A 255 -10.24 18.04 -60.93
CA THR A 255 -10.57 19.37 -61.41
C THR A 255 -9.80 20.42 -60.57
N GLY A 256 -8.72 21.00 -61.11
CA GLY A 256 -7.82 21.80 -60.30
C GLY A 256 -7.20 20.89 -59.24
N ASN A 257 -7.36 21.26 -57.99
CA ASN A 257 -6.81 20.45 -56.91
C ASN A 257 -7.88 19.55 -56.26
N VAL A 258 -9.08 19.53 -56.86
CA VAL A 258 -10.16 18.73 -56.34
C VAL A 258 -10.10 17.34 -56.90
N MET A 259 -10.01 16.36 -56.01
CA MET A 259 -9.94 14.96 -56.37
C MET A 259 -11.33 14.33 -56.26
N GLU A 260 -11.74 13.57 -57.28
CA GLU A 260 -12.83 12.59 -57.13
C GLU A 260 -12.42 11.17 -57.48
N TRP A 261 -12.72 10.24 -56.59
CA TRP A 261 -12.28 8.84 -56.76
C TRP A 261 -13.07 7.94 -55.84
N SER A 262 -13.77 6.97 -56.44
CA SER A 262 -14.48 5.95 -55.68
C SER A 262 -15.33 6.56 -54.54
N ASN A 263 -16.12 7.59 -54.89
CA ASN A 263 -17.05 8.28 -54.01
C ASN A 263 -16.46 9.29 -53.07
N PHE A 264 -15.14 9.23 -52.84
CA PHE A 264 -14.46 10.29 -52.12
C PHE A 264 -14.40 11.57 -52.95
N LYS A 265 -14.50 12.70 -52.28
CA LYS A 265 -14.20 13.96 -52.92
C LYS A 265 -13.47 14.80 -51.89
N PHE A 266 -12.36 15.42 -52.28
CA PHE A 266 -11.57 16.27 -51.39
C PHE A 266 -10.64 17.19 -52.14
N HIS A 267 -10.08 18.15 -51.44
CA HIS A 267 -9.16 19.11 -52.01
C HIS A 267 -7.72 18.80 -51.57
N ILE A 268 -6.79 18.74 -52.51
CA ILE A 268 -5.40 18.47 -52.17
C ILE A 268 -4.65 19.80 -52.18
N GLY A 269 -4.28 20.29 -51.00
CA GLY A 269 -3.51 21.52 -50.85
C GLY A 269 -2.07 21.15 -50.52
N PHE A 270 -1.26 22.17 -50.34
CA PHE A 270 0.14 21.95 -50.07
C PHE A 270 0.68 23.27 -49.54
N ASN A 271 1.47 23.21 -48.47
CA ASN A 271 2.18 24.41 -48.06
C ASN A 271 3.59 24.11 -47.60
N TYR A 272 4.32 25.20 -47.34
CA TYR A 272 5.73 25.17 -47.04
C TYR A 272 6.09 24.30 -45.81
N ARG A 273 5.14 24.13 -44.91
CA ARG A 273 5.41 23.64 -43.56
C ARG A 273 4.86 22.21 -43.40
N GLU A 274 3.56 22.03 -43.60
CA GLU A 274 2.95 20.73 -43.47
C GLU A 274 3.15 19.81 -44.70
N GLY A 275 3.51 20.38 -45.83
CA GLY A 275 3.54 19.59 -47.04
C GLY A 275 2.07 19.42 -47.40
N ILE A 276 1.67 18.18 -47.68
CA ILE A 276 0.31 17.91 -48.16
C ILE A 276 -0.74 18.22 -47.08
N VAL A 277 -1.80 18.89 -47.48
CA VAL A 277 -2.95 19.18 -46.64
C VAL A 277 -4.19 18.70 -47.39
N LEU A 278 -4.93 17.79 -46.76
CA LEU A 278 -6.15 17.31 -47.38
C LEU A 278 -7.38 17.95 -46.74
N SER A 279 -8.26 18.54 -47.55
CA SER A 279 -9.37 19.35 -47.01
C SER A 279 -10.73 18.86 -47.53
N ASP A 280 -11.78 19.19 -46.77
CA ASP A 280 -13.13 19.10 -47.28
C ASP A 280 -13.37 17.69 -47.81
N VAL A 281 -13.02 16.69 -46.99
CA VAL A 281 -13.21 15.29 -47.38
C VAL A 281 -14.66 14.80 -47.22
N SER A 282 -15.27 14.37 -48.32
CA SER A 282 -16.62 13.83 -48.21
C SER A 282 -16.71 12.47 -48.88
N TYR A 283 -17.77 11.74 -48.58
CA TYR A 283 -18.01 10.48 -49.21
C TYR A 283 -19.44 10.45 -49.77
N ASN A 284 -19.56 10.10 -51.03
CA ASN A 284 -20.86 10.13 -51.71
C ASN A 284 -21.55 8.80 -51.50
N ASP A 285 -22.50 8.77 -50.58
CA ASP A 285 -23.13 7.53 -50.14
C ASP A 285 -24.44 7.40 -50.95
N HIS A 286 -24.30 6.83 -52.15
CA HIS A 286 -25.43 6.64 -53.07
C HIS A 286 -26.27 7.89 -53.19
N GLY A 287 -25.62 9.01 -53.51
CA GLY A 287 -26.32 10.29 -53.69
C GLY A 287 -26.35 11.17 -52.46
N ASN A 288 -26.20 10.58 -51.27
CA ASN A 288 -26.09 11.40 -50.05
C ASN A 288 -24.63 11.76 -49.75
N VAL A 289 -24.23 13.01 -50.08
CA VAL A 289 -22.83 13.41 -49.93
C VAL A 289 -22.49 13.76 -48.48
N ARG A 290 -21.63 12.97 -47.84
CA ARG A 290 -21.47 13.04 -46.39
C ARG A 290 -20.06 13.51 -46.02
N PRO A 291 -19.95 14.66 -45.33
CA PRO A 291 -18.67 15.18 -44.84
C PRO A 291 -18.03 14.13 -43.89
N ILE A 292 -16.70 14.07 -43.89
CA ILE A 292 -15.97 13.18 -43.00
C ILE A 292 -14.96 14.02 -42.26
N PHE A 293 -14.04 14.66 -42.97
CA PHE A 293 -13.09 15.60 -42.36
C PHE A 293 -13.11 16.97 -43.05
N HIS A 294 -12.93 18.02 -42.26
CA HIS A 294 -12.66 19.31 -42.85
C HIS A 294 -11.19 19.47 -43.21
N ARG A 295 -10.31 18.87 -42.43
CA ARG A 295 -8.90 19.03 -42.74
C ARG A 295 -8.02 17.99 -42.08
N ILE A 296 -7.02 17.51 -42.79
CA ILE A 296 -6.16 16.51 -42.17
C ILE A 296 -4.77 16.65 -42.71
N SER A 297 -3.76 16.63 -41.85
CA SER A 297 -2.39 16.88 -42.27
C SER A 297 -1.42 16.49 -41.16
N LEU A 298 -0.11 16.51 -41.44
CA LEU A 298 0.87 16.35 -40.38
C LEU A 298 1.23 17.76 -39.91
N SER A 299 1.20 18.02 -38.60
CA SER A 299 1.24 19.41 -38.14
C SER A 299 2.53 19.75 -37.43
N GLU A 300 3.29 18.75 -36.98
CA GLU A 300 4.57 18.97 -36.33
C GLU A 300 5.25 17.59 -36.22
N MET A 301 6.54 17.56 -35.92
CA MET A 301 7.26 16.29 -35.63
C MET A 301 8.21 16.63 -34.52
N ILE A 302 8.73 15.61 -33.85
CA ILE A 302 9.95 15.82 -33.10
C ILE A 302 10.71 14.50 -33.18
N VAL A 303 12.03 14.60 -33.27
CA VAL A 303 12.89 13.44 -33.45
C VAL A 303 13.98 13.55 -32.35
N PRO A 304 13.59 13.15 -31.12
CA PRO A 304 14.44 13.43 -29.96
C PRO A 304 15.50 12.34 -29.88
N TYR A 305 16.78 12.75 -29.83
CA TYR A 305 17.88 11.79 -29.64
C TYR A 305 18.09 11.44 -28.16
N GLY A 306 18.78 10.31 -27.91
CA GLY A 306 18.78 9.70 -26.60
C GLY A 306 20.18 9.64 -26.00
N SER A 307 21.13 10.40 -26.53
CA SER A 307 22.43 10.47 -25.82
C SER A 307 22.43 11.68 -24.90
N PRO A 308 22.75 11.47 -23.62
CA PRO A 308 22.68 12.61 -22.73
C PRO A 308 23.90 13.51 -22.80
N GLU A 309 24.90 13.15 -23.61
CA GLU A 309 26.15 13.89 -23.55
C GLU A 309 26.07 15.13 -24.39
N PHE A 310 26.75 16.18 -23.91
CA PHE A 310 26.80 17.48 -24.53
C PHE A 310 27.62 17.41 -25.80
N PRO A 311 27.19 18.09 -26.88
CA PRO A 311 25.96 18.90 -27.00
C PRO A 311 24.79 18.12 -27.59
N HIS A 312 24.74 16.80 -27.41
CA HIS A 312 23.72 16.05 -28.18
C HIS A 312 22.24 16.24 -27.71
N GLN A 313 22.02 16.90 -26.57
CA GLN A 313 20.64 17.24 -26.14
C GLN A 313 20.00 18.20 -27.18
N ARG A 314 20.83 18.86 -27.97
CA ARG A 314 20.32 19.79 -28.99
C ARG A 314 19.88 19.11 -30.26
N LYS A 315 20.02 17.77 -30.29
CA LYS A 315 19.40 17.01 -31.40
C LYS A 315 17.97 16.58 -31.05
N HIS A 316 16.99 17.35 -31.51
CA HIS A 316 15.59 17.01 -31.25
C HIS A 316 14.76 17.79 -32.27
N ALA A 317 15.08 17.57 -33.54
CA ALA A 317 14.54 18.41 -34.60
C ALA A 317 13.02 18.32 -34.56
N LEU A 318 12.37 19.47 -34.68
CA LEU A 318 10.96 19.53 -35.00
C LEU A 318 10.88 19.86 -36.47
N ASP A 319 10.95 18.84 -37.31
CA ASP A 319 11.29 19.06 -38.71
C ASP A 319 10.28 19.91 -39.40
N ILE A 320 9.01 19.72 -39.06
CA ILE A 320 7.95 20.43 -39.75
C ILE A 320 7.98 21.93 -39.44
N GLY A 321 8.06 22.27 -38.15
CA GLY A 321 8.18 23.65 -37.72
C GLY A 321 9.52 24.35 -37.88
N GLU A 322 10.62 23.60 -37.95
CA GLU A 322 11.94 24.21 -37.99
C GLU A 322 12.54 24.27 -39.39
N TYR A 323 12.05 23.44 -40.31
CA TYR A 323 12.51 23.43 -41.73
C TYR A 323 11.40 23.41 -42.77
N GLY A 324 10.31 22.66 -42.50
CA GLY A 324 9.15 22.62 -43.42
C GLY A 324 9.10 21.39 -44.32
N ALA A 325 8.04 20.61 -44.22
CA ALA A 325 7.93 19.43 -45.10
C ALA A 325 7.66 19.85 -46.55
N GLY A 326 7.19 21.07 -46.76
CA GLY A 326 7.06 21.62 -48.14
C GLY A 326 8.40 22.10 -48.61
N TYR A 327 9.07 22.92 -47.80
CA TYR A 327 10.37 23.47 -48.18
C TYR A 327 11.37 22.34 -48.45
N MET A 328 11.25 21.24 -47.74
CA MET A 328 12.25 20.18 -47.85
C MET A 328 11.94 19.15 -48.93
N THR A 329 10.83 19.33 -49.63
CA THR A 329 10.27 18.24 -50.46
C THR A 329 11.03 18.04 -51.78
N ASN A 330 11.16 16.78 -52.19
CA ASN A 330 11.83 16.38 -53.45
C ASN A 330 10.93 16.55 -54.67
N PRO A 331 11.52 17.02 -55.80
CA PRO A 331 10.86 16.77 -57.08
C PRO A 331 10.84 15.27 -57.34
N LEU A 332 9.68 14.75 -57.70
CA LEU A 332 9.50 13.31 -57.85
C LEU A 332 9.52 12.96 -59.33
N SER A 333 9.64 11.69 -59.66
CA SER A 333 9.71 11.30 -61.08
C SER A 333 11.15 11.31 -61.61
N LEU A 334 11.85 12.42 -61.39
CA LEU A 334 13.29 12.54 -61.67
C LEU A 334 14.12 11.28 -61.33
N GLY A 335 13.75 10.58 -60.25
CA GLY A 335 14.13 9.17 -60.01
C GLY A 335 12.91 8.27 -60.19
N CYS A 336 13.00 6.98 -59.85
CA CYS A 336 11.75 6.23 -59.82
C CYS A 336 11.03 6.02 -58.47
N ASP A 337 10.42 7.12 -58.06
CA ASP A 337 9.73 7.27 -56.80
C ASP A 337 8.25 6.92 -56.98
N CYS A 338 7.65 7.40 -58.08
CA CYS A 338 6.25 7.17 -58.41
C CYS A 338 6.13 6.36 -59.68
N LYS A 339 5.82 5.07 -59.55
CA LYS A 339 5.79 4.16 -60.69
C LYS A 339 4.35 4.03 -61.23
N GLY A 340 4.17 4.34 -62.52
CA GLY A 340 2.88 4.11 -63.20
C GLY A 340 2.32 5.32 -63.92
N VAL A 341 0.99 5.43 -63.98
CA VAL A 341 0.32 6.61 -64.55
C VAL A 341 -0.03 7.68 -63.48
N ILE A 342 0.71 8.79 -63.50
CA ILE A 342 0.81 9.69 -62.35
C ILE A 342 0.32 11.06 -62.73
N HIS A 343 -0.55 11.67 -61.93
CA HIS A 343 -0.84 13.11 -61.99
C HIS A 343 0.01 13.84 -60.91
N TYR A 344 0.74 14.89 -61.31
CA TYR A 344 1.66 15.63 -60.41
C TYR A 344 1.11 16.98 -60.02
N LEU A 345 1.45 17.46 -58.84
CA LEU A 345 1.24 18.86 -58.49
C LEU A 345 2.60 19.55 -58.19
N ASP A 346 2.70 20.83 -58.54
CA ASP A 346 3.88 21.63 -58.23
C ASP A 346 3.66 22.41 -56.94
N ALA A 347 4.74 22.75 -56.23
CA ALA A 347 4.65 23.63 -55.05
C ALA A 347 5.18 25.04 -55.35
N HIS A 348 4.58 26.06 -54.74
CA HIS A 348 5.12 27.42 -54.93
C HIS A 348 5.39 28.14 -53.62
N PHE A 349 6.58 28.73 -53.50
CA PHE A 349 7.02 29.46 -52.32
C PHE A 349 7.58 30.84 -52.66
N SER A 350 8.03 31.57 -51.64
CA SER A 350 8.87 32.74 -51.80
C SER A 350 10.33 32.44 -51.47
N ASP A 351 11.23 33.06 -52.24
CA ASP A 351 12.61 33.24 -51.76
C ASP A 351 12.81 34.52 -50.92
N ARG A 352 14.02 34.69 -50.38
CA ARG A 352 14.40 35.83 -49.56
C ARG A 352 14.08 37.19 -50.18
N ALA A 353 14.15 37.28 -51.50
CA ALA A 353 13.91 38.57 -52.21
C ALA A 353 12.43 38.77 -52.54
N GLY A 354 11.62 37.73 -52.30
CA GLY A 354 10.19 37.85 -52.50
C GLY A 354 9.75 37.41 -53.88
N ASP A 355 10.65 36.76 -54.62
CA ASP A 355 10.29 36.14 -55.89
C ASP A 355 9.81 34.69 -55.73
N PRO A 356 8.70 34.35 -56.42
CA PRO A 356 8.17 33.00 -56.37
C PRO A 356 9.23 31.97 -56.73
N ILE A 357 9.33 30.88 -55.99
CA ILE A 357 10.10 29.72 -56.45
C ILE A 357 9.16 28.53 -56.63
N THR A 358 9.57 27.58 -57.46
CA THR A 358 8.73 26.48 -57.82
C THR A 358 9.49 25.18 -57.59
N VAL A 359 8.87 24.27 -56.83
CA VAL A 359 9.33 22.88 -56.80
C VAL A 359 8.41 22.04 -57.66
N LYS A 360 8.96 21.46 -58.72
CA LYS A 360 8.14 20.75 -59.68
C LYS A 360 7.84 19.37 -59.16
N ASN A 361 6.67 18.87 -59.51
CA ASN A 361 6.27 17.50 -59.16
C ASN A 361 6.49 17.21 -57.68
N ALA A 362 6.00 18.10 -56.81
CA ALA A 362 6.19 17.98 -55.38
C ALA A 362 5.28 16.89 -54.83
N VAL A 363 4.11 16.74 -55.44
CA VAL A 363 3.14 15.79 -55.01
C VAL A 363 2.83 14.81 -56.11
N CYS A 364 2.76 13.54 -55.77
CA CYS A 364 2.32 12.60 -56.77
C CYS A 364 1.03 11.83 -56.44
N ILE A 365 0.17 11.71 -57.45
CA ILE A 365 -1.16 11.17 -57.27
C ILE A 365 -1.31 9.98 -58.22
N HIS A 366 -1.52 8.79 -57.65
CA HIS A 366 -1.81 7.62 -58.48
C HIS A 366 -2.69 6.60 -57.80
N GLU A 367 -3.18 5.65 -58.59
CA GLU A 367 -3.97 4.56 -58.06
C GLU A 367 -3.26 3.24 -58.34
N GLU A 368 -3.34 2.32 -57.37
CA GLU A 368 -2.57 1.10 -57.37
C GLU A 368 -3.47 -0.06 -56.97
N ASP A 369 -3.12 -1.26 -57.42
CA ASP A 369 -3.77 -2.43 -56.88
C ASP A 369 -3.43 -2.58 -55.41
N ASP A 370 -4.41 -2.95 -54.61
CA ASP A 370 -4.16 -3.15 -53.20
C ASP A 370 -4.64 -4.51 -52.71
N GLY A 371 -4.48 -5.56 -53.51
CA GLY A 371 -4.86 -6.91 -53.08
C GLY A 371 -6.36 -7.15 -53.12
N LEU A 372 -6.88 -7.96 -52.18
CA LEU A 372 -8.31 -8.26 -52.06
C LEU A 372 -9.04 -7.17 -51.27
N LEU A 373 -10.24 -6.83 -51.73
CA LEU A 373 -11.14 -6.02 -50.95
C LEU A 373 -11.99 -6.91 -50.04
N PHE A 374 -12.56 -7.99 -50.61
CA PHE A 374 -13.30 -9.02 -49.84
C PHE A 374 -13.48 -10.26 -50.71
N LYS A 375 -13.82 -11.38 -50.08
CA LYS A 375 -14.04 -12.63 -50.80
C LYS A 375 -14.84 -13.53 -49.85
N HIS A 376 -15.77 -14.31 -50.41
CA HIS A 376 -16.40 -15.43 -49.71
C HIS A 376 -16.80 -16.55 -50.66
N SER A 377 -16.60 -17.79 -50.22
CA SER A 377 -17.05 -18.97 -50.96
C SER A 377 -17.79 -19.95 -50.03
N ASP A 378 -18.69 -20.74 -50.62
CA ASP A 378 -19.46 -21.71 -49.92
C ASP A 378 -18.75 -23.07 -50.00
N PHE A 379 -18.48 -23.68 -48.85
CA PHE A 379 -17.89 -24.99 -48.83
C PHE A 379 -18.85 -26.02 -49.43
N ARG A 380 -20.15 -25.73 -49.50
CA ARG A 380 -21.16 -26.76 -49.87
C ARG A 380 -20.99 -27.32 -51.28
N ASP A 381 -20.58 -26.47 -52.23
CA ASP A 381 -20.24 -26.95 -53.58
C ASP A 381 -18.76 -26.85 -53.88
N ASN A 382 -17.96 -27.15 -52.86
CA ASN A 382 -16.51 -26.98 -52.91
C ASN A 382 -16.02 -25.66 -53.53
N PHE A 383 -16.57 -24.56 -53.02
CA PHE A 383 -16.08 -23.20 -53.32
C PHE A 383 -16.38 -22.81 -54.77
N ALA A 384 -17.26 -23.58 -55.41
CA ALA A 384 -17.79 -23.12 -56.72
C ALA A 384 -18.66 -21.86 -56.57
N THR A 385 -19.46 -21.80 -55.50
CA THR A 385 -20.17 -20.57 -55.16
C THR A 385 -19.11 -19.65 -54.56
N SER A 386 -18.80 -18.54 -55.23
CA SER A 386 -17.65 -17.70 -54.87
C SER A 386 -17.82 -16.28 -55.41
N LEU A 387 -17.38 -15.31 -54.62
CA LEU A 387 -17.31 -13.94 -55.04
C LEU A 387 -16.01 -13.35 -54.54
N VAL A 388 -15.29 -12.68 -55.45
CA VAL A 388 -14.01 -12.07 -55.14
C VAL A 388 -13.96 -10.68 -55.74
N THR A 389 -13.67 -9.68 -54.90
CA THR A 389 -13.50 -8.34 -55.41
C THR A 389 -12.15 -7.82 -54.96
N ARG A 390 -11.44 -7.24 -55.93
CA ARG A 390 -10.12 -6.70 -55.73
C ARG A 390 -10.19 -5.27 -55.29
N ALA A 391 -9.16 -4.87 -54.52
CA ALA A 391 -9.08 -3.54 -53.95
C ALA A 391 -8.17 -2.66 -54.81
N THR A 392 -8.55 -1.41 -55.01
CA THR A 392 -7.71 -0.38 -55.58
C THR A 392 -7.59 0.70 -54.52
N LYS A 393 -6.39 1.24 -54.34
CA LYS A 393 -6.14 2.36 -53.44
C LYS A 393 -5.69 3.63 -54.17
N LEU A 394 -6.09 4.79 -53.67
CA LEU A 394 -5.62 6.03 -54.22
C LEU A 394 -4.49 6.56 -53.29
N VAL A 395 -3.34 6.92 -53.87
CA VAL A 395 -2.18 7.36 -53.08
C VAL A 395 -1.83 8.81 -53.44
N VAL A 396 -1.73 9.70 -52.46
CA VAL A 396 -1.29 11.07 -52.66
C VAL A 396 -0.04 11.20 -51.81
N SER A 397 1.09 11.46 -52.45
CA SER A 397 2.38 11.27 -51.81
CA SER A 397 2.38 11.28 -51.79
C SER A 397 3.40 12.40 -52.01
N GLN A 398 4.36 12.49 -51.09
CA GLN A 398 5.50 13.39 -51.24
C GLN A 398 6.67 12.73 -50.54
N ILE A 399 7.90 13.18 -50.82
CA ILE A 399 9.09 12.71 -50.16
C ILE A 399 9.91 13.93 -49.81
N PHE A 400 10.19 14.13 -48.53
CA PHE A 400 11.09 15.22 -48.18
C PHE A 400 12.40 14.73 -47.59
N THR A 401 13.43 15.56 -47.69
CA THR A 401 14.79 15.23 -47.26
C THR A 401 15.15 16.25 -46.19
N ALA A 402 15.47 15.76 -45.01
CA ALA A 402 15.87 16.62 -43.93
C ALA A 402 17.34 16.35 -43.67
N ALA A 403 18.22 16.99 -44.45
CA ALA A 403 19.67 16.69 -44.45
C ALA A 403 19.91 15.20 -44.68
N ASN A 404 20.18 14.48 -43.61
CA ASN A 404 20.47 13.05 -43.74
C ASN A 404 19.25 12.13 -43.95
N GLU A 406 15.38 10.71 -45.04
CA GLU A 406 14.31 10.78 -46.02
C GLU A 406 13.00 10.34 -45.41
N TYR A 407 11.97 11.19 -45.53
CA TYR A 407 10.63 10.87 -45.06
C TYR A 407 9.67 10.69 -46.21
N CYS A 408 9.14 9.50 -46.41
CA CYS A 408 8.25 9.25 -47.56
C CYS A 408 6.83 9.16 -47.06
N LEU A 409 5.97 10.07 -47.55
CA LEU A 409 4.64 10.23 -46.93
C LEU A 409 3.59 9.86 -47.96
N TYR A 410 2.71 8.94 -47.59
CA TYR A 410 1.68 8.43 -48.52
C TYR A 410 0.31 8.48 -47.86
N TRP A 411 -0.59 9.34 -48.37
CA TRP A 411 -1.98 9.36 -47.91
C TRP A 411 -2.77 8.44 -48.83
N VAL A 412 -3.44 7.48 -48.20
CA VAL A 412 -4.07 6.38 -48.93
C VAL A 412 -5.57 6.34 -48.68
N PHE A 413 -6.35 6.44 -49.76
CA PHE A 413 -7.79 6.24 -49.72
C PHE A 413 -8.12 4.88 -50.25
N MET A 414 -9.12 4.26 -49.61
CA MET A 414 -9.45 2.90 -49.82
C MET A 414 -10.94 2.75 -50.05
N GLN A 415 -11.30 1.62 -50.64
CA GLN A 415 -12.62 1.43 -51.21
C GLN A 415 -13.63 0.89 -50.24
N ASP A 416 -13.19 0.63 -49.01
CA ASP A 416 -14.10 0.39 -47.89
C ASP A 416 -14.39 1.67 -47.14
N GLY A 417 -13.84 2.77 -47.66
CA GLY A 417 -14.12 4.10 -47.09
C GLY A 417 -13.10 4.50 -46.04
N ALA A 418 -12.13 3.62 -45.77
CA ALA A 418 -11.05 3.94 -44.83
C ALA A 418 -10.02 4.86 -45.47
N ILE A 419 -9.34 5.63 -44.63
CA ILE A 419 -8.25 6.52 -45.04
C ILE A 419 -7.02 6.12 -44.19
N ARG A 420 -5.86 5.99 -44.81
CA ARG A 420 -4.72 5.46 -44.12
C ARG A 420 -3.56 6.43 -44.35
N LEU A 421 -2.72 6.65 -43.34
CA LEU A 421 -1.45 7.33 -43.58
C LEU A 421 -0.29 6.33 -43.47
N ASP A 422 0.47 6.15 -44.56
CA ASP A 422 1.65 5.28 -44.52
C ASP A 422 2.88 6.15 -44.64
N ILE A 423 3.88 5.86 -43.79
CA ILE A 423 5.14 6.54 -43.85
C ILE A 423 6.27 5.51 -44.04
N ARG A 424 7.26 5.88 -44.85
CA ARG A 424 8.49 5.10 -44.94
C ARG A 424 9.67 5.98 -44.67
N LEU A 425 10.45 5.60 -43.67
CA LEU A 425 11.65 6.33 -43.29
C LEU A 425 12.79 5.70 -44.00
N THR A 426 13.56 6.49 -44.74
CA THR A 426 14.80 5.97 -45.29
C THR A 426 15.83 7.14 -45.19
N GLY A 427 16.81 7.20 -46.09
CA GLY A 427 17.99 8.06 -45.96
C GLY A 427 19.13 7.49 -45.09
N ILE A 428 19.82 8.39 -44.40
CA ILE A 428 20.99 8.01 -43.65
C ILE A 428 20.92 8.35 -42.17
N LEU A 429 21.48 7.48 -41.35
CA LEU A 429 21.53 7.69 -39.91
C LEU A 429 22.29 8.97 -39.60
N ASN A 430 21.82 9.78 -38.65
CA ASN A 430 22.66 10.79 -38.03
C ASN A 430 23.76 10.08 -37.29
N THR A 431 25.01 10.45 -37.56
CA THR A 431 26.15 9.76 -36.91
C THR A 431 27.00 10.79 -36.20
N TYR A 432 27.69 10.39 -35.14
CA TYR A 432 28.69 11.23 -34.48
C TYR A 432 29.94 10.34 -34.33
N ILE A 433 31.09 10.94 -34.07
CA ILE A 433 32.33 10.18 -34.05
C ILE A 433 32.42 9.29 -32.80
N LEU A 434 33.05 8.13 -32.96
CA LEU A 434 33.31 7.16 -31.89
C LEU A 434 34.82 6.88 -31.88
N GLY A 435 35.47 6.93 -30.71
CA GLY A 435 36.91 6.69 -30.61
C GLY A 435 37.19 5.20 -30.69
N ASP A 436 38.42 4.82 -31.08
CA ASP A 436 38.82 3.40 -31.18
C ASP A 436 38.37 2.55 -29.99
N ASP A 437 38.68 3.06 -28.80
CA ASP A 437 38.41 2.35 -27.57
C ASP A 437 36.99 2.61 -27.04
N GLU A 438 36.22 3.47 -27.70
CA GLU A 438 35.00 4.02 -27.11
C GLU A 438 33.76 3.11 -27.31
N GLU A 439 33.02 2.90 -26.23
CA GLU A 439 31.73 2.19 -26.30
CA GLU A 439 31.76 2.20 -26.37
C GLU A 439 30.62 3.17 -26.68
N ALA A 440 29.85 2.81 -27.70
CA ALA A 440 28.68 3.55 -28.10
C ALA A 440 27.52 3.31 -27.14
N GLY A 441 27.35 2.08 -26.65
CA GLY A 441 26.17 1.73 -25.83
C GLY A 441 26.36 2.48 -24.53
N PRO A 442 25.28 2.73 -23.77
CA PRO A 442 23.92 2.31 -24.12
C PRO A 442 23.13 3.32 -24.95
N TRP A 443 23.73 4.45 -25.35
CA TRP A 443 22.95 5.50 -26.02
C TRP A 443 22.99 5.38 -27.52
N GLY A 444 23.79 4.46 -28.04
CA GLY A 444 24.01 4.41 -29.50
C GLY A 444 24.59 3.07 -29.94
N THR A 445 24.78 2.94 -31.26
CA THR A 445 25.31 1.72 -31.86
C THR A 445 26.55 2.00 -32.71
N ARG A 446 27.61 1.20 -32.53
CA ARG A 446 28.75 1.26 -33.45
C ARG A 446 28.33 0.57 -34.73
N VAL A 447 27.88 1.33 -35.71
CA VAL A 447 27.39 0.76 -36.94
C VAL A 447 28.47 0.56 -38.02
N TYR A 448 29.72 0.98 -37.70
CA TYR A 448 30.85 1.04 -38.64
C TYR A 448 32.04 1.58 -37.83
N PRO A 449 33.28 1.26 -38.22
CA PRO A 449 34.34 1.64 -37.25
C PRO A 449 34.41 3.15 -37.02
N ASN A 450 34.49 3.56 -35.76
CA ASN A 450 34.52 4.97 -35.44
C ASN A 450 33.21 5.73 -35.72
N VAL A 451 32.11 5.00 -35.97
CA VAL A 451 30.82 5.67 -36.20
C VAL A 451 29.79 5.32 -35.10
N ASN A 452 29.30 6.33 -34.39
CA ASN A 452 28.30 6.13 -33.31
C ASN A 452 26.98 6.63 -33.87
N ALA A 453 26.01 5.73 -33.99
CA ALA A 453 24.64 6.14 -34.37
C ALA A 453 23.76 6.14 -33.13
N HIS A 454 23.45 7.34 -32.64
CA HIS A 454 22.68 7.50 -31.40
C HIS A 454 21.22 7.04 -31.53
N ASN A 455 20.72 6.42 -30.46
CA ASN A 455 19.28 6.20 -30.31
C ASN A 455 18.44 7.48 -30.53
N HIS A 456 17.25 7.32 -31.08
CA HIS A 456 16.41 8.47 -31.20
C HIS A 456 15.00 7.95 -31.40
N GLN A 457 14.01 8.84 -31.35
CA GLN A 457 12.65 8.52 -31.70
C GLN A 457 12.30 9.42 -32.89
N HIS A 458 11.32 9.00 -33.68
CA HIS A 458 10.76 9.87 -34.71
C HIS A 458 9.28 10.00 -34.34
N LEU A 459 8.80 11.22 -33.98
CA LEU A 459 7.37 11.36 -33.61
C LEU A 459 6.67 12.38 -34.47
N PHE A 460 5.39 12.15 -34.75
CA PHE A 460 4.61 13.01 -35.63
C PHE A 460 3.32 13.40 -34.92
N SER A 461 2.83 14.61 -35.20
CA SER A 461 1.53 15.00 -34.72
C SER A 461 0.57 15.11 -35.92
N LEU A 462 -0.34 14.14 -36.06
CA LEU A 462 -1.39 14.15 -37.04
C LEU A 462 -2.49 15.04 -36.47
N ARG A 463 -2.87 16.07 -37.24
CA ARG A 463 -3.93 16.97 -36.81
C ARG A 463 -5.18 16.66 -37.64
N ILE A 464 -6.26 16.29 -36.97
CA ILE A 464 -7.51 16.04 -37.63
C ILE A 464 -8.54 17.07 -37.21
N ASP A 465 -9.12 17.75 -38.21
CA ASP A 465 -10.29 18.60 -37.97
C ASP A 465 -11.48 17.85 -38.56
N PRO A 466 -12.23 17.15 -37.69
CA PRO A 466 -13.24 16.23 -38.17
C PRO A 466 -14.54 16.92 -38.46
N ARG A 467 -15.37 16.29 -39.28
CA ARG A 467 -16.68 16.78 -39.52
C ARG A 467 -17.52 15.57 -39.89
N ILE A 468 -17.53 14.62 -38.96
CA ILE A 468 -18.04 13.25 -39.19
C ILE A 468 -19.55 13.29 -39.46
N ASP A 469 -19.93 13.06 -40.71
CA ASP A 469 -21.36 13.15 -41.07
C ASP A 469 -21.97 14.53 -40.73
N GLY A 470 -21.16 15.58 -40.83
CA GLY A 470 -21.59 16.92 -40.45
C GLY A 470 -21.06 17.40 -39.10
N ASP A 471 -21.70 18.47 -38.60
CA ASP A 471 -21.23 19.31 -37.52
C ASP A 471 -21.65 18.84 -36.13
N GLY A 472 -20.80 19.14 -35.16
CA GLY A 472 -21.03 18.70 -33.81
C GLY A 472 -20.46 17.31 -33.70
N ASN A 473 -19.23 17.22 -33.19
CA ASN A 473 -18.55 15.97 -33.08
C ASN A 473 -18.04 15.76 -31.63
N SER A 474 -17.69 14.52 -31.34
CA SER A 474 -17.04 14.16 -30.09
C SER A 474 -15.93 13.13 -30.38
N ALA A 475 -15.16 12.83 -29.33
CA ALA A 475 -14.14 11.82 -29.39
C ALA A 475 -14.16 10.95 -28.11
N ALA A 476 -13.63 9.73 -28.24
CA ALA A 476 -13.73 8.75 -27.18
C ALA A 476 -12.57 7.75 -27.26
N ALA A 477 -12.13 7.22 -26.11
CA ALA A 477 -11.30 6.00 -26.06
C ALA A 477 -12.16 4.74 -26.07
N CYS A 478 -11.74 3.72 -26.82
CA CYS A 478 -12.44 2.41 -26.78
C CYS A 478 -11.49 1.35 -26.33
N ASP A 479 -11.81 0.67 -25.23
CA ASP A 479 -10.91 -0.26 -24.60
C ASP A 479 -11.64 -1.57 -24.52
N ALA A 480 -11.05 -2.67 -25.03
CA ALA A 480 -11.56 -4.01 -24.80
C ALA A 480 -11.41 -4.40 -23.34
N LYS A 481 -12.47 -4.91 -22.72
CA LYS A 481 -12.44 -5.30 -21.31
CA LYS A 481 -12.41 -5.34 -21.33
C LYS A 481 -13.19 -6.62 -21.20
N SER A 482 -12.70 -7.51 -20.34
CA SER A 482 -13.49 -8.68 -19.93
C SER A 482 -14.63 -8.16 -19.08
N SER A 483 -15.72 -8.90 -19.03
CA SER A 483 -16.80 -8.64 -18.15
C SER A 483 -16.25 -8.55 -16.72
N PRO A 484 -16.81 -7.65 -15.87
CA PRO A 484 -16.33 -7.56 -14.49
C PRO A 484 -16.83 -8.75 -13.68
N TYR A 485 -17.83 -9.47 -14.19
CA TYR A 485 -18.32 -10.64 -13.44
C TYR A 485 -17.39 -11.86 -13.54
N PRO A 486 -17.20 -12.57 -12.42
CA PRO A 486 -16.15 -13.58 -12.38
C PRO A 486 -16.61 -14.85 -13.09
N LEU A 487 -15.64 -15.68 -13.48
CA LEU A 487 -15.92 -17.01 -13.99
C LEU A 487 -16.89 -17.70 -13.06
N GLY A 488 -17.91 -18.39 -13.59
CA GLY A 488 -18.80 -19.20 -12.72
C GLY A 488 -19.98 -18.43 -12.11
N SER A 489 -20.12 -17.15 -12.42
CA SER A 489 -21.28 -16.42 -11.95
C SER A 489 -22.41 -16.62 -12.98
N PRO A 490 -23.67 -16.38 -12.60
CA PRO A 490 -24.76 -16.50 -13.58
C PRO A 490 -24.52 -15.68 -14.82
N GLU A 491 -23.83 -14.55 -14.65
CA GLU A 491 -23.64 -13.52 -15.67
C GLU A 491 -22.48 -13.88 -16.63
N ASN A 492 -21.54 -14.73 -16.18
CA ASN A 492 -20.35 -15.00 -16.98
C ASN A 492 -19.93 -16.44 -16.68
N MET A 493 -20.86 -17.37 -16.90
CA MET A 493 -20.69 -18.77 -16.41
C MET A 493 -19.34 -19.32 -16.79
N TYR A 494 -18.96 -19.14 -18.06
CA TYR A 494 -17.75 -19.81 -18.54
C TYR A 494 -16.60 -18.81 -18.69
N GLY A 495 -16.82 -17.56 -18.28
CA GLY A 495 -15.72 -16.61 -18.15
C GLY A 495 -15.21 -16.02 -19.45
N ASN A 496 -16.02 -16.10 -20.50
CA ASN A 496 -15.59 -15.64 -21.84
C ASN A 496 -16.10 -14.24 -22.19
N ALA A 497 -16.98 -13.69 -21.36
CA ALA A 497 -17.72 -12.48 -21.85
C ALA A 497 -16.76 -11.33 -21.97
N PHE A 498 -16.91 -10.50 -23.00
CA PHE A 498 -16.09 -9.30 -23.04
C PHE A 498 -16.76 -8.29 -23.90
N TYR A 499 -16.40 -7.02 -23.73
CA TYR A 499 -17.06 -5.91 -24.38
C TYR A 499 -16.07 -4.80 -24.65
N SER A 500 -16.56 -3.76 -25.32
CA SER A 500 -15.76 -2.56 -25.57
C SER A 500 -16.23 -1.43 -24.64
N GLU A 501 -15.32 -0.83 -23.87
CA GLU A 501 -15.73 0.20 -22.95
C GLU A 501 -15.40 1.50 -23.62
N LYS A 502 -16.41 2.28 -23.91
CA LYS A 502 -16.23 3.55 -24.57
C LYS A 502 -16.21 4.68 -23.51
N THR A 503 -15.16 5.48 -23.53
CA THR A 503 -15.06 6.62 -22.62
C THR A 503 -15.13 7.90 -23.44
N THR A 504 -16.30 8.56 -23.46
CA THR A 504 -16.45 9.79 -24.21
C THR A 504 -15.74 10.91 -23.48
N PHE A 505 -14.94 11.69 -24.20
CA PHE A 505 -14.19 12.77 -23.56
C PHE A 505 -15.12 13.96 -23.39
N LYS A 506 -15.34 14.41 -22.16
CA LYS A 506 -16.22 15.55 -21.87
CA LYS A 506 -16.22 15.56 -21.92
C LYS A 506 -15.42 16.85 -21.96
N THR A 507 -14.26 16.88 -21.31
CA THR A 507 -13.44 18.07 -21.32
C THR A 507 -12.04 17.73 -21.91
N VAL A 508 -11.30 18.74 -22.33
CA VAL A 508 -9.90 18.58 -22.81
C VAL A 508 -9.08 17.59 -21.99
N LYS A 509 -9.07 17.79 -20.69
CA LYS A 509 -8.26 16.95 -19.82
C LYS A 509 -8.60 15.47 -20.01
N ASP A 510 -9.88 15.14 -20.23
CA ASP A 510 -10.27 13.71 -20.41
C ASP A 510 -9.57 13.07 -21.61
N SER A 511 -9.35 13.88 -22.64
CA SER A 511 -8.84 13.39 -23.90
C SER A 511 -7.38 13.02 -23.82
N LEU A 512 -6.66 13.48 -22.79
CA LEU A 512 -5.20 13.32 -22.80
C LEU A 512 -4.82 11.86 -22.50
N THR A 513 -4.63 11.06 -23.55
CA THR A 513 -4.61 9.60 -23.39
C THR A 513 -3.57 8.96 -24.29
N ASN A 514 -3.10 7.78 -23.88
CA ASN A 514 -2.05 7.06 -24.60
C ASN A 514 -2.55 5.75 -25.18
N TYR A 515 -1.93 5.25 -26.25
CA TYR A 515 -2.28 3.92 -26.73
C TYR A 515 -2.05 2.94 -25.61
N GLU A 516 -2.91 1.93 -25.44
CA GLU A 516 -2.72 0.96 -24.37
C GLU A 516 -2.84 -0.46 -24.91
N SER A 517 -1.76 -1.23 -24.85
CA SER A 517 -1.81 -2.60 -25.42
C SER A 517 -2.74 -3.48 -24.59
N ALA A 518 -2.84 -3.15 -23.29
CA ALA A 518 -3.59 -4.00 -22.33
C ALA A 518 -5.09 -4.08 -22.71
N THR A 519 -5.56 -3.07 -23.46
CA THR A 519 -6.97 -3.00 -23.87
C THR A 519 -7.14 -2.86 -25.39
N GLY A 520 -6.05 -2.95 -26.16
CA GLY A 520 -6.07 -2.79 -27.62
C GLY A 520 -6.77 -1.49 -27.98
N ARG A 521 -6.39 -0.42 -27.28
CA ARG A 521 -7.19 0.80 -27.29
C ARG A 521 -7.30 1.38 -28.70
N SER A 522 -8.49 1.79 -29.10
CA SER A 522 -8.61 2.65 -30.30
C SER A 522 -9.32 3.93 -29.90
N TRP A 523 -9.46 4.89 -30.82
CA TRP A 523 -10.22 6.10 -30.51
C TRP A 523 -11.31 6.36 -31.57
N ASP A 524 -12.45 6.88 -31.16
CA ASP A 524 -13.55 7.10 -32.08
C ASP A 524 -13.63 8.62 -32.24
N ILE A 525 -13.90 9.06 -33.45
CA ILE A 525 -14.38 10.44 -33.64
C ILE A 525 -15.75 10.31 -34.23
N PHE A 526 -16.76 10.84 -33.55
CA PHE A 526 -18.12 10.47 -33.89
C PHE A 526 -19.03 11.68 -33.79
N ASN A 527 -20.22 11.54 -34.35
CA ASN A 527 -21.21 12.61 -34.38
C ASN A 527 -22.37 12.17 -33.47
N PRO A 528 -22.43 12.68 -32.21
CA PRO A 528 -23.44 12.21 -31.25
C PRO A 528 -24.88 12.70 -31.57
N ASN A 529 -25.02 13.53 -32.58
CA ASN A 529 -26.32 13.97 -33.02
C ASN A 529 -26.98 12.95 -33.94
N LYS A 530 -26.24 11.92 -34.37
CA LYS A 530 -26.78 10.95 -35.30
C LYS A 530 -26.62 9.53 -34.83
N VAL A 531 -27.29 8.64 -35.55
CA VAL A 531 -27.48 7.31 -35.06
C VAL A 531 -27.56 6.37 -36.26
N ASN A 532 -26.79 5.30 -36.20
CA ASN A 532 -26.86 4.24 -37.22
C ASN A 532 -28.19 3.53 -37.03
N PRO A 533 -29.00 3.42 -38.09
CA PRO A 533 -30.33 2.76 -37.98
C PRO A 533 -30.27 1.30 -37.52
N TYR A 534 -29.22 0.57 -37.89
CA TYR A 534 -29.17 -0.82 -37.53
C TYR A 534 -28.56 -1.01 -36.15
N SER A 535 -27.36 -0.48 -35.94
CA SER A 535 -26.60 -0.79 -34.69
C SER A 535 -27.01 0.11 -33.53
N GLY A 536 -27.67 1.24 -33.82
CA GLY A 536 -27.97 2.29 -32.80
C GLY A 536 -26.75 3.05 -32.24
N LYS A 537 -25.60 2.99 -32.90
CA LYS A 537 -24.42 3.70 -32.42
C LYS A 537 -24.22 4.92 -33.29
N PRO A 538 -23.60 5.99 -32.75
CA PRO A 538 -23.33 7.15 -33.60
C PRO A 538 -22.40 6.81 -34.78
N PRO A 539 -22.55 7.51 -35.92
CA PRO A 539 -21.59 7.29 -37.02
C PRO A 539 -20.21 7.77 -36.58
N SER A 540 -19.16 7.02 -36.97
CA SER A 540 -17.82 7.34 -36.51
C SER A 540 -16.72 7.00 -37.52
N TYR A 541 -15.57 7.65 -37.41
CA TYR A 541 -14.34 7.08 -37.98
C TYR A 541 -13.52 6.68 -36.78
N LYS A 542 -13.00 5.47 -36.81
CA LYS A 542 -12.21 4.94 -35.71
C LYS A 542 -10.72 5.06 -36.06
N LEU A 543 -9.92 5.66 -35.18
CA LEU A 543 -8.46 5.69 -35.36
C LEU A 543 -7.86 4.38 -34.84
N VAL A 544 -7.25 3.60 -35.75
CA VAL A 544 -6.61 2.32 -35.42
C VAL A 544 -5.14 2.54 -35.64
N SER A 545 -4.41 2.61 -34.54
CA SER A 545 -3.05 3.08 -34.58
C SER A 545 -2.36 2.45 -33.41
N THR A 546 -1.31 1.66 -33.67
CA THR A 546 -0.58 1.01 -32.58
C THR A 546 0.88 1.46 -32.49
N GLN A 547 1.37 2.21 -33.49
CA GLN A 547 2.79 2.71 -33.45
C GLN A 547 2.87 4.06 -32.75
N CYS A 548 2.74 3.98 -31.42
CA CYS A 548 2.41 5.07 -30.50
C CYS A 548 3.39 5.00 -29.33
N PRO A 549 4.67 5.38 -29.54
CA PRO A 549 5.71 5.27 -28.48
C PRO A 549 5.45 6.26 -27.33
N PRO A 550 5.73 5.87 -26.08
CA PRO A 550 5.72 6.93 -25.10
C PRO A 550 6.86 7.86 -25.44
N LEU A 551 6.81 9.12 -25.00
CA LEU A 551 7.93 10.03 -25.17
C LEU A 551 8.90 9.64 -24.07
N LEU A 552 10.12 9.30 -24.46
CA LEU A 552 11.03 8.72 -23.50
C LEU A 552 11.71 9.82 -22.69
N ALA A 553 11.84 10.98 -23.33
CA ALA A 553 12.43 12.13 -22.63
C ALA A 553 11.58 12.46 -21.39
N LYS A 554 12.18 12.85 -20.26
CA LYS A 554 11.41 13.06 -19.02
C LYS A 554 10.54 14.31 -18.99
N GLU A 555 9.57 14.25 -18.12
CA GLU A 555 8.81 15.43 -17.76
C GLU A 555 9.75 16.57 -17.38
N GLY A 556 9.54 17.74 -18.01
CA GLY A 556 10.36 18.87 -17.70
C GLY A 556 11.61 18.92 -18.50
N SER A 557 11.80 17.98 -19.43
CA SER A 557 12.98 18.03 -20.28
C SER A 557 12.71 19.01 -21.42
N LEU A 558 13.78 19.49 -22.05
CA LEU A 558 13.67 20.31 -23.24
C LEU A 558 12.74 19.71 -24.29
N VAL A 559 12.92 18.41 -24.53
CA VAL A 559 12.10 17.70 -25.53
C VAL A 559 10.64 17.79 -25.14
N ALA A 560 10.30 17.46 -23.89
CA ALA A 560 8.89 17.47 -23.47
C ALA A 560 8.33 18.88 -23.40
N LYS A 561 9.17 19.85 -23.06
CA LYS A 561 8.68 21.22 -22.96
C LYS A 561 8.42 21.81 -24.37
N ARG A 562 9.30 21.53 -25.31
CA ARG A 562 9.16 22.12 -26.67
C ARG A 562 8.11 21.41 -27.53
N ALA A 563 7.76 20.19 -27.11
CA ALA A 563 6.78 19.38 -27.85
C ALA A 563 5.75 18.81 -26.88
N PRO A 564 4.87 19.70 -26.38
CA PRO A 564 3.92 19.33 -25.31
C PRO A 564 2.84 18.40 -25.87
N TRP A 565 2.60 18.43 -27.18
CA TRP A 565 1.74 17.44 -27.83
C TRP A 565 2.28 15.98 -27.78
N ALA A 566 3.58 15.78 -27.55
CA ALA A 566 4.15 14.45 -27.80
C ALA A 566 4.03 13.57 -26.60
N SER A 567 3.63 14.13 -25.47
CA SER A 567 3.57 13.35 -24.24
CA SER A 567 3.55 13.34 -24.23
C SER A 567 2.28 12.54 -24.18
N HIS A 568 1.35 12.77 -25.11
CA HIS A 568 0.15 11.89 -25.13
C HIS A 568 -0.12 11.40 -26.53
N SER A 569 -0.68 10.19 -26.68
CA SER A 569 -0.99 9.70 -28.03
C SER A 569 -2.13 10.55 -28.59
N VAL A 570 -3.05 11.01 -27.72
CA VAL A 570 -4.20 11.80 -28.21
C VAL A 570 -4.36 13.07 -27.35
N ASN A 571 -4.64 14.20 -28.00
CA ASN A 571 -4.95 15.49 -27.38
C ASN A 571 -6.14 16.02 -28.15
N VAL A 572 -7.28 16.30 -27.52
CA VAL A 572 -8.42 16.83 -28.30
C VAL A 572 -8.75 18.17 -27.65
N VAL A 573 -8.80 19.26 -28.44
CA VAL A 573 -9.02 20.58 -27.91
C VAL A 573 -10.14 21.23 -28.76
N PRO A 574 -10.75 22.31 -28.23
CA PRO A 574 -11.77 23.00 -29.03
C PRO A 574 -11.18 23.57 -30.35
N TYR A 575 -11.97 23.55 -31.42
CA TYR A 575 -11.55 24.23 -32.63
C TYR A 575 -11.51 25.73 -32.39
N LYS A 576 -10.45 26.39 -32.90
CA LYS A 576 -10.46 27.83 -33.19
C LYS A 576 -9.68 27.98 -34.48
N ASP A 577 -9.98 29.02 -35.27
CA ASP A 577 -9.18 29.33 -36.45
C ASP A 577 -7.68 29.52 -36.12
N ASN A 578 -6.82 29.11 -37.04
CA ASN A 578 -5.41 29.31 -36.87
C ASN A 578 -4.79 28.45 -35.74
N ARG A 579 -5.45 27.37 -35.31
CA ARG A 579 -4.83 26.43 -34.37
C ARG A 579 -4.27 25.30 -35.19
N LEU A 580 -3.15 25.58 -35.85
CA LEU A 580 -2.47 24.61 -36.70
C LEU A 580 -1.27 23.93 -36.03
N TYR A 581 -0.39 24.71 -35.43
CA TYR A 581 0.94 24.22 -35.11
C TYR A 581 1.20 24.02 -33.60
N PRO A 582 1.23 22.73 -33.13
CA PRO A 582 1.08 22.48 -31.69
C PRO A 582 2.26 22.84 -30.85
N SER A 583 3.40 23.09 -31.49
CA SER A 583 4.59 23.56 -30.77
C SER A 583 4.78 25.05 -30.97
N GLY A 584 3.75 25.74 -31.46
CA GLY A 584 3.81 27.18 -31.64
C GLY A 584 4.01 27.60 -33.11
N ASP A 585 3.75 28.86 -33.40
CA ASP A 585 3.96 29.39 -34.74
C ASP A 585 5.41 29.53 -35.17
N HIS A 586 6.29 29.87 -34.22
CA HIS A 586 7.69 30.08 -34.56
C HIS A 586 8.50 29.21 -33.62
N VAL A 587 8.93 28.08 -34.15
CA VAL A 587 9.41 27.00 -33.35
C VAL A 587 10.90 27.12 -32.94
N PRO A 588 11.81 27.41 -33.91
CA PRO A 588 13.22 27.37 -33.50
C PRO A 588 13.59 28.24 -32.25
N GLN A 589 14.39 27.66 -31.36
CA GLN A 589 14.95 28.38 -30.22
C GLN A 589 13.97 28.84 -29.15
N TRP A 590 12.71 28.41 -29.26
CA TRP A 590 11.77 28.49 -28.13
C TRP A 590 12.25 27.50 -27.07
N SER A 591 12.27 27.92 -25.82
CA SER A 591 12.74 27.08 -24.73
C SER A 591 11.69 26.02 -24.27
N GLY A 592 10.45 26.16 -24.70
CA GLY A 592 9.35 25.34 -24.17
C GLY A 592 8.62 25.94 -22.97
N ASP A 593 9.04 27.12 -22.52
CA ASP A 593 8.37 27.83 -21.44
C ASP A 593 7.32 28.73 -22.00
N GLY A 594 6.14 28.77 -21.37
CA GLY A 594 5.10 29.65 -21.85
C GLY A 594 3.87 28.96 -22.41
N VAL A 595 2.83 29.75 -22.58
CA VAL A 595 1.51 29.19 -22.87
C VAL A 595 1.36 29.43 -24.35
N ARG A 596 1.69 28.43 -25.17
CA ARG A 596 1.49 28.58 -26.60
C ARG A 596 1.29 27.21 -27.19
N GLY A 597 0.90 27.18 -28.46
CA GLY A 597 0.54 25.91 -29.15
C GLY A 597 -0.34 25.06 -28.26
N MET A 598 -0.06 23.76 -28.23
CA MET A 598 -0.95 22.78 -27.59
C MET A 598 -1.11 23.16 -26.14
N ARG A 599 -0.03 23.65 -25.52
CA ARG A 599 -0.12 23.99 -24.09
C ARG A 599 -1.15 25.14 -23.88
N GLU A 600 -1.20 26.09 -24.82
CA GLU A 600 -2.26 27.09 -24.80
C GLU A 600 -3.63 26.47 -24.99
N TRP A 601 -3.72 25.53 -25.92
CA TRP A 601 -5.06 25.08 -26.35
C TRP A 601 -5.63 24.20 -25.28
N ILE A 602 -4.75 23.49 -24.57
CA ILE A 602 -5.24 22.67 -23.46
C ILE A 602 -5.69 23.54 -22.29
N GLY A 603 -4.98 24.61 -22.02
CA GLY A 603 -5.39 25.53 -20.97
C GLY A 603 -5.40 24.86 -19.60
N ASP A 604 -6.45 25.12 -18.80
CA ASP A 604 -6.59 24.42 -17.51
C ASP A 604 -7.29 23.08 -17.69
N GLY A 605 -7.59 22.71 -18.94
CA GLY A 605 -8.08 21.37 -19.22
C GLY A 605 -9.59 21.24 -19.15
N SER A 606 -10.28 22.34 -18.87
CA SER A 606 -11.67 22.20 -18.49
C SER A 606 -12.65 22.50 -19.62
N GLU A 607 -12.21 22.90 -20.79
CA GLU A 607 -13.18 23.33 -21.79
C GLU A 607 -13.84 22.15 -22.45
N ASN A 608 -15.10 22.35 -22.86
CA ASN A 608 -15.90 21.26 -23.37
C ASN A 608 -15.37 20.81 -24.74
N ILE A 609 -15.33 19.48 -24.98
CA ILE A 609 -15.03 18.95 -26.32
C ILE A 609 -16.04 17.88 -26.74
N ASP A 610 -17.15 17.83 -26.01
CA ASP A 610 -18.24 16.92 -26.33
C ASP A 610 -19.30 17.62 -27.19
N ASN A 611 -19.52 17.10 -28.38
CA ASN A 611 -20.50 17.65 -29.31
C ASN A 611 -20.26 19.10 -29.68
N THR A 612 -19.10 19.42 -30.23
CA THR A 612 -18.84 20.79 -30.59
C THR A 612 -17.87 20.72 -31.74
N ASP A 613 -17.28 21.85 -32.13
CA ASP A 613 -16.20 21.85 -33.13
C ASP A 613 -14.89 21.50 -32.41
N ILE A 614 -14.26 20.38 -32.81
CA ILE A 614 -13.05 19.86 -32.13
C ILE A 614 -11.83 19.68 -33.03
N LEU A 615 -10.65 19.55 -32.42
CA LEU A 615 -9.45 19.24 -33.17
C LEU A 615 -8.79 18.10 -32.42
N PHE A 616 -8.31 17.07 -33.13
CA PHE A 616 -7.87 15.80 -32.56
C PHE A 616 -6.44 15.68 -33.08
N PHE A 617 -5.45 15.79 -32.20
CA PHE A 617 -4.04 15.75 -32.59
C PHE A 617 -3.48 14.42 -32.10
N HIS A 618 -2.97 13.57 -32.99
CA HIS A 618 -2.60 12.22 -32.59
C HIS A 618 -1.06 12.14 -32.70
N THR A 619 -0.40 11.64 -31.64
CA THR A 619 1.06 11.49 -31.69
C THR A 619 1.35 10.04 -32.08
N PHE A 620 2.18 9.78 -33.10
CA PHE A 620 2.58 8.40 -33.39
C PHE A 620 4.00 8.41 -34.00
N GLY A 621 4.62 7.24 -34.26
CA GLY A 621 5.99 7.18 -34.85
C GLY A 621 6.74 6.00 -34.26
N ILE A 622 8.06 6.08 -34.13
CA ILE A 622 8.84 4.86 -33.76
C ILE A 622 10.00 5.25 -32.87
N THR A 623 10.60 4.25 -32.21
CA THR A 623 11.82 4.47 -31.44
C THR A 623 12.87 3.63 -32.18
N HIS A 624 13.97 4.26 -32.53
CA HIS A 624 14.88 3.67 -33.45
C HIS A 624 16.18 3.44 -32.68
N PHE A 625 16.53 2.15 -32.50
CA PHE A 625 17.83 1.71 -31.98
C PHE A 625 18.67 1.18 -33.17
N PRO A 626 19.62 2.02 -33.70
CA PRO A 626 20.27 1.69 -34.97
C PRO A 626 21.04 0.38 -34.90
N ALA A 627 21.11 -0.25 -36.06
CA ALA A 627 21.86 -1.51 -36.24
C ALA A 627 22.62 -1.38 -37.54
N PRO A 628 23.67 -2.19 -37.73
CA PRO A 628 24.50 -2.05 -38.94
C PRO A 628 23.68 -2.18 -40.26
N GLU A 629 22.55 -2.87 -40.18
CA GLU A 629 21.68 -3.00 -41.34
C GLU A 629 21.25 -1.61 -41.79
N ASP A 630 21.23 -0.65 -40.85
CA ASP A 630 20.76 0.70 -41.20
C ASP A 630 21.82 1.49 -41.97
N PHE A 631 23.04 0.94 -42.03
CA PHE A 631 24.20 1.72 -42.50
C PHE A 631 24.82 1.07 -43.74
N PRO A 632 25.42 1.86 -44.65
CA PRO A 632 25.51 3.33 -44.71
C PRO A 632 24.25 4.02 -45.20
N LEU A 633 23.28 3.26 -45.71
CA LEU A 633 22.02 3.83 -46.23
C LEU A 633 20.94 2.91 -45.66
N MET A 634 19.80 3.44 -45.22
CA MET A 634 18.85 2.62 -44.48
CA MET A 634 18.84 2.65 -44.48
C MET A 634 17.70 2.09 -45.33
N PRO A 635 17.45 0.78 -45.25
CA PRO A 635 16.21 0.15 -45.81
C PRO A 635 14.98 0.81 -45.19
N ALA A 636 13.95 1.03 -46.01
CA ALA A 636 12.72 1.70 -45.55
C ALA A 636 12.17 1.02 -44.30
N GLU A 637 11.83 1.82 -43.29
CA GLU A 637 11.14 1.33 -42.10
C GLU A 637 9.72 1.91 -42.13
N PRO A 638 8.70 1.05 -42.04
CA PRO A 638 7.33 1.55 -42.19
C PRO A 638 6.63 2.00 -40.92
N ILE A 639 5.69 2.92 -41.10
CA ILE A 639 4.82 3.42 -40.03
C ILE A 639 3.47 3.62 -40.69
N THR A 640 2.42 3.22 -39.99
CA THR A 640 1.06 3.43 -40.54
C THR A 640 0.06 3.69 -39.39
N LEU A 641 -1.01 4.40 -39.72
CA LEU A 641 -2.25 4.44 -38.89
C LEU A 641 -3.40 4.50 -39.86
N MET A 642 -4.61 4.24 -39.39
CA MET A 642 -5.77 4.13 -40.27
C MET A 642 -6.96 4.79 -39.59
N LEU A 643 -7.88 5.29 -40.41
CA LEU A 643 -9.12 5.87 -39.89
C LEU A 643 -10.25 5.17 -40.66
N ARG A 644 -11.02 4.33 -39.95
CA ARG A 644 -11.93 3.36 -40.57
C ARG A 644 -13.36 3.78 -40.27
N PRO A 645 -14.28 3.71 -41.23
CA PRO A 645 -15.67 4.04 -40.85
C PRO A 645 -16.26 2.92 -39.99
N ARG A 646 -16.86 3.25 -38.84
CA ARG A 646 -17.54 2.21 -38.05
C ARG A 646 -18.90 2.76 -37.62
N HIS A 647 -19.97 2.04 -37.96
CA HIS A 647 -21.32 2.57 -37.80
C HIS A 647 -21.57 3.83 -38.63
N PHE A 648 -20.65 4.15 -39.52
CA PHE A 648 -20.89 5.22 -40.48
C PHE A 648 -21.86 4.73 -41.59
N PHE A 649 -21.62 3.55 -42.16
CA PHE A 649 -22.53 3.08 -43.23
C PHE A 649 -23.45 2.09 -42.58
N THR A 650 -24.48 1.69 -43.29
CA THR A 650 -25.32 0.61 -42.81
C THR A 650 -24.89 -0.76 -43.35
N GLU A 651 -24.00 -0.78 -44.34
CA GLU A 651 -23.38 -2.03 -44.76
C GLU A 651 -22.03 -1.76 -45.50
N ASN A 652 -21.26 -2.82 -45.72
CA ASN A 652 -20.08 -2.73 -46.60
C ASN A 652 -20.33 -1.82 -47.81
N PRO A 653 -19.65 -0.65 -47.87
CA PRO A 653 -19.91 0.29 -48.97
C PRO A 653 -19.24 -0.07 -50.28
N GLY A 654 -18.41 -1.11 -50.28
CA GLY A 654 -17.79 -1.50 -51.55
C GLY A 654 -18.59 -2.51 -52.38
N LEU A 655 -19.77 -2.94 -51.93
CA LEU A 655 -20.45 -4.09 -52.57
C LEU A 655 -20.92 -3.79 -54.01
N ASP A 656 -20.96 -2.50 -54.37
CA ASP A 656 -21.40 -2.14 -55.71
C ASP A 656 -20.26 -2.06 -56.72
N ILE A 657 -19.05 -2.42 -56.30
CA ILE A 657 -17.89 -2.49 -57.18
C ILE A 657 -17.94 -3.86 -57.86
N GLN A 658 -17.69 -3.89 -59.17
CA GLN A 658 -17.75 -5.14 -59.95
C GLN A 658 -16.76 -6.12 -59.39
N PRO A 659 -17.22 -7.32 -59.10
CA PRO A 659 -16.35 -8.37 -58.69
C PRO A 659 -15.32 -8.74 -59.78
N SER A 660 -14.15 -9.16 -59.36
CA SER A 660 -13.20 -9.87 -60.24
C SER A 660 -13.76 -11.17 -60.74
N TYR A 661 -14.47 -11.87 -59.87
CA TYR A 661 -15.03 -13.15 -60.22
C TYR A 661 -16.24 -13.33 -59.34
N ALA A 662 -17.28 -13.91 -59.90
CA ALA A 662 -18.48 -14.13 -59.13
C ALA A 662 -19.26 -15.25 -59.81
N MET A 663 -19.62 -16.25 -59.02
CA MET A 663 -20.49 -17.32 -59.44
C MET A 663 -21.47 -17.66 -58.30
N THR A 664 -22.76 -17.57 -58.60
CA THR A 664 -23.81 -17.99 -57.64
C THR A 664 -23.95 -19.51 -57.55
N THR A 665 -24.72 -19.95 -56.55
CA THR A 665 -25.00 -21.37 -56.32
C THR A 665 -25.80 -21.93 -57.48
N SER A 666 -26.74 -21.17 -58.01
CA SER A 666 -27.51 -21.58 -59.19
C SER A 666 -26.69 -21.63 -60.48
N GLU A 667 -25.82 -20.63 -60.70
CA GLU A 667 -24.89 -20.65 -61.84
C GLU A 667 -23.92 -21.82 -61.77
N ALA A 668 -23.41 -22.12 -60.57
CA ALA A 668 -22.50 -23.25 -60.38
C ALA A 668 -23.18 -24.53 -60.84
N LYS A 669 -24.44 -24.70 -60.43
CA LYS A 669 -25.19 -25.89 -60.82
C LYS A 669 -25.34 -26.00 -62.36
N ARG A 670 -25.49 -24.87 -63.05
CA ARG A 670 -25.63 -24.89 -64.50
C ARG A 670 -24.36 -25.27 -65.28
N ALA A 671 -23.20 -24.96 -64.70
CA ALA A 671 -21.94 -24.83 -65.46
C ALA A 671 -21.35 -26.14 -65.99
C ALA B 17 7.49 -48.10 -53.24
N PRO B 18 6.84 -47.01 -52.77
CA PRO B 18 6.78 -45.79 -53.61
C PRO B 18 8.17 -45.14 -53.81
N ALA B 19 8.40 -44.62 -55.02
CA ALA B 19 9.51 -43.71 -55.28
C ALA B 19 9.60 -42.67 -54.16
N ARG B 20 10.79 -42.47 -53.62
CA ARG B 20 10.97 -41.38 -52.68
C ARG B 20 11.16 -40.01 -53.35
N PRO B 21 10.76 -38.92 -52.66
CA PRO B 21 10.80 -37.55 -53.18
C PRO B 21 12.23 -37.02 -53.39
N ALA B 22 12.35 -36.05 -54.29
CA ALA B 22 13.52 -35.19 -54.36
C ALA B 22 14.08 -34.78 -52.97
N HIS B 23 13.23 -34.46 -51.99
CA HIS B 23 13.67 -33.73 -50.76
C HIS B 23 12.93 -34.31 -49.55
N PRO B 24 13.62 -34.56 -48.43
CA PRO B 24 12.97 -35.18 -47.28
C PRO B 24 11.80 -34.40 -46.70
N LEU B 25 11.69 -33.10 -46.96
CA LEU B 25 10.57 -32.36 -46.38
C LEU B 25 9.39 -32.29 -47.35
N ASP B 26 9.51 -32.86 -48.54
CA ASP B 26 8.41 -32.77 -49.51
C ASP B 26 7.20 -33.49 -48.92
N PRO B 27 6.01 -32.88 -49.01
CA PRO B 27 4.79 -33.59 -48.60
C PRO B 27 4.65 -34.97 -49.28
N LEU B 28 3.90 -35.88 -48.64
CA LEU B 28 3.56 -37.17 -49.24
C LEU B 28 3.00 -36.97 -50.66
N SER B 29 3.51 -37.73 -51.63
CA SER B 29 2.87 -37.76 -52.96
C SER B 29 1.53 -38.53 -52.90
N THR B 30 0.72 -38.43 -53.96
CA THR B 30 -0.47 -39.27 -54.06
C THR B 30 -0.09 -40.75 -53.97
N ALA B 31 1.01 -41.16 -54.60
CA ALA B 31 1.47 -42.54 -54.53
C ALA B 31 1.81 -43.00 -53.09
N GLU B 32 2.52 -42.14 -52.35
CA GLU B 32 2.87 -42.42 -50.95
C GLU B 32 1.64 -42.45 -50.06
N ILE B 33 0.68 -41.58 -50.31
CA ILE B 33 -0.54 -41.63 -49.51
C ILE B 33 -1.24 -42.99 -49.70
N LYS B 34 -1.32 -43.42 -50.95
CA LYS B 34 -2.02 -44.64 -51.34
C LYS B 34 -1.30 -45.88 -50.79
N ALA B 35 0.02 -45.88 -50.90
CA ALA B 35 0.81 -46.94 -50.28
C ALA B 35 0.60 -47.00 -48.77
N ALA B 36 0.55 -45.84 -48.13
CA ALA B 36 0.35 -45.73 -46.68
C ALA B 36 -1.03 -46.31 -46.31
N THR B 37 -2.04 -45.92 -47.06
CA THR B 37 -3.35 -46.40 -46.71
C THR B 37 -3.55 -47.88 -47.00
N ASN B 38 -3.00 -48.39 -48.10
CA ASN B 38 -2.92 -49.84 -48.33
C ASN B 38 -2.33 -50.61 -47.13
N THR B 39 -1.19 -50.14 -46.64
CA THR B 39 -0.48 -50.73 -45.50
C THR B 39 -1.33 -50.74 -44.24
N VAL B 40 -1.95 -49.61 -43.96
CA VAL B 40 -2.83 -49.52 -42.80
C VAL B 40 -4.07 -50.38 -42.96
N LYS B 41 -4.73 -50.34 -44.14
CA LYS B 41 -5.82 -51.29 -44.36
C LYS B 41 -5.38 -52.75 -44.11
N SER B 42 -4.18 -53.16 -44.56
CA SER B 42 -3.74 -54.56 -44.36
C SER B 42 -3.50 -54.91 -42.90
N TYR B 43 -2.96 -53.96 -42.14
CA TYR B 43 -2.59 -54.21 -40.76
C TYR B 43 -3.86 -54.42 -39.96
N PHE B 44 -4.90 -53.65 -40.31
CA PHE B 44 -6.20 -53.76 -39.68
C PHE B 44 -7.21 -54.52 -40.52
N ALA B 45 -6.77 -55.57 -41.21
CA ALA B 45 -7.67 -56.35 -42.08
C ALA B 45 -8.90 -56.87 -41.32
N GLY B 46 -10.09 -56.75 -41.92
CA GLY B 46 -11.33 -57.23 -41.32
C GLY B 46 -12.01 -56.24 -40.38
N LYS B 47 -11.34 -55.11 -40.11
CA LYS B 47 -11.87 -54.05 -39.25
C LYS B 47 -12.41 -52.88 -40.05
N LYS B 48 -13.55 -52.34 -39.63
CA LYS B 48 -14.16 -51.28 -40.41
C LYS B 48 -13.55 -49.92 -40.05
N ILE B 49 -12.44 -49.59 -40.70
CA ILE B 49 -11.68 -48.38 -40.39
C ILE B 49 -11.96 -47.29 -41.41
N SER B 50 -11.87 -46.04 -40.99
CA SER B 50 -11.86 -44.98 -41.98
C SER B 50 -10.72 -44.03 -41.66
N PHE B 51 -10.28 -43.26 -42.64
CA PHE B 51 -9.05 -42.48 -42.49
C PHE B 51 -9.40 -41.05 -42.20
N ASN B 52 -8.76 -40.49 -41.18
CA ASN B 52 -8.97 -39.09 -40.82
C ASN B 52 -7.83 -38.16 -41.30
N THR B 53 -6.59 -38.67 -41.20
CA THR B 53 -5.36 -37.94 -41.54
C THR B 53 -4.35 -38.92 -42.09
N VAL B 54 -3.78 -38.63 -43.26
CA VAL B 54 -2.51 -39.27 -43.67
C VAL B 54 -1.54 -38.21 -44.18
N THR B 55 -0.42 -38.06 -43.52
CA THR B 55 0.39 -36.90 -43.79
C THR B 55 1.83 -37.25 -43.46
N LEU B 56 2.74 -36.47 -44.02
CA LEU B 56 4.16 -36.64 -43.73
C LEU B 56 4.47 -36.57 -42.22
N ARG B 57 5.15 -37.57 -41.68
CA ARG B 57 5.88 -37.37 -40.42
C ARG B 57 7.27 -36.86 -40.78
N GLU B 58 7.49 -35.56 -40.55
CA GLU B 58 8.74 -34.89 -40.91
C GLU B 58 9.90 -35.50 -40.15
N PRO B 59 11.08 -35.53 -40.76
CA PRO B 59 12.27 -36.09 -40.11
C PRO B 59 12.58 -35.33 -38.82
N ALA B 60 13.11 -36.04 -37.84
CA ALA B 60 13.76 -35.41 -36.69
C ALA B 60 14.71 -34.31 -37.15
N ARG B 61 14.81 -33.29 -36.32
CA ARG B 61 15.50 -32.07 -36.69
C ARG B 61 16.98 -32.37 -36.85
N LYS B 62 17.49 -33.19 -35.92
CA LYS B 62 18.91 -33.56 -35.91
C LYS B 62 19.23 -34.43 -37.15
N ALA B 63 18.35 -35.38 -37.47
CA ALA B 63 18.55 -36.19 -38.67
C ALA B 63 18.53 -35.36 -39.96
N TYR B 64 17.58 -34.43 -40.08
CA TYR B 64 17.51 -33.59 -41.29
C TYR B 64 18.82 -32.79 -41.46
N ILE B 65 19.26 -32.16 -40.38
CA ILE B 65 20.45 -31.32 -40.40
C ILE B 65 21.74 -32.12 -40.69
N GLN B 66 21.84 -33.29 -40.07
CA GLN B 66 22.90 -34.22 -40.34
C GLN B 66 22.90 -34.63 -41.81
N TRP B 67 21.73 -34.99 -42.34
CA TRP B 67 21.61 -35.30 -43.77
C TRP B 67 21.98 -34.12 -44.60
N LYS B 68 21.42 -32.96 -44.30
CA LYS B 68 21.66 -31.79 -45.13
C LYS B 68 23.12 -31.29 -45.12
N GLU B 69 23.79 -31.33 -43.98
CA GLU B 69 25.05 -30.58 -43.87
C GLU B 69 26.29 -31.43 -43.54
N GLN B 70 26.09 -32.69 -43.19
CA GLN B 70 27.17 -33.48 -42.65
C GLN B 70 27.29 -34.84 -43.37
N GLY B 71 26.73 -34.95 -44.57
CA GLY B 71 26.76 -36.20 -45.32
C GLY B 71 26.16 -37.36 -44.52
N GLY B 72 25.21 -37.07 -43.63
CA GLY B 72 24.57 -38.06 -42.81
C GLY B 72 23.49 -38.92 -43.46
N PRO B 73 22.98 -39.87 -42.66
CA PRO B 73 21.97 -40.84 -43.07
C PRO B 73 20.77 -40.17 -43.71
N LEU B 74 20.29 -40.74 -44.80
CA LEU B 74 19.06 -40.24 -45.37
C LEU B 74 17.88 -40.65 -44.44
N PRO B 75 17.07 -39.67 -43.96
CA PRO B 75 16.09 -40.04 -42.94
C PRO B 75 14.95 -40.85 -43.56
N PRO B 76 14.41 -41.81 -42.81
CA PRO B 76 13.31 -42.64 -43.30
C PRO B 76 12.10 -41.78 -43.77
N ARG B 77 11.52 -42.13 -44.89
CA ARG B 77 10.28 -41.52 -45.30
C ARG B 77 9.06 -42.14 -44.54
N LEU B 78 8.43 -41.35 -43.64
CA LEU B 78 7.34 -41.80 -42.74
C LEU B 78 5.98 -41.15 -43.03
N ALA B 79 4.90 -41.91 -42.93
CA ALA B 79 3.56 -41.29 -43.02
C ALA B 79 2.92 -41.44 -41.67
N TYR B 80 2.37 -40.35 -41.16
CA TYR B 80 1.54 -40.42 -39.96
C TYR B 80 0.05 -40.51 -40.33
N TYR B 81 -0.66 -41.36 -39.60
CA TYR B 81 -2.07 -41.66 -39.88
C TYR B 81 -2.91 -41.56 -38.63
N VAL B 82 -4.17 -41.17 -38.82
CA VAL B 82 -5.15 -41.23 -37.78
C VAL B 82 -6.35 -41.89 -38.40
N ILE B 83 -6.85 -42.95 -37.76
CA ILE B 83 -8.05 -43.64 -38.25
C ILE B 83 -9.09 -43.76 -37.16
N LEU B 84 -10.33 -43.91 -37.61
CA LEU B 84 -11.45 -44.22 -36.77
C LEU B 84 -11.83 -45.68 -37.03
N GLU B 85 -12.40 -46.35 -36.02
CA GLU B 85 -12.93 -47.67 -36.27
C GLU B 85 -14.38 -47.71 -35.83
N ALA B 86 -15.29 -48.17 -36.70
CA ALA B 86 -16.72 -48.20 -36.34
C ALA B 86 -16.95 -48.94 -35.02
N GLY B 87 -17.73 -48.32 -34.13
CA GLY B 87 -18.08 -48.92 -32.83
C GLY B 87 -16.96 -48.92 -31.79
N LYS B 88 -15.84 -48.26 -32.10
CA LYS B 88 -14.76 -48.08 -31.12
C LYS B 88 -14.62 -46.60 -30.77
N PRO B 89 -14.45 -46.28 -29.51
CA PRO B 89 -14.34 -44.86 -29.09
C PRO B 89 -13.01 -44.25 -29.51
N GLY B 90 -12.98 -42.98 -29.85
CA GLY B 90 -11.70 -42.32 -30.05
C GLY B 90 -11.09 -42.61 -31.39
N VAL B 91 -9.77 -42.72 -31.43
CA VAL B 91 -9.04 -42.95 -32.68
C VAL B 91 -7.91 -43.96 -32.47
N LYS B 92 -7.29 -44.36 -33.58
CA LYS B 92 -6.01 -45.00 -33.56
C LYS B 92 -5.08 -44.14 -34.43
N GLU B 93 -3.81 -44.08 -34.08
CA GLU B 93 -2.89 -43.26 -34.85
C GLU B 93 -1.62 -44.05 -34.94
N GLY B 94 -0.77 -43.72 -35.89
CA GLY B 94 0.54 -44.35 -35.96
C GLY B 94 1.38 -43.89 -37.14
N LEU B 95 2.41 -44.70 -37.43
CA LEU B 95 3.43 -44.39 -38.40
C LEU B 95 3.57 -45.57 -39.38
N VAL B 96 3.58 -45.24 -40.65
CA VAL B 96 3.93 -46.20 -41.66
C VAL B 96 5.35 -45.88 -42.22
N ASP B 97 6.24 -46.85 -42.17
CA ASP B 97 7.48 -46.74 -42.88
C ASP B 97 7.30 -47.02 -44.38
N LEU B 98 7.41 -45.99 -45.21
CA LEU B 98 7.08 -46.15 -46.63
C LEU B 98 8.02 -47.10 -47.42
N ALA B 99 9.32 -47.07 -47.10
CA ALA B 99 10.32 -47.88 -47.81
C ALA B 99 9.99 -49.36 -47.67
N SER B 100 9.51 -49.75 -46.50
CA SER B 100 9.23 -51.16 -46.20
C SER B 100 7.73 -51.48 -46.15
N LEU B 101 6.91 -50.48 -46.44
CA LEU B 101 5.45 -50.68 -46.41
C LEU B 101 4.98 -51.43 -45.16
N SER B 102 5.40 -50.94 -44.00
CA SER B 102 4.87 -51.50 -42.78
C SER B 102 4.54 -50.48 -41.69
N VAL B 103 3.72 -50.93 -40.75
CA VAL B 103 3.31 -50.12 -39.64
C VAL B 103 4.34 -50.28 -38.54
N ILE B 104 4.94 -49.19 -38.08
CA ILE B 104 6.08 -49.39 -37.20
C ILE B 104 5.71 -48.86 -35.85
N GLU B 105 4.57 -48.17 -35.77
CA GLU B 105 4.18 -47.65 -34.47
C GLU B 105 2.69 -47.47 -34.50
N THR B 106 2.04 -47.88 -33.41
CA THR B 106 0.58 -47.89 -33.38
C THR B 106 0.09 -47.62 -31.96
N ARG B 107 -0.93 -46.77 -31.82
CA ARG B 107 -1.67 -46.73 -30.55
C ARG B 107 -3.10 -46.30 -30.67
N ALA B 108 -3.87 -46.78 -29.67
CA ALA B 108 -5.27 -46.55 -29.50
C ALA B 108 -5.43 -45.39 -28.51
N LEU B 109 -6.24 -44.41 -28.89
CA LEU B 109 -6.52 -43.24 -28.03
C LEU B 109 -8.02 -43.14 -27.90
N GLU B 110 -8.60 -43.78 -26.89
CA GLU B 110 -10.07 -43.88 -26.78
C GLU B 110 -10.76 -42.60 -26.32
N THR B 111 -10.02 -41.70 -25.72
CA THR B 111 -10.65 -40.56 -25.13
C THR B 111 -10.24 -39.23 -25.75
N VAL B 112 -9.92 -39.22 -27.06
CA VAL B 112 -9.71 -37.95 -27.80
C VAL B 112 -10.64 -37.92 -29.00
N GLN B 113 -10.81 -36.76 -29.61
CA GLN B 113 -11.50 -36.70 -30.89
C GLN B 113 -10.64 -35.95 -31.85
N PRO B 114 -10.64 -36.39 -33.12
CA PRO B 114 -9.70 -35.83 -34.08
C PRO B 114 -10.31 -34.69 -34.89
N ILE B 115 -9.43 -34.08 -35.67
CA ILE B 115 -9.74 -32.96 -36.53
C ILE B 115 -10.98 -33.32 -37.39
N LEU B 116 -11.79 -32.32 -37.70
CA LEU B 116 -12.96 -32.62 -38.55
C LEU B 116 -12.65 -32.35 -40.01
N THR B 117 -12.67 -33.42 -40.80
CA THR B 117 -12.35 -33.34 -42.24
C THR B 117 -13.59 -32.81 -42.97
N VAL B 118 -13.38 -32.24 -44.15
CA VAL B 118 -14.48 -31.89 -45.05
C VAL B 118 -15.58 -32.97 -45.08
N GLU B 119 -15.20 -34.24 -45.05
CA GLU B 119 -16.18 -35.31 -45.16
C GLU B 119 -17.01 -35.52 -43.88
N ASP B 120 -16.35 -35.54 -42.72
CA ASP B 120 -17.05 -35.56 -41.42
C ASP B 120 -18.13 -34.49 -41.33
N LEU B 121 -17.81 -33.31 -41.88
CA LEU B 121 -18.67 -32.12 -41.87
C LEU B 121 -19.85 -32.05 -42.88
N CYS B 122 -19.65 -32.61 -44.09
CA CYS B 122 -20.51 -32.23 -45.21
C CYS B 122 -21.83 -33.00 -45.05
N SER B 123 -21.80 -33.94 -44.12
CA SER B 123 -22.90 -34.84 -43.79
C SER B 123 -24.01 -34.21 -42.90
N THR B 124 -23.61 -33.34 -41.99
CA THR B 124 -24.45 -32.82 -40.92
C THR B 124 -25.75 -32.11 -41.38
N GLU B 125 -25.63 -31.31 -42.42
CA GLU B 125 -26.76 -30.55 -42.89
C GLU B 125 -27.97 -31.46 -43.26
N GLU B 126 -27.73 -32.54 -44.02
CA GLU B 126 -28.81 -33.49 -44.29
C GLU B 126 -29.27 -34.29 -43.07
N VAL B 127 -28.37 -34.56 -42.14
CA VAL B 127 -28.82 -35.17 -40.90
C VAL B 127 -29.86 -34.29 -40.22
N ILE B 128 -29.62 -32.99 -40.10
CA ILE B 128 -30.54 -32.17 -39.30
C ILE B 128 -31.87 -31.89 -40.03
N ARG B 129 -31.78 -31.77 -41.36
CA ARG B 129 -32.96 -31.65 -42.24
C ARG B 129 -33.94 -32.77 -42.10
N ASN B 130 -33.44 -33.96 -41.76
CA ASN B 130 -34.25 -35.18 -41.70
C ASN B 130 -34.63 -35.58 -40.28
N ASP B 131 -34.26 -34.78 -39.29
CA ASP B 131 -34.51 -35.17 -37.91
C ASP B 131 -35.84 -34.61 -37.40
N PRO B 132 -36.76 -35.49 -36.96
CA PRO B 132 -38.11 -35.03 -36.60
C PRO B 132 -38.08 -33.92 -35.52
N ALA B 133 -37.12 -33.97 -34.59
CA ALA B 133 -37.07 -32.95 -33.53
C ALA B 133 -36.61 -31.58 -34.06
N VAL B 134 -35.69 -31.61 -35.01
CA VAL B 134 -35.23 -30.40 -35.68
C VAL B 134 -36.32 -29.84 -36.51
N ILE B 135 -37.01 -30.72 -37.24
CA ILE B 135 -38.09 -30.25 -38.12
C ILE B 135 -39.17 -29.55 -37.30
N GLU B 136 -39.48 -30.15 -36.16
CA GLU B 136 -40.42 -29.54 -35.23
C GLU B 136 -39.98 -28.13 -34.80
N GLN B 137 -38.68 -27.96 -34.54
CA GLN B 137 -38.19 -26.64 -34.13
C GLN B 137 -38.25 -25.65 -35.29
N CYS B 138 -38.04 -26.13 -36.50
CA CYS B 138 -38.19 -25.26 -37.65
C CYS B 138 -39.63 -24.78 -37.79
N VAL B 139 -40.59 -25.69 -37.57
CA VAL B 139 -42.03 -25.31 -37.60
C VAL B 139 -42.37 -24.32 -36.49
N LEU B 140 -41.98 -24.62 -35.24
CA LEU B 140 -42.11 -23.64 -34.15
C LEU B 140 -41.51 -22.27 -34.50
N SER B 141 -40.42 -22.28 -35.29
CA SER B 141 -39.74 -21.05 -35.70
C SER B 141 -40.31 -20.34 -36.91
N GLY B 142 -41.40 -20.87 -37.46
CA GLY B 142 -42.07 -20.24 -38.60
C GLY B 142 -41.58 -20.72 -39.95
N ILE B 143 -40.96 -21.91 -39.99
CA ILE B 143 -40.61 -22.56 -41.26
C ILE B 143 -41.35 -23.89 -41.44
N PRO B 144 -42.18 -24.02 -42.51
CA PRO B 144 -43.04 -25.21 -42.66
C PRO B 144 -42.22 -26.49 -42.87
N ALA B 145 -42.74 -27.62 -42.37
CA ALA B 145 -42.00 -28.88 -42.40
C ALA B 145 -41.66 -29.28 -43.85
N ASN B 146 -42.51 -28.90 -44.81
CA ASN B 146 -42.22 -29.21 -46.23
C ASN B 146 -41.12 -28.31 -46.85
N GLU B 147 -40.60 -27.36 -46.08
CA GLU B 147 -39.55 -26.49 -46.62
C GLU B 147 -38.18 -26.68 -45.95
N MET B 148 -37.91 -27.90 -45.46
CA MET B 148 -36.66 -28.20 -44.80
C MET B 148 -35.46 -28.08 -45.75
N HIS B 149 -35.69 -28.17 -47.06
CA HIS B 149 -34.61 -27.97 -48.05
C HIS B 149 -34.06 -26.54 -48.04
N LYS B 150 -34.79 -25.62 -47.42
CA LYS B 150 -34.33 -24.24 -47.29
C LYS B 150 -33.55 -24.00 -46.01
N VAL B 151 -33.51 -24.98 -45.13
CA VAL B 151 -32.80 -24.86 -43.84
C VAL B 151 -31.36 -25.27 -44.08
N TYR B 152 -30.40 -24.48 -43.64
CA TYR B 152 -28.98 -24.83 -43.79
C TYR B 152 -28.31 -24.79 -42.42
N CYS B 153 -27.12 -25.38 -42.32
CA CYS B 153 -26.33 -25.19 -41.11
C CYS B 153 -24.86 -25.22 -41.43
N ASP B 154 -24.08 -24.53 -40.59
CA ASP B 154 -22.63 -24.58 -40.68
C ASP B 154 -22.25 -25.54 -39.56
N PRO B 155 -21.64 -26.69 -39.90
CA PRO B 155 -21.39 -27.73 -38.92
C PRO B 155 -20.04 -27.42 -38.27
N TRP B 156 -20.03 -27.21 -36.95
CA TRP B 156 -18.82 -26.83 -36.19
C TRP B 156 -18.56 -28.00 -35.30
N THR B 157 -17.33 -28.17 -34.84
CA THR B 157 -17.19 -29.12 -33.73
C THR B 157 -17.98 -28.49 -32.58
N ILE B 158 -18.51 -29.33 -31.72
CA ILE B 158 -19.13 -28.85 -30.53
C ILE B 158 -18.07 -28.08 -29.71
N GLY B 159 -16.78 -28.25 -30.00
CA GLY B 159 -15.78 -27.41 -29.35
C GLY B 159 -15.46 -28.01 -27.99
N TYR B 160 -16.25 -27.64 -26.96
CA TYR B 160 -16.33 -28.51 -25.77
C TYR B 160 -17.68 -28.38 -25.05
N ASP B 161 -18.27 -29.50 -24.63
CA ASP B 161 -19.51 -29.45 -23.88
C ASP B 161 -19.42 -30.47 -22.78
N GLU B 162 -19.54 -30.00 -21.55
CA GLU B 162 -19.26 -30.82 -20.35
C GLU B 162 -20.32 -31.89 -20.16
N ARG B 163 -21.39 -31.83 -20.95
CA ARG B 163 -22.43 -32.84 -20.87
C ARG B 163 -21.96 -34.11 -21.52
N TRP B 164 -21.06 -34.03 -22.52
CA TRP B 164 -20.57 -35.23 -23.23
C TRP B 164 -19.08 -35.55 -23.20
N GLY B 165 -18.22 -34.58 -22.88
CA GLY B 165 -16.77 -34.80 -22.91
C GLY B 165 -16.31 -35.21 -24.28
N THR B 166 -15.46 -36.26 -24.33
CA THR B 166 -15.05 -36.92 -25.60
C THR B 166 -15.75 -38.27 -25.79
N GLY B 167 -16.77 -38.50 -24.97
CA GLY B 167 -17.53 -39.76 -24.99
C GLY B 167 -18.21 -40.06 -26.31
N LYS B 168 -18.51 -39.03 -27.10
CA LYS B 168 -19.08 -39.22 -28.44
C LYS B 168 -18.45 -38.16 -29.31
N ARG B 169 -18.41 -38.39 -30.61
CA ARG B 169 -17.80 -37.44 -31.48
C ARG B 169 -18.92 -36.47 -31.93
N LEU B 170 -18.86 -35.22 -31.47
CA LEU B 170 -20.01 -34.31 -31.67
C LEU B 170 -19.74 -33.10 -32.51
N GLN B 171 -20.76 -32.68 -33.22
CA GLN B 171 -20.80 -31.39 -33.85
C GLN B 171 -21.98 -30.61 -33.32
N GLN B 172 -21.90 -29.29 -33.42
CA GLN B 172 -23.03 -28.44 -33.17
C GLN B 172 -23.39 -27.76 -34.50
N ALA B 173 -24.69 -27.68 -34.81
CA ALA B 173 -25.11 -27.13 -36.09
C ALA B 173 -25.65 -25.71 -35.88
N LEU B 174 -25.01 -24.71 -36.48
CA LEU B 174 -25.47 -23.36 -36.37
C LEU B 174 -26.41 -23.17 -37.54
N VAL B 175 -27.68 -23.04 -37.23
CA VAL B 175 -28.76 -23.24 -38.20
C VAL B 175 -29.13 -21.87 -38.80
N TYR B 176 -29.27 -21.85 -40.12
CA TYR B 176 -29.70 -20.65 -40.84
C TYR B 176 -30.77 -21.00 -41.86
N TYR B 177 -31.36 -19.98 -42.48
CA TYR B 177 -32.44 -20.20 -43.48
C TYR B 177 -32.15 -19.41 -44.75
N ARG B 178 -32.43 -20.00 -45.93
CA ARG B 178 -32.35 -19.26 -47.22
C ARG B 178 -33.72 -19.19 -47.93
N SER B 179 -34.22 -18.00 -48.30
CA SER B 179 -35.47 -17.97 -49.06
CA SER B 179 -35.47 -17.91 -49.07
C SER B 179 -35.20 -18.51 -50.46
N ASP B 180 -33.96 -18.33 -50.93
CA ASP B 180 -33.54 -18.75 -52.26
C ASP B 180 -32.12 -19.28 -52.10
N GLU B 181 -31.70 -20.22 -52.94
CA GLU B 181 -30.40 -20.89 -52.81
C GLU B 181 -29.19 -19.94 -52.99
N ASP B 182 -29.39 -18.85 -53.73
CA ASP B 182 -28.35 -17.87 -53.94
C ASP B 182 -28.24 -16.83 -52.81
N ASP B 183 -29.16 -16.87 -51.82
CA ASP B 183 -29.09 -15.92 -50.69
C ASP B 183 -27.83 -16.17 -49.86
N SER B 184 -27.32 -15.13 -49.19
CA SER B 184 -26.36 -15.34 -48.13
C SER B 184 -27.18 -15.63 -46.89
N GLN B 185 -27.00 -16.81 -46.33
CA GLN B 185 -27.90 -17.25 -45.27
C GLN B 185 -27.72 -16.47 -43.94
N TYR B 186 -26.69 -15.63 -43.78
CA TYR B 186 -26.30 -15.22 -42.41
C TYR B 186 -27.17 -14.14 -41.83
N SER B 187 -28.06 -13.60 -42.67
CA SER B 187 -29.01 -12.63 -42.12
C SER B 187 -30.20 -13.30 -41.45
N HIS B 188 -30.28 -14.63 -41.61
CA HIS B 188 -31.41 -15.42 -41.12
C HIS B 188 -30.99 -16.67 -40.30
N PRO B 189 -30.25 -16.49 -39.18
CA PRO B 189 -29.97 -17.57 -38.23
C PRO B 189 -31.27 -17.94 -37.53
N LEU B 190 -31.43 -19.21 -37.13
CA LEU B 190 -32.51 -19.61 -36.24
C LEU B 190 -32.03 -19.67 -34.78
N ASP B 191 -32.95 -19.90 -33.87
CA ASP B 191 -32.62 -19.61 -32.49
C ASP B 191 -32.05 -20.79 -31.73
N PHE B 192 -32.06 -22.00 -32.32
CA PHE B 192 -31.77 -23.24 -31.57
C PHE B 192 -30.53 -23.92 -32.18
N CYS B 193 -29.94 -24.86 -31.44
CA CYS B 193 -28.66 -25.42 -31.85
C CYS B 193 -28.67 -26.93 -31.69
N PRO B 194 -28.77 -27.66 -32.81
CA PRO B 194 -28.79 -29.14 -32.78
C PRO B 194 -27.39 -29.68 -32.51
N ILE B 195 -27.30 -30.75 -31.71
CA ILE B 195 -26.04 -31.40 -31.37
C ILE B 195 -26.04 -32.74 -32.07
N VAL B 196 -25.08 -32.95 -32.99
CA VAL B 196 -25.11 -34.15 -33.83
C VAL B 196 -23.95 -35.12 -33.49
N ASP B 197 -24.30 -36.38 -33.30
CA ASP B 197 -23.32 -37.49 -33.19
C ASP B 197 -22.70 -37.76 -34.57
N THR B 198 -21.43 -37.45 -34.75
CA THR B 198 -20.76 -37.51 -36.07
C THR B 198 -20.69 -38.95 -36.62
N GLU B 199 -20.40 -39.94 -35.78
CA GLU B 199 -20.28 -41.27 -36.29
CA GLU B 199 -20.30 -41.38 -36.16
C GLU B 199 -21.65 -41.97 -36.43
N GLU B 200 -22.59 -41.72 -35.52
CA GLU B 200 -23.92 -42.33 -35.67
C GLU B 200 -24.79 -41.59 -36.69
N LYS B 201 -24.36 -40.40 -37.09
CA LYS B 201 -25.17 -39.59 -38.02
C LYS B 201 -26.58 -39.28 -37.47
N LYS B 202 -26.65 -38.86 -36.20
CA LYS B 202 -27.94 -38.50 -35.63
C LYS B 202 -27.87 -37.33 -34.67
N VAL B 203 -29.01 -36.64 -34.54
CA VAL B 203 -29.16 -35.54 -33.62
C VAL B 203 -29.43 -36.10 -32.24
N ILE B 204 -28.61 -35.81 -31.23
CA ILE B 204 -28.83 -36.40 -29.91
C ILE B 204 -29.44 -35.43 -28.90
N PHE B 205 -29.47 -34.14 -29.25
CA PHE B 205 -29.97 -33.10 -28.35
C PHE B 205 -30.14 -31.81 -29.16
N ILE B 206 -31.02 -30.93 -28.72
CA ILE B 206 -31.10 -29.58 -29.27
C ILE B 206 -31.12 -28.55 -28.13
N ASP B 207 -30.14 -27.63 -28.10
CA ASP B 207 -30.17 -26.52 -27.15
C ASP B 207 -31.20 -25.52 -27.67
N ILE B 208 -32.18 -25.23 -26.86
CA ILE B 208 -33.33 -24.41 -27.25
C ILE B 208 -33.37 -23.29 -26.21
N PRO B 209 -33.42 -22.04 -26.67
CA PRO B 209 -33.36 -20.97 -25.68
C PRO B 209 -34.69 -20.76 -24.94
N ASN B 210 -34.61 -20.09 -23.78
CA ASN B 210 -35.80 -19.64 -23.03
C ASN B 210 -36.75 -18.70 -23.76
N ARG B 211 -36.20 -17.65 -24.37
CA ARG B 211 -36.93 -16.72 -25.24
CA ARG B 211 -37.02 -16.79 -25.25
C ARG B 211 -36.85 -17.24 -26.68
N ARG B 212 -37.92 -17.78 -27.22
CA ARG B 212 -37.96 -18.15 -28.62
C ARG B 212 -37.88 -16.91 -29.50
N ARG B 213 -37.14 -16.99 -30.60
CA ARG B 213 -37.20 -15.93 -31.60
C ARG B 213 -37.47 -16.64 -32.92
N LYS B 214 -38.60 -16.30 -33.56
CA LYS B 214 -38.95 -16.89 -34.85
C LYS B 214 -38.10 -16.33 -35.97
N VAL B 215 -38.06 -17.03 -37.10
CA VAL B 215 -37.23 -16.59 -38.22
C VAL B 215 -37.55 -15.17 -38.66
N SER B 216 -36.51 -14.42 -39.04
CA SER B 216 -36.67 -13.07 -39.52
C SER B 216 -37.52 -13.01 -40.79
N LYS B 217 -38.42 -12.03 -40.83
CA LYS B 217 -39.28 -11.80 -41.98
C LYS B 217 -38.63 -10.74 -42.89
N HIS B 218 -37.50 -10.20 -42.48
CA HIS B 218 -36.85 -9.27 -43.38
C HIS B 218 -36.32 -9.98 -44.64
N LYS B 219 -36.13 -9.23 -45.73
CA LYS B 219 -35.30 -9.68 -46.86
C LYS B 219 -33.90 -10.12 -46.43
N HIS B 220 -33.33 -11.03 -47.22
CA HIS B 220 -31.96 -11.48 -47.05
C HIS B 220 -30.95 -10.37 -47.37
N ALA B 221 -29.90 -10.27 -46.57
CA ALA B 221 -28.88 -9.26 -46.82
C ALA B 221 -27.90 -9.87 -47.82
N ASN B 222 -28.02 -9.51 -49.09
CA ASN B 222 -27.29 -10.21 -50.16
C ASN B 222 -26.22 -9.34 -50.80
N PHE B 223 -25.32 -9.94 -51.58
CA PHE B 223 -24.15 -9.18 -52.07
C PHE B 223 -23.64 -9.53 -53.48
N TYR B 224 -24.26 -10.48 -54.18
CA TYR B 224 -23.93 -10.62 -55.62
C TYR B 224 -24.45 -9.43 -56.45
N PRO B 225 -23.86 -9.20 -57.65
CA PRO B 225 -24.28 -8.05 -58.47
C PRO B 225 -25.80 -7.98 -58.77
N LYS B 226 -26.45 -9.11 -59.05
CA LYS B 226 -27.93 -9.10 -59.24
C LYS B 226 -28.64 -8.66 -57.97
N HIS B 227 -28.13 -9.07 -56.82
CA HIS B 227 -28.66 -8.52 -55.57
C HIS B 227 -28.43 -7.00 -55.38
N MET B 228 -27.25 -6.51 -55.74
CA MET B 228 -26.92 -5.10 -55.51
C MET B 228 -27.73 -4.20 -56.47
N ILE B 229 -27.93 -4.69 -57.69
CA ILE B 229 -28.78 -4.01 -58.65
C ILE B 229 -30.17 -3.74 -58.05
N GLU B 230 -30.80 -4.75 -57.47
CA GLU B 230 -32.07 -4.51 -56.78
C GLU B 230 -31.92 -3.54 -55.61
N LYS B 231 -30.85 -3.68 -54.83
CA LYS B 231 -30.72 -2.92 -53.57
C LYS B 231 -30.35 -1.46 -53.79
N VAL B 232 -29.40 -1.19 -54.68
CA VAL B 232 -28.94 0.18 -54.88
C VAL B 232 -29.09 0.69 -56.32
N GLY B 233 -29.69 -0.11 -57.20
CA GLY B 233 -30.11 0.43 -58.50
C GLY B 233 -29.20 0.00 -59.63
N ALA B 234 -27.88 0.02 -59.38
CA ALA B 234 -26.89 -0.35 -60.40
C ALA B 234 -25.54 -0.62 -59.74
N MET B 235 -24.72 -1.44 -60.43
CA MET B 235 -23.31 -1.58 -60.11
C MET B 235 -22.55 -0.35 -60.61
N ARG B 236 -21.48 0.03 -59.89
CA ARG B 236 -20.51 0.96 -60.42
C ARG B 236 -19.99 0.42 -61.74
N PRO B 237 -19.62 1.31 -62.69
CA PRO B 237 -19.06 0.88 -63.98
C PRO B 237 -17.78 0.11 -63.75
N GLU B 238 -17.48 -0.86 -64.59
CA GLU B 238 -16.17 -1.44 -64.58
C GLU B 238 -15.09 -0.36 -64.65
N ALA B 239 -14.10 -0.50 -63.77
CA ALA B 239 -13.04 0.49 -63.65
C ALA B 239 -12.00 0.21 -64.72
N PRO B 240 -11.30 1.27 -65.19
CA PRO B 240 -10.21 1.06 -66.14
C PRO B 240 -9.17 0.17 -65.48
N PRO B 241 -8.57 -0.74 -66.26
CA PRO B 241 -7.79 -1.78 -65.67
C PRO B 241 -6.36 -1.39 -65.35
N ILE B 242 -5.81 -2.12 -64.39
CA ILE B 242 -4.43 -1.98 -64.07
C ILE B 242 -3.75 -3.27 -64.42
N ASN B 243 -2.92 -3.22 -65.44
CA ASN B 243 -2.29 -4.44 -65.93
C ASN B 243 -0.86 -4.59 -65.44
N VAL B 244 -0.56 -5.80 -64.97
CA VAL B 244 0.76 -6.14 -64.45
C VAL B 244 1.39 -7.28 -65.23
N THR B 245 2.51 -6.98 -65.89
CA THR B 245 3.21 -7.99 -66.69
C THR B 245 4.70 -8.13 -66.34
N GLN B 246 5.20 -9.36 -66.53
CA GLN B 246 6.61 -9.63 -66.41
C GLN B 246 7.02 -10.28 -67.72
N PRO B 247 7.30 -9.44 -68.74
CA PRO B 247 7.61 -9.96 -70.07
C PRO B 247 8.91 -10.79 -70.15
N GLU B 248 9.85 -10.57 -69.23
CA GLU B 248 11.11 -11.33 -69.25
C GLU B 248 11.12 -12.44 -68.20
N GLY B 249 9.95 -12.83 -67.68
CA GLY B 249 9.88 -13.86 -66.63
C GLY B 249 10.03 -13.32 -65.20
N VAL B 250 10.19 -14.22 -64.23
CA VAL B 250 10.28 -13.86 -62.81
C VAL B 250 11.72 -14.00 -62.38
N SER B 251 12.13 -13.39 -61.27
CA SER B 251 13.51 -13.57 -60.87
C SER B 251 13.68 -14.76 -59.94
N PHE B 252 12.57 -15.31 -59.44
CA PHE B 252 12.70 -16.43 -58.50
C PHE B 252 12.87 -17.73 -59.29
N LYS B 253 13.41 -18.74 -58.63
CA LYS B 253 13.68 -20.06 -59.20
C LYS B 253 13.21 -21.16 -58.24
N MET B 254 12.28 -21.99 -58.70
CA MET B 254 11.91 -23.18 -57.97
C MET B 254 12.47 -24.45 -58.55
N THR B 255 13.00 -25.28 -57.68
CA THR B 255 13.46 -26.60 -58.05
C THR B 255 12.63 -27.51 -57.16
N GLY B 256 11.57 -28.10 -57.71
CA GLY B 256 10.59 -28.83 -56.90
C GLY B 256 9.91 -27.84 -55.95
N ASN B 257 10.07 -28.08 -54.64
CA ASN B 257 9.49 -27.20 -53.60
C ASN B 257 10.51 -26.23 -53.00
N VAL B 258 11.75 -26.30 -53.49
CA VAL B 258 12.83 -25.44 -53.02
C VAL B 258 12.81 -24.08 -53.73
N MET B 259 12.77 -23.00 -52.97
CA MET B 259 12.67 -21.69 -53.55
C MET B 259 14.03 -20.97 -53.41
N GLU B 260 14.45 -20.25 -54.45
CA GLU B 260 15.60 -19.31 -54.37
C GLU B 260 15.18 -17.97 -54.96
N TRP B 261 15.37 -16.93 -54.18
CA TRP B 261 14.91 -15.59 -54.55
C TRP B 261 15.67 -14.58 -53.71
N SER B 262 16.41 -13.70 -54.40
CA SER B 262 17.09 -12.59 -53.76
CA SER B 262 17.10 -12.59 -53.76
C SER B 262 17.92 -13.04 -52.55
N ASN B 263 18.74 -14.07 -52.74
CA ASN B 263 19.61 -14.65 -51.73
C ASN B 263 18.93 -15.60 -50.70
N PHE B 264 17.60 -15.53 -50.57
CA PHE B 264 16.88 -16.52 -49.72
C PHE B 264 16.85 -17.89 -50.40
N LYS B 265 16.89 -18.93 -49.59
CA LYS B 265 16.65 -20.27 -50.06
C LYS B 265 15.85 -20.98 -48.98
N PHE B 266 14.79 -21.67 -49.39
CA PHE B 266 13.99 -22.36 -48.40
C PHE B 266 13.09 -23.38 -49.07
N HIS B 267 12.49 -24.22 -48.25
CA HIS B 267 11.59 -25.25 -48.71
C HIS B 267 10.14 -24.90 -48.38
N ILE B 268 9.27 -24.96 -49.41
CA ILE B 268 7.86 -24.64 -49.21
C ILE B 268 7.10 -25.95 -49.06
N GLY B 269 6.61 -26.25 -47.85
CA GLY B 269 5.86 -27.50 -47.61
C GLY B 269 4.40 -27.15 -47.43
N PHE B 270 3.55 -28.15 -47.20
CA PHE B 270 2.14 -27.93 -47.01
C PHE B 270 1.58 -29.15 -46.30
N ASN B 271 0.74 -28.96 -45.28
CA ASN B 271 -0.01 -30.11 -44.75
C ASN B 271 -1.45 -29.72 -44.45
N TYR B 272 -2.26 -30.74 -44.24
CA TYR B 272 -3.69 -30.62 -43.92
C TYR B 272 -4.00 -29.62 -42.82
N ARG B 273 -3.05 -29.38 -41.89
CA ARG B 273 -3.37 -28.72 -40.63
C ARG B 273 -2.88 -27.27 -40.61
N GLU B 274 -1.56 -27.12 -40.76
CA GLU B 274 -0.93 -25.80 -40.74
C GLU B 274 -1.11 -25.06 -42.05
N GLY B 275 -1.48 -25.75 -43.14
CA GLY B 275 -1.27 -25.22 -44.51
C GLY B 275 0.22 -25.03 -44.83
N ILE B 276 0.62 -23.83 -45.25
CA ILE B 276 2.01 -23.55 -45.62
C ILE B 276 2.99 -23.73 -44.45
N VAL B 277 4.04 -24.48 -44.74
CA VAL B 277 5.15 -24.67 -43.81
C VAL B 277 6.46 -24.30 -44.50
N LEU B 278 7.16 -23.31 -43.97
CA LEU B 278 8.41 -22.90 -44.62
C LEU B 278 9.54 -23.51 -43.82
N SER B 279 10.48 -24.15 -44.50
CA SER B 279 11.56 -24.85 -43.79
C SER B 279 12.91 -24.49 -44.33
N ASP B 280 13.91 -24.70 -43.51
CA ASP B 280 15.30 -24.71 -43.90
C ASP B 280 15.60 -23.36 -44.55
N VAL B 281 15.30 -22.27 -43.83
CA VAL B 281 15.41 -20.95 -44.41
C VAL B 281 16.81 -20.42 -44.18
N SER B 282 17.46 -20.01 -45.28
CA SER B 282 18.83 -19.45 -45.22
C SER B 282 18.98 -18.22 -46.09
N TYR B 283 20.03 -17.46 -45.82
CA TYR B 283 20.35 -16.32 -46.65
C TYR B 283 21.81 -16.44 -47.11
N ASN B 284 21.98 -16.26 -48.42
CA ASN B 284 23.28 -16.27 -49.05
C ASN B 284 23.94 -14.88 -48.97
N ASP B 285 24.82 -14.72 -48.01
CA ASP B 285 25.41 -13.43 -47.72
C ASP B 285 26.73 -13.36 -48.50
N HIS B 286 26.69 -13.02 -49.79
CA HIS B 286 27.88 -13.02 -50.67
C HIS B 286 28.68 -14.32 -50.59
N GLY B 287 28.01 -15.46 -50.74
CA GLY B 287 28.71 -16.75 -50.78
C GLY B 287 28.81 -17.44 -49.44
N ASN B 288 28.58 -16.71 -48.34
CA ASN B 288 28.41 -17.38 -47.02
C ASN B 288 26.89 -17.62 -46.74
N VAL B 289 26.47 -18.87 -46.83
CA VAL B 289 25.06 -19.25 -46.79
C VAL B 289 24.72 -19.43 -45.32
N ARG B 290 23.93 -18.52 -44.78
CA ARG B 290 23.70 -18.50 -43.35
C ARG B 290 22.27 -18.92 -43.01
N PRO B 291 22.11 -19.95 -42.15
CA PRO B 291 20.79 -20.39 -41.67
C PRO B 291 20.10 -19.28 -40.91
N ILE B 292 18.77 -19.25 -41.03
CA ILE B 292 17.97 -18.30 -40.29
C ILE B 292 16.91 -19.03 -39.44
N PHE B 293 16.01 -19.81 -40.10
CA PHE B 293 15.00 -20.63 -39.41
C PHE B 293 14.99 -22.05 -39.96
N HIS B 294 14.77 -23.01 -39.08
CA HIS B 294 14.58 -24.38 -39.50
C HIS B 294 13.14 -24.58 -39.94
N ARG B 295 12.21 -23.90 -39.28
CA ARG B 295 10.80 -24.08 -39.55
C ARG B 295 9.98 -22.92 -39.04
N ILE B 296 9.05 -22.49 -39.86
CA ILE B 296 8.15 -21.48 -39.43
C ILE B 296 6.74 -21.71 -40.02
N SER B 297 5.70 -21.62 -39.19
CA SER B 297 4.32 -21.87 -39.68
C SER B 297 3.30 -21.31 -38.71
N LEU B 298 2.01 -21.32 -39.07
CA LEU B 298 0.99 -21.15 -38.02
C LEU B 298 0.66 -22.51 -37.46
N SER B 299 0.63 -22.66 -36.14
CA SER B 299 0.52 -24.01 -35.55
C SER B 299 -0.82 -24.24 -34.83
N GLU B 300 -1.57 -23.15 -34.59
CA GLU B 300 -2.88 -23.19 -33.91
C GLU B 300 -3.56 -21.83 -34.00
N MET B 301 -4.86 -21.82 -33.80
CA MET B 301 -5.61 -20.57 -33.67
C MET B 301 -6.62 -20.75 -32.56
N ILE B 302 -7.19 -19.64 -32.11
CA ILE B 302 -8.44 -19.70 -31.36
C ILE B 302 -9.26 -18.43 -31.61
N VAL B 303 -10.55 -18.61 -31.87
CA VAL B 303 -11.44 -17.48 -32.20
C VAL B 303 -12.56 -17.40 -31.13
N PRO B 304 -12.25 -16.86 -29.95
CA PRO B 304 -13.18 -16.90 -28.81
C PRO B 304 -14.22 -15.79 -28.88
N TYR B 305 -15.50 -16.19 -28.79
CA TYR B 305 -16.61 -15.29 -28.85
C TYR B 305 -16.85 -14.76 -27.44
N GLY B 306 -17.46 -13.57 -27.34
CA GLY B 306 -17.56 -12.96 -26.02
C GLY B 306 -18.99 -12.73 -25.55
N SER B 307 -19.95 -13.51 -26.03
CA SER B 307 -21.25 -13.53 -25.37
C SER B 307 -21.30 -14.66 -24.34
N PRO B 308 -21.65 -14.30 -23.09
CA PRO B 308 -21.63 -15.29 -21.99
C PRO B 308 -22.88 -16.20 -22.04
N GLU B 309 -23.87 -15.86 -22.87
CA GLU B 309 -25.14 -16.63 -22.89
C GLU B 309 -25.02 -18.04 -23.49
N PHE B 310 -25.72 -19.03 -22.90
CA PHE B 310 -25.76 -20.40 -23.44
C PHE B 310 -26.47 -20.42 -24.79
N PRO B 311 -25.95 -21.15 -25.80
CA PRO B 311 -24.77 -22.01 -25.75
C PRO B 311 -23.55 -21.35 -26.39
N HIS B 312 -23.45 -20.03 -26.37
CA HIS B 312 -22.40 -19.35 -27.15
C HIS B 312 -20.98 -19.47 -26.57
N GLN B 313 -20.85 -19.95 -25.36
CA GLN B 313 -19.52 -20.31 -24.83
C GLN B 313 -18.88 -21.40 -25.70
N ARG B 314 -19.67 -22.09 -26.52
CA ARG B 314 -19.10 -23.17 -27.32
C ARG B 314 -18.54 -22.63 -28.63
N LYS B 315 -18.63 -21.31 -28.84
CA LYS B 315 -17.93 -20.74 -30.00
C LYS B 315 -16.56 -20.22 -29.59
N HIS B 316 -15.54 -21.02 -29.85
CA HIS B 316 -14.16 -20.60 -29.65
C HIS B 316 -13.31 -21.51 -30.55
N ALA B 317 -13.60 -21.50 -31.84
CA ALA B 317 -13.02 -22.49 -32.74
C ALA B 317 -11.52 -22.40 -32.66
N LEU B 318 -10.85 -23.54 -32.62
CA LEU B 318 -9.42 -23.54 -32.88
C LEU B 318 -9.27 -24.07 -34.28
N ASP B 319 -9.35 -23.18 -35.26
CA ASP B 319 -9.53 -23.57 -36.67
C ASP B 319 -8.46 -24.52 -37.22
N ILE B 320 -7.22 -24.30 -36.86
CA ILE B 320 -6.14 -25.14 -37.42
C ILE B 320 -6.25 -26.53 -36.86
N GLY B 321 -6.40 -26.66 -35.53
CA GLY B 321 -6.43 -27.96 -34.91
C GLY B 321 -7.78 -28.67 -34.99
N GLU B 322 -8.85 -27.97 -35.36
CA GLU B 322 -10.20 -28.60 -35.39
C GLU B 322 -10.72 -28.81 -36.81
N TYR B 323 -10.21 -28.05 -37.79
CA TYR B 323 -10.63 -28.21 -39.20
C TYR B 323 -9.43 -28.32 -40.15
N GLY B 324 -8.39 -27.52 -39.90
CA GLY B 324 -7.16 -27.60 -40.70
C GLY B 324 -7.06 -26.56 -41.81
N ALA B 325 -6.01 -25.75 -41.78
CA ALA B 325 -5.86 -24.69 -42.79
C ALA B 325 -5.49 -25.28 -44.16
N GLY B 326 -4.98 -26.53 -44.18
CA GLY B 326 -4.84 -27.31 -45.42
C GLY B 326 -6.17 -27.81 -45.94
N TYR B 327 -6.87 -28.64 -45.16
CA TYR B 327 -8.19 -29.15 -45.55
C TYR B 327 -9.19 -28.07 -45.96
N MET B 328 -9.15 -26.90 -45.29
CA MET B 328 -10.08 -25.82 -45.63
C MET B 328 -9.59 -24.96 -46.79
N THR B 329 -8.37 -25.19 -47.29
CA THR B 329 -7.80 -24.23 -48.24
C THR B 329 -8.51 -24.10 -49.62
N ASN B 330 -8.52 -22.90 -50.20
CA ASN B 330 -9.20 -22.67 -51.49
C ASN B 330 -8.27 -22.98 -52.68
N PRO B 331 -8.77 -23.74 -53.69
CA PRO B 331 -8.07 -23.69 -54.97
C PRO B 331 -8.02 -22.25 -55.45
N LEU B 332 -6.86 -21.77 -55.89
CA LEU B 332 -6.65 -20.34 -56.07
C LEU B 332 -6.79 -19.78 -57.51
N SER B 333 -6.82 -20.61 -58.53
CA SER B 333 -6.69 -19.96 -59.83
C SER B 333 -7.83 -19.03 -60.27
N LEU B 334 -9.06 -19.44 -59.95
CA LEU B 334 -10.27 -18.87 -60.58
C LEU B 334 -10.57 -17.44 -60.15
N GLY B 335 -10.60 -17.20 -58.83
CA GLY B 335 -10.88 -15.85 -58.30
C GLY B 335 -10.09 -14.66 -58.83
N CYS B 336 -8.97 -14.93 -59.53
CA CYS B 336 -7.96 -13.91 -59.70
CA CYS B 336 -7.86 -13.97 -59.66
C CYS B 336 -7.56 -13.40 -58.29
N ASP B 337 -7.52 -14.32 -57.32
CA ASP B 337 -6.99 -14.11 -55.97
C ASP B 337 -5.55 -13.67 -56.09
N CYS B 338 -4.88 -14.24 -57.08
CA CYS B 338 -3.46 -14.08 -57.31
C CYS B 338 -3.22 -13.45 -58.69
N LYS B 339 -2.81 -12.19 -58.68
CA LYS B 339 -2.63 -11.36 -59.88
C LYS B 339 -1.16 -11.34 -60.32
N GLY B 340 -0.92 -11.67 -61.60
CA GLY B 340 0.43 -11.56 -62.17
C GLY B 340 0.95 -12.87 -62.73
N VAL B 341 2.27 -13.06 -62.72
CA VAL B 341 2.86 -14.34 -63.17
C VAL B 341 3.10 -15.25 -61.96
N ILE B 342 2.31 -16.31 -61.87
CA ILE B 342 2.13 -17.07 -60.63
C ILE B 342 2.74 -18.45 -60.82
N HIS B 343 3.40 -18.97 -59.79
CA HIS B 343 3.73 -20.39 -59.69
C HIS B 343 2.80 -21.05 -58.65
N TYR B 344 2.18 -22.16 -58.99
CA TYR B 344 1.15 -22.76 -58.13
C TYR B 344 1.70 -24.03 -57.50
N LEU B 345 1.30 -24.36 -56.28
CA LEU B 345 1.51 -25.72 -55.76
C LEU B 345 0.15 -26.36 -55.47
N ASP B 346 0.07 -27.69 -55.61
CA ASP B 346 -1.14 -28.42 -55.27
C ASP B 346 -0.96 -29.08 -53.88
N ALA B 347 -2.05 -29.39 -53.18
CA ALA B 347 -1.95 -30.13 -51.92
C ALA B 347 -2.59 -31.48 -52.13
N HIS B 348 -2.02 -32.49 -51.46
CA HIS B 348 -2.56 -33.86 -51.52
C HIS B 348 -2.85 -34.38 -50.12
N PHE B 349 -4.07 -34.84 -49.92
CA PHE B 349 -4.47 -35.43 -48.64
C PHE B 349 -5.03 -36.85 -48.85
N SER B 350 -5.48 -37.49 -47.76
CA SER B 350 -6.32 -38.67 -47.90
C SER B 350 -7.81 -38.35 -47.75
N ASP B 351 -8.67 -39.05 -48.49
CA ASP B 351 -10.07 -39.19 -48.04
C ASP B 351 -10.32 -40.34 -47.06
N ARG B 352 -11.58 -40.49 -46.68
CA ARG B 352 -12.04 -41.39 -45.58
C ARG B 352 -11.79 -42.85 -46.00
N ALA B 353 -11.79 -43.09 -47.30
CA ALA B 353 -11.53 -44.42 -47.82
C ALA B 353 -10.06 -44.77 -47.99
N GLY B 354 -9.16 -43.80 -47.83
CA GLY B 354 -7.75 -44.04 -48.05
C GLY B 354 -7.19 -43.66 -49.41
N ASP B 355 -8.00 -43.00 -50.21
CA ASP B 355 -7.54 -42.53 -51.52
C ASP B 355 -7.09 -41.10 -51.51
N PRO B 356 -6.06 -40.82 -52.30
CA PRO B 356 -5.48 -39.49 -52.34
C PRO B 356 -6.49 -38.50 -52.91
N ILE B 357 -6.63 -37.35 -52.26
CA ILE B 357 -7.35 -36.24 -52.85
C ILE B 357 -6.39 -35.09 -53.07
N THR B 358 -6.73 -34.24 -54.01
CA THR B 358 -5.85 -33.20 -54.49
C THR B 358 -6.64 -31.91 -54.46
N VAL B 359 -6.07 -30.86 -53.86
CA VAL B 359 -6.55 -29.52 -54.15
C VAL B 359 -5.59 -28.68 -55.02
N LYS B 360 -6.09 -28.28 -56.19
CA LYS B 360 -5.25 -27.78 -57.24
C LYS B 360 -4.96 -26.36 -56.86
N ASN B 361 -3.75 -25.89 -57.16
CA ASN B 361 -3.43 -24.51 -56.86
C ASN B 361 -3.73 -24.07 -55.42
N ALA B 362 -3.27 -24.85 -54.45
CA ALA B 362 -3.55 -24.55 -53.04
C ALA B 362 -2.65 -23.40 -52.53
N VAL B 363 -1.48 -23.26 -53.13
CA VAL B 363 -0.49 -22.25 -52.76
C VAL B 363 -0.15 -21.42 -54.01
N CYS B 364 -0.16 -20.11 -53.86
CA CYS B 364 0.30 -19.27 -54.96
CA CYS B 364 0.24 -19.19 -54.93
C CYS B 364 1.56 -18.52 -54.56
N ILE B 365 2.47 -18.44 -55.54
CA ILE B 365 3.81 -17.89 -55.38
C ILE B 365 4.00 -16.86 -56.49
N HIS B 366 4.27 -15.60 -56.09
CA HIS B 366 4.64 -14.60 -57.05
C HIS B 366 5.52 -13.50 -56.43
N GLU B 367 6.13 -12.68 -57.28
CA GLU B 367 6.81 -11.51 -56.79
C GLU B 367 6.08 -10.24 -57.22
N GLU B 368 6.03 -9.27 -56.32
CA GLU B 368 5.35 -8.02 -56.58
C GLU B 368 6.29 -6.88 -56.25
N ASP B 369 6.03 -5.77 -56.92
CA ASP B 369 6.38 -4.44 -56.45
C ASP B 369 6.07 -4.16 -55.01
N ASP B 370 7.03 -3.61 -54.28
CA ASP B 370 6.73 -3.20 -52.94
C ASP B 370 7.27 -1.80 -52.62
N GLY B 371 7.15 -0.85 -53.54
CA GLY B 371 7.57 0.54 -53.25
C GLY B 371 9.08 0.79 -53.21
N LEU B 372 9.52 1.67 -52.32
CA LEU B 372 10.94 2.00 -52.22
C LEU B 372 11.63 1.05 -51.28
N LEU B 373 12.81 0.60 -51.67
CA LEU B 373 13.67 -0.11 -50.75
C LEU B 373 14.46 0.87 -49.92
N PHE B 374 15.11 1.83 -50.60
CA PHE B 374 15.74 2.96 -49.93
C PHE B 374 15.94 4.10 -50.93
N LYS B 375 16.17 5.29 -50.40
CA LYS B 375 16.40 6.50 -51.19
C LYS B 375 17.31 7.48 -50.40
N HIS B 376 18.24 8.17 -51.07
CA HIS B 376 18.83 9.38 -50.47
C HIS B 376 19.35 10.36 -51.50
N SER B 377 19.05 11.63 -51.26
CA SER B 377 19.49 12.73 -52.10
C SER B 377 20.20 13.78 -51.28
N ASP B 378 21.15 14.45 -51.92
CA ASP B 378 21.94 15.48 -51.28
C ASP B 378 21.32 16.83 -51.58
N PHE B 379 21.01 17.60 -50.53
CA PHE B 379 20.43 18.92 -50.69
C PHE B 379 21.44 19.94 -51.32
N ARG B 380 22.74 19.66 -51.23
CA ARG B 380 23.73 20.59 -51.71
C ARG B 380 23.60 20.94 -53.19
N ASP B 381 23.27 19.96 -54.02
CA ASP B 381 23.02 20.27 -55.44
C ASP B 381 21.56 20.09 -55.76
N ASN B 382 20.72 20.51 -54.82
CA ASN B 382 19.29 20.43 -55.02
C ASN B 382 18.73 19.04 -55.40
N PHE B 383 19.26 17.99 -54.76
CA PHE B 383 18.82 16.60 -54.96
C PHE B 383 19.24 16.01 -56.31
N ALA B 384 20.17 16.69 -56.99
CA ALA B 384 20.77 16.15 -58.21
C ALA B 384 21.56 14.90 -57.89
N THR B 385 22.27 14.94 -56.76
CA THR B 385 22.93 13.75 -56.22
C THR B 385 21.83 12.90 -55.55
N SER B 386 21.56 11.72 -56.09
CA SER B 386 20.41 10.93 -55.68
C SER B 386 20.60 9.45 -56.07
N LEU B 387 20.13 8.58 -55.18
CA LEU B 387 20.11 7.15 -55.42
C LEU B 387 18.76 6.63 -54.91
N VAL B 388 18.11 5.83 -55.75
CA VAL B 388 16.78 5.33 -55.50
C VAL B 388 16.77 3.86 -55.93
N THR B 389 16.40 2.95 -55.02
CA THR B 389 16.26 1.54 -55.39
C THR B 389 14.88 1.08 -55.00
N ARG B 390 14.17 0.45 -55.93
CA ARG B 390 12.83 -0.10 -55.67
C ARG B 390 12.90 -1.48 -55.03
N ALA B 391 11.89 -1.79 -54.20
CA ALA B 391 11.79 -3.07 -53.50
C ALA B 391 10.88 -4.01 -54.26
N THR B 392 11.30 -5.27 -54.35
CA THR B 392 10.48 -6.35 -54.80
C THR B 392 10.30 -7.27 -53.60
N LYS B 393 9.10 -7.84 -53.46
CA LYS B 393 8.79 -8.76 -52.37
C LYS B 393 8.37 -10.08 -52.99
N LEU B 394 8.71 -11.20 -52.35
CA LEU B 394 8.23 -12.53 -52.75
C LEU B 394 7.07 -12.97 -51.83
N VAL B 395 5.95 -13.37 -52.42
CA VAL B 395 4.74 -13.73 -51.67
C VAL B 395 4.40 -15.19 -51.90
N VAL B 396 4.26 -15.94 -50.82
CA VAL B 396 3.81 -17.34 -50.83
C VAL B 396 2.52 -17.32 -50.01
N SER B 397 1.41 -17.65 -50.64
CA SER B 397 0.11 -17.36 -50.07
CA SER B 397 0.11 -17.36 -50.07
C SER B 397 -0.89 -18.51 -50.19
N GLN B 398 -1.85 -18.55 -49.27
CA GLN B 398 -3.00 -19.46 -49.41
C GLN B 398 -4.20 -18.75 -48.88
N ILE B 399 -5.38 -19.20 -49.27
CA ILE B 399 -6.61 -18.71 -48.63
C ILE B 399 -7.47 -19.88 -48.20
N PHE B 400 -7.87 -19.89 -46.92
CA PHE B 400 -8.80 -20.92 -46.42
C PHE B 400 -10.16 -20.39 -45.92
N THR B 401 -11.19 -21.22 -46.10
CA THR B 401 -12.56 -20.89 -45.74
C THR B 401 -12.96 -21.74 -44.54
N ALA B 402 -13.31 -21.07 -43.45
CA ALA B 402 -13.78 -21.76 -42.26
C ALA B 402 -15.27 -21.47 -42.08
N ALA B 403 -16.08 -22.24 -42.80
CA ALA B 403 -17.50 -21.99 -42.95
C ALA B 403 -17.75 -20.55 -43.39
N ASN B 404 -18.04 -19.67 -42.44
CA ASN B 404 -18.37 -18.26 -42.74
C ASN B 404 -17.13 -17.37 -42.97
N GLU B 406 -13.14 -16.14 -44.07
CA GLU B 406 -12.05 -16.40 -45.01
C GLU B 406 -10.79 -15.83 -44.40
N TYR B 407 -9.71 -16.61 -44.41
CA TYR B 407 -8.42 -16.14 -43.92
C TYR B 407 -7.45 -16.15 -45.06
N CYS B 408 -6.94 -14.97 -45.39
CA CYS B 408 -6.01 -14.86 -46.51
C CYS B 408 -4.60 -14.78 -45.94
N LEU B 409 -3.70 -15.72 -46.28
CA LEU B 409 -2.39 -15.78 -45.58
C LEU B 409 -1.25 -15.54 -46.59
N TYR B 410 -0.34 -14.64 -46.27
CA TYR B 410 0.72 -14.22 -47.19
C TYR B 410 2.03 -14.27 -46.43
N TRP B 411 2.90 -15.23 -46.74
CA TRP B 411 4.27 -15.20 -46.21
C TRP B 411 5.12 -14.34 -47.18
N VAL B 412 5.81 -13.32 -46.66
CA VAL B 412 6.41 -12.31 -47.52
C VAL B 412 7.90 -12.20 -47.20
N PHE B 413 8.73 -12.43 -48.21
CA PHE B 413 10.16 -12.24 -48.07
C PHE B 413 10.48 -10.91 -48.75
N MET B 414 11.45 -10.20 -48.16
CA MET B 414 11.84 -8.84 -48.53
C MET B 414 13.33 -8.69 -48.75
N GLN B 415 13.70 -7.64 -49.49
CA GLN B 415 15.07 -7.51 -50.01
C GLN B 415 16.02 -6.88 -49.02
N ASP B 416 15.50 -6.52 -47.87
CA ASP B 416 16.34 -6.12 -46.76
C ASP B 416 16.62 -7.32 -45.84
N GLY B 417 16.20 -8.52 -46.29
CA GLY B 417 16.35 -9.75 -45.48
C GLY B 417 15.28 -9.96 -44.40
N ALA B 418 14.26 -9.10 -44.38
CA ALA B 418 13.13 -9.28 -43.45
C ALA B 418 12.13 -10.28 -44.00
N ILE B 419 11.38 -10.88 -43.09
CA ILE B 419 10.29 -11.80 -43.48
C ILE B 419 9.03 -11.37 -42.71
N ARG B 420 7.92 -11.31 -43.41
CA ARG B 420 6.71 -10.78 -42.82
C ARG B 420 5.59 -11.82 -42.99
N LEU B 421 4.68 -11.89 -42.03
CA LEU B 421 3.40 -12.58 -42.24
C LEU B 421 2.32 -11.53 -42.31
N ASP B 422 1.64 -11.43 -43.45
CA ASP B 422 0.45 -10.58 -43.60
C ASP B 422 -0.81 -11.46 -43.67
N ILE B 423 -1.83 -11.09 -42.91
CA ILE B 423 -3.10 -11.84 -42.95
C ILE B 423 -4.18 -10.82 -43.30
N ARG B 424 -5.14 -11.25 -44.09
CA ARG B 424 -6.35 -10.45 -44.22
C ARG B 424 -7.54 -11.32 -43.96
N LEU B 425 -8.36 -10.89 -42.99
CA LEU B 425 -9.64 -11.51 -42.65
C LEU B 425 -10.75 -10.91 -43.48
N THR B 426 -11.52 -11.78 -44.10
CA THR B 426 -12.67 -11.37 -44.84
C THR B 426 -13.72 -12.47 -44.71
N GLY B 427 -14.64 -12.55 -45.65
CA GLY B 427 -15.82 -13.44 -45.45
C GLY B 427 -16.96 -12.85 -44.62
N ILE B 428 -17.67 -13.67 -43.85
CA ILE B 428 -18.95 -13.27 -43.24
C ILE B 428 -18.89 -13.42 -41.75
N LEU B 429 -19.41 -12.42 -41.06
CA LEU B 429 -19.57 -12.52 -39.62
C LEU B 429 -20.40 -13.76 -39.22
N ASN B 430 -20.01 -14.38 -38.11
CA ASN B 430 -20.89 -15.34 -37.46
C ASN B 430 -22.02 -14.51 -36.89
N THR B 431 -23.26 -14.99 -37.13
CA THR B 431 -24.45 -14.25 -36.70
C THR B 431 -25.38 -15.21 -35.99
N TYR B 432 -26.07 -14.67 -34.97
CA TYR B 432 -27.09 -15.41 -34.24
C TYR B 432 -28.32 -14.48 -34.25
N ILE B 433 -29.50 -15.02 -33.95
CA ILE B 433 -30.72 -14.24 -34.15
C ILE B 433 -30.92 -13.24 -33.00
N LEU B 434 -31.57 -12.13 -33.32
CA LEU B 434 -31.89 -11.12 -32.33
C LEU B 434 -33.40 -10.85 -32.40
N GLY B 435 -34.12 -10.88 -31.27
CA GLY B 435 -35.57 -10.56 -31.27
C GLY B 435 -35.79 -9.09 -31.63
N ASP B 436 -37.00 -8.70 -32.06
CA ASP B 436 -37.30 -7.29 -32.40
C ASP B 436 -36.99 -6.31 -31.27
N ASP B 437 -37.37 -6.74 -30.11
CA ASP B 437 -37.15 -6.18 -28.81
C ASP B 437 -35.76 -6.06 -28.27
N GLU B 438 -34.90 -6.88 -28.82
CA GLU B 438 -33.71 -7.38 -28.07
C GLU B 438 -32.50 -6.48 -28.28
N GLU B 439 -31.84 -6.11 -27.20
CA GLU B 439 -30.59 -5.37 -27.26
C GLU B 439 -29.43 -6.34 -27.57
N ALA B 440 -28.63 -6.05 -28.59
CA ALA B 440 -27.41 -6.85 -28.82
C ALA B 440 -26.30 -6.60 -27.79
N GLY B 441 -26.17 -5.37 -27.29
CA GLY B 441 -24.95 -4.93 -26.54
C GLY B 441 -25.15 -5.50 -25.15
N PRO B 442 -24.08 -5.66 -24.37
CA PRO B 442 -22.75 -5.25 -24.77
C PRO B 442 -21.92 -6.37 -25.45
N TRP B 443 -22.50 -7.55 -25.73
CA TRP B 443 -21.72 -8.66 -26.23
C TRP B 443 -21.68 -8.78 -27.74
N GLY B 444 -22.35 -7.87 -28.42
CA GLY B 444 -22.60 -8.03 -29.84
C GLY B 444 -23.17 -6.77 -30.45
N THR B 445 -23.28 -6.77 -31.77
CA THR B 445 -23.75 -5.61 -32.50
C THR B 445 -24.90 -6.00 -33.41
N ARG B 446 -25.90 -5.13 -33.50
CA ARG B 446 -27.01 -5.38 -34.41
C ARG B 446 -26.58 -4.88 -35.77
N VAL B 447 -26.21 -5.79 -36.66
CA VAL B 447 -25.60 -5.36 -37.95
C VAL B 447 -26.60 -5.32 -39.08
N TYR B 448 -27.83 -5.74 -38.80
CA TYR B 448 -28.92 -5.87 -39.78
C TYR B 448 -30.13 -6.24 -38.89
N PRO B 449 -31.36 -5.98 -39.35
CA PRO B 449 -32.50 -6.28 -38.44
C PRO B 449 -32.57 -7.75 -38.05
N ASN B 450 -32.77 -7.99 -36.76
CA ASN B 450 -32.87 -9.34 -36.21
C ASN B 450 -31.56 -10.12 -36.32
N VAL B 451 -30.45 -9.43 -36.58
CA VAL B 451 -29.14 -10.10 -36.64
C VAL B 451 -28.16 -9.64 -35.54
N ASN B 452 -27.68 -10.54 -34.67
CA ASN B 452 -26.66 -10.20 -33.62
C ASN B 452 -25.30 -10.83 -34.04
N ALA B 453 -24.32 -9.99 -34.36
CA ALA B 453 -22.97 -10.45 -34.59
C ALA B 453 -22.16 -10.32 -33.30
N HIS B 454 -21.87 -11.43 -32.64
CA HIS B 454 -21.21 -11.37 -31.33
C HIS B 454 -19.80 -10.85 -31.40
N ASN B 455 -19.32 -10.17 -30.35
CA ASN B 455 -17.88 -9.91 -30.17
C ASN B 455 -17.04 -11.19 -30.18
N HIS B 456 -15.78 -11.09 -30.62
CA HIS B 456 -14.87 -12.24 -30.65
C HIS B 456 -13.45 -11.76 -30.87
N GLN B 457 -12.49 -12.60 -30.54
CA GLN B 457 -11.09 -12.37 -30.89
C GLN B 457 -10.71 -13.37 -31.97
N HIS B 458 -9.78 -13.00 -32.85
CA HIS B 458 -9.09 -13.96 -33.71
C HIS B 458 -7.61 -14.01 -33.26
N LEU B 459 -7.17 -15.16 -32.71
CA LEU B 459 -5.82 -15.30 -32.18
C LEU B 459 -5.12 -16.50 -32.90
N PHE B 460 -3.80 -16.41 -33.08
CA PHE B 460 -3.02 -17.28 -33.94
C PHE B 460 -1.75 -17.60 -33.13
N SER B 461 -1.22 -18.83 -33.25
CA SER B 461 0.05 -19.15 -32.61
C SER B 461 1.05 -19.36 -33.72
N LEU B 462 1.95 -18.36 -33.92
CA LEU B 462 3.03 -18.48 -34.91
C LEU B 462 4.11 -19.35 -34.23
N ARG B 463 4.55 -20.42 -34.91
CA ARG B 463 5.56 -21.28 -34.35
C ARG B 463 6.84 -21.06 -35.11
N ILE B 464 7.87 -20.61 -34.40
CA ILE B 464 9.18 -20.41 -35.00
C ILE B 464 10.20 -21.39 -34.45
N ASP B 465 10.75 -22.24 -35.33
CA ASP B 465 11.93 -23.04 -34.99
C ASP B 465 13.20 -22.33 -35.53
N PRO B 466 13.92 -21.64 -34.64
CA PRO B 466 14.96 -20.82 -35.23
C PRO B 466 16.31 -21.52 -35.34
N ARG B 467 17.17 -20.92 -36.17
CA ARG B 467 18.52 -21.40 -36.34
C ARG B 467 19.33 -20.17 -36.75
N ILE B 468 19.27 -19.13 -35.92
CA ILE B 468 19.83 -17.81 -36.26
C ILE B 468 21.35 -17.91 -36.44
N ASP B 469 21.76 -17.98 -37.70
CA ASP B 469 23.18 -18.00 -38.07
C ASP B 469 23.80 -19.28 -37.52
N GLY B 470 22.97 -20.31 -37.42
CA GLY B 470 23.38 -21.63 -36.99
C GLY B 470 22.77 -21.99 -35.64
N ASP B 471 23.44 -22.90 -34.95
CA ASP B 471 22.84 -23.61 -33.85
C ASP B 471 23.24 -23.03 -32.52
N GLY B 472 22.34 -23.15 -31.54
CA GLY B 472 22.52 -22.51 -30.23
C GLY B 472 21.92 -21.13 -30.30
N ASN B 473 20.64 -21.01 -29.96
CA ASN B 473 19.94 -19.74 -30.01
C ASN B 473 19.38 -19.41 -28.63
N SER B 474 19.02 -18.14 -28.46
CA SER B 474 18.35 -17.65 -27.27
C SER B 474 17.27 -16.64 -27.69
N ALA B 475 16.46 -16.19 -26.73
CA ALA B 475 15.48 -15.14 -27.00
C ALA B 475 15.47 -14.15 -25.83
N ALA B 476 15.03 -12.92 -26.16
CA ALA B 476 14.94 -11.86 -25.21
C ALA B 476 13.74 -10.96 -25.53
N ALA B 477 13.26 -10.25 -24.49
CA ALA B 477 12.40 -9.07 -24.63
C ALA B 477 13.30 -7.82 -24.65
N CYS B 478 12.97 -6.85 -25.52
CA CYS B 478 13.63 -5.54 -25.63
C CYS B 478 12.62 -4.46 -25.38
N ASP B 479 12.94 -3.62 -24.40
CA ASP B 479 12.01 -2.65 -23.86
C ASP B 479 12.78 -1.35 -23.88
N ALA B 480 12.22 -0.36 -24.60
CA ALA B 480 12.72 1.00 -24.57
C ALA B 480 12.50 1.58 -23.18
N LYS B 481 13.53 2.15 -22.56
CA LYS B 481 13.38 2.82 -21.27
C LYS B 481 14.14 4.14 -21.20
N SER B 482 13.61 5.14 -20.49
CA SER B 482 14.41 6.33 -20.15
C SER B 482 15.52 5.88 -19.22
N SER B 483 16.67 6.58 -19.25
CA SER B 483 17.68 6.46 -18.20
C SER B 483 17.07 6.52 -16.78
N PRO B 484 17.58 5.71 -15.83
CA PRO B 484 16.96 5.85 -14.51
C PRO B 484 17.45 7.14 -13.82
N TYR B 485 18.47 7.78 -14.37
CA TYR B 485 18.94 9.03 -13.78
C TYR B 485 18.00 10.22 -13.98
N PRO B 486 17.76 11.02 -12.92
CA PRO B 486 16.76 12.06 -13.09
C PRO B 486 17.28 13.21 -13.95
N LEU B 487 16.34 13.94 -14.54
CA LEU B 487 16.58 15.21 -15.21
C LEU B 487 17.45 16.09 -14.33
N GLY B 488 18.48 16.72 -14.88
CA GLY B 488 19.28 17.64 -14.11
C GLY B 488 20.40 17.01 -13.31
N SER B 489 20.55 15.69 -13.38
CA SER B 489 21.73 15.03 -12.78
C SER B 489 22.90 15.08 -13.77
N PRO B 490 24.14 14.81 -13.31
CA PRO B 490 25.23 14.77 -14.30
C PRO B 490 25.09 13.74 -15.42
N GLU B 491 24.47 12.60 -15.10
CA GLU B 491 24.24 11.52 -16.06
C GLU B 491 23.14 11.78 -17.08
N ASN B 492 22.24 12.72 -16.79
CA ASN B 492 21.07 12.90 -17.67
C ASN B 492 20.62 14.36 -17.57
N MET B 493 21.55 15.27 -17.80
CA MET B 493 21.33 16.70 -17.54
C MET B 493 20.03 17.20 -18.12
N TYR B 494 19.74 16.85 -19.38
CA TYR B 494 18.55 17.39 -20.05
C TYR B 494 17.37 16.41 -20.15
N GLY B 495 17.47 15.33 -19.39
CA GLY B 495 16.36 14.33 -19.30
C GLY B 495 15.99 13.54 -20.55
N ASN B 496 16.88 13.56 -21.56
CA ASN B 496 16.58 12.92 -22.86
C ASN B 496 17.14 11.49 -23.04
N ALA B 497 18.05 11.06 -22.17
CA ALA B 497 18.71 9.77 -22.35
C ALA B 497 17.72 8.59 -22.36
N PHE B 498 17.87 7.66 -23.31
CA PHE B 498 17.12 6.42 -23.23
C PHE B 498 17.87 5.28 -23.96
N TYR B 499 17.50 4.07 -23.62
CA TYR B 499 18.24 2.91 -24.09
C TYR B 499 17.27 1.73 -24.28
N SER B 500 17.78 0.65 -24.84
CA SER B 500 16.99 -0.56 -24.95
C SER B 500 17.38 -1.56 -23.87
N GLU B 501 16.43 -1.95 -23.03
CA GLU B 501 16.72 -2.90 -21.96
C GLU B 501 16.43 -4.29 -22.46
N LYS B 502 17.46 -5.14 -22.48
CA LYS B 502 17.36 -6.46 -23.07
C LYS B 502 17.28 -7.51 -21.98
N THR B 503 16.18 -8.28 -21.95
CA THR B 503 16.00 -9.28 -20.91
C THR B 503 16.06 -10.65 -21.55
N THR B 504 17.19 -11.35 -21.37
CA THR B 504 17.41 -12.63 -22.03
C THR B 504 16.65 -13.63 -21.20
N PHE B 505 15.88 -14.48 -21.87
CA PHE B 505 15.16 -15.51 -21.18
C PHE B 505 16.15 -16.65 -20.79
N LYS B 506 16.20 -16.99 -19.51
CA LYS B 506 17.05 -18.09 -19.02
C LYS B 506 16.31 -19.41 -18.97
N THR B 507 15.16 -19.41 -18.31
CA THR B 507 14.28 -20.58 -18.28
C THR B 507 12.97 -20.26 -18.98
N VAL B 508 12.18 -21.31 -19.25
CA VAL B 508 10.90 -21.14 -19.88
C VAL B 508 10.00 -20.06 -19.22
N LYS B 509 9.92 -20.09 -17.88
CA LYS B 509 9.11 -19.11 -17.18
C LYS B 509 9.45 -17.66 -17.53
N ASP B 510 10.73 -17.33 -17.71
CA ASP B 510 11.14 -15.95 -18.05
C ASP B 510 10.48 -15.51 -19.35
N SER B 511 10.28 -16.43 -20.28
CA SER B 511 9.86 -16.06 -21.66
C SER B 511 8.38 -15.68 -21.77
N LEU B 512 7.60 -16.03 -20.75
CA LEU B 512 6.13 -15.91 -20.83
C LEU B 512 5.79 -14.42 -20.66
N THR B 513 5.61 -13.73 -21.79
CA THR B 513 5.64 -12.31 -21.83
C THR B 513 4.58 -11.81 -22.84
N ASN B 514 4.11 -10.59 -22.57
CA ASN B 514 3.14 -9.94 -23.42
C ASN B 514 3.72 -8.74 -24.11
N TYR B 515 3.10 -8.41 -25.22
CA TYR B 515 3.45 -7.15 -25.85
C TYR B 515 3.23 -6.03 -24.83
N GLU B 516 4.05 -4.97 -24.83
CA GLU B 516 3.78 -3.82 -23.90
C GLU B 516 3.93 -2.52 -24.65
N SER B 517 2.86 -1.78 -24.91
CA SER B 517 2.96 -0.45 -25.50
C SER B 517 3.87 0.50 -24.68
N ALA B 518 3.87 0.38 -23.34
CA ALA B 518 4.59 1.37 -22.50
C ALA B 518 6.09 1.31 -22.78
N THR B 519 6.55 0.19 -23.36
CA THR B 519 8.00 0.05 -23.67
C THR B 519 8.25 -0.19 -25.18
N GLY B 520 7.21 -0.17 -25.99
CA GLY B 520 7.32 -0.50 -27.44
C GLY B 520 8.06 -1.82 -27.62
N ARG B 521 7.62 -2.85 -26.89
CA ARG B 521 8.42 -4.08 -26.70
C ARG B 521 8.61 -4.84 -28.03
N SER B 522 9.81 -5.34 -28.28
CA SER B 522 9.99 -6.31 -29.35
C SER B 522 10.71 -7.50 -28.74
N TRP B 523 11.00 -8.51 -29.56
CA TRP B 523 11.64 -9.72 -29.00
C TRP B 523 12.75 -10.05 -29.95
N ASP B 524 13.92 -10.40 -29.41
CA ASP B 524 15.01 -10.87 -30.25
C ASP B 524 15.09 -12.37 -30.24
N ILE B 525 15.36 -12.96 -31.41
CA ILE B 525 15.91 -14.30 -31.48
C ILE B 525 17.33 -14.18 -32.05
N PHE B 526 18.28 -14.67 -31.26
CA PHE B 526 19.70 -14.39 -31.52
C PHE B 526 20.63 -15.58 -31.26
N ASN B 527 21.89 -15.45 -31.72
CA ASN B 527 22.87 -16.49 -31.61
C ASN B 527 23.94 -15.97 -30.65
N PRO B 528 23.88 -16.36 -29.37
CA PRO B 528 24.82 -15.76 -28.39
C PRO B 528 26.27 -16.26 -28.57
N ASN B 529 26.44 -17.20 -29.50
CA ASN B 529 27.76 -17.73 -29.82
C ASN B 529 28.53 -16.87 -30.82
N LYS B 530 27.87 -15.86 -31.36
CA LYS B 530 28.49 -15.04 -32.39
C LYS B 530 28.37 -13.57 -32.05
N VAL B 531 29.13 -12.74 -32.75
CA VAL B 531 29.13 -11.32 -32.49
C VAL B 531 29.23 -10.55 -33.79
N ASN B 532 28.47 -9.48 -33.93
CA ASN B 532 28.59 -8.61 -35.10
C ASN B 532 29.93 -7.85 -34.93
N PRO B 533 30.79 -7.85 -35.97
CA PRO B 533 32.15 -7.25 -35.79
C PRO B 533 32.13 -5.70 -35.72
N TYR B 534 31.07 -5.06 -36.22
CA TYR B 534 30.83 -3.63 -35.97
C TYR B 534 30.16 -3.33 -34.63
N SER B 535 28.96 -3.86 -34.40
CA SER B 535 28.16 -3.37 -33.26
C SER B 535 28.52 -4.06 -31.96
N GLY B 536 29.18 -5.21 -32.06
CA GLY B 536 29.48 -5.99 -30.86
C GLY B 536 28.27 -6.73 -30.30
N LYS B 537 27.15 -6.75 -31.02
CA LYS B 537 25.96 -7.45 -30.53
C LYS B 537 25.80 -8.81 -31.25
N PRO B 538 25.09 -9.77 -30.65
CA PRO B 538 24.89 -11.04 -31.34
C PRO B 538 24.05 -10.84 -32.59
N PRO B 539 24.22 -11.69 -33.61
CA PRO B 539 23.28 -11.65 -34.77
C PRO B 539 21.87 -12.06 -34.35
N SER B 540 20.85 -11.42 -34.93
CA SER B 540 19.48 -11.68 -34.45
C SER B 540 18.46 -11.49 -35.52
N TYR B 541 17.28 -12.11 -35.36
CA TYR B 541 16.09 -11.63 -36.01
C TYR B 541 15.17 -11.03 -34.94
N LYS B 542 14.66 -9.81 -35.18
CA LYS B 542 13.83 -9.17 -34.19
C LYS B 542 12.38 -9.35 -34.58
N LEU B 543 11.55 -9.80 -33.65
CA LEU B 543 10.12 -9.91 -33.91
C LEU B 543 9.54 -8.54 -33.59
N VAL B 544 8.91 -7.93 -34.59
CA VAL B 544 8.24 -6.63 -34.44
C VAL B 544 6.76 -6.87 -34.74
N SER B 545 5.91 -6.77 -33.71
CA SER B 545 4.52 -7.28 -33.77
C SER B 545 3.79 -6.49 -32.70
N THR B 546 2.76 -5.70 -33.08
CA THR B 546 2.02 -4.96 -32.09
C THR B 546 0.57 -5.39 -32.07
N GLN B 547 0.11 -6.16 -33.06
CA GLN B 547 -1.29 -6.67 -32.96
C GLN B 547 -1.31 -7.93 -32.10
N CYS B 548 -1.26 -7.69 -30.78
CA CYS B 548 -1.07 -8.69 -29.75
C CYS B 548 -2.12 -8.50 -28.65
N PRO B 549 -3.38 -8.90 -28.92
CA PRO B 549 -4.42 -8.73 -27.93
C PRO B 549 -4.14 -9.48 -26.63
N PRO B 550 -4.49 -8.91 -25.48
CA PRO B 550 -4.57 -9.86 -24.35
C PRO B 550 -5.70 -10.87 -24.60
N LEU B 551 -5.57 -12.07 -24.02
CA LEU B 551 -6.67 -13.03 -23.97
C LEU B 551 -7.73 -12.48 -23.00
N LEU B 552 -8.94 -12.23 -23.51
CA LEU B 552 -9.96 -11.57 -22.73
C LEU B 552 -10.75 -12.55 -21.84
N ALA B 553 -10.89 -13.82 -22.27
CA ALA B 553 -11.50 -14.87 -21.43
C ALA B 553 -10.67 -15.01 -20.17
N LYS B 554 -11.31 -15.27 -19.04
CA LYS B 554 -10.65 -15.23 -17.75
C LYS B 554 -9.83 -16.47 -17.57
N GLU B 555 -8.88 -16.39 -16.67
CA GLU B 555 -8.15 -17.59 -16.26
C GLU B 555 -9.13 -18.62 -15.79
N GLY B 556 -8.86 -19.88 -16.13
CA GLY B 556 -9.72 -20.94 -15.67
C GLY B 556 -10.87 -21.15 -16.61
N SER B 557 -10.98 -20.28 -17.62
CA SER B 557 -12.14 -20.42 -18.49
C SER B 557 -11.84 -21.53 -19.46
N LEU B 558 -12.87 -22.00 -20.16
CA LEU B 558 -12.74 -23.00 -21.16
CA LEU B 558 -12.73 -23.01 -21.19
C LEU B 558 -11.76 -22.54 -22.26
N VAL B 559 -11.89 -21.26 -22.66
CA VAL B 559 -11.04 -20.75 -23.69
C VAL B 559 -9.58 -20.80 -23.21
N ALA B 560 -9.30 -20.32 -22.00
CA ALA B 560 -7.90 -20.21 -21.58
C ALA B 560 -7.34 -21.59 -21.35
N LYS B 561 -8.16 -22.55 -20.91
CA LYS B 561 -7.63 -23.88 -20.66
C LYS B 561 -7.30 -24.66 -21.97
N ARG B 562 -8.14 -24.54 -22.98
CA ARG B 562 -7.96 -25.28 -24.21
C ARG B 562 -6.90 -24.63 -25.11
N ALA B 563 -6.60 -23.35 -24.87
CA ALA B 563 -5.52 -22.62 -25.56
C ALA B 563 -4.52 -21.96 -24.59
N PRO B 564 -3.73 -22.76 -23.88
CA PRO B 564 -2.76 -22.28 -22.87
C PRO B 564 -1.71 -21.37 -23.45
N TRP B 565 -1.37 -21.54 -24.73
CA TRP B 565 -0.47 -20.67 -25.43
C TRP B 565 -1.03 -19.24 -25.65
N ALA B 566 -2.33 -19.06 -25.68
CA ALA B 566 -2.85 -17.73 -26.08
C ALA B 566 -2.83 -16.68 -24.97
N SER B 567 -2.57 -17.09 -23.73
CA SER B 567 -2.57 -16.13 -22.68
C SER B 567 -1.25 -15.38 -22.58
N HIS B 568 -0.25 -15.75 -23.37
CA HIS B 568 0.97 -14.89 -23.49
C HIS B 568 1.33 -14.61 -24.92
N SER B 569 1.84 -13.39 -25.21
CA SER B 569 2.22 -13.03 -26.58
C SER B 569 3.38 -13.92 -27.00
N VAL B 570 4.26 -14.23 -26.04
CA VAL B 570 5.44 -15.02 -26.35
C VAL B 570 5.55 -16.21 -25.40
N ASN B 571 5.76 -17.42 -25.97
CA ASN B 571 6.13 -18.59 -25.15
C ASN B 571 7.36 -19.23 -25.77
N VAL B 572 8.42 -19.51 -24.99
CA VAL B 572 9.61 -20.10 -25.59
C VAL B 572 9.95 -21.35 -24.81
N VAL B 573 10.07 -22.49 -25.49
CA VAL B 573 10.28 -23.79 -24.79
C VAL B 573 11.45 -24.53 -25.43
N PRO B 574 11.99 -25.58 -24.77
CA PRO B 574 13.02 -26.37 -25.41
C PRO B 574 12.51 -27.05 -26.67
N TYR B 575 13.36 -27.17 -27.69
CA TYR B 575 12.99 -27.96 -28.84
C TYR B 575 12.91 -29.46 -28.48
N LYS B 576 11.85 -30.13 -28.97
CA LYS B 576 11.73 -31.58 -28.97
CA LYS B 576 11.86 -31.58 -29.04
C LYS B 576 11.08 -31.93 -30.29
N ASP B 577 11.32 -33.14 -30.78
CA ASP B 577 10.67 -33.56 -32.00
C ASP B 577 9.15 -33.62 -31.75
N ASN B 578 8.38 -33.35 -32.78
CA ASN B 578 6.93 -33.46 -32.70
C ASN B 578 6.28 -32.54 -31.63
N ARG B 579 6.94 -31.42 -31.26
CA ARG B 579 6.26 -30.34 -30.55
C ARG B 579 5.71 -29.33 -31.55
N LEU B 580 4.65 -29.70 -32.25
CA LEU B 580 4.07 -28.82 -33.25
C LEU B 580 2.87 -28.05 -32.73
N TYR B 581 1.95 -28.74 -32.06
CA TYR B 581 0.59 -28.23 -31.93
C TYR B 581 0.27 -27.91 -30.48
N PRO B 582 0.20 -26.61 -30.18
CA PRO B 582 0.29 -26.18 -28.78
C PRO B 582 -0.97 -26.40 -27.96
N SER B 583 -2.09 -26.71 -28.63
CA SER B 583 -3.32 -27.15 -27.92
C SER B 583 -3.50 -28.69 -27.92
N GLY B 584 -2.46 -29.43 -28.31
CA GLY B 584 -2.40 -30.91 -28.21
C GLY B 584 -2.65 -31.45 -29.61
N ASP B 585 -2.31 -32.71 -29.82
CA ASP B 585 -2.47 -33.37 -31.14
C ASP B 585 -3.93 -33.57 -31.60
N HIS B 586 -4.81 -33.88 -30.66
CA HIS B 586 -6.25 -34.03 -30.98
C HIS B 586 -7.07 -33.05 -30.16
N VAL B 587 -7.43 -31.96 -30.80
CA VAL B 587 -8.05 -30.79 -30.17
C VAL B 587 -9.57 -30.89 -29.92
N PRO B 588 -10.40 -31.30 -30.93
CA PRO B 588 -11.85 -31.24 -30.57
C PRO B 588 -12.24 -31.95 -29.26
N GLN B 589 -13.06 -31.29 -28.45
CA GLN B 589 -13.69 -31.91 -27.26
C GLN B 589 -12.74 -32.17 -26.12
N TRP B 590 -11.49 -31.71 -26.22
CA TRP B 590 -10.61 -31.69 -25.03
C TRP B 590 -11.09 -30.60 -24.09
N SER B 591 -11.21 -30.93 -22.80
CA SER B 591 -11.75 -30.00 -21.83
C SER B 591 -10.75 -28.90 -21.49
N GLY B 592 -9.50 -29.10 -21.88
CA GLY B 592 -8.44 -28.19 -21.47
C GLY B 592 -7.77 -28.56 -20.16
N ASP B 593 -8.23 -29.65 -19.54
CA ASP B 593 -7.58 -30.23 -18.36
C ASP B 593 -6.55 -31.25 -18.79
N GLY B 594 -5.38 -31.18 -18.16
CA GLY B 594 -4.33 -32.13 -18.41
C GLY B 594 -3.07 -31.48 -18.95
N VAL B 595 -1.96 -32.23 -18.89
CA VAL B 595 -0.63 -31.75 -19.20
C VAL B 595 -0.34 -32.17 -20.65
N ARG B 596 -0.60 -31.31 -21.63
CA ARG B 596 -0.37 -31.68 -23.01
C ARG B 596 -0.13 -30.40 -23.79
N GLY B 597 0.37 -30.47 -25.03
CA GLY B 597 0.60 -29.22 -25.80
C GLY B 597 1.47 -28.23 -25.01
N MET B 598 1.19 -26.95 -25.18
CA MET B 598 1.98 -25.95 -24.53
C MET B 598 2.10 -26.14 -23.01
N ARG B 599 1.02 -26.59 -22.35
CA ARG B 599 1.09 -26.83 -20.90
C ARG B 599 2.19 -27.83 -20.50
N GLU B 600 2.29 -28.88 -21.31
CA GLU B 600 3.31 -29.92 -21.14
C GLU B 600 4.69 -29.36 -21.43
N TRP B 601 4.80 -28.58 -22.51
CA TRP B 601 6.13 -28.04 -22.86
C TRP B 601 6.67 -27.02 -21.87
N ILE B 602 5.77 -26.24 -21.27
CA ILE B 602 6.18 -25.27 -20.28
C ILE B 602 6.56 -26.06 -19.05
N GLY B 603 5.84 -27.15 -18.75
CA GLY B 603 6.09 -27.94 -17.52
C GLY B 603 6.09 -27.08 -16.27
N ASP B 604 7.16 -27.14 -15.49
CA ASP B 604 7.25 -26.34 -14.28
C ASP B 604 8.03 -25.05 -14.53
N GLY B 605 8.33 -24.77 -15.79
CA GLY B 605 8.84 -23.49 -16.18
C GLY B 605 10.30 -23.33 -15.88
N SER B 606 10.94 -24.39 -15.35
CA SER B 606 12.33 -24.32 -14.98
C SER B 606 13.37 -24.70 -16.03
N GLU B 607 13.02 -25.28 -17.18
CA GLU B 607 14.04 -25.79 -18.10
CA GLU B 607 14.05 -25.80 -18.07
C GLU B 607 14.77 -24.68 -18.79
N ASN B 608 16.05 -24.91 -19.09
CA ASN B 608 16.88 -23.92 -19.78
C ASN B 608 16.38 -23.63 -21.20
N ILE B 609 16.43 -22.36 -21.57
CA ILE B 609 16.19 -21.99 -22.96
C ILE B 609 17.23 -20.98 -23.48
N ASP B 610 18.31 -20.82 -22.74
CA ASP B 610 19.40 -19.90 -23.15
C ASP B 610 20.46 -20.70 -23.91
N ASN B 611 20.81 -20.27 -25.13
CA ASN B 611 21.84 -21.00 -25.96
C ASN B 611 21.58 -22.49 -26.14
N THR B 612 20.50 -22.83 -26.83
CA THR B 612 20.12 -24.22 -27.01
C THR B 612 19.15 -24.28 -28.19
N ASP B 613 18.57 -25.46 -28.46
CA ASP B 613 17.53 -25.58 -29.48
C ASP B 613 16.22 -25.16 -28.83
N ILE B 614 15.62 -24.10 -29.35
CA ILE B 614 14.43 -23.57 -28.71
C ILE B 614 13.29 -23.49 -29.73
N LEU B 615 12.06 -23.30 -29.23
CA LEU B 615 10.87 -23.09 -30.10
C LEU B 615 10.17 -21.88 -29.54
N PHE B 616 9.83 -20.96 -30.42
CA PHE B 616 9.35 -19.65 -30.00
C PHE B 616 7.91 -19.57 -30.51
N PHE B 617 6.92 -19.57 -29.60
CA PHE B 617 5.50 -19.52 -30.02
C PHE B 617 4.92 -18.13 -29.68
N HIS B 618 4.42 -17.45 -30.70
CA HIS B 618 4.03 -16.04 -30.59
C HIS B 618 2.53 -15.95 -30.84
N THR B 619 1.79 -15.32 -29.91
CA THR B 619 0.32 -15.18 -30.04
C THR B 619 0.09 -13.77 -30.58
N PHE B 620 -0.62 -13.63 -31.69
CA PHE B 620 -0.98 -12.34 -32.16
C PHE B 620 -2.38 -12.46 -32.76
N GLY B 621 -2.99 -11.32 -33.11
CA GLY B 621 -4.31 -11.34 -33.72
C GLY B 621 -5.06 -10.04 -33.50
N ILE B 622 -6.40 -10.11 -33.54
CA ILE B 622 -7.20 -8.91 -33.32
C ILE B 622 -8.39 -9.23 -32.42
N THR B 623 -8.89 -8.18 -31.78
CA THR B 623 -10.18 -8.18 -31.15
C THR B 623 -11.26 -7.53 -32.05
N HIS B 624 -12.35 -8.24 -32.35
CA HIS B 624 -13.29 -7.76 -33.37
C HIS B 624 -14.62 -7.38 -32.75
N PHE B 625 -15.00 -6.10 -32.83
CA PHE B 625 -16.31 -5.66 -32.37
C PHE B 625 -17.11 -5.31 -33.63
N PRO B 626 -18.01 -6.21 -34.07
CA PRO B 626 -18.56 -6.05 -35.43
C PRO B 626 -19.22 -4.70 -35.57
N ALA B 627 -19.28 -4.21 -36.80
CA ALA B 627 -20.10 -2.99 -37.12
C ALA B 627 -20.79 -3.29 -38.42
N PRO B 628 -21.81 -2.46 -38.79
CA PRO B 628 -22.60 -2.76 -40.01
C PRO B 628 -21.75 -2.79 -41.26
N GLU B 629 -20.65 -2.03 -41.26
CA GLU B 629 -19.69 -2.09 -42.38
C GLU B 629 -19.21 -3.52 -42.71
N ASP B 630 -19.15 -4.40 -41.69
CA ASP B 630 -18.71 -5.77 -41.84
C ASP B 630 -19.71 -6.72 -42.51
N PHE B 631 -20.90 -6.22 -42.82
CA PHE B 631 -22.04 -7.12 -43.14
C PHE B 631 -22.64 -6.57 -44.43
N PRO B 632 -23.20 -7.42 -45.28
CA PRO B 632 -23.32 -8.89 -45.21
C PRO B 632 -22.02 -9.62 -45.54
N LEU B 633 -21.02 -8.91 -46.06
CA LEU B 633 -19.73 -9.47 -46.42
C LEU B 633 -18.72 -8.46 -45.92
N MET B 634 -17.63 -8.91 -45.33
CA MET B 634 -16.73 -7.98 -44.67
CA MET B 634 -16.66 -8.06 -44.61
C MET B 634 -15.53 -7.58 -45.51
N PRO B 635 -15.24 -6.27 -45.53
CA PRO B 635 -14.03 -5.80 -46.18
C PRO B 635 -12.82 -6.34 -45.43
N ALA B 636 -11.76 -6.60 -46.16
CA ALA B 636 -10.56 -7.19 -45.58
C ALA B 636 -9.99 -6.41 -44.40
N GLU B 637 -9.68 -7.10 -43.32
CA GLU B 637 -9.04 -6.48 -42.18
C GLU B 637 -7.62 -7.04 -42.07
N PRO B 638 -6.59 -6.17 -42.04
CA PRO B 638 -5.20 -6.60 -42.14
C PRO B 638 -4.62 -6.92 -40.79
N ILE B 639 -3.74 -7.92 -40.74
CA ILE B 639 -2.90 -8.18 -39.56
C ILE B 639 -1.48 -8.44 -40.06
N THR B 640 -0.48 -8.01 -39.31
CA THR B 640 0.87 -8.23 -39.72
C THR B 640 1.89 -8.33 -38.59
N LEU B 641 2.96 -9.08 -38.84
CA LEU B 641 4.11 -9.10 -37.99
C LEU B 641 5.29 -9.25 -38.93
N MET B 642 6.47 -8.88 -38.44
CA MET B 642 7.72 -8.93 -39.20
C MET B 642 8.83 -9.53 -38.35
N LEU B 643 9.76 -10.20 -39.00
CA LEU B 643 11.00 -10.63 -38.38
C LEU B 643 12.12 -9.98 -39.18
N ARG B 644 12.89 -9.11 -38.52
CA ARG B 644 13.86 -8.28 -39.21
C ARG B 644 15.25 -8.62 -38.75
N PRO B 645 16.19 -8.63 -39.68
CA PRO B 645 17.59 -8.85 -39.30
C PRO B 645 18.13 -7.63 -38.59
N ARG B 646 18.68 -7.80 -37.39
CA ARG B 646 19.30 -6.70 -36.64
C ARG B 646 20.63 -7.21 -36.07
N HIS B 647 21.74 -6.58 -36.49
CA HIS B 647 23.07 -7.08 -36.20
C HIS B 647 23.39 -8.42 -36.81
N PHE B 648 22.53 -8.87 -37.71
CA PHE B 648 22.81 -10.05 -38.49
C PHE B 648 23.87 -9.71 -39.57
N PHE B 649 23.61 -8.65 -40.35
CA PHE B 649 24.55 -8.13 -41.33
C PHE B 649 25.46 -7.02 -40.78
N THR B 650 26.53 -6.75 -41.49
CA THR B 650 27.39 -5.64 -41.13
C THR B 650 27.01 -4.39 -41.89
N GLU B 651 26.08 -4.49 -42.83
CA GLU B 651 25.56 -3.30 -43.51
C GLU B 651 24.26 -3.64 -44.28
N ASN B 652 23.49 -2.63 -44.70
CA ASN B 652 22.35 -2.86 -45.58
C ASN B 652 22.64 -3.91 -46.69
N PRO B 653 21.96 -5.06 -46.64
CA PRO B 653 22.24 -6.19 -47.54
C PRO B 653 21.69 -6.02 -48.94
N GLY B 654 20.87 -4.98 -49.15
CA GLY B 654 20.27 -4.68 -50.46
C GLY B 654 21.07 -3.73 -51.36
N LEU B 655 22.25 -3.30 -50.92
CA LEU B 655 22.96 -2.26 -51.65
C LEU B 655 23.54 -2.69 -53.01
N ASP B 656 23.67 -4.00 -53.23
CA ASP B 656 24.08 -4.52 -54.52
C ASP B 656 22.95 -4.77 -55.50
N ILE B 657 21.72 -4.36 -55.18
CA ILE B 657 20.61 -4.39 -56.13
C ILE B 657 20.76 -3.15 -57.00
N GLN B 658 20.58 -3.28 -58.32
CA GLN B 658 20.72 -2.13 -59.20
C GLN B 658 19.69 -1.11 -58.87
N PRO B 659 20.14 0.10 -58.60
CA PRO B 659 19.28 1.26 -58.41
C PRO B 659 18.35 1.47 -59.59
N SER B 660 17.16 1.99 -59.35
CA SER B 660 16.28 2.47 -60.42
C SER B 660 16.79 3.73 -61.05
N TYR B 661 17.42 4.57 -60.22
CA TYR B 661 18.04 5.84 -60.60
C TYR B 661 19.25 6.09 -59.70
N ALA B 662 20.36 6.52 -60.30
CA ALA B 662 21.54 6.88 -59.53
C ALA B 662 22.28 8.02 -60.25
N MET B 663 22.66 9.04 -59.51
CA MET B 663 23.48 10.11 -60.03
C MET B 663 24.38 10.54 -58.89
N THR B 664 25.69 10.48 -59.12
CA THR B 664 26.67 10.90 -58.11
C THR B 664 26.89 12.40 -58.19
N THR B 665 27.63 12.93 -57.23
CA THR B 665 27.87 14.35 -57.18
C THR B 665 28.71 14.77 -58.40
N SER B 666 29.72 13.98 -58.73
CA SER B 666 30.61 14.27 -59.87
C SER B 666 29.85 14.19 -61.19
N GLU B 667 28.93 13.22 -61.30
CA GLU B 667 28.10 13.07 -62.50
C GLU B 667 27.12 14.21 -62.67
N ALA B 668 26.75 14.83 -61.55
CA ALA B 668 25.78 15.91 -61.59
C ALA B 668 26.41 17.24 -62.00
N LYS B 669 27.67 17.44 -61.60
CA LYS B 669 28.46 18.60 -62.02
C LYS B 669 28.62 18.63 -63.54
N ARG B 670 28.74 17.43 -64.13
CA ARG B 670 28.91 17.28 -65.59
C ARG B 670 27.83 17.81 -66.55
N ALA B 671 26.54 17.49 -66.35
CA ALA B 671 25.52 18.15 -67.21
C ALA B 671 24.63 19.18 -66.53
N PRO C 18 54.37 45.08 -5.08
CA PRO C 18 53.95 45.53 -3.73
C PRO C 18 54.65 44.81 -2.55
N ALA C 19 54.46 45.34 -1.34
CA ALA C 19 55.04 44.72 -0.16
C ALA C 19 54.08 43.61 0.30
N ARG C 20 54.64 42.49 0.70
CA ARG C 20 53.91 41.39 1.32
C ARG C 20 53.13 41.83 2.60
N PRO C 21 51.94 41.23 2.88
CA PRO C 21 51.24 41.47 4.15
C PRO C 21 51.76 40.65 5.32
N ALA C 22 51.38 41.10 6.52
CA ALA C 22 51.51 40.37 7.77
C ALA C 22 51.17 38.86 7.60
N HIS C 23 49.97 38.57 7.09
CA HIS C 23 49.37 37.23 7.14
C HIS C 23 48.91 36.81 5.73
N PRO C 24 49.16 35.55 5.32
CA PRO C 24 48.84 35.05 3.96
C PRO C 24 47.37 35.16 3.59
N LEU C 25 46.50 35.26 4.59
CA LEU C 25 45.04 35.38 4.34
C LEU C 25 44.51 36.82 4.39
N ASP C 26 45.39 37.78 4.60
CA ASP C 26 45.01 39.21 4.61
C ASP C 26 44.41 39.56 3.24
N PRO C 27 43.32 40.32 3.23
CA PRO C 27 42.79 40.77 1.92
C PRO C 27 43.85 41.58 1.16
N LEU C 28 43.72 41.65 -0.16
CA LEU C 28 44.61 42.51 -0.96
C LEU C 28 44.62 43.93 -0.42
N SER C 29 45.81 44.51 -0.23
CA SER C 29 45.90 45.94 0.04
C SER C 29 45.54 46.77 -1.19
N THR C 30 45.32 48.08 -0.98
CA THR C 30 45.13 48.99 -2.10
C THR C 30 46.31 48.98 -3.04
N ALA C 31 47.53 48.85 -2.51
CA ALA C 31 48.71 48.80 -3.38
C ALA C 31 48.71 47.51 -4.21
N GLU C 32 48.30 46.42 -3.56
CA GLU C 32 48.26 45.12 -4.23
C GLU C 32 47.21 45.17 -5.34
N ILE C 33 46.05 45.75 -5.03
CA ILE C 33 45.01 45.84 -6.05
C ILE C 33 45.53 46.64 -7.29
N LYS C 34 46.18 47.78 -7.03
CA LYS C 34 46.68 48.64 -8.11
C LYS C 34 47.82 47.96 -8.88
N ALA C 35 48.72 47.32 -8.17
CA ALA C 35 49.70 46.45 -8.82
C ALA C 35 49.07 45.39 -9.74
N ALA C 36 48.03 44.71 -9.26
CA ALA C 36 47.32 43.69 -10.06
C ALA C 36 46.73 44.31 -11.30
N THR C 37 46.11 45.47 -11.16
CA THR C 37 45.42 45.99 -12.33
C THR C 37 46.39 46.61 -13.36
N ASN C 38 47.52 47.14 -12.88
CA ASN C 38 48.59 47.59 -13.78
C ASN C 38 49.09 46.42 -14.65
N THR C 39 49.35 45.30 -13.99
CA THR C 39 49.78 44.05 -14.62
C THR C 39 48.75 43.57 -15.66
N VAL C 40 47.48 43.55 -15.30
CA VAL C 40 46.45 43.08 -16.23
C VAL C 40 46.30 44.03 -17.41
N LYS C 41 46.31 45.35 -17.17
CA LYS C 41 46.23 46.26 -18.33
C LYS C 41 47.41 46.07 -19.30
N SER C 42 48.62 45.90 -18.77
CA SER C 42 49.80 45.66 -19.64
CA SER C 42 49.78 45.68 -19.64
C SER C 42 49.66 44.40 -20.44
N TYR C 43 49.11 43.37 -19.80
CA TYR C 43 49.04 42.08 -20.48
C TYR C 43 48.03 42.21 -21.61
N PHE C 44 47.00 43.02 -21.38
CA PHE C 44 45.95 43.28 -22.36
C PHE C 44 46.14 44.60 -23.08
N ALA C 45 47.38 45.03 -23.24
CA ALA C 45 47.61 46.34 -23.90
C ALA C 45 46.85 46.45 -25.21
N GLY C 46 46.21 47.59 -25.42
CA GLY C 46 45.56 47.83 -26.69
C GLY C 46 44.10 47.39 -26.77
N LYS C 47 43.60 46.77 -25.69
CA LYS C 47 42.21 46.34 -25.63
C LYS C 47 41.44 47.18 -24.64
N LYS C 48 40.18 47.44 -24.97
CA LYS C 48 39.33 48.22 -24.11
C LYS C 48 38.74 47.31 -23.01
N ILE C 49 39.44 47.23 -21.89
CA ILE C 49 38.98 46.39 -20.79
C ILE C 49 38.45 47.17 -19.59
N SER C 50 37.60 46.53 -18.80
CA SER C 50 37.18 47.16 -17.57
C SER C 50 37.21 46.12 -16.45
N PHE C 51 37.42 46.55 -15.21
CA PHE C 51 37.59 45.61 -14.13
C PHE C 51 36.28 45.33 -13.40
N ASN C 52 35.98 44.05 -13.23
CA ASN C 52 34.79 43.58 -12.55
C ASN C 52 35.14 43.11 -11.15
N THR C 53 36.22 42.36 -10.99
CA THR C 53 36.57 41.87 -9.64
C THR C 53 38.08 41.80 -9.59
N VAL C 54 38.68 42.30 -8.50
CA VAL C 54 40.08 42.04 -8.21
C VAL C 54 40.21 41.70 -6.73
N THR C 55 40.58 40.48 -6.42
CA THR C 55 40.43 40.01 -5.06
C THR C 55 41.47 38.95 -4.76
N LEU C 56 41.70 38.72 -3.47
CA LEU C 56 42.71 37.76 -3.04
C LEU C 56 42.30 36.36 -3.51
N ARG C 57 43.20 35.69 -4.23
CA ARG C 57 43.10 34.24 -4.37
C ARG C 57 43.77 33.59 -3.17
N GLU C 58 42.96 33.01 -2.28
CA GLU C 58 43.51 32.48 -1.05
C GLU C 58 44.49 31.32 -1.30
N PRO C 59 45.49 31.16 -0.42
CA PRO C 59 46.48 30.05 -0.60
C PRO C 59 45.77 28.69 -0.58
N ALA C 60 46.25 27.67 -1.30
CA ALA C 60 45.69 26.31 -1.08
C ALA C 60 45.71 25.95 0.40
N ARG C 61 44.70 25.22 0.86
CA ARG C 61 44.56 24.87 2.28
C ARG C 61 45.84 24.18 2.83
N LYS C 62 46.42 23.30 2.01
CA LYS C 62 47.45 22.39 2.46
C LYS C 62 48.71 23.25 2.63
N ALA C 63 48.95 24.07 1.61
CA ALA C 63 50.06 24.98 1.63
C ALA C 63 49.97 25.96 2.79
N TYR C 64 48.76 26.45 3.07
CA TYR C 64 48.55 27.33 4.22
C TYR C 64 48.90 26.64 5.54
N ILE C 65 48.40 25.41 5.72
CA ILE C 65 48.64 24.68 6.96
C ILE C 65 50.13 24.31 7.16
N GLN C 66 50.77 23.85 6.07
CA GLN C 66 52.21 23.58 6.08
C GLN C 66 53.01 24.80 6.52
N TRP C 67 52.68 25.98 5.96
CA TRP C 67 53.30 27.24 6.36
C TRP C 67 53.07 27.52 7.84
N LYS C 68 51.82 27.43 8.25
CA LYS C 68 51.42 27.76 9.59
C LYS C 68 52.01 26.84 10.65
N GLU C 69 52.15 25.56 10.34
CA GLU C 69 52.39 24.54 11.36
C GLU C 69 53.64 23.67 11.15
N GLN C 70 54.12 23.61 9.91
CA GLN C 70 55.20 22.67 9.53
C GLN C 70 56.41 23.39 8.90
N GLY C 71 56.64 24.65 9.30
CA GLY C 71 57.69 25.48 8.71
C GLY C 71 57.79 25.45 7.19
N GLY C 72 56.66 25.30 6.51
CA GLY C 72 56.61 25.41 5.06
C GLY C 72 56.79 26.85 4.59
N PRO C 73 57.08 27.02 3.30
CA PRO C 73 57.26 28.37 2.77
C PRO C 73 55.95 29.20 2.75
N LEU C 74 56.12 30.52 2.75
CA LEU C 74 55.03 31.45 2.57
C LEU C 74 54.41 31.23 1.19
N PRO C 75 53.08 31.01 1.15
CA PRO C 75 52.39 30.83 -0.15
C PRO C 75 52.54 32.08 -0.99
N PRO C 76 52.61 31.93 -2.32
CA PRO C 76 52.71 33.22 -2.99
C PRO C 76 51.41 34.06 -2.88
N ARG C 77 51.57 35.36 -2.97
CA ARG C 77 50.49 36.31 -2.86
C ARG C 77 49.85 36.49 -4.26
N LEU C 78 48.59 36.07 -4.41
CA LEU C 78 47.95 36.02 -5.74
C LEU C 78 46.67 36.84 -5.80
N ALA C 79 46.43 37.49 -6.92
CA ALA C 79 45.18 38.21 -7.10
C ALA C 79 44.38 37.50 -8.17
N TYR C 80 43.11 37.22 -7.88
CA TYR C 80 42.17 36.76 -8.88
C TYR C 80 41.50 37.97 -9.56
N TYR C 81 41.32 37.94 -10.87
CA TYR C 81 40.68 39.07 -11.57
C TYR C 81 39.61 38.58 -12.51
N VAL C 82 38.64 39.47 -12.78
CA VAL C 82 37.62 39.27 -13.81
C VAL C 82 37.50 40.60 -14.51
N ILE C 83 37.63 40.59 -15.83
CA ILE C 83 37.52 41.80 -16.61
C ILE C 83 36.49 41.57 -17.73
N LEU C 84 35.96 42.67 -18.26
CA LEU C 84 35.16 42.61 -19.48
C LEU C 84 35.95 43.31 -20.58
N GLU C 85 35.75 42.88 -21.84
CA GLU C 85 36.31 43.61 -22.96
C GLU C 85 35.20 44.12 -23.83
N ALA C 86 35.24 45.40 -24.18
CA ALA C 86 34.23 45.98 -25.07
C ALA C 86 34.14 45.17 -26.36
N GLY C 87 32.91 44.87 -26.78
CA GLY C 87 32.66 44.09 -28.01
C GLY C 87 32.98 42.60 -27.91
N LYS C 88 33.33 42.12 -26.72
CA LYS C 88 33.58 40.68 -26.55
C LYS C 88 32.53 40.09 -25.59
N PRO C 89 31.94 38.93 -25.95
CA PRO C 89 30.90 38.40 -25.05
C PRO C 89 31.58 37.83 -23.81
N GLY C 90 30.88 37.81 -22.68
CA GLY C 90 31.32 37.06 -21.53
C GLY C 90 32.37 37.85 -20.74
N VAL C 91 33.33 37.15 -20.16
CA VAL C 91 34.35 37.77 -19.31
C VAL C 91 35.67 37.09 -19.63
N LYS C 92 36.75 37.65 -19.08
CA LYS C 92 38.06 36.98 -19.00
C LYS C 92 38.38 36.97 -17.53
N GLU C 93 39.04 35.92 -17.05
CA GLU C 93 39.35 35.85 -15.64
C GLU C 93 40.75 35.27 -15.59
N GLY C 94 41.49 35.48 -14.49
CA GLY C 94 42.75 34.76 -14.29
C GLY C 94 43.43 35.15 -13.02
N LEU C 95 44.73 34.88 -12.91
CA LEU C 95 45.50 35.11 -11.70
C LEU C 95 46.71 35.97 -12.01
N VAL C 96 47.02 36.88 -11.10
CA VAL C 96 48.25 37.67 -11.16
C VAL C 96 49.14 37.23 -10.01
N ASP C 97 50.37 36.84 -10.32
CA ASP C 97 51.34 36.63 -9.25
C ASP C 97 51.88 37.98 -8.81
N LEU C 98 51.58 38.42 -7.60
CA LEU C 98 51.97 39.78 -7.17
C LEU C 98 53.47 40.06 -7.11
N ALA C 99 54.27 39.07 -6.68
CA ALA C 99 55.71 39.24 -6.49
C ALA C 99 56.43 39.46 -7.82
N SER C 100 55.99 38.83 -8.90
CA SER C 100 56.62 39.00 -10.20
C SER C 100 55.86 39.95 -11.12
N LEU C 101 54.74 40.48 -10.63
CA LEU C 101 53.90 41.32 -11.48
C LEU C 101 53.66 40.67 -12.84
N SER C 102 53.14 39.43 -12.84
CA SER C 102 52.78 38.76 -14.10
CA SER C 102 52.83 38.70 -14.08
C SER C 102 51.50 37.92 -14.01
N VAL C 103 50.77 37.93 -15.12
CA VAL C 103 49.62 37.10 -15.31
C VAL C 103 50.09 35.63 -15.46
N ILE C 104 49.73 34.77 -14.50
CA ILE C 104 50.17 33.37 -14.51
C ILE C 104 49.08 32.39 -14.97
N GLU C 105 47.85 32.89 -15.10
CA GLU C 105 46.72 32.10 -15.59
C GLU C 105 45.76 33.08 -16.21
N THR C 106 45.20 32.72 -17.34
CA THR C 106 44.14 33.50 -17.89
C THR C 106 43.24 32.64 -18.75
N ARG C 107 41.96 32.99 -18.81
CA ARG C 107 41.11 32.36 -19.81
C ARG C 107 39.87 33.16 -20.05
N ALA C 108 39.23 32.84 -21.16
CA ALA C 108 38.13 33.61 -21.71
C ALA C 108 36.89 32.72 -21.59
N LEU C 109 35.85 33.28 -20.97
CA LEU C 109 34.62 32.57 -20.68
C LEU C 109 33.52 33.37 -21.39
N GLU C 110 33.24 33.00 -22.63
CA GLU C 110 32.36 33.81 -23.45
C GLU C 110 30.89 33.64 -23.21
N THR C 111 30.49 32.68 -22.39
CA THR C 111 29.06 32.35 -22.19
C THR C 111 28.61 32.38 -20.70
N VAL C 112 29.30 33.18 -19.89
CA VAL C 112 28.87 33.48 -18.52
C VAL C 112 28.69 34.98 -18.37
N GLN C 113 28.03 35.41 -17.30
CA GLN C 113 28.00 36.83 -16.94
C GLN C 113 28.42 36.96 -15.49
N PRO C 114 29.09 38.05 -15.12
CA PRO C 114 29.67 38.12 -13.77
C PRO C 114 28.84 38.95 -12.81
N ILE C 115 29.26 38.94 -11.54
CA ILE C 115 28.62 39.68 -10.48
C ILE C 115 28.40 41.14 -10.89
N LEU C 116 27.29 41.74 -10.48
CA LEU C 116 27.04 43.16 -10.80
C LEU C 116 27.59 44.09 -9.74
N THR C 117 28.46 45.02 -10.15
CA THR C 117 29.16 45.88 -9.19
C THR C 117 28.27 47.10 -8.97
N VAL C 118 28.52 47.84 -7.89
CA VAL C 118 27.84 49.13 -7.68
C VAL C 118 27.88 49.99 -8.98
N GLU C 119 28.99 50.01 -9.69
CA GLU C 119 29.01 50.80 -10.91
C GLU C 119 28.15 50.26 -12.02
N ASP C 120 28.09 48.93 -12.13
CA ASP C 120 27.26 48.24 -13.15
C ASP C 120 25.80 48.61 -12.94
N LEU C 121 25.39 48.66 -11.67
CA LEU C 121 24.06 49.02 -11.27
C LEU C 121 23.67 50.51 -11.37
N CYS C 122 24.60 51.44 -11.06
CA CYS C 122 24.21 52.82 -10.80
C CYS C 122 23.79 53.57 -12.09
N SER C 123 24.00 52.97 -13.24
CA SER C 123 23.74 53.59 -14.55
C SER C 123 22.35 53.32 -15.11
N THR C 124 21.73 52.25 -14.64
CA THR C 124 20.51 51.75 -15.26
C THR C 124 19.36 52.77 -15.19
N GLU C 125 19.21 53.44 -14.04
CA GLU C 125 18.17 54.44 -13.83
C GLU C 125 18.18 55.57 -14.89
N GLU C 126 19.35 56.14 -15.13
CA GLU C 126 19.48 57.11 -16.23
C GLU C 126 19.18 56.56 -17.62
N VAL C 127 19.55 55.31 -17.90
CA VAL C 127 19.19 54.65 -19.16
C VAL C 127 17.68 54.57 -19.34
N ILE C 128 16.94 54.08 -18.32
CA ILE C 128 15.50 53.93 -18.49
C ILE C 128 14.79 55.30 -18.58
N ARG C 129 15.22 56.28 -17.78
CA ARG C 129 14.66 57.65 -17.89
C ARG C 129 14.76 58.29 -19.28
N ASN C 130 15.79 57.93 -20.07
CA ASN C 130 16.06 58.57 -21.38
C ASN C 130 15.51 57.70 -22.52
N ASP C 131 14.83 56.60 -22.19
CA ASP C 131 14.37 55.66 -23.20
C ASP C 131 12.96 55.94 -23.69
N PRO C 132 12.82 56.19 -25.02
CA PRO C 132 11.49 56.59 -25.51
C PRO C 132 10.41 55.57 -25.22
N ALA C 133 10.73 54.29 -25.34
CA ALA C 133 9.74 53.25 -25.07
C ALA C 133 9.30 53.22 -23.58
N VAL C 134 10.25 53.50 -22.68
CA VAL C 134 9.96 53.52 -21.25
C VAL C 134 9.16 54.75 -20.90
N ILE C 135 9.60 55.91 -21.41
CA ILE C 135 8.85 57.16 -21.29
C ILE C 135 7.38 57.03 -21.75
N GLU C 136 7.13 56.38 -22.88
CA GLU C 136 5.76 56.14 -23.32
C GLU C 136 4.99 55.24 -22.29
N GLN C 137 5.68 54.31 -21.64
CA GLN C 137 5.01 53.46 -20.69
C GLN C 137 4.67 54.23 -19.40
N CYS C 138 5.50 55.21 -19.05
CA CYS C 138 5.20 56.07 -17.91
C CYS C 138 4.01 56.96 -18.22
N VAL C 139 3.99 57.61 -19.38
CA VAL C 139 2.85 58.44 -19.77
C VAL C 139 1.56 57.57 -19.71
N LEU C 140 1.53 56.41 -20.37
CA LEU C 140 0.39 55.49 -20.26
C LEU C 140 0.02 55.16 -18.81
N SER C 141 1.03 55.13 -17.93
CA SER C 141 0.80 54.79 -16.54
C SER C 141 0.43 56.03 -15.70
N GLY C 142 0.27 57.18 -16.36
CA GLY C 142 -0.16 58.39 -15.69
C GLY C 142 0.95 59.30 -15.15
N ILE C 143 2.18 59.14 -15.63
CA ILE C 143 3.25 60.06 -15.29
C ILE C 143 3.65 60.87 -16.54
N PRO C 144 3.53 62.21 -16.51
CA PRO C 144 3.92 63.00 -17.72
C PRO C 144 5.37 62.80 -18.16
N ALA C 145 5.59 62.80 -19.48
CA ALA C 145 6.92 62.70 -20.07
C ALA C 145 7.98 63.63 -19.39
N ASN C 146 7.63 64.86 -19.06
CA ASN C 146 8.64 65.72 -18.42
C ASN C 146 8.85 65.53 -16.91
N GLU C 147 8.23 64.50 -16.36
CA GLU C 147 8.41 64.16 -14.96
C GLU C 147 9.20 62.84 -14.80
N MET C 148 9.89 62.43 -15.87
CA MET C 148 10.77 61.29 -15.83
C MET C 148 11.82 61.35 -14.72
N HIS C 149 12.16 62.57 -14.26
CA HIS C 149 13.13 62.71 -13.16
C HIS C 149 12.56 62.18 -11.83
N LYS C 150 11.25 61.87 -11.80
CA LYS C 150 10.54 61.36 -10.63
C LYS C 150 10.39 59.85 -10.68
N VAL C 151 10.79 59.26 -11.80
CA VAL C 151 10.77 57.82 -11.97
C VAL C 151 12.10 57.21 -11.48
N TYR C 152 12.01 56.15 -10.69
CA TYR C 152 13.19 55.47 -10.16
C TYR C 152 13.14 53.98 -10.48
N CYS C 153 14.28 53.30 -10.35
CA CYS C 153 14.23 51.86 -10.45
C CYS C 153 15.30 51.22 -9.64
N ASP C 154 15.02 50.02 -9.17
CA ASP C 154 16.01 49.22 -8.54
C ASP C 154 16.50 48.28 -9.65
N PRO C 155 17.80 48.36 -10.02
CA PRO C 155 18.18 47.56 -11.14
C PRO C 155 18.65 46.21 -10.61
N TRP C 156 18.02 45.12 -11.04
CA TRP C 156 18.40 43.77 -10.59
C TRP C 156 19.09 43.07 -11.77
N THR C 157 19.95 42.07 -11.55
CA THR C 157 20.25 41.13 -12.63
CA THR C 157 20.24 41.17 -12.70
C THR C 157 18.90 40.66 -13.19
N ILE C 158 18.86 40.35 -14.46
CA ILE C 158 17.67 39.77 -15.00
C ILE C 158 17.49 38.40 -14.35
N GLY C 159 18.52 37.92 -13.65
CA GLY C 159 18.49 36.61 -12.96
C GLY C 159 18.63 35.47 -13.97
N TYR C 160 17.51 35.07 -14.54
CA TYR C 160 17.57 34.30 -15.77
C TYR C 160 16.33 34.55 -16.65
N ASP C 161 16.55 34.80 -17.93
CA ASP C 161 15.45 34.90 -18.88
C ASP C 161 15.82 34.08 -20.11
N GLU C 162 14.99 33.08 -20.40
CA GLU C 162 15.27 32.12 -21.49
C GLU C 162 15.18 32.79 -22.85
N ARG C 163 14.77 34.06 -22.91
CA ARG C 163 14.76 34.75 -24.19
C ARG C 163 16.17 35.13 -24.64
N TRP C 164 17.09 35.24 -23.69
CA TRP C 164 18.42 35.74 -24.01
C TRP C 164 19.56 34.93 -23.42
N GLY C 165 19.30 34.02 -22.49
CA GLY C 165 20.41 33.23 -21.95
C GLY C 165 21.48 34.16 -21.39
N THR C 166 22.76 33.86 -21.64
CA THR C 166 23.88 34.73 -21.26
C THR C 166 24.37 35.50 -22.47
N GLY C 167 23.62 35.48 -23.56
CA GLY C 167 24.11 36.05 -24.81
C GLY C 167 24.31 37.57 -24.76
N LYS C 168 23.65 38.24 -23.82
CA LYS C 168 23.87 39.69 -23.57
C LYS C 168 23.92 39.84 -22.06
N ARG C 169 24.54 40.88 -21.55
CA ARG C 169 24.58 41.08 -20.13
C ARG C 169 23.36 41.96 -19.82
N LEU C 170 22.42 41.42 -19.02
CA LEU C 170 21.14 42.06 -18.83
C LEU C 170 20.80 42.40 -17.37
N GLN C 171 20.07 43.49 -17.22
CA GLN C 171 19.39 43.81 -15.98
C GLN C 171 17.92 43.98 -16.22
N GLN C 172 17.13 43.81 -15.17
CA GLN C 172 15.71 44.13 -15.25
C GLN C 172 15.48 45.27 -14.27
N ALA C 173 14.73 46.27 -14.69
CA ALA C 173 14.58 47.46 -13.87
C ALA C 173 13.25 47.33 -13.08
N LEU C 174 13.29 47.23 -11.77
CA LEU C 174 12.00 47.26 -11.08
C LEU C 174 11.68 48.73 -10.85
N VAL C 175 10.64 49.23 -11.54
CA VAL C 175 10.29 50.62 -11.60
C VAL C 175 9.35 51.16 -10.49
N TYR C 176 9.66 52.37 -10.00
CA TYR C 176 8.91 53.04 -8.93
C TYR C 176 8.80 54.54 -9.19
N TYR C 177 7.95 55.22 -8.45
CA TYR C 177 7.76 56.67 -8.60
C TYR C 177 7.94 57.39 -7.27
N ARG C 178 8.61 58.54 -7.24
CA ARG C 178 8.65 59.40 -6.02
C ARG C 178 8.00 60.75 -6.33
N SER C 179 7.02 61.17 -5.52
CA SER C 179 6.42 62.50 -5.68
CA SER C 179 6.40 62.50 -5.64
C SER C 179 7.40 63.56 -5.20
N ASP C 180 8.20 63.20 -4.21
CA ASP C 180 9.28 64.03 -3.71
C ASP C 180 10.47 63.09 -3.53
N GLU C 181 11.66 63.62 -3.77
CA GLU C 181 12.87 62.82 -3.66
C GLU C 181 13.13 62.15 -2.29
N ASP C 182 12.59 62.73 -1.23
CA ASP C 182 12.69 62.10 0.09
C ASP C 182 11.63 61.01 0.38
N ASP C 183 10.70 60.77 -0.55
CA ASP C 183 9.76 59.65 -0.41
C ASP C 183 10.52 58.33 -0.34
N SER C 184 9.99 57.36 0.40
CA SER C 184 10.23 55.95 0.11
C SER C 184 9.38 55.50 -1.09
N GLN C 185 10.08 55.10 -2.16
CA GLN C 185 9.41 54.88 -3.47
C GLN C 185 8.46 53.63 -3.51
N TYR C 186 8.58 52.75 -2.51
CA TYR C 186 8.02 51.41 -2.61
C TYR C 186 6.51 51.32 -2.43
N SER C 187 5.85 52.43 -2.09
CA SER C 187 4.38 52.43 -2.10
C SER C 187 3.87 52.63 -3.51
N HIS C 188 4.79 52.97 -4.42
CA HIS C 188 4.38 53.36 -5.78
C HIS C 188 5.17 52.67 -6.89
N PRO C 189 5.18 51.33 -6.89
CA PRO C 189 5.74 50.61 -8.04
C PRO C 189 4.92 50.89 -9.30
N LEU C 190 5.54 50.79 -10.48
CA LEU C 190 4.78 50.80 -11.71
C LEU C 190 4.58 49.38 -12.24
N ASP C 191 3.73 49.22 -13.26
CA ASP C 191 3.30 47.90 -13.70
C ASP C 191 4.23 47.16 -14.66
N PHE C 192 5.18 47.86 -15.29
CA PHE C 192 5.95 47.27 -16.39
C PHE C 192 7.41 47.08 -15.99
N CYS C 193 8.15 46.27 -16.75
CA CYS C 193 9.54 45.91 -16.40
C CYS C 193 10.53 46.05 -17.57
N PRO C 194 11.29 47.15 -17.64
CA PRO C 194 12.27 47.27 -18.73
C PRO C 194 13.45 46.31 -18.58
N ILE C 195 13.91 45.77 -19.71
CA ILE C 195 15.11 44.90 -19.79
C ILE C 195 16.25 45.73 -20.40
N VAL C 196 17.37 45.83 -19.69
CA VAL C 196 18.46 46.72 -20.06
C VAL C 196 19.76 45.96 -20.36
N ASP C 197 20.33 46.27 -21.51
CA ASP C 197 21.61 45.69 -21.91
C ASP C 197 22.70 46.46 -21.19
N THR C 198 23.34 45.81 -20.22
CA THR C 198 24.23 46.47 -19.29
C THR C 198 25.40 47.14 -20.00
N GLU C 199 25.90 46.51 -21.04
CA GLU C 199 27.15 46.97 -21.61
C GLU C 199 26.88 47.98 -22.70
N GLU C 200 25.75 47.82 -23.40
CA GLU C 200 25.36 48.80 -24.41
C GLU C 200 24.59 49.98 -23.82
N LYS C 201 24.17 49.87 -22.56
CA LYS C 201 23.41 50.94 -21.94
C LYS C 201 22.16 51.30 -22.78
N LYS C 202 21.26 50.34 -22.92
CA LYS C 202 20.15 50.45 -23.84
C LYS C 202 19.00 49.55 -23.34
N VAL C 203 17.78 50.06 -23.39
CA VAL C 203 16.60 49.25 -23.11
C VAL C 203 16.33 48.39 -24.33
N ILE C 204 16.38 47.07 -24.22
CA ILE C 204 16.12 46.21 -25.42
C ILE C 204 14.70 45.62 -25.50
N PHE C 205 13.94 45.77 -24.42
CA PHE C 205 12.63 45.14 -24.29
C PHE C 205 11.95 45.68 -23.03
N ILE C 206 10.63 45.75 -23.07
CA ILE C 206 9.86 45.98 -21.87
C ILE C 206 8.80 44.89 -21.66
N ASP C 207 8.83 44.19 -20.52
CA ASP C 207 7.69 43.34 -20.14
C ASP C 207 6.50 44.18 -19.68
N ILE C 208 5.41 44.06 -20.41
CA ILE C 208 4.21 44.84 -20.18
C ILE C 208 3.09 43.87 -19.88
N PRO C 209 2.42 44.02 -18.74
CA PRO C 209 1.37 43.06 -18.41
C PRO C 209 0.08 43.23 -19.23
N ASN C 210 -0.71 42.16 -19.31
CA ASN C 210 -2.02 42.19 -20.00
C ASN C 210 -2.94 43.16 -19.29
N ARG C 211 -2.88 43.15 -17.96
CA ARG C 211 -3.71 44.06 -17.16
C ARG C 211 -2.89 45.30 -16.80
N ARG C 212 -3.21 46.45 -17.41
CA ARG C 212 -2.50 47.69 -17.05
C ARG C 212 -2.93 48.23 -15.68
N ARG C 213 -1.99 48.64 -14.85
CA ARG C 213 -2.33 49.36 -13.64
C ARG C 213 -1.58 50.69 -13.65
N LYS C 214 -2.31 51.79 -13.52
CA LYS C 214 -1.70 53.13 -13.55
C LYS C 214 -1.13 53.42 -12.21
N VAL C 215 -0.20 54.37 -12.13
CA VAL C 215 0.46 54.70 -10.88
C VAL C 215 -0.58 54.94 -9.77
N SER C 216 -0.32 54.48 -8.56
CA SER C 216 -1.17 54.82 -7.42
C SER C 216 -1.28 56.33 -7.15
N LYS C 217 -2.49 56.81 -6.93
CA LYS C 217 -2.74 58.22 -6.63
C LYS C 217 -2.66 58.47 -5.11
N HIS C 218 -2.40 57.41 -4.35
CA HIS C 218 -2.30 57.55 -2.88
C HIS C 218 -1.04 58.28 -2.45
N LYS C 219 -1.04 58.83 -1.24
CA LYS C 219 0.15 59.40 -0.64
C LYS C 219 1.19 58.31 -0.45
N HIS C 220 2.45 58.71 -0.56
CA HIS C 220 3.55 57.80 -0.32
C HIS C 220 3.58 57.35 1.13
N ALA C 221 3.99 56.10 1.35
CA ALA C 221 4.08 55.52 2.68
C ALA C 221 5.47 55.78 3.25
N ASN C 222 5.61 56.86 4.02
CA ASN C 222 6.94 57.37 4.41
C ASN C 222 7.25 57.11 5.87
N PHE C 223 8.51 57.25 6.28
CA PHE C 223 8.90 56.81 7.61
C PHE C 223 9.98 57.66 8.30
N TYR C 224 10.46 58.73 7.68
CA TYR C 224 11.28 59.71 8.43
C TYR C 224 10.46 60.51 9.45
N PRO C 225 11.12 61.03 10.51
CA PRO C 225 10.38 61.77 11.55
C PRO C 225 9.46 62.85 10.98
N LYS C 226 9.92 63.65 10.01
CA LYS C 226 9.08 64.70 9.47
C LYS C 226 7.81 64.11 8.88
N HIS C 227 7.93 62.93 8.27
CA HIS C 227 6.74 62.27 7.72
C HIS C 227 5.85 61.72 8.85
N MET C 228 6.48 61.13 9.87
CA MET C 228 5.69 60.53 10.94
C MET C 228 4.90 61.66 11.66
N ILE C 229 5.52 62.84 11.77
CA ILE C 229 4.82 63.98 12.37
C ILE C 229 3.49 64.27 11.65
N GLU C 230 3.52 64.39 10.31
CA GLU C 230 2.29 64.53 9.51
C GLU C 230 1.32 63.33 9.69
N LYS C 231 1.87 62.11 9.68
CA LYS C 231 1.07 60.89 9.72
C LYS C 231 0.36 60.68 11.08
N VAL C 232 1.13 60.66 12.17
CA VAL C 232 0.54 60.32 13.48
C VAL C 232 0.56 61.49 14.48
N GLY C 233 1.14 62.62 14.10
CA GLY C 233 1.03 63.85 14.90
C GLY C 233 2.27 64.29 15.64
N ALA C 234 3.03 63.33 16.17
CA ALA C 234 4.26 63.65 16.90
C ALA C 234 5.10 62.39 17.02
N MET C 235 6.41 62.56 17.10
CA MET C 235 7.29 61.50 17.54
C MET C 235 7.10 61.24 19.04
N ARG C 236 7.47 60.05 19.49
CA ARG C 236 7.61 59.81 20.93
C ARG C 236 8.76 60.66 21.45
N PRO C 237 8.68 61.09 22.72
CA PRO C 237 9.86 61.80 23.22
C PRO C 237 11.12 60.93 23.15
N GLU C 238 12.28 61.57 23.02
CA GLU C 238 13.55 60.90 23.20
C GLU C 238 13.55 60.12 24.51
N ALA C 239 13.82 58.82 24.41
CA ALA C 239 13.82 57.95 25.58
C ALA C 239 15.08 58.22 26.39
N PRO C 240 15.06 57.91 27.69
CA PRO C 240 16.29 58.09 28.49
C PRO C 240 17.39 57.12 28.06
N PRO C 241 18.64 57.62 27.97
CA PRO C 241 19.78 56.85 27.44
C PRO C 241 20.20 55.63 28.27
N ILE C 242 20.66 54.59 27.58
CA ILE C 242 21.29 53.46 28.23
C ILE C 242 22.75 53.53 27.81
N ASN C 243 23.63 53.75 28.79
CA ASN C 243 25.00 54.04 28.47
C ASN C 243 25.89 52.81 28.63
N VAL C 244 26.64 52.48 27.58
CA VAL C 244 27.62 51.40 27.61
C VAL C 244 29.02 51.99 27.57
N THR C 245 29.81 51.70 28.61
CA THR C 245 31.21 52.15 28.66
C THR C 245 32.14 51.01 29.06
N GLN C 246 33.38 51.08 28.57
CA GLN C 246 34.40 50.14 28.97
C GLN C 246 35.67 50.88 29.39
N PRO C 247 35.70 51.38 30.65
CA PRO C 247 36.73 52.28 31.14
C PRO C 247 38.13 51.70 31.17
N GLU C 248 38.27 50.39 31.36
CA GLU C 248 39.60 49.79 31.28
C GLU C 248 39.86 49.15 29.90
N GLY C 249 39.13 49.61 28.88
CA GLY C 249 39.25 49.05 27.53
C GLY C 249 38.59 47.69 27.38
N VAL C 250 38.98 46.97 26.33
CA VAL C 250 38.34 45.70 25.99
C VAL C 250 39.27 44.52 26.29
N SER C 251 38.71 43.32 26.33
CA SER C 251 39.53 42.13 26.57
C SER C 251 40.05 41.42 25.33
N PHE C 252 39.57 41.76 24.14
CA PHE C 252 40.13 41.11 22.95
C PHE C 252 41.42 41.80 22.46
N LYS C 253 42.24 41.05 21.72
CA LYS C 253 43.49 41.58 21.20
C LYS C 253 43.55 41.32 19.70
N MET C 254 43.67 42.38 18.91
CA MET C 254 43.92 42.25 17.48
C MET C 254 45.36 42.55 17.09
N THR C 255 45.97 41.66 16.32
CA THR C 255 47.24 41.94 15.70
C THR C 255 46.99 41.83 14.21
N GLY C 256 46.91 42.97 13.55
CA GLY C 256 46.43 43.04 12.19
C GLY C 256 44.99 42.55 12.11
N ASN C 257 44.74 41.53 11.28
CA ASN C 257 43.42 40.96 11.16
C ASN C 257 43.26 39.76 12.09
N VAL C 258 44.30 39.48 12.89
CA VAL C 258 44.24 38.33 13.78
C VAL C 258 43.61 38.58 15.14
N MET C 259 42.55 37.84 15.45
CA MET C 259 41.81 38.07 16.68
C MET C 259 42.15 37.06 17.80
N GLU C 260 42.27 37.56 19.03
CA GLU C 260 42.39 36.68 20.21
C GLU C 260 41.45 37.16 21.29
N TRP C 261 40.60 36.26 21.76
CA TRP C 261 39.56 36.60 22.71
C TRP C 261 39.12 35.32 23.39
N SER C 262 39.31 35.25 24.70
CA SER C 262 38.74 34.18 25.51
C SER C 262 39.10 32.79 24.98
N ASN C 263 40.39 32.60 24.75
CA ASN C 263 40.96 31.39 24.21
C ASN C 263 40.76 31.15 22.71
N PHE C 264 39.85 31.89 22.07
CA PHE C 264 39.68 31.76 20.61
C PHE C 264 40.78 32.51 19.88
N LYS C 265 41.30 31.93 18.80
CA LYS C 265 42.18 32.69 17.90
C LYS C 265 41.70 32.47 16.48
N PHE C 266 41.67 33.52 15.68
CA PHE C 266 41.22 33.36 14.30
C PHE C 266 41.55 34.59 13.44
N HIS C 267 41.65 34.40 12.13
CA HIS C 267 41.88 35.50 11.20
C HIS C 267 40.52 36.00 10.69
N ILE C 268 40.33 37.32 10.75
CA ILE C 268 39.12 37.94 10.24
C ILE C 268 39.40 38.49 8.85
N GLY C 269 38.92 37.81 7.80
CA GLY C 269 39.10 38.31 6.44
C GLY C 269 37.84 38.93 5.89
N PHE C 270 37.91 39.39 4.63
CA PHE C 270 36.79 40.06 4.00
C PHE C 270 36.99 40.05 2.48
N ASN C 271 35.92 39.83 1.73
CA ASN C 271 36.01 39.99 0.27
C ASN C 271 34.71 40.49 -0.36
N TYR C 272 34.79 40.85 -1.62
CA TYR C 272 33.68 41.50 -2.36
C TYR C 272 32.36 40.73 -2.33
N ARG C 273 32.43 39.43 -2.06
CA ARG C 273 31.37 38.48 -2.36
C ARG C 273 30.83 37.87 -1.08
N GLU C 274 31.65 37.15 -0.31
CA GLU C 274 31.17 36.55 0.94
C GLU C 274 31.02 37.57 2.09
N GLY C 275 31.63 38.75 1.93
CA GLY C 275 31.75 39.72 3.04
C GLY C 275 32.72 39.11 4.06
N ILE C 276 32.32 39.02 5.32
CA ILE C 276 33.17 38.40 6.36
C ILE C 276 33.53 36.91 6.15
N VAL C 277 34.80 36.58 6.34
CA VAL C 277 35.37 35.21 6.22
C VAL C 277 36.22 35.01 7.45
N LEU C 278 35.85 34.01 8.26
CA LEU C 278 36.57 33.69 9.47
C LEU C 278 37.48 32.50 9.24
N SER C 279 38.78 32.65 9.48
CA SER C 279 39.72 31.60 9.09
C SER C 279 40.54 31.07 10.24
N ASP C 280 41.07 29.86 10.10
CA ASP C 280 42.11 29.35 11.01
C ASP C 280 41.66 29.53 12.45
N VAL C 281 40.47 29.04 12.76
CA VAL C 281 39.86 29.24 14.06
C VAL C 281 40.31 28.14 15.01
N SER C 282 40.94 28.54 16.12
CA SER C 282 41.40 27.57 17.12
C SER C 282 40.95 27.96 18.53
N TYR C 283 41.05 27.01 19.47
CA TYR C 283 40.71 27.29 20.85
C TYR C 283 41.84 26.82 21.74
N ASN C 284 42.33 27.72 22.58
CA ASN C 284 43.45 27.40 23.48
C ASN C 284 42.94 26.76 24.76
N ASP C 285 43.08 25.44 24.83
CA ASP C 285 42.50 24.64 25.88
C ASP C 285 43.62 24.39 26.90
N HIS C 286 43.73 25.31 27.88
CA HIS C 286 44.75 25.25 28.94
C HIS C 286 46.15 24.95 28.39
N GLY C 287 46.53 25.67 27.35
CA GLY C 287 47.86 25.52 26.74
C GLY C 287 47.91 24.59 25.54
N ASN C 288 46.88 23.76 25.36
CA ASN C 288 46.80 22.92 24.18
C ASN C 288 45.94 23.66 23.12
N VAL C 289 46.57 24.18 22.08
CA VAL C 289 45.86 25.02 21.10
C VAL C 289 45.17 24.14 20.04
N ARG C 290 43.84 24.09 20.06
CA ARG C 290 43.13 23.07 19.28
C ARG C 290 42.39 23.66 18.08
N PRO C 291 42.76 23.26 16.85
CA PRO C 291 41.99 23.80 15.70
C PRO C 291 40.49 23.48 15.81
N ILE C 292 39.63 24.30 15.23
CA ILE C 292 38.20 23.99 15.15
C ILE C 292 37.74 24.03 13.71
N PHE C 293 37.86 25.21 13.09
CA PHE C 293 37.52 25.40 11.68
C PHE C 293 38.69 26.00 10.89
N HIS C 294 38.86 25.59 9.64
CA HIS C 294 39.78 26.27 8.76
C HIS C 294 39.16 27.55 8.16
N ARG C 295 37.90 27.45 7.72
CA ARG C 295 37.19 28.58 7.12
C ARG C 295 35.67 28.47 7.39
N ILE C 296 35.06 29.61 7.71
CA ILE C 296 33.59 29.73 7.79
C ILE C 296 33.15 31.06 7.20
N SER C 297 32.09 31.01 6.38
CA SER C 297 31.55 32.19 5.70
C SER C 297 30.15 31.85 5.17
N LEU C 298 29.43 32.85 4.72
CA LEU C 298 28.22 32.63 3.90
C LEU C 298 28.69 32.65 2.45
N SER C 299 28.30 31.64 1.66
CA SER C 299 28.97 31.37 0.39
C SER C 299 28.01 31.62 -0.78
N GLU C 300 26.71 31.64 -0.45
CA GLU C 300 25.67 31.99 -1.43
C GLU C 300 24.36 32.26 -0.73
N MET C 301 23.42 32.87 -1.47
CA MET C 301 22.05 33.06 -0.98
C MET C 301 21.09 32.81 -2.13
N ILE C 302 19.81 32.60 -1.84
CA ILE C 302 18.79 32.78 -2.85
C ILE C 302 17.48 33.24 -2.18
N VAL C 303 16.79 34.19 -2.82
CA VAL C 303 15.59 34.81 -2.26
C VAL C 303 14.45 34.58 -3.26
N PRO C 304 13.91 33.35 -3.31
CA PRO C 304 12.94 33.03 -4.36
C PRO C 304 11.58 33.57 -3.99
N TYR C 305 11.02 34.33 -4.92
CA TYR C 305 9.66 34.78 -4.80
C TYR C 305 8.59 33.77 -5.27
N GLY C 306 7.37 33.90 -4.71
CA GLY C 306 6.37 32.86 -4.89
C GLY C 306 5.15 33.26 -5.66
N SER C 307 5.21 34.34 -6.45
CA SER C 307 4.14 34.58 -7.41
C SER C 307 4.50 33.99 -8.76
N PRO C 308 3.58 33.19 -9.34
CA PRO C 308 3.86 32.49 -10.59
C PRO C 308 3.73 33.38 -11.82
N GLU C 309 3.13 34.55 -11.61
CA GLU C 309 2.78 35.43 -12.74
C GLU C 309 4.01 36.09 -13.36
N PHE C 310 4.05 36.12 -14.70
CA PHE C 310 5.09 36.77 -15.45
C PHE C 310 5.15 38.26 -15.11
N PRO C 311 6.37 38.84 -14.97
CA PRO C 311 7.69 38.22 -15.04
C PRO C 311 8.25 37.93 -13.65
N HIS C 312 7.40 37.66 -12.67
CA HIS C 312 7.86 37.59 -11.27
C HIS C 312 8.67 36.33 -10.96
N GLN C 313 8.70 35.35 -11.86
CA GLN C 313 9.65 34.23 -11.72
C GLN C 313 11.11 34.69 -11.80
N ARG C 314 11.37 35.90 -12.29
CA ARG C 314 12.78 36.35 -12.36
C ARG C 314 13.25 37.02 -11.06
N LYS C 315 12.38 37.00 -10.04
CA LYS C 315 12.79 37.46 -8.71
C LYS C 315 13.16 36.24 -7.88
N HIS C 316 14.46 35.98 -7.87
CA HIS C 316 15.07 34.87 -7.10
C HIS C 316 16.56 35.20 -6.95
N ALA C 317 16.79 36.44 -6.52
CA ALA C 317 18.13 37.01 -6.33
C ALA C 317 19.04 36.07 -5.58
N LEU C 318 20.23 35.82 -6.13
CA LEU C 318 21.27 35.16 -5.33
C LEU C 318 22.23 36.27 -4.95
N ASP C 319 22.00 36.84 -3.78
CA ASP C 319 22.52 38.15 -3.51
C ASP C 319 24.03 38.16 -3.45
N ILE C 320 24.57 37.09 -2.88
CA ILE C 320 26.00 37.02 -2.70
C ILE C 320 26.69 36.87 -4.03
N GLY C 321 26.16 36.01 -4.91
CA GLY C 321 26.86 35.65 -6.14
C GLY C 321 26.56 36.67 -7.22
N GLU C 322 25.44 37.40 -7.09
CA GLU C 322 25.02 38.30 -8.16
C GLU C 322 25.34 39.77 -7.90
N TYR C 323 25.50 40.17 -6.63
CA TYR C 323 25.83 41.58 -6.21
C TYR C 323 27.04 41.66 -5.23
N GLY C 324 27.10 40.72 -4.28
CA GLY C 324 28.25 40.62 -3.35
C GLY C 324 27.98 41.20 -1.96
N ALA C 325 28.10 40.38 -0.91
CA ALA C 325 27.92 40.86 0.46
C ALA C 325 28.98 41.90 0.82
N GLY C 326 30.12 41.91 0.13
CA GLY C 326 31.13 42.95 0.40
C GLY C 326 30.88 44.21 -0.43
N TYR C 327 30.70 44.04 -1.74
CA TYR C 327 30.27 45.16 -2.57
C TYR C 327 29.11 45.98 -2.00
N MET C 328 28.12 45.30 -1.42
CA MET C 328 26.87 45.94 -0.96
CA MET C 328 26.90 46.03 -1.02
C MET C 328 26.95 46.44 0.48
N THR C 329 28.08 46.21 1.13
CA THR C 329 28.21 46.47 2.58
C THR C 329 28.19 47.97 3.00
N ASN C 330 27.53 48.26 4.12
CA ASN C 330 27.41 49.64 4.63
C ASN C 330 28.67 50.09 5.37
N PRO C 331 29.08 51.33 5.17
CA PRO C 331 29.97 51.87 6.22
C PRO C 331 29.18 52.00 7.52
N LEU C 332 29.70 51.45 8.62
CA LEU C 332 28.98 51.33 9.91
C LEU C 332 29.31 52.52 10.85
N SER C 333 28.58 52.65 11.97
CA SER C 333 28.97 53.57 13.06
C SER C 333 28.49 55.01 12.90
N LEU C 334 28.13 55.36 11.67
CA LEU C 334 27.59 56.69 11.36
C LEU C 334 26.05 56.60 11.29
N GLY C 335 25.51 55.54 11.90
CA GLY C 335 24.11 55.44 12.32
C GLY C 335 24.04 54.84 13.71
N CYS C 336 25.21 54.76 14.35
CA CYS C 336 25.39 53.90 15.51
CA CYS C 336 25.50 53.81 15.41
C CYS C 336 24.68 52.53 15.33
N ASP C 337 25.10 51.75 14.34
CA ASP C 337 24.72 50.36 14.13
C ASP C 337 25.50 49.58 15.16
N CYS C 338 26.65 50.13 15.51
CA CYS C 338 27.59 49.48 16.36
C CYS C 338 27.77 50.28 17.65
N LYS C 339 27.08 49.82 18.71
CA LYS C 339 27.07 50.50 20.01
C LYS C 339 28.09 49.86 20.96
N GLY C 340 28.92 50.72 21.57
CA GLY C 340 29.93 50.27 22.52
C GLY C 340 31.30 50.83 22.18
N VAL C 341 32.35 50.16 22.66
CA VAL C 341 33.73 50.43 22.22
C VAL C 341 34.08 49.51 21.07
N ILE C 342 34.30 50.08 19.89
CA ILE C 342 34.32 49.32 18.66
C ILE C 342 35.70 49.37 18.02
N HIS C 343 36.10 48.28 17.38
CA HIS C 343 37.25 48.22 16.48
C HIS C 343 36.74 47.94 15.03
N TYR C 344 37.07 48.81 14.08
CA TYR C 344 36.59 48.71 12.71
C TYR C 344 37.62 48.11 11.80
N LEU C 345 37.18 47.39 10.77
CA LEU C 345 38.02 47.13 9.60
C LEU C 345 37.45 47.79 8.36
N ASP C 346 38.32 48.17 7.43
CA ASP C 346 37.90 48.73 6.14
C ASP C 346 37.95 47.67 5.08
N ALA C 347 37.18 47.83 4.01
CA ALA C 347 37.24 46.91 2.86
C ALA C 347 37.90 47.59 1.66
N HIS C 348 38.58 46.80 0.83
CA HIS C 348 39.22 47.35 -0.40
C HIS C 348 38.83 46.57 -1.65
N PHE C 349 38.31 47.28 -2.65
CA PHE C 349 37.98 46.65 -3.91
C PHE C 349 38.61 47.41 -5.07
N SER C 350 38.38 46.88 -6.28
CA SER C 350 38.72 47.61 -7.48
C SER C 350 37.49 48.26 -8.08
N ASP C 351 37.64 49.45 -8.65
CA ASP C 351 36.58 49.98 -9.48
C ASP C 351 36.80 49.50 -10.90
N ARG C 352 35.96 49.95 -11.82
CA ARG C 352 36.01 49.47 -13.20
C ARG C 352 37.24 49.92 -13.95
N ALA C 353 37.87 50.99 -13.48
CA ALA C 353 39.08 51.49 -14.11
C ALA C 353 40.31 50.78 -13.59
N GLY C 354 40.12 50.00 -12.52
CA GLY C 354 41.22 49.27 -11.89
C GLY C 354 41.89 50.03 -10.77
N ASP C 355 41.24 51.09 -10.30
CA ASP C 355 41.70 51.82 -9.13
C ASP C 355 41.01 51.26 -7.90
N PRO C 356 41.75 51.22 -6.78
CA PRO C 356 41.28 50.80 -5.46
C PRO C 356 40.18 51.71 -4.93
N ILE C 357 39.09 51.10 -4.44
CA ILE C 357 38.13 51.85 -3.64
C ILE C 357 38.06 51.27 -2.25
N THR C 358 37.66 52.10 -1.30
CA THR C 358 37.60 51.70 0.09
C THR C 358 36.19 51.92 0.55
N VAL C 359 35.69 50.97 1.35
CA VAL C 359 34.53 51.16 2.20
C VAL C 359 35.04 51.23 3.62
N LYS C 360 34.86 52.38 4.26
CA LYS C 360 35.40 52.62 5.59
C LYS C 360 34.50 51.90 6.59
N ASN C 361 35.10 51.34 7.63
CA ASN C 361 34.32 50.73 8.68
C ASN C 361 33.33 49.68 8.15
N ALA C 362 33.82 48.79 7.28
CA ALA C 362 32.96 47.76 6.72
C ALA C 362 32.61 46.69 7.76
N VAL C 363 33.49 46.48 8.74
CA VAL C 363 33.32 45.40 9.70
C VAL C 363 33.45 45.99 11.09
N CYS C 364 32.61 45.54 12.00
CA CYS C 364 32.67 46.08 13.33
C CYS C 364 32.79 44.99 14.37
N ILE C 365 33.70 45.22 15.31
CA ILE C 365 34.09 44.20 16.28
C ILE C 365 33.95 44.82 17.66
N HIS C 366 33.15 44.18 18.52
CA HIS C 366 33.04 44.57 19.93
C HIS C 366 32.65 43.42 20.80
N GLU C 367 32.88 43.54 22.11
CA GLU C 367 32.40 42.53 23.04
C GLU C 367 31.21 43.09 23.81
N GLU C 368 30.24 42.23 24.15
CA GLU C 368 29.03 42.68 24.89
C GLU C 368 28.68 41.75 26.05
N ASP C 369 27.86 42.26 26.96
CA ASP C 369 27.17 41.44 27.96
CA ASP C 369 27.25 41.38 27.95
C ASP C 369 26.28 40.45 27.24
N ASP C 370 26.25 39.21 27.70
CA ASP C 370 25.35 38.23 27.16
C ASP C 370 24.59 37.47 28.24
N GLY C 371 24.12 38.18 29.27
CA GLY C 371 23.45 37.51 30.40
C GLY C 371 24.31 36.52 31.20
N LEU C 372 23.69 35.42 31.63
CA LEU C 372 24.36 34.47 32.52
C LEU C 372 25.12 33.44 31.69
N LEU C 373 26.32 33.09 32.13
CA LEU C 373 27.05 31.98 31.54
C LEU C 373 26.62 30.70 32.22
N PHE C 374 26.57 30.75 33.56
CA PHE C 374 26.04 29.67 34.33
C PHE C 374 25.77 30.10 35.77
N LYS C 375 24.92 29.33 36.46
CA LYS C 375 24.58 29.63 37.86
C LYS C 375 24.09 28.35 38.56
N HIS C 376 24.57 28.10 39.78
CA HIS C 376 23.92 27.17 40.67
C HIS C 376 23.98 27.57 42.14
N SER C 377 22.88 27.35 42.85
CA SER C 377 22.78 27.55 44.30
C SER C 377 22.25 26.32 45.01
N ASP C 378 22.64 26.16 46.27
CA ASP C 378 22.19 25.04 47.10
C ASP C 378 21.02 25.50 47.93
N PHE C 379 19.91 24.78 47.78
CA PHE C 379 18.69 25.02 48.55
C PHE C 379 18.89 24.80 50.06
N ARG C 380 19.90 24.00 50.43
CA ARG C 380 20.03 23.59 51.82
C ARG C 380 20.24 24.76 52.77
N ASP C 381 20.85 25.83 52.28
CA ASP C 381 21.03 27.05 53.07
C ASP C 381 20.33 28.22 52.43
N ASN C 382 19.22 27.96 51.77
CA ASN C 382 18.49 29.02 51.10
C ASN C 382 19.26 29.76 50.00
N PHE C 383 20.02 29.02 49.21
CA PHE C 383 20.75 29.63 48.09
C PHE C 383 21.89 30.54 48.56
N ALA C 384 22.35 30.35 49.79
CA ALA C 384 23.47 31.13 50.31
C ALA C 384 24.74 30.61 49.67
N THR C 385 24.86 29.30 49.58
CA THR C 385 25.79 28.66 48.65
C THR C 385 25.33 28.93 47.22
N SER C 386 26.11 29.73 46.51
CA SER C 386 25.74 30.17 45.17
C SER C 386 26.98 30.57 44.36
N LEU C 387 26.94 30.25 43.06
CA LEU C 387 27.96 30.68 42.10
C LEU C 387 27.26 31.21 40.86
N VAL C 388 27.64 32.41 40.46
CA VAL C 388 27.12 33.08 39.29
C VAL C 388 28.28 33.64 38.46
N THR C 389 28.32 33.26 37.19
CA THR C 389 29.28 33.83 36.28
C THR C 389 28.53 34.39 35.10
N ARG C 390 28.80 35.64 34.81
CA ARG C 390 28.16 36.30 33.69
C ARG C 390 28.94 35.97 32.42
N ALA C 391 28.22 35.94 31.30
CA ALA C 391 28.77 35.65 29.99
C ALA C 391 29.08 36.93 29.20
N THR C 392 30.16 36.91 28.43
CA THR C 392 30.45 38.00 27.52
C THR C 392 30.54 37.38 26.13
N LYS C 393 30.14 38.11 25.10
CA LYS C 393 30.20 37.56 23.75
C LYS C 393 30.97 38.51 22.85
N LEU C 394 31.65 37.96 21.83
CA LEU C 394 32.41 38.77 20.87
C LEU C 394 31.68 38.76 19.52
N VAL C 395 31.35 39.95 19.01
CA VAL C 395 30.55 40.13 17.79
C VAL C 395 31.42 40.69 16.67
N VAL C 396 31.47 39.99 15.54
CA VAL C 396 32.10 40.46 14.32
C VAL C 396 30.97 40.62 13.32
N SER C 397 30.72 41.86 12.90
CA SER C 397 29.48 42.18 12.21
CA SER C 397 29.49 42.16 12.19
C SER C 397 29.66 43.08 10.98
N GLN C 398 28.72 42.97 10.04
CA GLN C 398 28.63 43.84 8.87
C GLN C 398 27.16 43.95 8.57
N ILE C 399 26.80 44.97 7.81
CA ILE C 399 25.42 45.11 7.35
C ILE C 399 25.46 45.47 5.88
N PHE C 400 24.76 44.72 5.04
CA PHE C 400 24.78 45.06 3.62
C PHE C 400 23.40 45.37 3.11
N THR C 401 23.35 46.19 2.06
CA THR C 401 22.09 46.69 1.52
C THR C 401 22.00 46.17 0.09
N ALA C 402 20.97 45.38 -0.19
CA ALA C 402 20.69 44.88 -1.54
C ALA C 402 19.41 45.53 -2.09
N ALA C 403 19.60 46.71 -2.69
CA ALA C 403 18.49 47.60 -3.05
C ALA C 403 17.52 47.86 -1.87
N ASN C 404 16.45 47.07 -1.78
CA ASN C 404 15.41 47.31 -0.76
C ASN C 404 15.75 46.67 0.57
N GLU C 406 17.90 44.92 3.85
CA GLU C 406 19.09 45.12 4.68
C GLU C 406 19.37 43.80 5.37
N TYR C 407 20.61 43.35 5.33
CA TYR C 407 20.98 42.09 5.99
C TYR C 407 22.04 42.38 7.01
N CYS C 408 21.70 42.18 8.28
CA CYS C 408 22.60 42.49 9.37
C CYS C 408 23.18 41.17 9.79
N LEU C 409 24.50 41.00 9.70
CA LEU C 409 25.11 39.70 9.98
C LEU C 409 26.02 39.80 11.18
N TYR C 410 25.89 38.86 12.13
CA TYR C 410 26.68 38.93 13.35
C TYR C 410 27.31 37.58 13.61
N TRP C 411 28.63 37.50 13.47
CA TRP C 411 29.36 36.32 13.91
C TRP C 411 29.69 36.51 15.39
N VAL C 412 29.30 35.53 16.20
CA VAL C 412 29.27 35.72 17.64
C VAL C 412 30.01 34.56 18.25
N PHE C 413 31.04 34.85 19.06
CA PHE C 413 31.85 33.82 19.74
C PHE C 413 31.51 33.86 21.22
N MET C 414 31.37 32.71 21.84
CA MET C 414 30.83 32.63 23.17
C MET C 414 31.79 31.91 24.10
N GLN C 415 31.56 32.04 25.39
CA GLN C 415 32.59 31.62 26.36
C GLN C 415 32.41 30.21 26.86
N ASP C 416 31.37 29.54 26.37
CA ASP C 416 31.31 28.09 26.50
C ASP C 416 31.98 27.43 25.28
N GLY C 417 32.62 28.22 24.42
CA GLY C 417 33.30 27.66 23.26
C GLY C 417 32.45 27.60 21.99
N ALA C 418 31.19 28.00 22.06
CA ALA C 418 30.28 27.92 20.92
C ALA C 418 30.47 29.13 20.00
N ILE C 419 29.93 29.03 18.79
CA ILE C 419 30.01 30.07 17.79
C ILE C 419 28.62 30.11 17.19
N ARG C 420 28.08 31.31 17.03
CA ARG C 420 26.70 31.47 16.62
C ARG C 420 26.73 32.42 15.45
N LEU C 421 25.88 32.18 14.44
CA LEU C 421 25.68 33.21 13.44
C LEU C 421 24.26 33.74 13.62
N ASP C 422 24.16 35.06 13.84
CA ASP C 422 22.87 35.72 14.02
C ASP C 422 22.68 36.63 12.84
N ILE C 423 21.52 36.53 12.20
CA ILE C 423 21.15 37.44 11.15
C ILE C 423 19.86 38.16 11.55
N ARG C 424 19.82 39.47 11.34
CA ARG C 424 18.57 40.18 11.43
C ARG C 424 18.23 40.77 10.06
N LEU C 425 17.02 40.54 9.57
CA LEU C 425 16.59 41.04 8.27
C LEU C 425 15.82 42.33 8.50
N THR C 426 16.12 43.37 7.74
CA THR C 426 15.29 44.58 7.84
C THR C 426 15.30 45.27 6.47
N GLY C 427 14.98 46.57 6.41
CA GLY C 427 14.85 47.29 5.13
C GLY C 427 13.40 47.25 4.71
N ILE C 428 13.17 47.06 3.43
CA ILE C 428 11.85 47.30 2.86
C ILE C 428 11.46 46.11 2.00
N LEU C 429 10.19 45.72 2.06
CA LEU C 429 9.61 44.74 1.17
C LEU C 429 9.82 45.09 -0.31
N ASN C 430 10.13 44.09 -1.12
CA ASN C 430 10.00 44.25 -2.56
C ASN C 430 8.51 44.34 -2.77
N THR C 431 8.04 45.30 -3.59
CA THR C 431 6.60 45.49 -3.84
C THR C 431 6.34 45.60 -5.33
N TYR C 432 5.12 45.22 -5.72
CA TYR C 432 4.68 45.30 -7.08
C TYR C 432 3.28 45.92 -6.99
N ILE C 433 2.81 46.53 -8.08
CA ILE C 433 1.55 47.27 -8.04
C ILE C 433 0.37 46.31 -7.95
N LEU C 434 -0.69 46.78 -7.28
CA LEU C 434 -1.90 46.02 -7.11
C LEU C 434 -3.08 46.91 -7.52
N GLY C 435 -3.90 46.46 -8.47
CA GLY C 435 -5.12 47.19 -8.88
C GLY C 435 -6.08 47.44 -7.72
N ASP C 436 -6.95 48.45 -7.88
CA ASP C 436 -7.94 48.76 -6.84
C ASP C 436 -8.78 47.55 -6.50
N ASP C 437 -9.23 46.84 -7.52
CA ASP C 437 -10.06 45.69 -7.18
CA ASP C 437 -10.09 45.66 -7.39
C ASP C 437 -9.32 44.34 -7.34
N GLU C 438 -7.98 44.39 -7.31
CA GLU C 438 -7.16 43.16 -7.42
C GLU C 438 -6.87 42.54 -6.05
N GLU C 439 -7.00 41.21 -5.96
CA GLU C 439 -6.65 40.44 -4.76
C GLU C 439 -5.18 40.02 -4.81
N ALA C 440 -4.41 40.28 -3.76
CA ALA C 440 -3.00 39.93 -3.71
C ALA C 440 -2.85 38.42 -3.53
N GLY C 441 -3.70 37.86 -2.67
CA GLY C 441 -3.48 36.50 -2.13
C GLY C 441 -3.77 35.64 -3.33
N PRO C 442 -3.27 34.40 -3.34
CA PRO C 442 -2.51 33.73 -2.29
C PRO C 442 -0.99 33.97 -2.37
N TRP C 443 -0.54 34.79 -3.34
CA TRP C 443 0.92 34.90 -3.58
C TRP C 443 1.61 36.09 -2.94
N GLY C 444 0.83 36.94 -2.30
CA GLY C 444 1.30 38.22 -1.84
C GLY C 444 0.27 38.81 -0.90
N THR C 445 0.64 39.95 -0.32
CA THR C 445 -0.20 40.65 0.69
C THR C 445 -0.42 42.10 0.35
N ARG C 446 -1.63 42.58 0.56
CA ARG C 446 -1.91 43.99 0.33
C ARG C 446 -1.48 44.70 1.57
N VAL C 447 -0.28 45.29 1.53
CA VAL C 447 0.32 45.88 2.73
C VAL C 447 0.04 47.38 2.88
N TYR C 448 -0.59 47.96 1.86
CA TYR C 448 -0.83 49.42 1.75
C TYR C 448 -1.70 49.54 0.49
N PRO C 449 -2.48 50.62 0.35
CA PRO C 449 -3.33 50.59 -0.85
C PRO C 449 -2.54 50.53 -2.16
N ASN C 450 -3.03 49.71 -3.09
CA ASN C 450 -2.36 49.44 -4.35
C ASN C 450 -0.96 48.81 -4.24
N VAL C 451 -0.60 48.27 -3.08
CA VAL C 451 0.75 47.70 -2.94
C VAL C 451 0.67 46.21 -2.66
N ASN C 452 1.30 45.41 -3.53
CA ASN C 452 1.34 43.93 -3.37
C ASN C 452 2.76 43.51 -2.97
N ALA C 453 2.93 42.99 -1.76
CA ALA C 453 4.24 42.47 -1.41
C ALA C 453 4.16 40.96 -1.57
N HIS C 454 4.95 40.40 -2.51
CA HIS C 454 4.87 38.97 -2.83
C HIS C 454 5.53 38.14 -1.73
N ASN C 455 5.00 36.92 -1.51
CA ASN C 455 5.66 35.86 -0.75
C ASN C 455 7.07 35.54 -1.24
N HIS C 456 7.98 35.24 -0.31
CA HIS C 456 9.34 34.91 -0.73
C HIS C 456 10.05 34.14 0.36
N GLN C 457 11.18 33.49 0.03
CA GLN C 457 12.00 32.87 1.06
C GLN C 457 13.33 33.60 1.11
N HIS C 458 14.00 33.65 2.26
CA HIS C 458 15.39 34.08 2.28
C HIS C 458 16.22 32.89 2.71
N LEU C 459 17.04 32.38 1.78
CA LEU C 459 17.85 31.17 2.02
C LEU C 459 19.34 31.48 1.88
N PHE C 460 20.15 30.91 2.77
CA PHE C 460 21.58 31.22 2.89
C PHE C 460 22.36 29.91 2.88
N SER C 461 23.58 29.91 2.32
CA SER C 461 24.38 28.69 2.31
C SER C 461 25.61 28.97 3.15
N LEU C 462 25.61 28.45 4.38
CA LEU C 462 26.76 28.59 5.28
C LEU C 462 27.82 27.56 4.79
N ARG C 463 29.04 28.00 4.54
CA ARG C 463 30.08 27.07 4.15
C ARG C 463 31.05 26.82 5.28
N ILE C 464 31.12 25.60 5.75
CA ILE C 464 32.04 25.34 6.84
C ILE C 464 33.14 24.41 6.35
N ASP C 465 34.39 24.81 6.58
CA ASP C 465 35.49 23.95 6.29
C ASP C 465 36.03 23.53 7.63
N PRO C 466 35.69 22.33 8.07
CA PRO C 466 36.01 22.04 9.47
C PRO C 466 37.44 21.57 9.66
N ARG C 467 37.96 21.74 10.88
CA ARG C 467 39.23 21.11 11.24
C ARG C 467 39.15 20.69 12.71
N ILE C 468 38.11 19.92 13.03
CA ILE C 468 37.71 19.65 14.42
C ILE C 468 38.83 18.90 15.15
N ASP C 469 39.50 19.59 16.07
CA ASP C 469 40.65 19.01 16.77
C ASP C 469 41.72 18.47 15.79
N GLY C 470 41.90 19.13 14.66
CA GLY C 470 42.84 18.65 13.63
C GLY C 470 42.22 17.98 12.41
N ASP C 471 43.06 17.27 11.66
CA ASP C 471 42.74 16.78 10.32
C ASP C 471 42.04 15.43 10.32
N GLY C 472 41.18 15.25 9.32
CA GLY C 472 40.42 14.02 9.18
C GLY C 472 39.11 14.10 9.95
N ASN C 473 38.04 14.48 9.25
CA ASN C 473 36.79 14.79 9.91
C ASN C 473 35.66 14.00 9.28
N SER C 474 34.56 13.85 10.01
CA SER C 474 33.34 13.29 9.43
C SER C 474 32.16 14.13 9.87
N ALA C 475 31.02 13.86 9.25
CA ALA C 475 29.77 14.50 9.60
C ALA C 475 28.68 13.43 9.77
N ALA C 476 27.67 13.73 10.57
CA ALA C 476 26.57 12.80 10.86
C ALA C 476 25.30 13.59 11.11
N ALA C 477 24.14 12.93 11.00
CA ALA C 477 22.86 13.43 11.51
C ALA C 477 22.60 12.76 12.87
N CYS C 478 22.15 13.55 13.84
CA CYS C 478 21.69 13.05 15.13
C CYS C 478 20.18 13.21 15.29
N ASP C 479 19.52 12.09 15.51
CA ASP C 479 18.06 12.09 15.63
C ASP C 479 17.64 11.54 16.98
N ALA C 480 16.79 12.27 17.71
CA ALA C 480 16.23 11.66 18.93
C ALA C 480 15.18 10.59 18.56
N LYS C 481 15.27 9.39 19.13
CA LYS C 481 14.25 8.36 18.95
C LYS C 481 13.91 7.60 20.24
N SER C 482 12.67 7.11 20.32
CA SER C 482 12.26 6.22 21.40
C SER C 482 12.97 4.90 21.19
N SER C 483 13.22 4.20 22.29
CA SER C 483 13.51 2.79 22.20
C SER C 483 12.57 2.07 21.21
N PRO C 484 13.10 1.13 20.40
CA PRO C 484 12.15 0.39 19.53
C PRO C 484 11.39 -0.69 20.33
N TYR C 485 11.80 -0.92 21.56
CA TYR C 485 11.08 -1.88 22.42
C TYR C 485 9.77 -1.28 22.93
N PRO C 486 8.71 -2.09 22.96
CA PRO C 486 7.41 -1.53 23.35
C PRO C 486 7.27 -1.29 24.88
N LEU C 487 6.38 -0.38 25.24
CA LEU C 487 5.81 -0.26 26.59
C LEU C 487 5.47 -1.62 27.16
N GLY C 488 5.91 -1.90 28.38
CA GLY C 488 5.56 -3.16 28.99
C GLY C 488 6.54 -4.31 28.76
N SER C 489 7.52 -4.12 27.89
CA SER C 489 8.55 -5.14 27.67
C SER C 489 9.62 -5.05 28.76
N PRO C 490 10.44 -6.12 28.90
CA PRO C 490 11.49 -6.05 29.93
C PRO C 490 12.48 -4.93 29.68
N GLU C 491 12.65 -4.59 28.42
CA GLU C 491 13.64 -3.60 28.01
C GLU C 491 13.14 -2.17 28.11
N ASN C 492 11.82 -1.98 28.13
CA ASN C 492 11.29 -0.63 28.20
C ASN C 492 9.98 -0.65 29.00
N MET C 493 10.09 -1.11 30.24
CA MET C 493 8.92 -1.45 31.03
C MET C 493 7.89 -0.32 31.02
N TYR C 494 8.33 0.91 31.22
CA TYR C 494 7.40 2.00 31.42
C TYR C 494 7.40 2.94 30.20
N GLY C 495 8.03 2.54 29.11
CA GLY C 495 7.83 3.27 27.84
C GLY C 495 8.59 4.57 27.72
N ASN C 496 9.56 4.77 28.62
CA ASN C 496 10.28 6.03 28.72
C ASN C 496 11.63 6.08 28.01
N ALA C 497 12.14 4.94 27.57
CA ALA C 497 13.51 4.90 27.07
C ALA C 497 13.64 5.65 25.76
N PHE C 498 14.72 6.41 25.62
CA PHE C 498 15.03 7.00 24.32
C PHE C 498 16.47 7.30 24.24
N TYR C 499 16.96 7.42 22.99
CA TYR C 499 18.40 7.57 22.72
C TYR C 499 18.57 8.49 21.49
N SER C 500 19.82 8.87 21.25
CA SER C 500 20.22 9.59 20.04
C SER C 500 20.79 8.62 18.99
N GLU C 501 20.13 8.50 17.84
CA GLU C 501 20.65 7.74 16.71
C GLU C 501 21.54 8.64 15.88
N LYS C 502 22.83 8.27 15.80
CA LYS C 502 23.78 8.94 14.96
C LYS C 502 23.96 8.18 13.62
N THR C 503 23.78 8.87 12.51
CA THR C 503 24.04 8.25 11.22
C THR C 503 25.27 8.95 10.64
N THR C 504 26.40 8.26 10.63
CA THR C 504 27.59 8.85 10.00
C THR C 504 27.50 8.78 8.49
N PHE C 505 27.68 9.93 7.82
CA PHE C 505 27.68 9.99 6.35
C PHE C 505 28.92 9.30 5.78
N LYS C 506 28.76 8.32 4.90
CA LYS C 506 29.92 7.61 4.37
C LYS C 506 30.27 8.26 3.07
N THR C 507 29.28 8.45 2.21
CA THR C 507 29.46 9.06 0.93
C THR C 507 28.65 10.39 0.81
N VAL C 508 28.99 11.22 -0.16
CA VAL C 508 28.28 12.46 -0.38
C VAL C 508 26.76 12.27 -0.32
N LYS C 509 26.26 11.26 -1.04
CA LYS C 509 24.85 11.00 -1.09
C LYS C 509 24.23 10.87 0.30
N ASP C 510 24.91 10.18 1.20
CA ASP C 510 24.37 10.02 2.55
C ASP C 510 24.10 11.40 3.24
N SER C 511 24.85 12.42 2.89
CA SER C 511 24.83 13.67 3.67
C SER C 511 23.62 14.53 3.31
N LEU C 512 23.00 14.22 2.17
CA LEU C 512 21.97 15.12 1.65
C LEU C 512 20.70 14.95 2.47
N THR C 513 20.56 15.81 3.49
CA THR C 513 19.60 15.66 4.59
C THR C 513 18.90 17.01 4.92
N ASN C 514 17.69 16.94 5.43
CA ASN C 514 17.01 18.09 5.92
C ASN C 514 16.80 18.11 7.41
N TYR C 515 16.50 19.31 7.91
CA TYR C 515 16.14 19.41 9.31
C TYR C 515 14.85 18.60 9.44
N GLU C 516 14.68 17.87 10.55
CA GLU C 516 13.47 17.07 10.82
C GLU C 516 12.99 17.38 12.22
N SER C 517 11.83 18.06 12.33
CA SER C 517 11.27 18.37 13.62
C SER C 517 10.88 17.10 14.36
N ALA C 518 10.52 16.04 13.63
CA ALA C 518 10.06 14.80 14.29
C ALA C 518 11.14 14.11 15.14
N THR C 519 12.41 14.45 14.91
CA THR C 519 13.51 13.81 15.64
C THR C 519 14.36 14.91 16.27
N GLY C 520 13.90 16.16 16.21
CA GLY C 520 14.78 17.23 16.67
C GLY C 520 16.20 17.08 16.11
N ARG C 521 16.30 16.90 14.79
CA ARG C 521 17.63 16.69 14.17
C ARG C 521 18.71 17.76 14.46
N SER C 522 19.91 17.28 14.79
CA SER C 522 21.07 18.11 14.65
C SER C 522 22.10 17.36 13.82
N TRP C 523 23.23 18.02 13.58
CA TRP C 523 24.34 17.41 12.86
C TRP C 523 25.64 17.60 13.62
N ASP C 524 26.48 16.58 13.61
CA ASP C 524 27.79 16.68 14.21
C ASP C 524 28.82 16.82 13.11
N ILE C 525 29.79 17.68 13.36
CA ILE C 525 31.04 17.61 12.68
C ILE C 525 32.08 17.13 13.69
N PHE C 526 32.70 15.99 13.39
CA PHE C 526 33.57 15.38 14.38
C PHE C 526 34.89 14.79 13.86
N ASN C 527 35.77 14.42 14.79
CA ASN C 527 37.05 13.82 14.42
C ASN C 527 37.11 12.36 14.84
N PRO C 528 36.85 11.42 13.92
CA PRO C 528 36.81 9.98 14.29
C PRO C 528 38.18 9.36 14.71
N ASN C 529 39.24 10.15 14.62
CA ASN C 529 40.58 9.74 15.03
C ASN C 529 40.86 9.98 16.52
N LYS C 530 39.95 10.66 17.23
CA LYS C 530 40.14 11.00 18.66
C LYS C 530 38.92 10.63 19.51
N VAL C 531 39.12 10.47 20.81
CA VAL C 531 38.07 10.10 21.77
C VAL C 531 38.15 11.02 22.95
N ASN C 532 36.99 11.47 23.41
CA ASN C 532 36.88 12.11 24.69
C ASN C 532 37.16 11.07 25.80
N PRO C 533 38.12 11.37 26.69
CA PRO C 533 38.51 10.41 27.75
C PRO C 533 37.39 10.10 28.71
N TYR C 534 36.42 11.01 28.84
CA TYR C 534 35.29 10.73 29.70
C TYR C 534 34.13 9.98 29.03
N SER C 535 33.55 10.55 27.96
CA SER C 535 32.36 9.98 27.35
C SER C 535 32.64 8.86 26.34
N GLY C 536 33.86 8.82 25.78
CA GLY C 536 34.18 7.79 24.79
C GLY C 536 33.66 8.15 23.39
N LYS C 537 33.23 9.40 23.25
CA LYS C 537 32.73 9.87 21.96
C LYS C 537 33.80 10.72 21.27
N PRO C 538 33.80 10.73 19.93
CA PRO C 538 34.77 11.61 19.23
C PRO C 538 34.51 13.09 19.61
N PRO C 539 35.55 13.92 19.60
CA PRO C 539 35.30 15.34 19.82
C PRO C 539 34.53 15.91 18.65
N SER C 540 33.59 16.82 18.91
CA SER C 540 32.71 17.29 17.82
C SER C 540 32.29 18.72 18.05
N TYR C 541 31.94 19.42 16.96
CA TYR C 541 31.08 20.59 17.03
C TYR C 541 29.71 20.21 16.44
N LYS C 542 28.65 20.55 17.16
CA LYS C 542 27.29 20.13 16.76
C LYS C 542 26.60 21.36 16.20
N LEU C 543 26.01 21.20 15.02
CA LEU C 543 25.20 22.21 14.38
C LEU C 543 23.76 22.08 14.91
N VAL C 544 23.36 23.09 15.69
CA VAL C 544 22.02 23.22 16.20
C VAL C 544 21.31 24.35 15.46
N SER C 545 20.30 24.00 14.67
CA SER C 545 19.78 24.94 13.69
C SER C 545 18.41 24.44 13.33
N THR C 546 17.38 25.23 13.61
CA THR C 546 16.04 24.76 13.29
C THR C 546 15.37 25.71 12.29
N GLN C 547 15.96 26.88 12.00
CA GLN C 547 15.36 27.72 10.94
C GLN C 547 15.83 27.26 9.56
N CYS C 548 15.23 26.16 9.11
CA CYS C 548 15.67 25.45 7.93
C CYS C 548 14.47 25.18 7.05
N PRO C 549 14.02 26.18 6.31
CA PRO C 549 12.85 25.89 5.46
C PRO C 549 13.12 24.90 4.33
N PRO C 550 12.15 24.05 3.99
CA PRO C 550 12.27 23.36 2.70
C PRO C 550 12.27 24.40 1.58
N LEU C 551 12.93 24.09 0.46
CA LEU C 551 12.83 24.90 -0.73
C LEU C 551 11.43 24.70 -1.31
N LEU C 552 10.65 25.76 -1.49
CA LEU C 552 9.25 25.56 -1.90
C LEU C 552 9.10 25.46 -3.41
N ALA C 553 10.00 26.10 -4.14
CA ALA C 553 10.03 25.92 -5.59
C ALA C 553 10.24 24.44 -5.98
N LYS C 554 9.51 24.00 -7.01
CA LYS C 554 9.50 22.62 -7.44
C LYS C 554 10.85 22.15 -8.01
N GLU C 555 11.08 20.85 -7.92
CA GLU C 555 12.19 20.23 -8.64
C GLU C 555 12.10 20.56 -10.10
N GLY C 556 13.24 20.95 -10.68
CA GLY C 556 13.28 21.22 -12.10
C GLY C 556 12.94 22.67 -12.37
N SER C 557 12.59 23.42 -11.34
CA SER C 557 12.28 24.81 -11.55
C SER C 557 13.59 25.62 -11.66
N LEU C 558 13.51 26.83 -12.23
CA LEU C 558 14.63 27.74 -12.27
C LEU C 558 15.35 27.85 -10.93
N VAL C 559 14.57 28.17 -9.92
CA VAL C 559 15.11 28.34 -8.59
C VAL C 559 15.89 27.09 -8.18
N ALA C 560 15.29 25.90 -8.31
CA ALA C 560 15.96 24.70 -7.78
C ALA C 560 17.17 24.40 -8.62
N LYS C 561 17.13 24.77 -9.91
CA LYS C 561 18.27 24.48 -10.79
C LYS C 561 19.49 25.40 -10.53
N ARG C 562 19.20 26.68 -10.28
CA ARG C 562 20.29 27.63 -10.14
C ARG C 562 20.85 27.58 -8.72
N ALA C 563 20.09 27.02 -7.76
CA ALA C 563 20.58 26.86 -6.36
C ALA C 563 20.47 25.42 -5.89
N PRO C 564 21.27 24.52 -6.50
CA PRO C 564 21.16 23.07 -6.22
C PRO C 564 21.45 22.79 -4.76
N TRP C 565 22.22 23.66 -4.11
CA TRP C 565 22.51 23.54 -2.65
C TRP C 565 21.28 23.75 -1.76
N ALA C 566 20.29 24.49 -2.25
CA ALA C 566 19.19 24.94 -1.40
C ALA C 566 18.11 23.88 -1.18
N SER C 567 18.14 22.80 -1.94
CA SER C 567 17.18 21.72 -1.82
CA SER C 567 17.10 21.81 -1.71
C SER C 567 17.40 20.83 -0.61
N HIS C 568 18.57 20.94 0.05
CA HIS C 568 18.82 20.09 1.25
C HIS C 568 19.38 21.00 2.34
N SER C 569 19.02 20.77 3.61
CA SER C 569 19.58 21.59 4.71
C SER C 569 21.11 21.44 4.85
N VAL C 570 21.58 20.21 4.54
CA VAL C 570 22.97 19.85 4.65
C VAL C 570 23.48 19.17 3.37
N ASN C 571 24.63 19.63 2.86
CA ASN C 571 25.37 19.02 1.75
C ASN C 571 26.83 18.85 2.23
N VAL C 572 27.34 17.62 2.34
CA VAL C 572 28.79 17.43 2.62
C VAL C 572 29.55 16.84 1.41
N VAL C 573 30.60 17.54 0.97
CA VAL C 573 31.40 17.11 -0.19
C VAL C 573 32.91 17.06 0.19
N PRO C 574 33.70 16.29 -0.55
CA PRO C 574 35.18 16.40 -0.38
C PRO C 574 35.73 17.83 -0.55
N TYR C 575 36.72 18.17 0.28
CA TYR C 575 37.45 19.42 0.09
C TYR C 575 38.22 19.37 -1.24
N LYS C 576 38.19 20.44 -2.00
CA LYS C 576 39.23 20.70 -3.00
C LYS C 576 39.44 22.18 -2.97
N ASP C 577 40.61 22.63 -3.43
CA ASP C 577 40.86 24.04 -3.51
C ASP C 577 39.86 24.75 -4.44
N ASN C 578 39.51 25.99 -4.09
CA ASN C 578 38.61 26.78 -4.91
CA ASN C 578 38.58 26.83 -4.85
C ASN C 578 37.19 26.21 -5.02
N ARG C 579 36.71 25.56 -3.96
CA ARG C 579 35.32 25.12 -3.85
C ARG C 579 34.59 26.04 -2.89
N LEU C 580 34.25 27.23 -3.37
CA LEU C 580 33.70 28.27 -2.53
C LEU C 580 32.22 28.45 -2.78
N TYR C 581 31.83 28.64 -4.05
CA TYR C 581 30.58 29.24 -4.43
C TYR C 581 29.62 28.18 -5.02
N PRO C 582 28.61 27.78 -4.23
CA PRO C 582 27.85 26.55 -4.63
C PRO C 582 26.92 26.71 -5.81
N SER C 583 26.67 27.94 -6.24
CA SER C 583 25.83 28.09 -7.45
C SER C 583 26.74 28.47 -8.62
N GLY C 584 28.02 28.19 -8.46
CA GLY C 584 28.97 28.45 -9.56
C GLY C 584 29.74 29.76 -9.38
N ASP C 585 30.83 29.92 -10.12
CA ASP C 585 31.70 31.11 -10.00
C ASP C 585 31.11 32.37 -10.60
N HIS C 586 30.22 32.23 -11.58
CA HIS C 586 29.65 33.36 -12.31
C HIS C 586 28.15 33.14 -12.44
N VAL C 587 27.41 33.73 -11.50
CA VAL C 587 26.05 33.32 -11.22
C VAL C 587 25.00 34.01 -12.13
N PRO C 588 25.11 35.34 -12.33
CA PRO C 588 24.04 35.96 -13.12
C PRO C 588 23.79 35.23 -14.46
N GLN C 589 22.52 34.94 -14.77
CA GLN C 589 22.07 34.47 -16.09
C GLN C 589 22.46 33.04 -16.42
N TRP C 590 23.09 32.35 -15.49
CA TRP C 590 23.18 30.89 -15.61
C TRP C 590 21.78 30.32 -15.57
N SER C 591 21.48 29.41 -16.50
CA SER C 591 20.17 28.78 -16.53
C SER C 591 19.96 27.69 -15.45
N GLY C 592 21.04 27.28 -14.82
CA GLY C 592 20.96 26.16 -13.88
C GLY C 592 21.21 24.80 -14.53
N ASP C 593 21.36 24.78 -15.86
CA ASP C 593 21.81 23.59 -16.58
C ASP C 593 23.32 23.52 -16.61
N GLY C 594 23.83 22.36 -16.21
CA GLY C 594 25.25 22.10 -16.25
C GLY C 594 25.83 21.57 -14.96
N VAL C 595 27.02 20.98 -15.05
CA VAL C 595 27.67 20.36 -13.90
C VAL C 595 28.66 21.36 -13.32
N ARG C 596 28.21 22.20 -12.38
CA ARG C 596 29.07 23.26 -11.83
C ARG C 596 28.62 23.52 -10.38
N GLY C 597 29.43 24.21 -9.57
CA GLY C 597 29.05 24.46 -8.17
C GLY C 597 28.73 23.19 -7.40
N MET C 598 27.74 23.26 -6.51
CA MET C 598 27.34 22.10 -5.70
C MET C 598 27.01 20.91 -6.59
N ARG C 599 26.40 21.15 -7.76
CA ARG C 599 26.08 19.98 -8.60
C ARG C 599 27.33 19.21 -9.03
N GLU C 600 28.37 19.93 -9.44
CA GLU C 600 29.64 19.29 -9.72
C GLU C 600 30.22 18.62 -8.51
N TRP C 601 30.19 19.28 -7.35
CA TRP C 601 30.87 18.72 -6.20
C TRP C 601 30.18 17.44 -5.69
N ILE C 602 28.86 17.37 -5.77
CA ILE C 602 28.12 16.14 -5.42
C ILE C 602 28.48 15.01 -6.43
N GLY C 603 28.67 15.35 -7.69
CA GLY C 603 28.93 14.32 -8.69
C GLY C 603 27.84 13.25 -8.66
N ASP C 604 28.26 11.99 -8.65
CA ASP C 604 27.33 10.90 -8.63
C ASP C 604 27.02 10.45 -7.18
N GLY C 605 27.55 11.20 -6.22
CA GLY C 605 27.18 11.03 -4.82
C GLY C 605 27.99 9.95 -4.14
N SER C 606 28.91 9.33 -4.87
CA SER C 606 29.59 8.12 -4.37
C SER C 606 30.90 8.39 -3.60
N GLU C 607 31.40 9.63 -3.64
CA GLU C 607 32.74 9.88 -3.09
C GLU C 607 32.77 9.89 -1.58
N ASN C 608 33.88 9.45 -1.01
CA ASN C 608 33.97 9.28 0.43
C ASN C 608 34.01 10.62 1.13
N ILE C 609 33.27 10.75 2.22
CA ILE C 609 33.39 11.90 3.09
C ILE C 609 33.63 11.50 4.55
N ASP C 610 34.02 10.25 4.80
CA ASP C 610 34.19 9.77 6.18
C ASP C 610 35.67 9.80 6.49
N ASN C 611 36.06 10.56 7.52
CA ASN C 611 37.44 10.74 7.93
C ASN C 611 38.38 11.22 6.82
N THR C 612 38.15 12.44 6.36
CA THR C 612 38.96 13.03 5.32
C THR C 612 38.80 14.54 5.39
N ASP C 613 39.19 15.24 4.33
CA ASP C 613 39.02 16.68 4.30
C ASP C 613 37.68 16.96 3.65
N ILE C 614 36.76 17.52 4.44
CA ILE C 614 35.40 17.77 3.91
C ILE C 614 35.00 19.25 3.90
N LEU C 615 33.91 19.52 3.18
CA LEU C 615 33.19 20.79 3.24
C LEU C 615 31.69 20.55 3.53
N PHE C 616 31.16 21.34 4.47
CA PHE C 616 29.82 21.17 5.00
C PHE C 616 29.06 22.46 4.67
N PHE C 617 28.09 22.39 3.75
CA PHE C 617 27.31 23.56 3.34
C PHE C 617 25.88 23.42 3.87
N HIS C 618 25.41 24.44 4.59
CA HIS C 618 24.19 24.32 5.38
C HIS C 618 23.24 25.40 4.88
N THR C 619 22.08 24.95 4.39
CA THR C 619 21.01 25.86 3.97
C THR C 619 20.13 26.15 5.16
N PHE C 620 19.93 27.44 5.44
CA PHE C 620 19.04 27.86 6.49
C PHE C 620 18.41 29.16 6.07
N GLY C 621 17.42 29.64 6.82
CA GLY C 621 16.76 30.91 6.44
C GLY C 621 15.33 31.00 6.86
N ILE C 622 14.55 31.83 6.19
CA ILE C 622 13.15 31.96 6.56
C ILE C 622 12.20 31.92 5.35
N THR C 623 10.93 31.56 5.58
CA THR C 623 9.89 31.87 4.60
C THR C 623 9.10 33.12 5.05
N HIS C 624 8.97 34.12 4.20
CA HIS C 624 8.42 35.38 4.60
C HIS C 624 7.05 35.57 3.94
N PHE C 625 5.97 35.55 4.72
CA PHE C 625 4.65 35.96 4.21
C PHE C 625 4.34 37.37 4.70
N PRO C 626 4.38 38.36 3.81
CA PRO C 626 4.45 39.73 4.31
C PRO C 626 3.19 40.14 5.05
N ALA C 627 3.32 41.08 5.99
CA ALA C 627 2.11 41.62 6.66
C ALA C 627 2.25 43.11 6.77
N PRO C 628 1.16 43.82 7.10
CA PRO C 628 1.32 45.30 7.10
C PRO C 628 2.33 45.80 8.16
N GLU C 629 2.61 45.03 9.21
CA GLU C 629 3.67 45.41 10.18
C GLU C 629 5.07 45.57 9.50
N ASP C 630 5.26 44.91 8.35
CA ASP C 630 6.50 44.93 7.62
C ASP C 630 6.70 46.21 6.79
N PHE C 631 5.65 47.01 6.70
CA PHE C 631 5.65 48.13 5.77
C PHE C 631 5.35 49.42 6.55
N PRO C 632 5.78 50.59 6.02
CA PRO C 632 6.67 50.81 4.87
C PRO C 632 8.14 50.43 5.12
N LEU C 633 8.51 50.14 6.37
CA LEU C 633 9.86 49.78 6.73
C LEU C 633 9.73 48.68 7.79
N MET C 634 10.48 47.61 7.62
CA MET C 634 10.21 46.38 8.37
CA MET C 634 10.23 46.36 8.33
CA MET C 634 10.23 46.36 8.32
C MET C 634 11.05 46.24 9.62
N PRO C 635 10.39 45.91 10.76
CA PRO C 635 11.16 45.57 11.97
C PRO C 635 12.09 44.37 11.74
N ALA C 636 13.27 44.38 12.38
CA ALA C 636 14.23 43.27 12.37
C ALA C 636 13.58 41.92 12.59
N GLU C 637 13.84 40.98 11.67
CA GLU C 637 13.41 39.59 11.87
C GLU C 637 14.68 38.76 12.10
N PRO C 638 14.74 37.95 13.18
CA PRO C 638 15.98 37.24 13.51
C PRO C 638 16.04 35.85 12.90
N ILE C 639 17.26 35.44 12.56
CA ILE C 639 17.61 34.08 12.15
C ILE C 639 18.87 33.77 12.96
N THR C 640 18.93 32.54 13.48
CA THR C 640 20.13 32.11 14.17
C THR C 640 20.44 30.63 13.93
N LEU C 641 21.74 30.32 14.09
CA LEU C 641 22.20 28.97 14.18
C LEU C 641 23.43 28.97 15.05
N MET C 642 23.69 27.81 15.64
CA MET C 642 24.77 27.64 16.59
C MET C 642 25.64 26.46 16.20
N LEU C 643 26.92 26.56 16.52
CA LEU C 643 27.84 25.43 16.48
C LEU C 643 28.45 25.25 17.88
N ARG C 644 28.15 24.12 18.52
CA ARG C 644 28.36 23.92 19.98
C ARG C 644 29.40 22.83 20.17
N PRO C 645 30.39 23.04 21.05
CA PRO C 645 31.26 21.92 21.34
C PRO C 645 30.55 20.86 22.15
N ARG C 646 30.62 19.62 21.70
CA ARG C 646 30.04 18.50 22.42
C ARG C 646 31.06 17.38 22.34
N HIS C 647 31.44 16.89 23.51
CA HIS C 647 32.52 15.91 23.69
C HIS C 647 33.87 16.46 23.24
N PHE C 648 33.91 17.75 22.94
CA PHE C 648 35.16 18.37 22.56
C PHE C 648 36.02 18.66 23.80
N PHE C 649 35.39 19.13 24.89
CA PHE C 649 36.10 19.31 26.15
C PHE C 649 35.78 18.18 27.09
N THR C 650 36.50 18.12 28.21
CA THR C 650 36.18 17.17 29.28
C THR C 650 35.34 17.78 30.39
N GLU C 651 35.24 19.11 30.42
CA GLU C 651 34.29 19.77 31.32
C GLU C 651 33.92 21.14 30.78
N ASN C 652 32.90 21.75 31.36
CA ASN C 652 32.63 23.15 31.12
C ASN C 652 33.92 23.97 31.07
N PRO C 653 34.25 24.51 29.89
CA PRO C 653 35.54 25.18 29.72
C PRO C 653 35.51 26.61 30.24
N GLY C 654 34.34 27.09 30.68
CA GLY C 654 34.20 28.47 31.19
C GLY C 654 34.47 28.60 32.70
N LEU C 655 34.73 27.49 33.37
CA LEU C 655 34.77 27.49 34.83
C LEU C 655 35.93 28.29 35.45
N ASP C 656 36.93 28.65 34.64
CA ASP C 656 38.03 29.43 35.15
C ASP C 656 37.84 30.90 34.86
N ILE C 657 36.67 31.29 34.36
CA ILE C 657 36.29 32.71 34.35
C ILE C 657 35.85 33.14 35.76
N GLN C 658 36.42 34.23 36.27
CA GLN C 658 36.11 34.67 37.63
C GLN C 658 34.61 34.92 37.72
N PRO C 659 33.95 34.30 38.71
CA PRO C 659 32.54 34.51 38.99
C PRO C 659 32.19 35.99 39.27
N SER C 660 30.97 36.39 38.88
CA SER C 660 30.33 37.63 39.36
C SER C 660 30.08 37.60 40.86
N TYR C 661 29.71 36.43 41.36
CA TYR C 661 29.47 36.19 42.78
C TYR C 661 29.76 34.73 43.10
N ALA C 662 30.33 34.50 44.27
CA ALA C 662 30.60 33.14 44.72
C ALA C 662 30.73 33.07 46.24
N MET C 663 29.87 32.27 46.87
CA MET C 663 29.99 31.92 48.27
C MET C 663 29.90 30.42 48.43
N THR C 664 30.90 29.82 49.06
CA THR C 664 30.85 28.38 49.37
C THR C 664 29.96 28.06 50.56
N THR C 665 29.78 26.77 50.83
CA THR C 665 28.96 26.35 51.95
C THR C 665 29.64 26.71 53.29
N SER C 666 30.96 26.56 53.33
CA SER C 666 31.74 26.93 54.50
C SER C 666 31.71 28.45 54.73
N GLU C 667 31.92 29.22 53.66
CA GLU C 667 31.87 30.70 53.75
C GLU C 667 30.50 31.18 54.22
N ALA C 668 29.46 30.46 53.82
CA ALA C 668 28.10 30.83 54.14
C ALA C 668 27.82 30.62 55.61
N LYS C 669 28.33 29.50 56.16
CA LYS C 669 28.18 29.12 57.57
C LYS C 669 28.84 30.13 58.50
N ARG C 670 30.01 30.62 58.10
CA ARG C 670 30.80 31.51 58.95
C ARG C 670 30.34 32.97 58.89
N ALA C 671 29.52 33.33 57.92
CA ALA C 671 28.91 34.66 57.90
C ALA C 671 27.60 34.64 58.71
N VAL C 672 27.62 35.17 59.92
CA VAL C 672 26.46 35.10 60.83
C VAL C 672 25.95 33.66 61.04
N PRO D 18 -8.89 41.88 56.33
CA PRO D 18 -7.73 42.72 55.99
C PRO D 18 -8.11 44.09 55.39
N ALA D 19 -7.17 44.70 54.69
CA ALA D 19 -7.49 45.86 53.86
C ALA D 19 -7.32 45.45 52.40
N ARG D 20 -8.02 46.16 51.50
CA ARG D 20 -8.04 45.87 50.06
C ARG D 20 -6.79 46.39 49.31
N PRO D 21 -6.21 45.57 48.40
CA PRO D 21 -5.28 46.12 47.37
C PRO D 21 -5.91 46.85 46.16
N ALA D 22 -5.24 47.90 45.67
CA ALA D 22 -5.59 48.62 44.43
C ALA D 22 -6.21 47.71 43.35
N HIS D 23 -5.39 46.77 42.89
CA HIS D 23 -5.69 45.94 41.72
C HIS D 23 -6.20 44.54 42.06
N PRO D 24 -7.31 44.11 41.44
CA PRO D 24 -7.88 42.78 41.72
C PRO D 24 -6.97 41.56 41.43
N LEU D 25 -5.88 41.74 40.67
CA LEU D 25 -4.98 40.66 40.37
C LEU D 25 -3.73 40.62 41.24
N ASP D 26 -3.56 41.61 42.11
CA ASP D 26 -2.42 41.62 43.05
C ASP D 26 -2.38 40.32 43.85
N PRO D 27 -1.18 39.72 43.99
CA PRO D 27 -1.00 38.55 44.86
C PRO D 27 -1.52 38.87 46.25
N LEU D 28 -1.69 37.88 47.13
CA LEU D 28 -2.17 38.17 48.49
C LEU D 28 -1.10 38.92 49.28
N SER D 29 -1.47 40.00 49.95
CA SER D 29 -0.57 40.63 50.94
C SER D 29 -0.27 39.69 52.13
N THR D 30 0.83 39.94 52.85
CA THR D 30 1.21 39.13 54.02
C THR D 30 0.07 39.15 55.02
N ALA D 31 -0.64 40.29 55.06
CA ALA D 31 -1.74 40.44 56.00
C ALA D 31 -2.94 39.66 55.50
N GLU D 32 -3.13 39.64 54.19
CA GLU D 32 -4.20 38.81 53.61
C GLU D 32 -3.97 37.31 53.81
N ILE D 33 -2.72 36.86 53.72
CA ILE D 33 -2.38 35.47 53.99
C ILE D 33 -2.75 35.12 55.45
N LYS D 34 -2.35 35.99 56.38
CA LYS D 34 -2.69 35.86 57.79
C LYS D 34 -4.20 35.84 58.11
N ALA D 35 -4.96 36.74 57.50
CA ALA D 35 -6.41 36.72 57.68
C ALA D 35 -6.99 35.38 57.20
N ALA D 36 -6.44 34.86 56.11
CA ALA D 36 -6.95 33.65 55.50
C ALA D 36 -6.64 32.42 56.36
N THR D 37 -5.41 32.31 56.86
CA THR D 37 -5.09 31.19 57.71
C THR D 37 -5.80 31.22 59.07
N ASN D 38 -5.99 32.42 59.62
CA ASN D 38 -6.73 32.54 60.89
C ASN D 38 -8.13 31.99 60.72
N THR D 39 -8.77 32.37 59.60
CA THR D 39 -10.12 31.96 59.27
C THR D 39 -10.26 30.44 59.13
N VAL D 40 -9.35 29.83 58.37
CA VAL D 40 -9.30 28.39 58.19
C VAL D 40 -9.10 27.70 59.52
N LYS D 41 -8.06 28.12 60.26
CA LYS D 41 -7.67 27.50 61.54
C LYS D 41 -8.85 27.45 62.50
N SER D 42 -9.58 28.55 62.50
CA SER D 42 -10.74 28.73 63.32
C SER D 42 -11.94 27.93 62.79
N TYR D 43 -12.19 27.92 61.48
CA TYR D 43 -13.18 27.00 60.90
C TYR D 43 -12.89 25.56 61.31
N PHE D 44 -11.62 25.18 61.38
CA PHE D 44 -11.27 23.83 61.78
C PHE D 44 -10.86 23.72 63.26
N ALA D 45 -11.62 24.42 64.11
CA ALA D 45 -11.21 24.65 65.51
C ALA D 45 -11.01 23.33 66.25
N GLY D 46 -9.89 23.25 66.96
CA GLY D 46 -9.47 22.03 67.64
C GLY D 46 -9.18 20.87 66.71
N LYS D 47 -8.54 21.16 65.59
CA LYS D 47 -7.94 20.12 64.76
C LYS D 47 -6.53 20.53 64.44
N LYS D 48 -5.61 19.58 64.54
CA LYS D 48 -4.23 19.86 64.17
C LYS D 48 -4.11 19.83 62.63
N ILE D 49 -4.24 21.00 62.03
CA ILE D 49 -4.02 21.14 60.60
C ILE D 49 -2.70 21.84 60.30
N SER D 50 -2.19 21.66 59.10
CA SER D 50 -1.00 22.36 58.65
C SER D 50 -1.27 22.90 57.24
N PHE D 51 -0.53 23.93 56.83
CA PHE D 51 -0.84 24.64 55.61
C PHE D 51 0.13 24.28 54.51
N ASN D 52 -0.42 23.86 53.37
CA ASN D 52 0.31 23.55 52.16
C ASN D 52 0.35 24.76 51.20
N THR D 53 -0.78 25.43 51.02
CA THR D 53 -0.90 26.41 49.96
C THR D 53 -1.90 27.48 50.43
N VAL D 54 -1.52 28.74 50.31
CA VAL D 54 -2.45 29.85 50.48
C VAL D 54 -2.07 30.92 49.44
N THR D 55 -3.01 31.23 48.58
CA THR D 55 -2.71 31.96 47.36
C THR D 55 -3.99 32.60 46.87
N LEU D 56 -3.85 33.69 46.11
CA LEU D 56 -4.98 34.31 45.45
C LEU D 56 -5.76 33.31 44.60
N ARG D 57 -7.08 33.31 44.77
CA ARG D 57 -8.01 32.82 43.76
C ARG D 57 -8.39 34.02 42.90
N GLU D 58 -7.85 34.08 41.68
CA GLU D 58 -8.10 35.18 40.77
C GLU D 58 -9.59 35.30 40.44
N PRO D 59 -10.09 36.53 40.25
CA PRO D 59 -11.50 36.74 39.92
C PRO D 59 -11.94 36.01 38.67
N ALA D 60 -13.23 35.73 38.53
CA ALA D 60 -13.73 35.21 37.25
C ALA D 60 -13.31 36.16 36.10
N ARG D 61 -12.89 35.59 34.98
CA ARG D 61 -12.50 36.38 33.81
C ARG D 61 -13.56 37.43 33.42
N LYS D 62 -14.81 36.99 33.41
CA LYS D 62 -15.90 37.86 33.03
C LYS D 62 -16.07 38.97 34.06
N ALA D 63 -16.01 38.63 35.34
CA ALA D 63 -16.16 39.64 36.37
C ALA D 63 -15.00 40.66 36.33
N TYR D 64 -13.78 40.17 36.04
CA TYR D 64 -12.62 41.04 35.93
C TYR D 64 -12.82 42.03 34.81
N ILE D 65 -13.17 41.53 33.64
CA ILE D 65 -13.36 42.40 32.50
C ILE D 65 -14.51 43.40 32.76
N GLN D 66 -15.56 42.96 33.44
CA GLN D 66 -16.73 43.82 33.68
C GLN D 66 -16.30 44.96 34.57
N TRP D 67 -15.51 44.66 35.60
CA TRP D 67 -14.93 45.71 36.45
C TRP D 67 -14.03 46.66 35.68
N LYS D 68 -13.13 46.09 34.90
CA LYS D 68 -12.11 46.86 34.20
C LYS D 68 -12.75 47.79 33.16
N GLU D 69 -13.81 47.35 32.51
CA GLU D 69 -14.26 48.06 31.30
C GLU D 69 -15.73 48.46 31.28
N GLN D 70 -16.54 47.89 32.16
CA GLN D 70 -18.00 48.03 32.10
C GLN D 70 -18.55 48.62 33.41
N GLY D 71 -17.67 49.32 34.14
CA GLY D 71 -18.00 49.96 35.41
C GLY D 71 -18.50 49.03 36.50
N GLY D 72 -18.38 47.72 36.28
CA GLY D 72 -18.83 46.71 37.23
C GLY D 72 -18.07 46.73 38.54
N PRO D 73 -18.47 45.87 39.47
CA PRO D 73 -17.95 45.93 40.83
C PRO D 73 -16.61 45.20 41.02
N LEU D 74 -15.78 45.74 41.91
CA LEU D 74 -14.56 45.09 42.38
C LEU D 74 -14.83 43.65 42.80
N PRO D 75 -14.27 42.68 42.07
CA PRO D 75 -14.58 41.32 42.45
C PRO D 75 -14.18 41.08 43.90
N PRO D 76 -14.93 40.20 44.61
CA PRO D 76 -14.55 39.86 45.98
C PRO D 76 -13.10 39.37 46.06
N ARG D 77 -12.41 39.73 47.11
CA ARG D 77 -11.08 39.24 47.28
C ARG D 77 -11.07 37.83 47.90
N LEU D 78 -10.55 36.83 47.16
CA LEU D 78 -10.65 35.43 47.58
C LEU D 78 -9.28 34.75 47.72
N ALA D 79 -9.14 33.90 48.72
CA ALA D 79 -7.93 33.12 48.87
C ALA D 79 -8.27 31.63 48.80
N TYR D 80 -7.49 30.90 47.99
CA TYR D 80 -7.56 29.44 47.87
C TYR D 80 -6.56 28.84 48.83
N TYR D 81 -6.98 27.78 49.52
CA TYR D 81 -6.08 27.14 50.47
C TYR D 81 -6.05 25.62 50.34
N VAL D 82 -4.94 25.03 50.72
CA VAL D 82 -4.81 23.59 50.79
C VAL D 82 -4.19 23.27 52.15
N ILE D 83 -4.78 22.32 52.86
CA ILE D 83 -4.29 21.90 54.17
C ILE D 83 -4.23 20.39 54.30
N LEU D 84 -3.31 19.93 55.13
CA LEU D 84 -3.28 18.57 55.65
C LEU D 84 -3.86 18.57 57.07
N GLU D 85 -4.50 17.48 57.47
CA GLU D 85 -4.81 17.25 58.87
C GLU D 85 -4.15 15.96 59.36
N ALA D 86 -3.46 16.01 60.51
CA ALA D 86 -2.82 14.81 61.06
C ALA D 86 -3.78 13.64 61.10
N GLY D 87 -3.36 12.48 60.59
CA GLY D 87 -4.17 11.24 60.65
C GLY D 87 -5.35 11.25 59.68
N LYS D 88 -5.33 12.16 58.71
CA LYS D 88 -6.36 12.17 57.68
C LYS D 88 -5.69 12.05 56.30
N PRO D 89 -6.12 11.08 55.48
CA PRO D 89 -5.51 10.90 54.15
C PRO D 89 -5.77 12.09 53.20
N GLY D 90 -4.76 12.44 52.41
CA GLY D 90 -4.88 13.44 51.37
C GLY D 90 -4.95 14.87 51.86
N VAL D 91 -5.87 15.65 51.34
CA VAL D 91 -5.87 17.06 51.67
C VAL D 91 -7.26 17.57 51.88
N LYS D 92 -7.40 18.79 52.40
CA LYS D 92 -8.62 19.58 52.20
C LYS D 92 -8.30 20.88 51.52
N GLU D 93 -9.26 21.43 50.78
CA GLU D 93 -9.02 22.66 50.04
C GLU D 93 -10.30 23.49 50.12
N GLY D 94 -10.19 24.79 49.96
CA GLY D 94 -11.37 25.62 49.75
C GLY D 94 -11.02 27.06 49.49
N LEU D 95 -12.02 27.93 49.60
CA LEU D 95 -11.89 29.37 49.44
C LEU D 95 -12.31 30.09 50.71
N VAL D 96 -11.50 31.06 51.12
CA VAL D 96 -11.89 32.01 52.14
C VAL D 96 -12.32 33.31 51.47
N ASP D 97 -13.51 33.80 51.81
CA ASP D 97 -13.90 35.17 51.46
C ASP D 97 -13.32 36.16 52.45
N LEU D 98 -12.40 37.00 52.00
CA LEU D 98 -11.52 37.73 52.92
C LEU D 98 -12.20 38.90 53.63
N ALA D 99 -13.05 39.63 52.90
CA ALA D 99 -13.74 40.76 53.48
C ALA D 99 -14.59 40.30 54.67
N SER D 100 -15.23 39.14 54.55
CA SER D 100 -16.13 38.62 55.58
C SER D 100 -15.47 37.59 56.49
N LEU D 101 -14.15 37.50 56.39
CA LEU D 101 -13.36 36.49 57.10
C LEU D 101 -14.07 35.14 57.30
N SER D 102 -14.65 34.60 56.24
CA SER D 102 -15.28 33.29 56.36
C SER D 102 -14.86 32.30 55.28
N VAL D 103 -15.00 31.02 55.61
CA VAL D 103 -14.78 29.93 54.67
C VAL D 103 -16.05 29.71 53.86
N ILE D 104 -15.94 29.82 52.52
CA ILE D 104 -17.14 29.85 51.71
C ILE D 104 -17.26 28.61 50.86
N GLU D 105 -16.21 27.79 50.86
CA GLU D 105 -16.15 26.64 50.00
C GLU D 105 -15.10 25.70 50.54
N THR D 106 -15.42 24.43 50.69
CA THR D 106 -14.48 23.50 51.24
C THR D 106 -14.82 22.10 50.87
N ARG D 107 -13.82 21.35 50.42
CA ARG D 107 -14.00 19.92 50.17
C ARG D 107 -12.77 19.13 50.57
N ALA D 108 -13.02 17.90 50.98
CA ALA D 108 -12.00 16.94 51.32
C ALA D 108 -11.64 16.13 50.06
N LEU D 109 -10.33 15.91 49.89
CA LEU D 109 -9.80 15.17 48.74
C LEU D 109 -8.87 14.07 49.26
N GLU D 110 -9.43 12.89 49.47
CA GLU D 110 -8.71 11.88 50.26
C GLU D 110 -7.67 11.11 49.46
N THR D 111 -7.74 11.19 48.13
CA THR D 111 -6.91 10.34 47.28
C THR D 111 -6.00 11.16 46.34
N VAL D 112 -5.68 12.38 46.74
CA VAL D 112 -4.65 13.18 46.03
C VAL D 112 -3.49 13.52 46.96
N GLN D 113 -2.35 13.88 46.39
CA GLN D 113 -1.27 14.46 47.18
C GLN D 113 -0.88 15.82 46.63
N PRO D 114 -0.53 16.77 47.51
CA PRO D 114 -0.34 18.12 47.00
C PRO D 114 1.13 18.46 46.72
N ILE D 115 1.33 19.63 46.13
CA ILE D 115 2.64 20.17 45.80
C ILE D 115 3.58 20.11 47.04
N LEU D 116 4.82 19.68 46.87
CA LEU D 116 5.75 19.59 48.00
C LEU D 116 6.37 20.96 48.27
N THR D 117 6.19 21.49 49.48
CA THR D 117 6.71 22.81 49.88
C THR D 117 8.18 22.71 50.28
N VAL D 118 8.86 23.86 50.44
CA VAL D 118 10.22 23.85 51.00
C VAL D 118 10.26 23.11 52.36
N GLU D 119 9.27 23.35 53.21
CA GLU D 119 9.21 22.64 54.50
C GLU D 119 9.06 21.12 54.42
N ASP D 120 8.15 20.64 53.57
CA ASP D 120 8.01 19.20 53.25
C ASP D 120 9.33 18.56 52.81
N LEU D 121 10.09 19.27 52.01
CA LEU D 121 11.30 18.73 51.47
C LEU D 121 12.48 18.75 52.43
N CYS D 122 12.48 19.69 53.37
CA CYS D 122 13.72 20.04 54.02
CA CYS D 122 13.64 20.14 54.16
C CYS D 122 14.16 19.08 55.11
N SER D 123 13.24 18.31 55.69
CA SER D 123 13.61 17.38 56.75
C SER D 123 14.04 16.03 56.22
N THR D 124 13.84 15.81 54.92
CA THR D 124 14.06 14.48 54.34
C THR D 124 15.51 13.99 54.53
N GLU D 125 16.47 14.89 54.29
CA GLU D 125 17.90 14.59 54.47
C GLU D 125 18.27 13.99 55.85
N GLU D 126 17.81 14.66 56.92
CA GLU D 126 18.01 14.17 58.29
C GLU D 126 17.31 12.83 58.54
N VAL D 127 16.12 12.66 57.98
CA VAL D 127 15.44 11.37 58.09
C VAL D 127 16.31 10.23 57.53
N ILE D 128 16.90 10.42 56.35
CA ILE D 128 17.67 9.34 55.78
C ILE D 128 19.00 9.13 56.51
N ARG D 129 19.62 10.22 56.95
CA ARG D 129 20.87 10.12 57.73
C ARG D 129 20.70 9.34 59.06
N ASN D 130 19.50 9.37 59.64
CA ASN D 130 19.20 8.75 60.93
C ASN D 130 18.51 7.39 60.82
N ASP D 131 18.41 6.89 59.59
CA ASP D 131 17.69 5.66 59.38
C ASP D 131 18.59 4.43 59.31
N PRO D 132 18.32 3.42 60.16
CA PRO D 132 19.20 2.25 60.22
C PRO D 132 19.33 1.48 58.91
N ALA D 133 18.26 1.34 58.12
CA ALA D 133 18.42 0.64 56.84
C ALA D 133 19.29 1.45 55.89
N VAL D 134 19.08 2.77 55.89
CA VAL D 134 19.84 3.62 54.99
C VAL D 134 21.29 3.58 55.40
N ILE D 135 21.51 3.69 56.71
CA ILE D 135 22.87 3.66 57.25
C ILE D 135 23.59 2.39 56.81
N GLU D 136 22.90 1.27 56.86
CA GLU D 136 23.52 0.03 56.43
C GLU D 136 23.84 0.00 54.94
N GLN D 137 22.96 0.55 54.10
CA GLN D 137 23.28 0.65 52.68
C GLN D 137 24.48 1.57 52.44
N CYS D 138 24.58 2.63 53.21
CA CYS D 138 25.77 3.46 53.20
C CYS D 138 27.03 2.69 53.52
N VAL D 139 26.99 1.88 54.58
CA VAL D 139 28.13 1.06 54.97
C VAL D 139 28.46 0.03 53.88
N LEU D 140 27.44 -0.63 53.33
CA LEU D 140 27.70 -1.55 52.21
C LEU D 140 28.29 -0.85 50.99
N SER D 141 28.04 0.46 50.89
CA SER D 141 28.45 1.26 49.73
C SER D 141 29.85 1.82 49.91
N GLY D 142 30.40 1.65 51.10
CA GLY D 142 31.79 1.99 51.36
C GLY D 142 31.89 3.28 52.11
N ILE D 143 30.80 3.68 52.77
CA ILE D 143 30.87 4.81 53.65
C ILE D 143 30.51 4.48 55.11
N PRO D 144 31.49 4.67 56.03
CA PRO D 144 31.36 4.22 57.41
C PRO D 144 30.19 4.88 58.11
N ALA D 145 29.58 4.13 59.02
CA ALA D 145 28.40 4.60 59.76
C ALA D 145 28.60 5.94 60.47
N ASN D 146 29.77 6.13 61.07
CA ASN D 146 30.07 7.40 61.76
C ASN D 146 30.43 8.54 60.79
N GLU D 147 30.25 8.31 59.49
CA GLU D 147 30.40 9.39 58.51
C GLU D 147 29.09 9.80 57.83
N MET D 148 27.96 9.55 58.50
CA MET D 148 26.67 9.81 57.88
C MET D 148 26.45 11.27 57.53
N HIS D 149 27.14 12.17 58.25
CA HIS D 149 27.02 13.61 58.02
C HIS D 149 27.53 14.04 56.64
N LYS D 150 28.29 13.15 55.99
CA LYS D 150 28.80 13.32 54.62
C LYS D 150 27.83 12.84 53.50
N VAL D 151 26.72 12.22 53.89
CA VAL D 151 25.76 11.69 52.94
C VAL D 151 24.66 12.69 52.76
N TYR D 152 24.24 12.89 51.51
CA TYR D 152 23.30 13.94 51.16
C TYR D 152 22.20 13.35 50.26
N CYS D 153 21.08 14.01 50.15
CA CYS D 153 20.11 13.58 49.17
C CYS D 153 19.33 14.74 48.66
N ASP D 154 18.95 14.65 47.39
CA ASP D 154 17.96 15.56 46.81
C ASP D 154 16.61 14.91 46.91
N PRO D 155 15.69 15.55 47.66
CA PRO D 155 14.41 14.90 47.91
C PRO D 155 13.44 15.26 46.79
N TRP D 156 12.95 14.24 46.10
CA TRP D 156 12.01 14.45 44.99
C TRP D 156 10.70 13.89 45.47
N THR D 157 9.59 14.38 44.93
CA THR D 157 8.40 13.51 44.94
C THR D 157 8.78 12.16 44.33
N ILE D 158 8.22 11.11 44.89
CA ILE D 158 8.24 9.79 44.27
C ILE D 158 7.65 9.86 42.83
N GLY D 159 6.93 10.93 42.54
CA GLY D 159 6.35 11.09 41.21
C GLY D 159 5.17 10.16 41.03
N TYR D 160 5.43 8.88 40.76
CA TYR D 160 4.40 7.85 40.85
C TYR D 160 5.06 6.50 40.98
N ASP D 161 4.61 5.74 41.97
CA ASP D 161 4.98 4.34 42.13
C ASP D 161 3.69 3.55 42.40
N GLU D 162 3.40 2.64 41.46
CA GLU D 162 2.25 1.78 41.51
C GLU D 162 2.19 0.90 42.79
N ARG D 163 3.27 0.86 43.56
CA ARG D 163 3.21 0.08 44.81
C ARG D 163 2.37 0.83 45.86
N TRP D 164 2.23 2.15 45.73
CA TRP D 164 1.60 2.95 46.79
C TRP D 164 0.50 3.89 46.34
N GLY D 165 0.38 4.17 45.04
CA GLY D 165 -0.65 5.10 44.55
C GLY D 165 -0.54 6.42 45.31
N THR D 166 -1.67 6.91 45.82
CA THR D 166 -1.65 8.16 46.59
C THR D 166 -1.93 7.81 48.04
N GLY D 167 -1.76 6.54 48.42
CA GLY D 167 -2.21 6.05 49.74
C GLY D 167 -1.33 6.50 50.89
N LYS D 168 -0.10 6.88 50.59
CA LYS D 168 0.77 7.57 51.54
C LYS D 168 1.39 8.71 50.74
N ARG D 169 1.77 9.81 51.42
CA ARG D 169 2.49 10.89 50.75
C ARG D 169 3.96 10.56 50.78
N LEU D 170 4.60 10.44 49.61
CA LEU D 170 5.95 9.88 49.51
C LEU D 170 6.98 10.76 48.78
N GLN D 171 8.23 10.64 49.23
CA GLN D 171 9.37 11.19 48.52
C GLN D 171 10.30 10.06 48.21
N GLN D 172 11.08 10.28 47.16
CA GLN D 172 12.21 9.44 46.85
C GLN D 172 13.44 10.31 47.08
N ALA D 173 14.46 9.74 47.68
CA ALA D 173 15.65 10.50 47.99
C ALA D 173 16.73 10.06 47.04
N LEU D 174 17.20 10.97 46.19
CA LEU D 174 18.35 10.63 45.36
C LEU D 174 19.61 10.96 46.17
N VAL D 175 20.43 9.94 46.37
CA VAL D 175 21.47 9.97 47.38
C VAL D 175 22.85 10.27 46.77
N TYR D 176 23.55 11.23 47.36
CA TYR D 176 24.91 11.61 46.94
C TYR D 176 25.82 11.71 48.15
N TYR D 177 27.11 11.95 47.89
CA TYR D 177 28.16 11.93 48.90
C TYR D 177 29.12 13.12 48.72
N ARG D 178 29.44 13.80 49.82
CA ARG D 178 30.37 14.91 49.81
C ARG D 178 31.61 14.61 50.65
N SER D 179 32.81 14.73 50.08
CA SER D 179 34.05 14.58 50.87
C SER D 179 34.18 15.74 51.84
N ASP D 180 33.74 16.88 51.35
CA ASP D 180 33.85 18.13 52.05
C ASP D 180 32.59 18.94 51.72
N GLU D 181 32.05 19.60 52.72
CA GLU D 181 30.79 20.28 52.58
C GLU D 181 30.74 21.23 51.39
N ASP D 182 31.90 21.69 50.93
CA ASP D 182 31.96 22.69 49.88
C ASP D 182 31.98 22.03 48.50
N ASP D 183 32.18 20.72 48.46
CA ASP D 183 32.07 19.89 47.26
C ASP D 183 30.73 20.06 46.52
N SER D 184 30.77 19.90 45.20
CA SER D 184 29.57 19.58 44.46
C SER D 184 29.37 18.07 44.46
N GLN D 185 28.26 17.65 45.07
CA GLN D 185 27.99 16.25 45.36
C GLN D 185 27.74 15.39 44.13
N TYR D 186 27.40 16.03 43.01
CA TYR D 186 26.84 15.30 41.87
C TYR D 186 27.85 14.40 41.15
N SER D 187 29.13 14.59 41.44
CA SER D 187 30.16 13.64 41.06
C SER D 187 30.04 12.28 41.77
N HIS D 188 29.29 12.21 42.87
CA HIS D 188 29.34 11.02 43.71
C HIS D 188 27.95 10.52 44.17
N PRO D 189 27.07 10.16 43.21
CA PRO D 189 25.82 9.53 43.59
C PRO D 189 26.05 8.17 44.21
N LEU D 190 25.15 7.76 45.10
CA LEU D 190 25.09 6.36 45.53
C LEU D 190 24.07 5.52 44.74
N ASP D 191 24.11 4.20 44.94
CA ASP D 191 23.43 3.28 44.05
C ASP D 191 21.97 3.02 44.39
N PHE D 192 21.52 3.47 45.55
CA PHE D 192 20.23 3.06 46.07
C PHE D 192 19.30 4.25 46.28
N CYS D 193 18.00 3.95 46.42
CA CYS D 193 16.98 5.01 46.48
C CYS D 193 15.98 4.79 47.59
N PRO D 194 16.14 5.53 48.71
CA PRO D 194 15.19 5.44 49.83
C PRO D 194 13.85 6.11 49.52
N ILE D 195 12.79 5.44 49.92
CA ILE D 195 11.46 5.96 49.83
C ILE D 195 11.05 6.40 51.22
N VAL D 196 10.56 7.64 51.31
CA VAL D 196 10.28 8.33 52.56
C VAL D 196 8.81 8.80 52.67
N ASP D 197 8.12 8.33 53.71
CA ASP D 197 6.79 8.83 54.06
C ASP D 197 6.83 10.25 54.65
N THR D 198 6.22 11.22 53.96
CA THR D 198 6.44 12.64 54.26
C THR D 198 5.82 13.08 55.59
N GLU D 199 4.69 12.48 55.95
CA GLU D 199 4.00 12.81 57.20
C GLU D 199 4.52 12.06 58.44
N GLU D 200 4.91 10.79 58.26
CA GLU D 200 5.51 10.01 59.37
C GLU D 200 6.99 10.36 59.63
N LYS D 201 7.65 10.98 58.66
CA LYS D 201 9.09 11.20 58.71
C LYS D 201 9.84 9.90 58.92
N LYS D 202 9.48 8.86 58.17
CA LYS D 202 10.30 7.66 58.18
C LYS D 202 10.51 6.99 56.83
N VAL D 203 11.64 6.28 56.72
CA VAL D 203 11.94 5.52 55.53
C VAL D 203 11.11 4.25 55.53
N ILE D 204 10.38 4.00 54.44
CA ILE D 204 9.49 2.83 54.41
C ILE D 204 9.97 1.77 53.46
N PHE D 205 10.90 2.14 52.57
CA PHE D 205 11.45 1.20 51.60
C PHE D 205 12.77 1.73 51.04
N ILE D 206 13.66 0.83 50.61
CA ILE D 206 14.79 1.24 49.80
C ILE D 206 14.89 0.42 48.54
N ASP D 207 14.83 1.07 47.38
CA ASP D 207 15.11 0.41 46.12
C ASP D 207 16.58 0.11 45.99
N ILE D 208 16.90 -1.16 45.81
CA ILE D 208 18.28 -1.58 45.77
C ILE D 208 18.52 -2.29 44.47
N PRO D 209 19.53 -1.86 43.71
CA PRO D 209 19.73 -2.49 42.40
C PRO D 209 20.38 -3.88 42.55
N ASN D 210 20.20 -4.72 41.52
CA ASN D 210 20.76 -6.08 41.45
C ASN D 210 22.28 -6.12 41.49
N ARG D 211 22.89 -5.30 40.64
CA ARG D 211 24.32 -5.08 40.68
C ARG D 211 24.61 -3.89 41.61
N ARG D 212 25.28 -4.14 42.73
CA ARG D 212 25.74 -3.05 43.63
C ARG D 212 26.92 -2.25 43.02
N ARG D 213 26.98 -0.93 43.27
CA ARG D 213 28.15 -0.12 42.93
C ARG D 213 28.52 0.77 44.12
N LYS D 214 29.75 0.60 44.62
CA LYS D 214 30.15 1.30 45.83
C LYS D 214 30.56 2.72 45.44
N VAL D 215 30.55 3.60 46.43
CA VAL D 215 30.82 5.00 46.21
C VAL D 215 32.09 5.21 45.38
N SER D 216 32.08 6.23 44.54
CA SER D 216 33.25 6.54 43.74
C SER D 216 34.42 7.00 44.62
N LYS D 217 35.63 6.58 44.26
CA LYS D 217 36.86 6.97 44.98
C LYS D 217 37.63 8.11 44.33
N HIS D 218 37.18 8.56 43.13
CA HIS D 218 37.74 9.74 42.47
C HIS D 218 37.49 11.01 43.26
N LYS D 219 38.32 12.03 43.03
CA LYS D 219 38.08 13.36 43.57
C LYS D 219 36.72 13.86 43.09
N HIS D 220 36.14 14.81 43.83
CA HIS D 220 34.92 15.46 43.44
C HIS D 220 35.16 16.41 42.26
N ALA D 221 34.17 16.46 41.36
CA ALA D 221 34.21 17.37 40.23
C ALA D 221 33.75 18.80 40.62
N ASN D 222 34.66 19.64 41.06
CA ASN D 222 34.23 20.88 41.71
C ASN D 222 34.41 22.11 40.83
N PHE D 223 33.92 23.25 41.28
CA PHE D 223 33.81 24.39 40.35
C PHE D 223 33.98 25.80 40.93
N TYR D 224 34.13 25.94 42.25
CA TYR D 224 34.48 27.23 42.83
C TYR D 224 35.90 27.67 42.45
N PRO D 225 36.18 28.99 42.49
CA PRO D 225 37.54 29.40 42.12
C PRO D 225 38.63 28.63 42.87
N LYS D 226 38.46 28.43 44.18
CA LYS D 226 39.44 27.64 44.93
C LYS D 226 39.65 26.23 44.38
N HIS D 227 38.59 25.60 43.84
CA HIS D 227 38.73 24.27 43.27
C HIS D 227 39.45 24.32 41.95
N MET D 228 39.15 25.37 41.20
CA MET D 228 39.66 25.52 39.86
C MET D 228 41.17 25.83 39.87
N ILE D 229 41.60 26.60 40.86
CA ILE D 229 43.04 26.89 41.03
C ILE D 229 43.81 25.58 41.17
N GLU D 230 43.36 24.74 42.09
CA GLU D 230 43.92 23.40 42.25
C GLU D 230 43.86 22.61 40.97
N LYS D 231 42.78 22.75 40.21
CA LYS D 231 42.55 21.84 39.08
C LYS D 231 43.35 22.26 37.84
N VAL D 232 43.34 23.54 37.50
CA VAL D 232 44.01 23.99 36.28
C VAL D 232 45.14 25.01 36.52
N GLY D 233 45.46 25.27 37.79
CA GLY D 233 46.59 26.10 38.16
C GLY D 233 46.19 27.48 38.65
N ALA D 234 45.23 28.10 37.98
CA ALA D 234 44.91 29.51 38.21
C ALA D 234 43.63 29.88 37.50
N MET D 235 42.87 30.82 38.08
CA MET D 235 41.80 31.50 37.35
C MET D 235 42.35 32.41 36.26
N ARG D 236 41.52 32.70 35.25
CA ARG D 236 41.70 33.83 34.36
C ARG D 236 41.65 35.16 35.14
N PRO D 237 42.43 36.15 34.70
CA PRO D 237 42.34 37.49 35.29
C PRO D 237 40.94 38.12 35.16
N GLU D 238 40.56 38.94 36.14
CA GLU D 238 39.36 39.78 36.04
C GLU D 238 39.38 40.47 34.67
N ALA D 239 38.25 40.46 33.98
CA ALA D 239 38.17 41.11 32.67
C ALA D 239 37.82 42.59 32.83
N PRO D 240 38.34 43.43 31.92
CA PRO D 240 37.93 44.83 31.93
C PRO D 240 36.41 44.94 31.99
N PRO D 241 35.88 45.71 32.96
CA PRO D 241 34.43 45.71 33.19
C PRO D 241 33.64 46.30 32.02
N ILE D 242 32.41 45.84 31.84
CA ILE D 242 31.47 46.46 30.91
C ILE D 242 30.36 47.06 31.74
N ASN D 243 30.16 48.36 31.58
CA ASN D 243 29.31 49.12 32.50
C ASN D 243 28.06 49.63 31.85
N VAL D 244 26.94 49.44 32.53
CA VAL D 244 25.66 49.93 32.05
C VAL D 244 25.03 50.89 33.04
N THR D 245 24.78 52.11 32.58
CA THR D 245 24.23 53.14 33.45
C THR D 245 23.01 53.71 32.78
N GLN D 246 22.01 54.08 33.57
CA GLN D 246 20.95 54.94 33.05
C GLN D 246 20.81 56.22 33.88
N PRO D 247 21.57 57.29 33.51
CA PRO D 247 21.63 58.52 34.32
C PRO D 247 20.31 59.29 34.45
N GLU D 248 19.47 59.25 33.41
CA GLU D 248 18.11 59.84 33.47
C GLU D 248 17.04 58.85 33.89
N GLY D 249 17.43 57.71 34.44
CA GLY D 249 16.44 56.70 34.84
C GLY D 249 15.96 55.82 33.69
N VAL D 250 14.86 55.13 33.96
CA VAL D 250 14.27 54.14 33.05
C VAL D 250 13.08 54.74 32.29
N SER D 251 12.72 54.19 31.14
CA SER D 251 11.53 54.67 30.45
C SER D 251 10.23 53.97 30.84
N PHE D 252 10.29 52.92 31.65
CA PHE D 252 9.07 52.30 32.12
C PHE D 252 8.55 52.95 33.41
N LYS D 253 7.25 52.84 33.63
CA LYS D 253 6.59 53.40 34.79
C LYS D 253 5.80 52.27 35.46
N MET D 254 6.02 52.07 36.76
CA MET D 254 5.23 51.10 37.54
C MET D 254 4.29 51.78 38.52
N THR D 255 3.02 51.36 38.52
CA THR D 255 2.06 51.73 39.55
C THR D 255 1.60 50.45 40.26
N GLY D 256 2.09 50.25 41.47
CA GLY D 256 1.97 48.96 42.12
C GLY D 256 2.55 47.86 41.23
N ASN D 257 1.69 46.96 40.80
CA ASN D 257 2.10 45.86 39.93
C ASN D 257 1.83 46.12 38.46
N VAL D 258 1.21 47.26 38.15
CA VAL D 258 0.90 47.59 36.77
C VAL D 258 2.14 48.17 36.05
N MET D 259 2.52 47.53 34.93
CA MET D 259 3.60 48.03 34.08
C MET D 259 3.09 48.86 32.90
N GLU D 260 3.72 50.01 32.66
CA GLU D 260 3.59 50.73 31.38
C GLU D 260 4.95 50.96 30.73
N TRP D 261 5.04 50.56 29.46
CA TRP D 261 6.28 50.62 28.72
C TRP D 261 6.00 50.55 27.23
N SER D 262 6.59 51.50 26.50
CA SER D 262 6.50 51.56 25.03
CA SER D 262 6.50 51.56 25.03
C SER D 262 5.11 51.12 24.55
N ASN D 263 4.07 51.74 25.10
CA ASN D 263 2.69 51.51 24.69
C ASN D 263 2.08 50.23 25.22
N PHE D 264 2.91 49.34 25.78
CA PHE D 264 2.37 48.19 26.48
C PHE D 264 1.88 48.60 27.88
N LYS D 265 0.75 48.03 28.28
CA LYS D 265 0.27 48.10 29.65
C LYS D 265 -0.17 46.69 30.06
N PHE D 266 0.28 46.24 31.21
CA PHE D 266 -0.08 44.91 31.69
C PHE D 266 0.11 44.84 33.21
N HIS D 267 -0.38 43.76 33.83
CA HIS D 267 -0.21 43.57 35.28
C HIS D 267 0.75 42.40 35.54
N ILE D 268 1.71 42.60 36.44
CA ILE D 268 2.69 41.56 36.80
C ILE D 268 2.33 40.90 38.15
N GLY D 269 1.77 39.71 38.06
CA GLY D 269 1.47 38.90 39.24
C GLY D 269 2.52 37.82 39.45
N PHE D 270 2.36 37.10 40.56
CA PHE D 270 3.27 36.06 40.97
C PHE D 270 2.51 35.10 41.88
N ASN D 271 2.72 33.81 41.71
CA ASN D 271 2.20 32.89 42.69
C ASN D 271 3.16 31.75 42.88
N TYR D 272 2.86 30.93 43.87
CA TYR D 272 3.74 29.86 44.34
C TYR D 272 4.05 28.82 43.28
N ARG D 273 3.17 28.73 42.28
CA ARG D 273 3.18 27.58 41.39
C ARG D 273 3.73 27.96 40.00
N GLU D 274 3.13 28.96 39.35
CA GLU D 274 3.54 29.39 38.02
C GLU D 274 4.71 30.35 38.08
N GLY D 275 4.98 30.90 39.27
CA GLY D 275 5.90 32.05 39.41
C GLY D 275 5.24 33.24 38.73
N ILE D 276 5.97 33.91 37.83
CA ILE D 276 5.40 35.04 37.08
C ILE D 276 4.12 34.75 36.27
N VAL D 277 3.12 35.62 36.46
CA VAL D 277 1.88 35.63 35.69
C VAL D 277 1.62 37.02 35.12
N LEU D 278 1.57 37.12 33.79
CA LEU D 278 1.35 38.40 33.13
C LEU D 278 -0.12 38.51 32.73
N SER D 279 -0.78 39.58 33.15
CA SER D 279 -2.22 39.74 32.92
C SER D 279 -2.62 41.02 32.21
N ASP D 280 -3.78 40.99 31.58
CA ASP D 280 -4.45 42.18 31.13
C ASP D 280 -3.52 43.01 30.25
N VAL D 281 -2.94 42.34 29.25
CA VAL D 281 -1.93 42.93 28.40
C VAL D 281 -2.61 43.62 27.24
N SER D 282 -2.40 44.93 27.16
CA SER D 282 -2.89 45.72 26.05
C SER D 282 -1.75 46.53 25.40
N TYR D 283 -2.06 47.11 24.24
CA TYR D 283 -1.13 47.97 23.53
C TYR D 283 -1.87 49.26 23.11
N ASN D 284 -1.26 50.38 23.40
CA ASN D 284 -1.86 51.66 23.07
C ASN D 284 -1.49 52.09 21.64
N ASP D 285 -2.41 51.90 20.70
CA ASP D 285 -2.19 52.12 19.27
C ASP D 285 -2.66 53.54 18.95
N HIS D 286 -1.78 54.51 19.19
CA HIS D 286 -2.08 55.94 18.98
C HIS D 286 -3.41 56.40 19.54
N GLY D 287 -3.65 56.05 20.81
CA GLY D 287 -4.89 56.45 21.48
C GLY D 287 -5.92 55.33 21.56
N ASN D 288 -5.87 54.38 20.64
CA ASN D 288 -6.78 53.25 20.69
C ASN D 288 -6.16 52.10 21.48
N VAL D 289 -6.61 51.92 22.72
CA VAL D 289 -6.06 50.90 23.62
C VAL D 289 -6.61 49.50 23.29
N ARG D 290 -5.74 48.65 22.75
CA ARG D 290 -6.21 47.36 22.26
C ARG D 290 -5.71 46.20 23.13
N PRO D 291 -6.64 45.41 23.71
CA PRO D 291 -6.23 44.19 24.44
C PRO D 291 -5.54 43.16 23.53
N ILE D 292 -4.64 42.38 24.11
CA ILE D 292 -3.90 41.36 23.37
C ILE D 292 -4.09 40.00 24.03
N PHE D 293 -3.73 39.91 25.32
CA PHE D 293 -3.93 38.72 26.12
C PHE D 293 -4.50 39.05 27.48
N HIS D 294 -5.39 38.17 27.98
CA HIS D 294 -5.88 38.32 29.31
C HIS D 294 -4.92 37.73 30.35
N ARG D 295 -4.32 36.59 30.01
CA ARG D 295 -3.36 35.95 30.89
C ARG D 295 -2.33 35.13 30.10
N ILE D 296 -1.09 35.20 30.56
CA ILE D 296 -0.04 34.36 30.03
C ILE D 296 0.94 33.95 31.12
N SER D 297 1.36 32.68 31.09
CA SER D 297 2.19 32.13 32.15
C SER D 297 2.65 30.77 31.71
N LEU D 298 3.56 30.19 32.48
CA LEU D 298 3.86 28.77 32.31
C LEU D 298 3.01 28.01 33.33
N SER D 299 2.37 26.93 32.91
CA SER D 299 1.29 26.36 33.71
C SER D 299 1.65 24.98 34.24
N GLU D 300 2.66 24.35 33.63
CA GLU D 300 3.16 23.02 34.02
C GLU D 300 4.46 22.75 33.28
N MET D 301 5.23 21.79 33.76
CA MET D 301 6.42 21.32 33.03
C MET D 301 6.45 19.80 33.16
N ILE D 302 7.20 19.11 32.31
CA ILE D 302 7.60 17.72 32.64
C ILE D 302 9.01 17.50 32.07
N VAL D 303 9.85 16.84 32.88
CA VAL D 303 11.25 16.60 32.57
C VAL D 303 11.49 15.08 32.59
N PRO D 304 10.98 14.37 31.55
CA PRO D 304 11.06 12.93 31.50
C PRO D 304 12.47 12.40 31.16
N TYR D 305 12.95 11.50 31.98
CA TYR D 305 14.23 10.83 31.76
C TYR D 305 14.08 9.62 30.90
N GLY D 306 15.18 9.23 30.28
CA GLY D 306 15.11 8.30 29.16
C GLY D 306 15.84 7.00 29.42
N SER D 307 16.21 6.73 30.68
CA SER D 307 16.66 5.38 31.06
C SER D 307 15.52 4.46 31.51
N PRO D 308 15.39 3.26 30.90
CA PRO D 308 14.27 2.39 31.26
C PRO D 308 14.52 1.60 32.53
N GLU D 309 15.70 1.74 33.13
CA GLU D 309 16.05 0.83 34.23
C GLU D 309 15.42 1.30 35.54
N PHE D 310 14.89 0.37 36.31
CA PHE D 310 14.32 0.64 37.60
C PHE D 310 15.38 1.24 38.51
N PRO D 311 15.05 2.29 39.28
CA PRO D 311 13.76 2.96 39.37
C PRO D 311 13.75 4.29 38.65
N HIS D 312 14.52 4.37 37.57
CA HIS D 312 14.69 5.64 36.87
C HIS D 312 13.44 6.15 36.09
N GLN D 313 12.45 5.26 35.89
CA GLN D 313 11.15 5.68 35.37
C GLN D 313 10.51 6.70 36.31
N ARG D 314 10.94 6.73 37.57
CA ARG D 314 10.34 7.71 38.47
C ARG D 314 10.93 9.11 38.36
N LYS D 315 11.85 9.30 37.42
CA LYS D 315 12.35 10.64 37.09
C LYS D 315 11.59 11.20 35.90
N HIS D 316 10.57 12.00 36.23
CA HIS D 316 9.82 12.75 35.22
C HIS D 316 9.09 13.86 35.95
N ALA D 317 9.86 14.70 36.61
CA ALA D 317 9.34 15.76 37.42
C ALA D 317 8.43 16.69 36.65
N LEU D 318 7.31 17.01 37.27
CA LEU D 318 6.47 18.09 36.78
C LEU D 318 6.73 19.24 37.73
N ASP D 319 7.76 20.03 37.43
CA ASP D 319 8.34 20.91 38.42
C ASP D 319 7.37 21.96 38.91
N ILE D 320 6.53 22.48 38.03
CA ILE D 320 5.56 23.48 38.43
C ILE D 320 4.46 22.95 39.37
N GLY D 321 3.87 21.81 39.03
CA GLY D 321 2.79 21.24 39.84
C GLY D 321 3.25 20.50 41.09
N GLU D 322 4.50 20.07 41.13
CA GLU D 322 5.03 19.21 42.17
C GLU D 322 5.89 19.95 43.19
N TYR D 323 6.40 21.14 42.82
CA TYR D 323 7.30 21.92 43.70
C TYR D 323 6.98 23.41 43.62
N GLY D 324 6.64 23.90 42.42
CA GLY D 324 6.25 25.28 42.24
C GLY D 324 7.40 26.18 41.90
N ALA D 325 7.30 26.81 40.73
CA ALA D 325 8.28 27.81 40.29
C ALA D 325 8.28 29.05 41.16
N GLY D 326 7.22 29.26 41.94
CA GLY D 326 7.23 30.32 42.97
C GLY D 326 7.97 29.92 44.23
N TYR D 327 7.57 28.78 44.80
CA TYR D 327 8.23 28.22 45.98
C TYR D 327 9.74 28.03 45.74
N MET D 328 10.15 27.74 44.51
CA MET D 328 11.55 27.43 44.20
C MET D 328 12.40 28.67 43.81
N THR D 329 11.78 29.83 43.77
CA THR D 329 12.40 30.94 43.09
C THR D 329 13.52 31.59 43.94
N ASN D 330 14.58 32.05 43.29
CA ASN D 330 15.77 32.58 43.98
C ASN D 330 15.55 34.05 44.35
N PRO D 331 15.95 34.46 45.58
CA PRO D 331 16.16 35.90 45.77
C PRO D 331 17.25 36.43 44.81
N LEU D 332 16.97 37.50 44.08
CA LEU D 332 17.82 37.86 42.95
C LEU D 332 18.89 38.95 43.19
N SER D 333 18.74 39.77 44.23
CA SER D 333 19.66 40.91 44.40
C SER D 333 21.15 40.52 44.55
N LEU D 334 21.41 39.54 45.44
CA LEU D 334 22.75 39.28 46.01
C LEU D 334 23.74 38.62 45.04
N GLY D 335 23.22 37.77 44.15
CA GLY D 335 23.98 37.35 42.97
C GLY D 335 23.81 38.40 41.87
N CYS D 336 24.83 38.59 41.04
CA CYS D 336 24.68 39.55 39.95
C CYS D 336 23.80 38.94 38.86
N ASP D 337 22.53 38.77 39.17
CA ASP D 337 21.60 38.08 38.29
C ASP D 337 21.01 39.06 37.27
N CYS D 338 20.72 40.28 37.73
CA CYS D 338 20.12 41.32 36.89
C CYS D 338 21.00 42.58 36.88
N LYS D 339 21.75 42.75 35.78
CA LYS D 339 22.71 43.86 35.63
C LYS D 339 21.96 45.14 35.22
N GLY D 340 22.12 46.21 36.00
CA GLY D 340 21.66 47.54 35.60
C GLY D 340 20.73 48.20 36.59
N VAL D 341 19.85 49.06 36.10
CA VAL D 341 18.87 49.74 36.94
C VAL D 341 17.57 48.91 37.02
N ILE D 342 17.30 48.38 38.21
CA ILE D 342 16.35 47.29 38.41
C ILE D 342 15.18 47.77 39.28
N HIS D 343 13.95 47.40 38.90
CA HIS D 343 12.80 47.39 39.82
C HIS D 343 12.51 45.93 40.27
N TYR D 344 12.41 45.69 41.58
CA TYR D 344 12.14 44.35 42.12
C TYR D 344 10.73 44.23 42.67
N LEU D 345 10.21 43.01 42.59
CA LEU D 345 9.01 42.62 43.35
C LEU D 345 9.33 41.46 44.30
N ASP D 346 8.67 41.47 45.45
CA ASP D 346 8.80 40.41 46.43
C ASP D 346 7.74 39.35 46.15
N ALA D 347 7.92 38.14 46.66
CA ALA D 347 6.81 37.17 46.70
C ALA D 347 6.43 36.81 48.13
N HIS D 348 5.15 36.50 48.34
CA HIS D 348 4.62 36.14 49.66
C HIS D 348 3.83 34.83 49.63
N PHE D 349 4.20 33.92 50.52
CA PHE D 349 3.60 32.59 50.61
C PHE D 349 3.15 32.34 52.05
N SER D 350 2.51 31.19 52.31
CA SER D 350 2.35 30.70 53.68
C SER D 350 3.32 29.58 54.01
N ASP D 351 3.68 29.47 55.30
CA ASP D 351 4.42 28.30 55.78
C ASP D 351 3.44 27.29 56.43
N ARG D 352 3.95 26.14 56.91
CA ARG D 352 3.16 25.05 57.54
C ARG D 352 2.22 25.59 58.60
N ALA D 353 2.72 26.53 59.40
CA ALA D 353 2.00 27.08 60.55
C ALA D 353 0.92 28.09 60.19
N GLY D 354 0.97 28.63 58.97
CA GLY D 354 0.02 29.67 58.55
C GLY D 354 0.50 31.12 58.63
N ASP D 355 1.80 31.31 58.88
CA ASP D 355 2.42 32.65 58.87
C ASP D 355 3.05 32.98 57.52
N PRO D 356 2.88 34.25 57.08
CA PRO D 356 3.42 34.63 55.78
C PRO D 356 4.92 34.51 55.77
N ILE D 357 5.48 33.94 54.70
CA ILE D 357 6.91 34.07 54.42
C ILE D 357 7.11 34.95 53.20
N THR D 358 8.23 35.67 53.17
CA THR D 358 8.58 36.49 52.01
C THR D 358 9.82 35.89 51.35
N VAL D 359 9.85 35.88 50.02
CA VAL D 359 11.14 35.92 49.32
C VAL D 359 11.38 37.27 48.63
N LYS D 360 12.45 37.94 49.05
CA LYS D 360 12.78 39.26 48.59
C LYS D 360 13.34 39.18 47.17
N ASN D 361 12.97 40.14 46.34
CA ASN D 361 13.53 40.31 45.01
C ASN D 361 13.32 39.05 44.16
N ALA D 362 12.10 38.51 44.23
CA ALA D 362 11.73 37.28 43.53
C ALA D 362 11.66 37.53 42.02
N VAL D 363 11.25 38.73 41.65
CA VAL D 363 11.11 39.15 40.27
C VAL D 363 11.97 40.38 39.96
N CYS D 364 12.68 40.36 38.83
CA CYS D 364 13.38 41.55 38.40
CA CYS D 364 13.44 41.52 38.37
C CYS D 364 12.87 42.10 37.07
N ILE D 365 12.74 43.41 37.04
CA ILE D 365 12.23 44.13 35.89
C ILE D 365 13.28 45.17 35.45
N HIS D 366 13.71 45.10 34.20
CA HIS D 366 14.63 46.11 33.68
C HIS D 366 14.55 46.26 32.15
N GLU D 367 15.16 47.33 31.63
CA GLU D 367 15.25 47.57 30.20
C GLU D 367 16.66 47.29 29.76
N GLU D 368 16.81 46.65 28.61
CA GLU D 368 18.12 46.40 28.01
C GLU D 368 18.11 46.88 26.57
N ASP D 369 19.29 47.20 26.06
CA ASP D 369 19.46 47.36 24.64
C ASP D 369 19.17 46.04 23.99
N ASP D 370 18.60 46.13 22.79
CA ASP D 370 18.36 44.93 22.05
C ASP D 370 18.75 45.05 20.56
N GLY D 371 19.81 45.80 20.28
CA GLY D 371 20.34 45.97 18.92
C GLY D 371 19.43 46.81 18.01
N LEU D 372 19.33 46.45 16.73
CA LEU D 372 18.64 47.32 15.78
C LEU D 372 17.19 46.93 15.74
N LEU D 373 16.30 47.93 15.70
CA LEU D 373 14.86 47.72 15.48
C LEU D 373 14.61 47.66 13.98
N PHE D 374 15.23 48.58 13.26
CA PHE D 374 15.14 48.55 11.81
C PHE D 374 16.19 49.52 11.26
N LYS D 375 16.54 49.35 9.99
CA LYS D 375 17.44 50.27 9.31
C LYS D 375 17.13 50.27 7.82
N HIS D 376 17.31 51.39 7.14
CA HIS D 376 17.39 51.35 5.69
C HIS D 376 18.16 52.54 5.02
N SER D 377 18.92 52.25 3.97
CA SER D 377 19.73 53.28 3.26
C SER D 377 19.57 53.12 1.76
N ASP D 378 19.70 54.24 1.04
CA ASP D 378 19.61 54.28 -0.43
C ASP D 378 21.01 54.13 -1.03
N PHE D 379 21.20 53.13 -1.87
CA PHE D 379 22.47 52.97 -2.58
C PHE D 379 22.72 54.15 -3.55
N ARG D 380 21.68 54.92 -3.87
CA ARG D 380 21.83 55.97 -4.88
C ARG D 380 22.80 57.09 -4.48
N ASP D 381 22.85 57.43 -3.19
CA ASP D 381 23.86 58.38 -2.73
C ASP D 381 24.87 57.69 -1.78
N ASN D 382 25.19 56.45 -2.12
CA ASN D 382 26.05 55.60 -1.30
C ASN D 382 25.71 55.58 0.18
N PHE D 383 24.42 55.42 0.50
CA PHE D 383 23.94 55.24 1.87
C PHE D 383 24.00 56.49 2.78
N ALA D 384 24.29 57.67 2.20
CA ALA D 384 24.05 58.94 2.89
C ALA D 384 22.59 59.06 3.31
N THR D 385 21.66 58.78 2.38
CA THR D 385 20.25 58.64 2.74
C THR D 385 20.12 57.39 3.62
N SER D 386 19.82 57.56 4.91
CA SER D 386 19.84 56.45 5.84
C SER D 386 19.05 56.78 7.07
N LEU D 387 18.40 55.77 7.65
CA LEU D 387 17.64 55.86 8.89
C LEU D 387 17.90 54.61 9.70
N VAL D 388 18.26 54.79 10.96
CA VAL D 388 18.57 53.71 11.85
C VAL D 388 17.89 54.00 13.16
N THR D 389 17.18 53.00 13.65
CA THR D 389 16.50 53.08 14.93
C THR D 389 16.88 51.89 15.76
N ARG D 390 17.28 52.18 16.99
CA ARG D 390 17.71 51.15 17.91
C ARG D 390 16.55 50.58 18.69
N ALA D 391 16.70 49.33 19.12
CA ALA D 391 15.66 48.65 19.85
C ALA D 391 16.01 48.56 21.32
N THR D 392 15.01 48.76 22.17
CA THR D 392 15.09 48.50 23.58
C THR D 392 14.07 47.42 23.93
N LYS D 393 14.39 46.56 24.89
CA LYS D 393 13.44 45.53 25.31
C LYS D 393 13.17 45.62 26.80
N LEU D 394 11.94 45.28 27.18
CA LEU D 394 11.57 45.18 28.58
C LEU D 394 11.58 43.72 29.08
N VAL D 395 12.37 43.45 30.11
CA VAL D 395 12.62 42.07 30.58
C VAL D 395 12.03 41.90 31.99
N VAL D 396 11.09 40.96 32.13
CA VAL D 396 10.54 40.62 33.43
C VAL D 396 10.94 39.20 33.69
N SER D 397 11.62 38.96 34.81
CA SER D 397 12.38 37.73 34.96
CA SER D 397 12.39 37.74 34.95
C SER D 397 12.40 37.14 36.37
N GLN D 398 12.62 35.82 36.43
CA GLN D 398 12.83 35.12 37.68
C GLN D 398 13.80 33.99 37.40
N ILE D 399 14.41 33.46 38.45
CA ILE D 399 15.20 32.26 38.32
C ILE D 399 14.76 31.31 39.44
N PHE D 400 14.49 30.05 39.14
CA PHE D 400 14.23 29.12 40.24
C PHE D 400 15.14 27.93 40.23
N THR D 401 15.33 27.32 41.39
CA THR D 401 16.22 26.20 41.53
C THR D 401 15.41 24.98 41.89
N ALA D 402 15.55 23.91 41.12
CA ALA D 402 14.82 22.73 41.44
C ALA D 402 15.83 21.63 41.78
N ALA D 403 16.29 21.62 43.03
CA ALA D 403 17.41 20.80 43.47
C ALA D 403 18.67 21.05 42.61
N ASN D 404 19.00 20.14 41.67
CA ASN D 404 20.19 20.28 40.83
C ASN D 404 20.09 21.38 39.77
N GLU D 406 18.82 24.74 37.40
CA GLU D 406 18.40 26.13 37.44
C GLU D 406 17.64 26.53 36.19
N TYR D 407 16.46 27.09 36.40
CA TYR D 407 15.64 27.60 35.31
C TYR D 407 15.59 29.12 35.29
N CYS D 408 16.17 29.76 34.28
CA CYS D 408 16.10 31.21 34.18
C CYS D 408 15.04 31.64 33.18
N LEU D 409 14.03 32.34 33.67
CA LEU D 409 12.85 32.69 32.87
C LEU D 409 12.80 34.20 32.62
N TYR D 410 12.74 34.58 31.33
CA TYR D 410 12.72 36.01 30.96
C TYR D 410 11.56 36.29 30.05
N TRP D 411 10.61 37.06 30.54
CA TRP D 411 9.48 37.50 29.72
C TRP D 411 9.87 38.87 29.12
N VAL D 412 9.85 38.95 27.79
CA VAL D 412 10.53 40.04 27.05
C VAL D 412 9.50 40.71 26.13
N PHE D 413 9.30 42.01 26.35
CA PHE D 413 8.41 42.84 25.52
C PHE D 413 9.28 43.67 24.59
N MET D 414 8.83 43.84 23.34
CA MET D 414 9.65 44.42 22.31
C MET D 414 8.91 45.56 21.59
N GLN D 415 9.63 46.41 20.87
CA GLN D 415 9.03 47.67 20.38
C GLN D 415 8.44 47.55 18.99
N ASP D 416 8.49 46.33 18.44
CA ASP D 416 7.65 45.95 17.30
C ASP D 416 6.33 45.29 17.77
N GLY D 417 6.08 45.30 19.07
CA GLY D 417 4.80 44.79 19.56
C GLY D 417 4.86 43.30 19.86
N ALA D 418 5.97 42.64 19.57
CA ALA D 418 6.11 41.21 19.84
C ALA D 418 6.42 40.95 21.31
N ILE D 419 6.04 39.77 21.78
CA ILE D 419 6.32 39.34 23.15
C ILE D 419 7.01 38.00 23.00
N ARG D 420 8.12 37.85 23.69
CA ARG D 420 8.98 36.70 23.58
C ARG D 420 9.14 36.03 24.95
N LEU D 421 9.29 34.71 25.00
CA LEU D 421 9.73 34.06 26.25
C LEU D 421 11.10 33.47 26.00
N ASP D 422 12.07 33.95 26.77
CA ASP D 422 13.41 33.37 26.76
C ASP D 422 13.60 32.57 28.04
N ILE D 423 14.07 31.35 27.86
CA ILE D 423 14.53 30.52 28.95
C ILE D 423 16.02 30.20 28.80
N ARG D 424 16.72 30.14 29.92
CA ARG D 424 18.04 29.55 29.96
C ARG D 424 18.09 28.49 31.04
N LEU D 425 18.54 27.30 30.64
CA LEU D 425 18.76 26.18 31.56
C LEU D 425 20.20 26.17 32.01
N THR D 426 20.41 26.17 33.30
CA THR D 426 21.76 25.96 33.82
C THR D 426 21.66 25.12 35.12
N GLY D 427 22.66 25.24 36.00
CA GLY D 427 22.75 24.34 37.16
C GLY D 427 23.46 23.06 36.79
N ILE D 428 23.03 21.97 37.43
CA ILE D 428 23.82 20.75 37.42
C ILE D 428 23.04 19.57 36.87
N LEU D 429 23.67 18.75 36.03
CA LEU D 429 23.04 17.54 35.53
C LEU D 429 22.62 16.64 36.68
N ASN D 430 21.52 15.93 36.46
CA ASN D 430 21.13 14.87 37.36
C ASN D 430 22.01 13.69 37.03
N THR D 431 22.55 13.08 38.07
CA THR D 431 23.49 12.01 37.86
C THR D 431 23.15 10.79 38.68
N TYR D 432 23.46 9.64 38.12
CA TYR D 432 23.37 8.40 38.86
C TYR D 432 24.73 7.75 38.71
N ILE D 433 24.99 6.72 39.49
CA ILE D 433 26.31 6.10 39.52
C ILE D 433 26.55 5.13 38.36
N LEU D 434 27.81 5.08 37.91
CA LEU D 434 28.24 4.22 36.82
C LEU D 434 29.40 3.31 37.28
N GLY D 435 29.30 2.00 37.06
CA GLY D 435 30.40 1.08 37.43
C GLY D 435 31.65 1.37 36.61
N ASP D 436 32.83 0.93 37.08
CA ASP D 436 34.07 1.15 36.34
C ASP D 436 33.97 0.61 34.94
N ASP D 437 33.45 -0.60 34.80
CA ASP D 437 33.37 -1.23 33.48
C ASP D 437 32.01 -1.03 32.75
N GLU D 438 31.11 -0.23 33.34
CA GLU D 438 29.73 -0.21 32.91
C GLU D 438 29.52 0.80 31.77
N GLU D 439 28.80 0.40 30.73
CA GLU D 439 28.49 1.33 29.62
CA GLU D 439 28.49 1.33 29.63
C GLU D 439 27.29 2.23 29.97
N ALA D 440 27.46 3.54 29.83
CA ALA D 440 26.37 4.49 30.05
C ALA D 440 25.32 4.51 28.93
N GLY D 441 25.75 4.24 27.69
CA GLY D 441 24.91 4.41 26.50
C GLY D 441 24.06 3.16 26.45
N PRO D 442 22.92 3.19 25.74
CA PRO D 442 22.47 4.40 24.98
C PRO D 442 21.66 5.42 25.78
N TRP D 443 21.42 5.18 27.07
CA TRP D 443 20.44 5.99 27.78
C TRP D 443 21.05 7.19 28.47
N GLY D 444 22.38 7.26 28.47
CA GLY D 444 23.05 8.28 29.26
C GLY D 444 24.46 8.50 28.81
N THR D 445 25.17 9.38 29.50
CA THR D 445 26.53 9.72 29.10
C THR D 445 27.49 9.68 30.28
N ARG D 446 28.61 9.00 30.12
CA ARG D 446 29.69 9.11 31.11
C ARG D 446 30.31 10.51 30.99
N VAL D 447 29.95 11.43 31.91
CA VAL D 447 30.47 12.81 31.85
C VAL D 447 31.65 13.07 32.81
N TYR D 448 31.97 12.08 33.63
CA TYR D 448 33.04 12.10 34.62
C TYR D 448 33.22 10.63 35.02
N PRO D 449 34.38 10.21 35.56
CA PRO D 449 34.46 8.78 35.87
C PRO D 449 33.43 8.32 36.92
N ASN D 450 32.77 7.20 36.63
CA ASN D 450 31.70 6.70 37.53
C ASN D 450 30.40 7.55 37.60
N VAL D 451 30.23 8.47 36.68
CA VAL D 451 29.07 9.37 36.65
C VAL D 451 28.27 9.17 35.34
N ASN D 452 27.02 8.74 35.47
CA ASN D 452 26.11 8.56 34.32
C ASN D 452 25.09 9.68 34.39
N ALA D 453 25.13 10.56 33.40
CA ALA D 453 24.13 11.59 33.25
C ALA D 453 23.04 11.07 32.27
N HIS D 454 21.86 10.71 32.75
CA HIS D 454 20.86 10.10 31.83
C HIS D 454 20.27 11.11 30.85
N ASN D 455 19.93 10.64 29.65
CA ASN D 455 19.06 11.39 28.74
C ASN D 455 17.75 11.87 29.37
N HIS D 456 17.31 13.08 28.98
CA HIS D 456 16.05 13.62 29.45
C HIS D 456 15.51 14.67 28.47
N GLN D 457 14.21 14.96 28.54
CA GLN D 457 13.70 16.15 27.90
C GLN D 457 13.36 17.15 28.99
N HIS D 458 13.37 18.44 28.66
CA HIS D 458 12.74 19.47 29.50
C HIS D 458 11.55 20.05 28.71
N LEU D 459 10.33 19.86 29.21
CA LEU D 459 9.14 20.30 28.44
C LEU D 459 8.27 21.29 29.22
N PHE D 460 7.78 22.35 28.59
CA PHE D 460 7.04 23.38 29.28
C PHE D 460 5.64 23.54 28.66
N SER D 461 4.63 23.83 29.48
CA SER D 461 3.31 24.15 28.93
C SER D 461 3.00 25.64 29.05
N LEU D 462 3.18 26.37 27.95
CA LEU D 462 2.80 27.79 27.94
C LEU D 462 1.28 27.89 27.87
N ARG D 463 0.70 28.62 28.81
CA ARG D 463 -0.73 28.84 28.82
C ARG D 463 -1.06 30.28 28.40
N ILE D 464 -1.77 30.40 27.28
CA ILE D 464 -2.25 31.68 26.80
C ILE D 464 -3.76 31.78 26.83
N ASP D 465 -4.22 32.80 27.52
CA ASP D 465 -5.61 33.15 27.47
C ASP D 465 -5.69 34.39 26.58
N PRO D 466 -5.97 34.21 25.29
CA PRO D 466 -5.80 35.38 24.40
C PRO D 466 -6.97 36.35 24.48
N ARG D 467 -6.77 37.60 24.05
CA ARG D 467 -7.87 38.55 23.88
C ARG D 467 -7.59 39.44 22.71
N ILE D 468 -7.42 38.83 21.54
CA ILE D 468 -6.77 39.50 20.44
C ILE D 468 -7.65 40.63 19.92
N ASP D 469 -7.29 41.88 20.24
CA ASP D 469 -8.05 43.03 19.80
C ASP D 469 -9.48 42.97 20.33
N GLY D 470 -9.67 42.35 21.49
CA GLY D 470 -11.02 42.20 22.03
C GLY D 470 -11.45 40.75 22.11
N ASP D 471 -12.75 40.53 22.23
CA ASP D 471 -13.30 39.21 22.55
C ASP D 471 -13.81 38.42 21.38
N GLY D 472 -13.85 37.09 21.52
CA GLY D 472 -14.23 36.21 20.40
C GLY D 472 -12.99 35.96 19.54
N ASN D 473 -12.26 34.90 19.87
CA ASN D 473 -11.00 34.57 19.21
C ASN D 473 -11.08 33.17 18.61
N SER D 474 -10.12 32.89 17.71
CA SER D 474 -9.90 31.58 17.10
C SER D 474 -8.41 31.28 17.00
N ALA D 475 -8.03 30.05 16.65
CA ALA D 475 -6.62 29.72 16.48
C ALA D 475 -6.48 28.93 15.21
N ALA D 476 -5.28 28.93 14.64
CA ALA D 476 -5.05 28.22 13.38
C ALA D 476 -3.62 27.75 13.28
N ALA D 477 -3.42 26.68 12.52
CA ALA D 477 -2.08 26.29 12.04
C ALA D 477 -1.87 26.98 10.69
N CYS D 478 -0.66 27.52 10.47
CA CYS D 478 -0.24 28.07 9.18
C CYS D 478 0.90 27.29 8.60
N ASP D 479 0.72 26.75 7.38
CA ASP D 479 1.72 25.88 6.75
C ASP D 479 2.12 26.43 5.39
N ALA D 480 3.42 26.65 5.19
CA ALA D 480 3.89 26.98 3.85
C ALA D 480 3.70 25.79 2.92
N LYS D 481 3.15 26.02 1.73
CA LYS D 481 3.07 24.95 0.76
CA LYS D 481 2.89 24.97 0.73
C LYS D 481 3.25 25.46 -0.65
N SER D 482 3.89 24.65 -1.47
CA SER D 482 3.94 24.93 -2.89
C SER D 482 2.56 24.91 -3.48
N SER D 483 2.35 25.69 -4.53
CA SER D 483 1.16 25.55 -5.32
C SER D 483 0.93 24.06 -5.68
N PRO D 484 -0.33 23.60 -5.75
CA PRO D 484 -0.51 22.20 -6.19
C PRO D 484 -0.34 22.03 -7.71
N TYR D 485 -0.37 23.13 -8.45
CA TYR D 485 -0.21 23.06 -9.90
C TYR D 485 1.24 22.73 -10.23
N PRO D 486 1.47 21.82 -11.21
CA PRO D 486 2.84 21.35 -11.50
C PRO D 486 3.64 22.41 -12.30
N LEU D 487 4.96 22.35 -12.15
CA LEU D 487 5.90 22.99 -13.06
C LEU D 487 5.45 22.85 -14.51
N GLY D 488 5.40 23.96 -15.23
CA GLY D 488 5.11 23.91 -16.66
C GLY D 488 3.63 24.06 -16.97
N SER D 489 2.78 24.21 -15.94
CA SER D 489 1.34 24.41 -16.17
C SER D 489 1.12 25.91 -16.34
N PRO D 490 -0.02 26.31 -16.94
CA PRO D 490 -0.30 27.76 -17.06
C PRO D 490 -0.34 28.48 -15.71
N GLU D 491 -0.58 27.73 -14.63
CA GLU D 491 -0.81 28.31 -13.30
C GLU D 491 0.47 28.47 -12.50
N ASN D 492 1.52 27.79 -12.93
CA ASN D 492 2.76 27.69 -12.19
C ASN D 492 3.89 27.41 -13.20
N MET D 493 3.96 28.18 -14.28
CA MET D 493 4.86 27.89 -15.41
C MET D 493 6.27 27.56 -14.97
N TYR D 494 6.82 28.33 -14.04
CA TYR D 494 8.23 28.12 -13.65
C TYR D 494 8.33 27.44 -12.31
N GLY D 495 7.21 27.03 -11.74
CA GLY D 495 7.29 26.10 -10.62
C GLY D 495 7.63 26.75 -9.30
N ASN D 496 7.49 28.07 -9.23
CA ASN D 496 7.99 28.84 -8.08
C ASN D 496 6.90 29.24 -7.09
N ALA D 497 5.64 29.05 -7.48
CA ALA D 497 4.50 29.54 -6.66
C ALA D 497 4.33 28.84 -5.34
N PHE D 498 4.09 29.61 -4.29
CA PHE D 498 3.80 29.06 -2.97
C PHE D 498 3.04 30.05 -2.13
N TYR D 499 2.36 29.52 -1.09
CA TYR D 499 1.37 30.28 -0.33
C TYR D 499 1.34 29.71 1.08
N SER D 500 0.62 30.39 1.95
CA SER D 500 0.40 29.91 3.30
C SER D 500 -1.01 29.27 3.42
N GLU D 501 -1.06 28.01 3.80
CA GLU D 501 -2.35 27.39 4.04
C GLU D 501 -2.73 27.53 5.51
N LYS D 502 -3.87 28.19 5.74
CA LYS D 502 -4.38 28.45 7.09
C LYS D 502 -5.46 27.43 7.41
N THR D 503 -5.27 26.67 8.47
CA THR D 503 -6.29 25.69 8.84
C THR D 503 -6.86 26.14 10.16
N THR D 504 -8.04 26.77 10.11
CA THR D 504 -8.65 27.28 11.33
C THR D 504 -9.23 26.10 12.13
N PHE D 505 -8.99 26.07 13.43
CA PHE D 505 -9.46 24.97 14.28
C PHE D 505 -10.92 25.24 14.60
N LYS D 506 -11.78 24.28 14.27
CA LYS D 506 -13.22 24.41 14.55
C LYS D 506 -13.56 23.81 15.89
N THR D 507 -13.06 22.59 16.14
CA THR D 507 -13.31 21.95 17.41
C THR D 507 -11.96 21.62 18.09
N VAL D 508 -11.99 21.43 19.42
CA VAL D 508 -10.76 21.07 20.14
C VAL D 508 -9.90 20.08 19.34
N LYS D 509 -10.52 19.02 18.89
CA LYS D 509 -9.81 17.96 18.21
C LYS D 509 -8.89 18.50 17.07
N ASP D 510 -9.43 19.38 16.20
CA ASP D 510 -8.67 20.05 15.13
C ASP D 510 -7.38 20.70 15.61
N SER D 511 -7.36 21.24 16.82
CA SER D 511 -6.21 22.01 17.27
C SER D 511 -5.08 21.15 17.75
N LEU D 512 -5.31 19.85 17.92
CA LEU D 512 -4.25 19.03 18.52
C LEU D 512 -3.14 18.81 17.48
N THR D 513 -2.10 19.65 17.52
CA THR D 513 -1.15 19.66 16.40
C THR D 513 0.26 19.86 16.88
N ASN D 514 1.19 19.42 16.05
CA ASN D 514 2.62 19.50 16.37
C ASN D 514 3.29 20.43 15.42
N TYR D 515 4.46 20.91 15.85
CA TYR D 515 5.31 21.73 14.99
C TYR D 515 5.73 20.86 13.84
N GLU D 516 5.78 21.42 12.61
CA GLU D 516 6.18 20.61 11.43
C GLU D 516 7.29 21.35 10.69
N SER D 517 8.49 20.77 10.67
CA SER D 517 9.56 21.40 9.90
C SER D 517 9.23 21.43 8.38
N ALA D 518 8.52 20.43 7.88
CA ALA D 518 8.24 20.29 6.43
C ALA D 518 7.46 21.47 5.89
N THR D 519 6.67 22.11 6.74
CA THR D 519 5.87 23.27 6.34
C THR D 519 6.26 24.59 7.07
N GLY D 520 7.26 24.54 7.93
CA GLY D 520 7.63 25.72 8.73
C GLY D 520 6.41 26.23 9.48
N ARG D 521 5.72 25.31 10.16
CA ARG D 521 4.41 25.65 10.73
C ARG D 521 4.56 26.72 11.77
N SER D 522 3.67 27.70 11.74
CA SER D 522 3.45 28.56 12.91
C SER D 522 1.93 28.44 13.26
N TRP D 523 1.53 29.10 14.35
CA TRP D 523 0.09 29.21 14.70
C TRP D 523 -0.38 30.65 14.87
N ASP D 524 -1.61 30.92 14.43
CA ASP D 524 -2.20 32.24 14.62
C ASP D 524 -3.27 32.14 15.72
N ILE D 525 -3.36 33.20 16.52
CA ILE D 525 -4.45 33.41 17.45
C ILE D 525 -5.02 34.73 17.01
N PHE D 526 -6.28 34.71 16.66
CA PHE D 526 -6.78 35.80 15.87
C PHE D 526 -8.22 36.17 16.20
N ASN D 527 -8.62 37.37 15.77
CA ASN D 527 -9.97 37.86 15.99
C ASN D 527 -10.82 37.79 14.71
N PRO D 528 -11.67 36.75 14.55
CA PRO D 528 -12.40 36.71 13.27
C PRO D 528 -13.54 37.74 13.14
N ASN D 529 -13.73 38.58 14.15
CA ASN D 529 -14.77 39.63 14.12
C ASN D 529 -14.26 40.95 13.52
N LYS D 530 -12.94 41.01 13.30
CA LYS D 530 -12.26 42.20 12.79
C LYS D 530 -11.38 41.93 11.57
N VAL D 531 -11.07 42.97 10.82
CA VAL D 531 -10.39 42.89 9.53
C VAL D 531 -9.31 43.99 9.51
N ASN D 532 -8.12 43.66 9.01
CA ASN D 532 -7.13 44.67 8.76
C ASN D 532 -7.52 45.44 7.50
N PRO D 533 -7.58 46.78 7.58
CA PRO D 533 -8.13 47.53 6.44
C PRO D 533 -7.27 47.44 5.19
N TYR D 534 -5.96 47.19 5.37
CA TYR D 534 -5.06 46.99 4.25
C TYR D 534 -5.07 45.53 3.70
N SER D 535 -4.74 44.55 4.55
CA SER D 535 -4.53 43.19 4.04
C SER D 535 -5.83 42.39 3.87
N GLY D 536 -6.89 42.76 4.58
CA GLY D 536 -8.15 42.06 4.54
C GLY D 536 -8.10 40.80 5.43
N LYS D 537 -7.07 40.66 6.25
CA LYS D 537 -6.94 39.53 7.18
C LYS D 537 -7.31 39.96 8.57
N PRO D 538 -7.80 39.01 9.40
CA PRO D 538 -8.09 39.27 10.80
C PRO D 538 -6.81 39.67 11.57
N PRO D 539 -6.91 40.61 12.55
CA PRO D 539 -5.74 40.92 13.39
C PRO D 539 -5.31 39.68 14.15
N SER D 540 -4.01 39.50 14.36
CA SER D 540 -3.57 38.24 15.00
C SER D 540 -2.25 38.46 15.71
N TYR D 541 -1.96 37.59 16.67
CA TYR D 541 -0.60 37.36 17.13
C TYR D 541 -0.20 35.97 16.68
N LYS D 542 1.00 35.89 16.08
CA LYS D 542 1.50 34.64 15.55
C LYS D 542 2.49 34.00 16.51
N LEU D 543 2.22 32.74 16.86
CA LEU D 543 3.19 31.97 17.61
C LEU D 543 4.26 31.44 16.66
N VAL D 544 5.50 31.92 16.84
CA VAL D 544 6.62 31.46 16.09
C VAL D 544 7.49 30.71 17.12
N SER D 545 7.56 29.39 16.99
CA SER D 545 8.16 28.51 18.03
C SER D 545 8.66 27.27 17.27
N THR D 546 9.94 26.96 17.36
CA THR D 546 10.45 25.76 16.71
C THR D 546 11.09 24.80 17.69
N GLN D 547 11.25 25.20 18.93
CA GLN D 547 11.84 24.24 19.86
C GLN D 547 10.71 23.46 20.50
N CYS D 548 10.20 22.51 19.73
CA CYS D 548 8.98 21.79 20.02
C CYS D 548 9.25 20.28 19.89
N PRO D 549 9.93 19.70 20.88
CA PRO D 549 10.29 18.29 20.70
C PRO D 549 9.05 17.42 20.76
N PRO D 550 8.95 16.42 19.89
CA PRO D 550 7.87 15.47 20.17
C PRO D 550 8.09 14.85 21.56
N LEU D 551 7.03 14.35 22.22
CA LEU D 551 7.24 13.57 23.43
C LEU D 551 7.84 12.20 23.09
N LEU D 552 8.97 11.86 23.67
CA LEU D 552 9.65 10.62 23.30
C LEU D 552 9.11 9.40 24.02
N ALA D 553 8.67 9.58 25.26
CA ALA D 553 7.97 8.50 25.98
C ALA D 553 6.73 7.99 25.22
N LYS D 554 6.50 6.69 25.25
CA LYS D 554 5.46 6.10 24.44
C LYS D 554 4.04 6.42 24.94
N GLU D 555 3.08 6.36 24.02
CA GLU D 555 1.66 6.38 24.36
C GLU D 555 1.42 5.31 25.39
N GLY D 556 0.66 5.66 26.42
CA GLY D 556 0.28 4.70 27.45
C GLY D 556 1.29 4.71 28.55
N SER D 557 2.37 5.45 28.38
CA SER D 557 3.41 5.46 29.40
C SER D 557 3.01 6.35 30.55
N LEU D 558 3.68 6.15 31.68
CA LEU D 558 3.54 6.98 32.85
CA LEU D 558 3.47 6.99 32.85
C LEU D 558 3.64 8.46 32.50
N VAL D 559 4.70 8.79 31.76
CA VAL D 559 5.01 10.16 31.42
C VAL D 559 3.87 10.74 30.58
N ALA D 560 3.45 10.04 29.53
CA ALA D 560 2.38 10.56 28.64
C ALA D 560 1.03 10.59 29.33
N LYS D 561 0.81 9.72 30.30
CA LYS D 561 -0.48 9.72 30.98
C LYS D 561 -0.54 10.86 31.99
N ARG D 562 0.57 11.17 32.64
CA ARG D 562 0.56 12.25 33.61
C ARG D 562 0.69 13.67 33.05
N ALA D 563 1.22 13.80 31.83
CA ALA D 563 1.34 15.08 31.10
C ALA D 563 0.62 14.98 29.73
N PRO D 564 -0.73 14.88 29.73
CA PRO D 564 -1.35 14.54 28.45
C PRO D 564 -1.28 15.78 27.50
N TRP D 565 -1.05 16.97 28.05
CA TRP D 565 -0.70 18.15 27.26
C TRP D 565 0.60 18.02 26.43
N ALA D 566 1.51 17.13 26.82
CA ALA D 566 2.88 17.18 26.28
C ALA D 566 2.99 16.50 24.93
N SER D 567 1.99 15.68 24.60
CA SER D 567 1.95 14.88 23.37
CA SER D 567 2.03 14.92 23.35
C SER D 567 1.62 15.71 22.12
N HIS D 568 1.15 16.97 22.31
CA HIS D 568 0.95 17.92 21.19
C HIS D 568 1.60 19.25 21.44
N SER D 569 2.19 19.83 20.41
CA SER D 569 2.77 21.16 20.52
C SER D 569 1.70 22.17 20.87
N VAL D 570 0.46 21.98 20.40
CA VAL D 570 -0.60 22.97 20.64
C VAL D 570 -1.87 22.24 21.06
N ASN D 571 -2.54 22.76 22.10
CA ASN D 571 -3.87 22.26 22.52
C ASN D 571 -4.74 23.51 22.72
N VAL D 572 -5.88 23.60 22.02
CA VAL D 572 -6.79 24.70 22.27
C VAL D 572 -8.10 24.15 22.83
N VAL D 573 -8.63 24.70 23.93
CA VAL D 573 -9.85 24.15 24.54
C VAL D 573 -10.65 25.37 24.91
N PRO D 574 -11.98 25.22 25.15
CA PRO D 574 -12.74 26.39 25.59
C PRO D 574 -12.26 26.96 26.91
N TYR D 575 -12.42 28.27 27.08
CA TYR D 575 -12.17 28.88 28.37
C TYR D 575 -13.22 28.43 29.35
N LYS D 576 -12.77 28.14 30.57
CA LYS D 576 -13.64 28.04 31.73
C LYS D 576 -12.84 28.60 32.91
N ASP D 577 -13.52 29.11 33.94
CA ASP D 577 -12.77 29.60 35.07
C ASP D 577 -11.97 28.48 35.73
N ASN D 578 -10.78 28.84 36.25
CA ASN D 578 -9.92 27.87 36.90
C ASN D 578 -9.45 26.69 36.05
N ARG D 579 -9.32 26.85 34.74
CA ARG D 579 -8.59 25.86 33.95
C ARG D 579 -7.16 26.34 33.82
N LEU D 580 -6.42 26.23 34.92
CA LEU D 580 -5.04 26.65 34.97
C LEU D 580 -4.04 25.53 34.68
N TYR D 581 -4.18 24.42 35.39
CA TYR D 581 -3.10 23.43 35.50
C TYR D 581 -3.34 22.12 34.72
N PRO D 582 -2.65 21.96 33.58
CA PRO D 582 -3.06 20.91 32.63
C PRO D 582 -2.76 19.43 33.05
N SER D 583 -2.01 19.20 34.13
CA SER D 583 -1.88 17.88 34.71
C SER D 583 -2.79 17.74 35.97
N GLY D 584 -3.75 18.64 36.12
CA GLY D 584 -4.57 18.63 37.31
C GLY D 584 -4.10 19.52 38.43
N ASP D 585 -4.93 19.64 39.46
CA ASP D 585 -4.67 20.56 40.56
C ASP D 585 -3.67 19.99 41.57
N HIS D 586 -3.74 18.69 41.79
CA HIS D 586 -2.89 18.05 42.76
C HIS D 586 -2.08 16.97 42.08
N VAL D 587 -0.86 17.34 41.65
CA VAL D 587 -0.11 16.55 40.69
C VAL D 587 0.63 15.32 41.27
N PRO D 588 1.33 15.48 42.41
CA PRO D 588 2.15 14.31 42.81
C PRO D 588 1.32 13.02 43.04
N GLN D 589 1.82 11.92 42.48
CA GLN D 589 1.39 10.54 42.73
C GLN D 589 0.09 10.21 42.04
N TRP D 590 -0.41 11.15 41.24
CA TRP D 590 -1.48 10.80 40.28
C TRP D 590 -0.91 9.86 39.24
N SER D 591 -1.54 8.71 39.06
CA SER D 591 -1.12 7.72 38.06
C SER D 591 -1.25 8.18 36.60
N GLY D 592 -1.97 9.25 36.35
CA GLY D 592 -2.26 9.61 34.96
C GLY D 592 -3.54 8.94 34.44
N ASP D 593 -4.21 8.15 35.25
CA ASP D 593 -5.53 7.65 34.88
C ASP D 593 -6.63 8.60 35.34
N GLY D 594 -7.64 8.81 34.50
CA GLY D 594 -8.77 9.64 34.90
C GLY D 594 -8.93 10.92 34.08
N VAL D 595 -10.16 11.44 34.14
CA VAL D 595 -10.53 12.58 33.35
C VAL D 595 -10.31 13.81 34.19
N ARG D 596 -9.13 14.44 34.06
CA ARG D 596 -8.79 15.67 34.77
C ARG D 596 -7.83 16.51 33.94
N GLY D 597 -7.57 17.75 34.35
CA GLY D 597 -6.62 18.63 33.65
C GLY D 597 -6.93 18.62 32.15
N MET D 598 -5.90 18.71 31.32
CA MET D 598 -6.07 18.77 29.87
C MET D 598 -6.99 17.69 29.32
N ARG D 599 -6.90 16.48 29.88
CA ARG D 599 -7.66 15.34 29.38
C ARG D 599 -9.15 15.63 29.54
N GLU D 600 -9.50 16.27 30.65
CA GLU D 600 -10.85 16.72 30.92
C GLU D 600 -11.27 17.85 29.98
N TRP D 601 -10.41 18.85 29.83
CA TRP D 601 -10.74 19.98 28.97
C TRP D 601 -10.88 19.62 27.49
N ILE D 602 -10.07 18.69 26.99
CA ILE D 602 -10.28 18.13 25.64
C ILE D 602 -11.58 17.35 25.48
N GLY D 603 -11.97 16.57 26.50
CA GLY D 603 -13.20 15.78 26.44
C GLY D 603 -13.24 14.81 25.27
N ASP D 604 -14.35 14.82 24.54
CA ASP D 604 -14.47 13.98 23.38
C ASP D 604 -13.98 14.77 22.14
N GLY D 605 -13.45 15.98 22.34
CA GLY D 605 -12.76 16.71 21.27
C GLY D 605 -13.71 17.50 20.36
N SER D 606 -15.01 17.47 20.66
CA SER D 606 -16.03 17.99 19.75
C SER D 606 -16.43 19.46 20.03
N GLU D 607 -15.96 20.04 21.15
CA GLU D 607 -16.42 21.39 21.53
C GLU D 607 -15.85 22.49 20.66
N ASN D 608 -16.67 23.50 20.42
CA ASN D 608 -16.32 24.62 19.56
C ASN D 608 -15.23 25.45 20.20
N ILE D 609 -14.23 25.78 19.39
CA ILE D 609 -13.19 26.69 19.81
C ILE D 609 -13.02 27.78 18.74
N ASP D 610 -13.98 27.90 17.84
CA ASP D 610 -13.86 28.90 16.76
C ASP D 610 -14.68 30.12 17.19
N ASN D 611 -14.09 31.31 17.21
CA ASN D 611 -14.83 32.53 17.60
C ASN D 611 -15.47 32.49 18.99
N THR D 612 -14.66 32.28 20.01
CA THR D 612 -15.20 32.15 21.33
C THR D 612 -14.11 32.49 22.34
N ASP D 613 -14.31 32.17 23.61
CA ASP D 613 -13.27 32.47 24.56
C ASP D 613 -12.43 31.21 24.63
N ILE D 614 -11.15 31.31 24.31
CA ILE D 614 -10.35 30.08 24.23
C ILE D 614 -9.16 30.07 25.16
N LEU D 615 -8.53 28.91 25.31
CA LEU D 615 -7.27 28.80 26.01
C LEU D 615 -6.32 28.03 25.08
N PHE D 616 -5.07 28.50 24.94
CA PHE D 616 -4.13 27.98 23.95
C PHE D 616 -2.91 27.49 24.74
N PHE D 617 -2.69 26.18 24.80
CA PHE D 617 -1.62 25.61 25.64
C PHE D 617 -0.55 25.08 24.72
N HIS D 618 0.67 25.59 24.86
CA HIS D 618 1.71 25.29 23.89
C HIS D 618 2.84 24.52 24.58
N THR D 619 3.19 23.36 24.05
CA THR D 619 4.27 22.55 24.61
C THR D 619 5.54 22.83 23.82
N PHE D 620 6.63 23.15 24.52
CA PHE D 620 7.91 23.50 23.87
C PHE D 620 9.04 23.09 24.79
N GLY D 621 10.25 23.02 24.28
CA GLY D 621 11.34 22.67 25.17
C GLY D 621 12.45 22.07 24.36
N ILE D 622 13.26 21.26 25.03
CA ILE D 622 14.44 20.66 24.39
C ILE D 622 14.61 19.21 24.84
N THR D 623 15.41 18.47 24.07
CA THR D 623 15.76 17.10 24.40
C THR D 623 17.29 17.15 24.68
N HIS D 624 17.68 16.77 25.89
CA HIS D 624 19.07 16.95 26.33
C HIS D 624 19.77 15.60 26.34
N PHE D 625 20.74 15.42 25.45
CA PHE D 625 21.70 14.32 25.58
C PHE D 625 23.03 14.84 26.19
N PRO D 626 23.29 14.51 27.46
CA PRO D 626 24.42 15.20 28.13
C PRO D 626 25.78 14.96 27.47
N ALA D 627 26.65 15.96 27.58
CA ALA D 627 28.05 15.84 27.16
C ALA D 627 28.94 16.32 28.32
N PRO D 628 30.23 15.95 28.29
CA PRO D 628 31.12 16.41 29.38
C PRO D 628 31.16 17.93 29.52
N GLU D 629 30.86 18.69 28.47
CA GLU D 629 30.83 20.14 28.59
C GLU D 629 29.79 20.63 29.59
N ASP D 630 28.72 19.85 29.79
CA ASP D 630 27.68 20.21 30.74
C ASP D 630 28.08 19.97 32.21
N PHE D 631 29.23 19.33 32.44
CA PHE D 631 29.63 18.89 33.83
C PHE D 631 30.92 19.63 34.23
N PRO D 632 31.15 19.83 35.55
CA PRO D 632 30.24 19.59 36.70
C PRO D 632 29.15 20.65 36.83
N LEU D 633 29.18 21.64 35.94
CA LEU D 633 28.25 22.75 35.96
C LEU D 633 27.98 23.15 34.53
N MET D 634 26.71 23.35 34.21
CA MET D 634 26.23 23.37 32.83
C MET D 634 26.21 24.83 32.34
N PRO D 635 26.89 25.12 31.23
CA PRO D 635 26.71 26.39 30.50
C PRO D 635 25.25 26.53 30.04
N ALA D 636 24.76 27.76 30.06
CA ALA D 636 23.35 28.04 29.85
C ALA D 636 22.94 27.51 28.47
N GLU D 637 21.76 26.90 28.41
CA GLU D 637 21.21 26.42 27.15
C GLU D 637 19.92 27.19 26.89
N PRO D 638 19.81 27.83 25.74
CA PRO D 638 18.70 28.72 25.50
C PRO D 638 17.45 28.02 24.88
N ILE D 639 16.28 28.47 25.29
CA ILE D 639 15.01 28.11 24.65
C ILE D 639 14.28 29.42 24.41
N THR D 640 13.57 29.55 23.29
CA THR D 640 12.81 30.77 23.01
C THR D 640 11.54 30.49 22.19
N LEU D 641 10.51 31.29 22.42
CA LEU D 641 9.34 31.29 21.52
C LEU D 641 8.93 32.73 21.42
N MET D 642 8.14 33.07 20.42
CA MET D 642 7.80 34.45 20.22
C MET D 642 6.35 34.60 19.77
N LEU D 643 5.68 35.66 20.21
CA LEU D 643 4.34 35.96 19.78
C LEU D 643 4.39 37.33 19.07
N ARG D 644 4.13 37.32 17.78
CA ARG D 644 4.37 38.48 16.92
CA ARG D 644 4.37 38.46 16.92
C ARG D 644 3.05 39.04 16.43
N PRO D 645 2.90 40.39 16.39
CA PRO D 645 1.66 40.87 15.78
C PRO D 645 1.70 40.75 14.25
N ARG D 646 0.67 40.16 13.62
CA ARG D 646 0.61 40.05 12.15
C ARG D 646 -0.79 40.42 11.74
N HIS D 647 -0.89 41.47 10.94
CA HIS D 647 -2.18 42.07 10.55
C HIS D 647 -2.89 42.72 11.71
N PHE D 648 -2.22 42.78 12.86
CA PHE D 648 -2.72 43.49 14.02
C PHE D 648 -2.60 45.02 13.78
N PHE D 649 -1.45 45.48 13.29
CA PHE D 649 -1.32 46.92 12.97
C PHE D 649 -1.51 47.16 11.49
N THR D 650 -1.61 48.41 11.08
CA THR D 650 -1.60 48.73 9.66
C THR D 650 -0.23 49.14 9.12
N GLU D 651 0.76 49.27 9.98
CA GLU D 651 2.13 49.57 9.55
C GLU D 651 3.02 49.27 10.74
N ASN D 652 4.33 49.18 10.53
CA ASN D 652 5.31 49.12 11.61
C ASN D 652 4.98 50.09 12.76
N PRO D 653 4.65 49.58 13.95
CA PRO D 653 4.25 50.40 15.10
C PRO D 653 5.40 51.12 15.83
N GLY D 654 6.63 50.81 15.46
CA GLY D 654 7.77 51.53 16.04
C GLY D 654 8.28 52.74 15.26
N LEU D 655 7.60 53.15 14.19
CA LEU D 655 8.15 54.25 13.38
C LEU D 655 8.13 55.64 14.06
N ASP D 656 7.40 55.80 15.15
CA ASP D 656 7.49 57.02 15.94
C ASP D 656 8.54 57.02 17.07
N ILE D 657 9.37 56.01 17.13
CA ILE D 657 10.56 56.07 17.97
C ILE D 657 11.65 56.92 17.30
N GLN D 658 12.28 57.80 18.08
CA GLN D 658 13.30 58.69 17.54
C GLN D 658 14.39 57.82 16.95
N PRO D 659 14.67 58.00 15.65
CA PRO D 659 15.84 57.33 15.10
C PRO D 659 17.12 57.68 15.85
N SER D 660 18.07 56.75 15.84
CA SER D 660 19.42 56.99 16.30
C SER D 660 20.18 57.90 15.35
N TYR D 661 19.83 57.77 14.08
CA TYR D 661 20.43 58.54 13.03
C TYR D 661 19.46 58.53 11.88
N ALA D 662 19.24 59.73 11.29
CA ALA D 662 18.40 59.87 10.12
C ALA D 662 18.94 60.99 9.21
N MET D 663 19.21 60.63 7.96
CA MET D 663 19.42 61.62 6.93
C MET D 663 18.59 61.37 5.69
N THR D 664 17.80 62.36 5.30
CA THR D 664 17.03 62.29 4.05
C THR D 664 17.92 62.55 2.87
N THR D 665 17.37 62.33 1.71
CA THR D 665 18.10 62.50 0.47
C THR D 665 18.42 63.99 0.22
N SER D 666 17.46 64.86 0.52
CA SER D 666 17.69 66.28 0.39
C SER D 666 18.68 66.79 1.49
N GLU D 667 18.56 66.31 2.73
CA GLU D 667 19.56 66.65 3.75
C GLU D 667 20.96 66.23 3.32
N ALA D 668 21.08 65.10 2.64
CA ALA D 668 22.41 64.64 2.21
C ALA D 668 23.01 65.48 1.08
N LYS D 669 22.14 65.98 0.19
CA LYS D 669 22.56 66.88 -0.89
C LYS D 669 23.00 68.26 -0.37
N ARG D 670 22.45 68.68 0.77
CA ARG D 670 22.89 69.90 1.42
C ARG D 670 24.26 69.71 2.07
N ALA D 671 24.47 68.58 2.75
CA ALA D 671 25.74 68.28 3.42
C ALA D 671 26.94 68.44 2.49
N VAL D 672 26.79 68.00 1.23
CA VAL D 672 27.88 68.05 0.22
C VAL D 672 27.77 69.21 -0.84
N ALA E 19 5.77 -37.93 59.80
CA ALA E 19 5.27 -39.13 59.07
C ALA E 19 5.12 -38.85 57.56
N ARG E 20 5.56 -39.81 56.73
CA ARG E 20 5.76 -39.62 55.27
C ARG E 20 4.69 -40.36 54.41
N PRO E 21 4.17 -39.70 53.35
CA PRO E 21 3.36 -40.40 52.32
C PRO E 21 4.24 -41.29 51.46
N ALA E 22 3.71 -42.43 50.99
CA ALA E 22 4.50 -43.24 50.06
C ALA E 22 4.78 -42.45 48.76
N HIS E 23 3.86 -41.54 48.40
CA HIS E 23 4.00 -40.80 47.14
C HIS E 23 4.41 -39.32 47.25
N PRO E 24 5.57 -38.95 46.66
CA PRO E 24 6.09 -37.60 46.84
C PRO E 24 5.19 -36.49 46.27
N LEU E 25 4.23 -36.82 45.41
CA LEU E 25 3.29 -35.81 44.88
C LEU E 25 1.97 -35.70 45.66
N ASP E 26 1.75 -36.60 46.64
CA ASP E 26 0.59 -36.52 47.56
C ASP E 26 0.55 -35.15 48.23
N PRO E 27 -0.66 -34.56 48.33
CA PRO E 27 -0.74 -33.30 49.05
C PRO E 27 -0.38 -33.50 50.53
N LEU E 28 0.04 -32.42 51.19
CA LEU E 28 0.22 -32.42 52.66
C LEU E 28 -0.98 -33.02 53.41
N SER E 29 -0.71 -34.00 54.28
CA SER E 29 -1.73 -34.52 55.19
C SER E 29 -2.04 -33.41 56.20
N THR E 30 -3.10 -33.60 56.98
CA THR E 30 -3.43 -32.68 58.07
C THR E 30 -2.31 -32.59 59.10
N ALA E 31 -1.69 -33.74 59.40
CA ALA E 31 -0.54 -33.79 60.29
C ALA E 31 0.66 -33.02 59.74
N GLU E 32 0.94 -33.14 58.45
CA GLU E 32 2.05 -32.35 57.88
C GLU E 32 1.79 -30.82 57.94
N ILE E 33 0.56 -30.40 57.67
CA ILE E 33 0.16 -29.00 57.79
C ILE E 33 0.42 -28.51 59.25
N LYS E 34 -0.11 -29.24 60.22
CA LYS E 34 0.14 -28.93 61.62
C LYS E 34 1.62 -28.76 61.93
N ALA E 35 2.45 -29.69 61.47
CA ALA E 35 3.88 -29.66 61.76
C ALA E 35 4.55 -28.44 61.13
N ALA E 36 4.11 -28.10 59.92
CA ALA E 36 4.60 -26.92 59.20
C ALA E 36 4.21 -25.66 59.95
N THR E 37 2.96 -25.54 60.35
CA THR E 37 2.60 -24.36 61.11
C THR E 37 3.31 -24.26 62.50
N ASN E 38 3.51 -25.40 63.17
CA ASN E 38 4.20 -25.36 64.49
C ASN E 38 5.60 -24.80 64.32
N THR E 39 6.29 -25.31 63.29
CA THR E 39 7.64 -24.88 62.93
C THR E 39 7.75 -23.38 62.64
N VAL E 40 6.83 -22.90 61.81
CA VAL E 40 6.84 -21.50 61.44
C VAL E 40 6.59 -20.68 62.70
N LYS E 41 5.58 -21.06 63.47
CA LYS E 41 5.29 -20.40 64.74
C LYS E 41 6.53 -20.32 65.63
N SER E 42 7.19 -21.45 65.86
CA SER E 42 8.41 -21.49 66.69
CA SER E 42 8.37 -21.43 66.71
C SER E 42 9.51 -20.59 66.11
N TYR E 43 9.66 -20.61 64.78
CA TYR E 43 10.69 -19.81 64.11
C TYR E 43 10.49 -18.28 64.30
N PHE E 44 9.22 -17.85 64.22
CA PHE E 44 8.81 -16.46 64.45
C PHE E 44 8.34 -16.25 65.90
N ALA E 45 9.19 -16.71 66.81
CA ALA E 45 8.90 -16.68 68.25
C ALA E 45 8.61 -15.28 68.71
N GLY E 46 7.46 -15.11 69.36
CA GLY E 46 7.10 -13.84 69.99
C GLY E 46 6.48 -12.80 69.07
N LYS E 47 6.20 -13.17 67.82
CA LYS E 47 5.51 -12.30 66.88
C LYS E 47 4.11 -12.86 66.55
N LYS E 48 3.11 -11.99 66.51
CA LYS E 48 1.74 -12.37 66.08
C LYS E 48 1.68 -12.57 64.54
N ILE E 49 1.54 -13.82 64.12
CA ILE E 49 1.45 -14.15 62.71
C ILE E 49 0.16 -14.89 62.38
N SER E 50 -0.32 -14.72 61.15
CA SER E 50 -1.48 -15.46 60.70
C SER E 50 -1.15 -16.21 59.42
N PHE E 51 -1.83 -17.33 59.18
CA PHE E 51 -1.47 -18.18 58.06
C PHE E 51 -2.40 -17.95 56.90
N ASN E 52 -1.80 -17.63 55.77
CA ASN E 52 -2.54 -17.40 54.55
C ASN E 52 -2.53 -18.63 53.66
N THR E 53 -1.36 -19.22 53.47
CA THR E 53 -1.24 -20.47 52.69
C THR E 53 -0.22 -21.44 53.33
N VAL E 54 -0.59 -22.71 53.43
CA VAL E 54 0.41 -23.79 53.67
CA VAL E 54 0.43 -23.75 53.63
C VAL E 54 0.13 -24.97 52.75
N THR E 55 1.07 -25.32 51.90
CA THR E 55 0.77 -26.24 50.84
C THR E 55 2.01 -27.00 50.41
N LEU E 56 1.82 -28.13 49.76
CA LEU E 56 2.96 -28.89 49.27
C LEU E 56 3.83 -27.98 48.38
N ARG E 57 5.15 -27.97 48.61
CA ARG E 57 6.12 -27.58 47.57
C ARG E 57 6.54 -28.82 46.77
N GLU E 58 6.05 -28.94 45.55
CA GLU E 58 6.29 -30.15 44.77
C GLU E 58 7.77 -30.34 44.47
N PRO E 59 8.25 -31.59 44.50
CA PRO E 59 9.69 -31.79 44.33
C PRO E 59 10.14 -31.29 42.96
N ALA E 60 11.40 -30.92 42.84
CA ALA E 60 12.00 -30.65 41.53
C ALA E 60 11.66 -31.71 40.48
N ARG E 61 11.45 -31.28 39.24
CA ARG E 61 11.04 -32.19 38.18
C ARG E 61 12.09 -33.31 37.98
N LYS E 62 13.36 -32.92 37.99
CA LYS E 62 14.46 -33.82 37.69
C LYS E 62 14.62 -34.82 38.85
N ALA E 63 14.58 -34.32 40.07
CA ALA E 63 14.56 -35.18 41.26
C ALA E 63 13.41 -36.18 41.20
N TYR E 64 12.23 -35.75 40.72
CA TYR E 64 11.09 -36.64 40.70
C TYR E 64 11.29 -37.79 39.72
N ILE E 65 11.75 -37.47 38.50
CA ILE E 65 11.91 -38.44 37.43
C ILE E 65 13.07 -39.39 37.79
N GLN E 66 14.09 -38.82 38.45
CA GLN E 66 15.22 -39.60 38.94
C GLN E 66 14.76 -40.64 39.92
N TRP E 67 13.86 -40.26 40.82
CA TRP E 67 13.31 -41.15 41.82
C TRP E 67 12.42 -42.24 41.20
N LYS E 68 11.52 -41.81 40.30
CA LYS E 68 10.52 -42.70 39.71
C LYS E 68 11.15 -43.77 38.83
N GLU E 69 12.17 -43.36 38.07
CA GLU E 69 12.66 -44.12 36.92
C GLU E 69 14.15 -44.57 37.02
N GLN E 70 15.00 -43.75 37.64
CA GLN E 70 16.46 -44.00 37.67
C GLN E 70 17.01 -44.31 39.07
N GLY E 71 16.20 -44.97 39.90
CA GLY E 71 16.59 -45.31 41.25
C GLY E 71 17.17 -44.18 42.09
N GLY E 72 16.75 -42.93 41.85
CA GLY E 72 17.20 -41.78 42.65
C GLY E 72 16.62 -41.77 44.07
N PRO E 73 17.15 -40.89 44.94
CA PRO E 73 16.55 -40.82 46.27
C PRO E 73 15.15 -40.18 46.29
N LEU E 74 14.31 -40.69 47.19
CA LEU E 74 13.10 -40.02 47.61
C LEU E 74 13.37 -38.55 48.01
N PRO E 75 12.66 -37.60 47.34
CA PRO E 75 12.85 -36.16 47.54
C PRO E 75 12.39 -35.72 48.92
N PRO E 76 13.07 -34.72 49.49
CA PRO E 76 12.60 -34.23 50.79
C PRO E 76 11.17 -33.68 50.65
N ARG E 77 10.34 -34.11 51.59
CA ARG E 77 8.98 -33.63 51.83
C ARG E 77 8.96 -32.16 52.33
N LEU E 78 8.48 -31.24 51.50
CA LEU E 78 8.56 -29.80 51.77
C LEU E 78 7.20 -29.05 51.75
N ALA E 79 7.06 -28.06 52.63
CA ALA E 79 5.82 -27.28 52.72
C ALA E 79 6.14 -25.82 52.45
N TYR E 80 5.39 -25.23 51.53
CA TYR E 80 5.44 -23.80 51.24
C TYR E 80 4.40 -23.06 52.10
N TYR E 81 4.80 -21.96 52.73
CA TYR E 81 3.83 -21.16 53.49
C TYR E 81 3.83 -19.69 53.10
N VAL E 82 2.72 -19.03 53.35
CA VAL E 82 2.68 -17.59 53.26
C VAL E 82 2.04 -17.12 54.56
N ILE E 83 2.66 -16.17 55.23
CA ILE E 83 2.09 -15.63 56.47
C ILE E 83 1.97 -14.13 56.39
N LEU E 84 1.03 -13.58 57.15
CA LEU E 84 1.00 -12.18 57.46
C LEU E 84 1.55 -11.98 58.88
N GLU E 85 2.19 -10.83 59.10
CA GLU E 85 2.50 -10.36 60.46
C GLU E 85 1.79 -9.04 60.76
N ALA E 86 1.10 -8.96 61.90
CA ALA E 86 0.38 -7.74 62.29
C ALA E 86 1.28 -6.49 62.36
N GLY E 87 0.83 -5.43 61.69
CA GLY E 87 1.53 -4.13 61.66
C GLY E 87 2.71 -4.08 60.69
N LYS E 88 2.96 -5.21 60.02
CA LYS E 88 4.00 -5.29 59.01
C LYS E 88 3.40 -5.38 57.61
N PRO E 89 3.92 -4.59 56.67
CA PRO E 89 3.28 -4.59 55.35
C PRO E 89 3.58 -5.85 54.52
N GLY E 90 2.65 -6.22 53.65
CA GLY E 90 2.89 -7.34 52.74
C GLY E 90 2.83 -8.71 53.40
N VAL E 91 3.75 -9.60 53.02
CA VAL E 91 3.72 -10.97 53.52
C VAL E 91 5.13 -11.43 53.84
N LYS E 92 5.24 -12.54 54.54
CA LYS E 92 6.47 -13.32 54.47
C LYS E 92 6.14 -14.70 53.91
N GLU E 93 7.07 -15.29 53.18
CA GLU E 93 6.85 -16.59 52.57
C GLU E 93 8.06 -17.47 52.81
N GLY E 94 7.91 -18.77 52.63
CA GLY E 94 9.07 -19.65 52.76
C GLY E 94 8.75 -21.12 52.68
N LEU E 95 9.73 -21.92 53.08
CA LEU E 95 9.75 -23.38 52.99
C LEU E 95 10.11 -24.07 54.31
N VAL E 96 9.34 -25.09 54.65
CA VAL E 96 9.64 -25.96 55.77
C VAL E 96 9.99 -27.33 55.26
N ASP E 97 11.21 -27.77 55.60
CA ASP E 97 11.57 -29.17 55.50
C ASP E 97 10.84 -29.93 56.62
N LEU E 98 9.91 -30.80 56.26
CA LEU E 98 9.07 -31.51 57.24
C LEU E 98 9.79 -32.56 58.11
N ALA E 99 10.75 -33.26 57.51
CA ALA E 99 11.50 -34.30 58.19
C ALA E 99 12.28 -33.70 59.36
N SER E 100 12.97 -32.57 59.13
CA SER E 100 13.80 -31.91 60.15
C SER E 100 13.05 -30.87 60.97
N LEU E 101 11.75 -30.75 60.72
CA LEU E 101 10.92 -29.73 61.40
C LEU E 101 11.58 -28.36 61.45
N SER E 102 12.02 -27.85 60.30
CA SER E 102 12.77 -26.59 60.27
C SER E 102 12.56 -25.71 59.03
N VAL E 103 12.64 -24.39 59.23
CA VAL E 103 12.54 -23.41 58.16
C VAL E 103 13.86 -23.36 57.37
N ILE E 104 13.81 -23.69 56.08
CA ILE E 104 15.03 -23.75 55.24
C ILE E 104 15.16 -22.60 54.24
N GLU E 105 14.18 -21.70 54.23
CA GLU E 105 14.11 -20.64 53.23
C GLU E 105 13.06 -19.62 53.69
N THR E 106 13.37 -18.35 53.59
CA THR E 106 12.53 -17.35 54.21
C THR E 106 12.77 -16.00 53.57
N ARG E 107 11.68 -15.31 53.18
CA ARG E 107 11.81 -13.94 52.68
C ARG E 107 10.63 -13.07 52.94
N ALA E 108 10.90 -11.81 53.24
CA ALA E 108 9.86 -10.82 53.43
C ALA E 108 9.52 -10.21 52.06
N LEU E 109 8.24 -10.17 51.71
CA LEU E 109 7.77 -9.44 50.49
C LEU E 109 6.80 -8.33 50.87
N GLU E 110 7.31 -7.13 51.05
CA GLU E 110 6.54 -6.06 51.66
C GLU E 110 5.59 -5.34 50.71
N THR E 111 5.70 -5.60 49.41
CA THR E 111 4.96 -4.81 48.43
C THR E 111 4.07 -5.68 47.55
N VAL E 112 3.64 -6.83 48.05
CA VAL E 112 2.66 -7.68 47.33
C VAL E 112 1.53 -8.01 48.30
N GLN E 113 0.38 -8.47 47.77
CA GLN E 113 -0.72 -8.92 48.62
C GLN E 113 -1.07 -10.35 48.23
N PRO E 114 -1.47 -11.20 49.19
CA PRO E 114 -1.61 -12.57 48.77
C PRO E 114 -3.07 -12.96 48.43
N ILE E 115 -3.23 -14.19 47.99
CA ILE E 115 -4.53 -14.76 47.71
C ILE E 115 -5.47 -14.51 48.89
N LEU E 116 -6.73 -14.26 48.56
CA LEU E 116 -7.75 -14.00 49.62
C LEU E 116 -8.43 -15.31 50.08
N THR E 117 -8.20 -15.73 51.32
CA THR E 117 -8.79 -16.98 51.86
C THR E 117 -10.26 -16.82 52.27
N VAL E 118 -10.91 -17.93 52.61
CA VAL E 118 -12.34 -17.88 53.06
C VAL E 118 -12.52 -17.00 54.30
N GLU E 119 -11.58 -17.07 55.23
CA GLU E 119 -11.62 -16.21 56.40
C GLU E 119 -11.32 -14.76 56.07
N ASP E 120 -10.47 -14.48 55.07
CA ASP E 120 -10.19 -13.08 54.71
C ASP E 120 -11.47 -12.41 54.23
N LEU E 121 -12.26 -13.19 53.50
CA LEU E 121 -13.48 -12.74 52.87
C LEU E 121 -14.70 -12.75 53.78
N CYS E 122 -14.78 -13.69 54.74
CA CYS E 122 -16.07 -13.90 55.39
CA CYS E 122 -15.98 -13.97 55.56
C CYS E 122 -16.50 -12.76 56.35
N SER E 123 -15.57 -11.91 56.79
CA SER E 123 -15.97 -10.81 57.67
C SER E 123 -16.37 -9.51 56.97
N THR E 124 -16.13 -9.38 55.67
CA THR E 124 -16.35 -8.08 55.00
C THR E 124 -17.80 -7.59 55.12
N GLU E 125 -18.73 -8.52 55.00
CA GLU E 125 -20.15 -8.22 55.01
C GLU E 125 -20.53 -7.51 56.30
N GLU E 126 -20.05 -8.03 57.42
CA GLU E 126 -20.39 -7.43 58.71
C GLU E 126 -19.66 -6.11 58.90
N VAL E 127 -18.47 -6.00 58.34
CA VAL E 127 -17.79 -4.72 58.36
C VAL E 127 -18.63 -3.64 57.65
N ILE E 128 -19.14 -3.95 56.47
CA ILE E 128 -19.93 -2.92 55.77
C ILE E 128 -21.33 -2.67 56.37
N ARG E 129 -21.96 -3.71 56.90
CA ARG E 129 -23.22 -3.50 57.63
C ARG E 129 -23.07 -2.57 58.84
N ASN E 130 -21.89 -2.48 59.44
CA ASN E 130 -21.69 -1.71 60.65
C ASN E 130 -21.04 -0.35 60.44
N ASP E 131 -20.76 0.00 59.18
CA ASP E 131 -20.00 1.19 58.90
C ASP E 131 -20.91 2.39 58.72
N PRO E 132 -20.72 3.44 59.54
CA PRO E 132 -21.62 4.59 59.46
C PRO E 132 -21.75 5.12 58.02
N ALA E 133 -20.65 5.18 57.27
CA ALA E 133 -20.64 5.82 55.96
C ALA E 133 -21.41 4.92 54.99
N VAL E 134 -21.24 3.60 55.13
CA VAL E 134 -22.04 2.66 54.36
C VAL E 134 -23.55 2.71 54.64
N ILE E 135 -23.89 2.85 55.93
CA ILE E 135 -25.27 2.89 56.38
C ILE E 135 -25.96 4.09 55.74
N GLU E 136 -25.28 5.23 55.81
CA GLU E 136 -25.76 6.44 55.18
C GLU E 136 -26.04 6.24 53.68
N GLN E 137 -25.14 5.55 52.98
CA GLN E 137 -25.33 5.33 51.55
C GLN E 137 -26.54 4.42 51.32
N CYS E 138 -26.77 3.46 52.22
CA CYS E 138 -27.95 2.62 52.12
C CYS E 138 -29.24 3.42 52.34
N VAL E 139 -29.30 4.20 53.42
CA VAL E 139 -30.38 5.17 53.61
C VAL E 139 -30.63 6.06 52.40
N LEU E 140 -29.58 6.66 51.81
CA LEU E 140 -29.79 7.45 50.59
C LEU E 140 -30.31 6.58 49.43
N SER E 141 -29.99 5.29 49.46
CA SER E 141 -30.41 4.37 48.38
C SER E 141 -31.84 3.86 48.59
N GLY E 142 -32.50 4.32 49.64
CA GLY E 142 -33.87 3.86 49.97
C GLY E 142 -34.00 2.62 50.87
N ILE E 143 -32.95 2.28 51.63
CA ILE E 143 -33.00 1.21 52.65
C ILE E 143 -32.75 1.77 54.06
N PRO E 144 -33.72 1.64 54.99
CA PRO E 144 -33.58 2.26 56.32
C PRO E 144 -32.44 1.73 57.15
N ALA E 145 -31.84 2.60 57.94
CA ALA E 145 -30.69 2.25 58.81
C ALA E 145 -30.95 0.99 59.61
N ASN E 146 -32.21 0.78 60.02
CA ASN E 146 -32.58 -0.40 60.81
C ASN E 146 -32.87 -1.68 60.01
N GLU E 147 -32.63 -1.63 58.70
CA GLU E 147 -32.75 -2.81 57.87
C GLU E 147 -31.42 -3.22 57.24
N MET E 148 -30.32 -2.93 57.94
CA MET E 148 -28.99 -3.31 57.45
C MET E 148 -28.78 -4.83 57.32
N HIS E 149 -29.48 -5.65 58.13
CA HIS E 149 -29.45 -7.12 57.98
C HIS E 149 -29.93 -7.62 56.58
N LYS E 150 -30.54 -6.73 55.80
CA LYS E 150 -31.01 -7.09 54.47
C LYS E 150 -29.98 -6.66 53.38
N VAL E 151 -28.88 -6.04 53.81
CA VAL E 151 -27.85 -5.62 52.87
C VAL E 151 -26.76 -6.70 52.89
N TYR E 152 -26.29 -7.10 51.70
CA TYR E 152 -25.32 -8.17 51.54
C TYR E 152 -24.24 -7.67 50.62
N CYS E 153 -23.10 -8.31 50.67
CA CYS E 153 -22.11 -7.99 49.66
C CYS E 153 -21.27 -9.20 49.32
N ASP E 154 -20.85 -9.23 48.07
CA ASP E 154 -19.87 -10.21 47.64
C ASP E 154 -18.52 -9.55 47.80
N PRO E 155 -17.63 -10.12 48.64
CA PRO E 155 -16.39 -9.41 48.84
C PRO E 155 -15.41 -9.81 47.75
N TRP E 156 -14.94 -8.87 46.93
CA TRP E 156 -13.94 -9.20 45.91
C TRP E 156 -12.62 -8.63 46.38
N THR E 157 -11.50 -9.16 45.90
CA THR E 157 -10.27 -8.33 45.90
C THR E 157 -10.56 -7.04 45.13
N ILE E 158 -9.89 -5.96 45.51
CA ILE E 158 -9.97 -4.74 44.77
C ILE E 158 -9.41 -4.94 43.34
N GLY E 159 -8.68 -6.03 43.14
CA GLY E 159 -8.09 -6.30 41.82
C GLY E 159 -6.86 -5.45 41.61
N TYR E 160 -7.09 -4.26 41.07
CA TYR E 160 -6.10 -3.21 41.12
C TYR E 160 -6.76 -1.85 41.13
N ASP E 161 -6.39 -1.05 42.13
CA ASP E 161 -6.75 0.36 42.16
C ASP E 161 -5.50 1.24 42.35
N GLU E 162 -5.23 2.08 41.35
CA GLU E 162 -4.04 2.96 41.34
C GLU E 162 -4.00 4.00 42.47
N ARG E 163 -5.07 4.14 43.25
CA ARG E 163 -5.08 5.06 44.36
C ARG E 163 -4.34 4.47 45.54
N TRP E 164 -4.19 3.14 45.60
CA TRP E 164 -3.53 2.50 46.79
C TRP E 164 -2.44 1.49 46.50
N GLY E 165 -2.38 0.99 45.26
CA GLY E 165 -1.34 0.06 44.88
C GLY E 165 -1.51 -1.19 45.71
N THR E 166 -0.39 -1.69 46.25
CA THR E 166 -0.37 -2.78 47.22
C THR E 166 -0.10 -2.24 48.64
N GLY E 167 -0.21 -0.92 48.84
CA GLY E 167 0.16 -0.31 50.12
C GLY E 167 -0.76 -0.69 51.28
N LYS E 168 -2.00 -1.08 50.95
CA LYS E 168 -2.95 -1.63 51.91
C LYS E 168 -3.53 -2.86 51.25
N ARG E 169 -3.92 -3.83 52.07
CA ARG E 169 -4.63 -4.98 51.59
C ARG E 169 -6.12 -4.70 51.45
N LEU E 170 -6.61 -4.61 50.22
CA LEU E 170 -7.94 -4.04 50.03
C LEU E 170 -8.91 -4.98 49.33
N GLN E 171 -10.17 -4.91 49.75
CA GLN E 171 -11.27 -5.58 49.08
C GLN E 171 -12.24 -4.54 48.55
N GLN E 172 -13.02 -4.90 47.53
CA GLN E 172 -14.18 -4.08 47.17
C GLN E 172 -15.47 -4.90 47.38
N ALA E 173 -16.49 -4.28 47.98
CA ALA E 173 -17.70 -5.00 48.33
C ALA E 173 -18.76 -4.71 47.25
N LEU E 174 -19.13 -5.70 46.44
CA LEU E 174 -20.21 -5.42 45.48
C LEU E 174 -21.48 -5.67 46.27
N VAL E 175 -22.32 -4.63 46.38
CA VAL E 175 -23.39 -4.56 47.37
CA VAL E 175 -23.38 -4.64 47.36
C VAL E 175 -24.77 -4.90 46.76
N TYR E 176 -25.53 -5.73 47.47
CA TYR E 176 -26.85 -6.17 47.02
C TYR E 176 -27.83 -6.08 48.16
N TYR E 177 -29.09 -6.37 47.85
CA TYR E 177 -30.17 -6.26 48.81
C TYR E 177 -31.08 -7.49 48.77
N ARG E 178 -31.48 -7.98 49.93
CA ARG E 178 -32.48 -9.06 49.95
C ARG E 178 -33.74 -8.64 50.69
N SER E 179 -34.92 -8.84 50.11
CA SER E 179 -36.14 -8.51 50.82
CA SER E 179 -36.17 -8.54 50.80
C SER E 179 -36.40 -9.61 51.84
N ASP E 180 -35.90 -10.81 51.53
CA ASP E 180 -36.04 -11.96 52.42
C ASP E 180 -34.77 -12.77 52.24
N GLU E 181 -34.34 -13.47 53.28
CA GLU E 181 -33.07 -14.17 53.27
C GLU E 181 -32.98 -15.29 52.22
N ASP E 182 -34.11 -15.83 51.80
CA ASP E 182 -34.14 -16.88 50.76
C ASP E 182 -34.11 -16.29 49.32
N ASP E 183 -34.20 -14.97 49.19
CA ASP E 183 -34.02 -14.28 47.90
C ASP E 183 -32.66 -14.53 47.28
N SER E 184 -32.64 -14.54 45.95
CA SER E 184 -31.38 -14.41 45.22
C SER E 184 -31.14 -12.92 45.07
N GLN E 185 -30.09 -12.39 45.72
CA GLN E 185 -29.92 -10.92 45.84
C GLN E 185 -29.63 -10.25 44.50
N TYR E 186 -29.20 -11.02 43.49
CA TYR E 186 -28.63 -10.47 42.27
C TYR E 186 -29.53 -9.60 41.42
N SER E 187 -30.82 -9.60 41.72
CA SER E 187 -31.76 -8.72 41.01
C SER E 187 -31.79 -7.34 41.67
N HIS E 188 -31.08 -7.23 42.80
CA HIS E 188 -31.08 -5.97 43.53
C HIS E 188 -29.66 -5.51 43.94
N PRO E 189 -28.78 -5.19 42.95
CA PRO E 189 -27.53 -4.54 43.32
C PRO E 189 -27.75 -3.10 43.75
N LEU E 190 -26.90 -2.57 44.64
CA LEU E 190 -26.92 -1.13 44.94
C LEU E 190 -25.90 -0.38 44.05
N ASP E 191 -25.96 0.94 44.04
CA ASP E 191 -25.20 1.71 43.06
C ASP E 191 -23.74 1.98 43.45
N PHE E 192 -23.36 1.66 44.67
CA PHE E 192 -22.09 2.18 45.20
C PHE E 192 -21.16 1.04 45.62
N CYS E 193 -19.89 1.35 45.83
CA CYS E 193 -18.87 0.34 46.00
C CYS E 193 -17.88 0.61 47.16
N PRO E 194 -18.11 -0.01 48.33
CA PRO E 194 -17.21 0.22 49.47
C PRO E 194 -15.89 -0.47 49.29
N ILE E 195 -14.79 0.19 49.68
CA ILE E 195 -13.43 -0.35 49.63
C ILE E 195 -13.03 -0.59 51.08
N VAL E 196 -12.61 -1.82 51.39
CA VAL E 196 -12.41 -2.22 52.77
C VAL E 196 -10.96 -2.60 52.99
N ASP E 197 -10.36 -2.09 54.07
CA ASP E 197 -9.04 -2.56 54.49
C ASP E 197 -9.19 -3.91 55.15
N THR E 198 -8.64 -4.92 54.51
CA THR E 198 -8.79 -6.32 54.95
C THR E 198 -8.24 -6.56 56.38
N GLU E 199 -7.12 -5.92 56.73
CA GLU E 199 -6.49 -6.19 58.02
CA GLU E 199 -6.45 -6.15 58.02
C GLU E 199 -7.00 -5.27 59.15
N GLU E 200 -7.26 -4.00 58.84
CA GLU E 200 -7.89 -3.08 59.79
C GLU E 200 -9.38 -3.42 60.03
N LYS E 201 -9.96 -4.20 59.14
CA LYS E 201 -11.41 -4.45 59.15
C LYS E 201 -12.20 -3.15 59.19
N LYS E 202 -11.85 -2.18 58.33
CA LYS E 202 -12.56 -0.91 58.23
C LYS E 202 -12.84 -0.52 56.76
N VAL E 203 -13.95 0.18 56.57
CA VAL E 203 -14.20 0.86 55.30
C VAL E 203 -13.36 2.12 55.22
N ILE E 204 -12.53 2.21 54.18
CA ILE E 204 -11.68 3.38 53.96
C ILE E 204 -12.15 4.37 52.90
N PHE E 205 -13.07 3.93 52.04
CA PHE E 205 -13.56 4.75 50.93
C PHE E 205 -14.80 4.09 50.34
N ILE E 206 -15.70 4.89 49.78
CA ILE E 206 -16.81 4.37 49.00
C ILE E 206 -16.82 5.05 47.63
N ASP E 207 -16.77 4.27 46.57
CA ASP E 207 -16.98 4.83 45.25
C ASP E 207 -18.46 5.08 45.06
N ILE E 208 -18.81 6.29 44.67
CA ILE E 208 -20.20 6.66 44.57
C ILE E 208 -20.37 7.29 43.19
N PRO E 209 -21.34 6.81 42.40
CA PRO E 209 -21.46 7.33 41.04
C PRO E 209 -22.03 8.76 40.98
N ASN E 210 -21.84 9.48 39.86
CA ASN E 210 -22.49 10.81 39.69
C ASN E 210 -24.02 10.74 39.64
N ARG E 211 -24.57 9.82 38.83
CA ARG E 211 -26.00 9.49 38.86
CA ARG E 211 -26.00 9.53 38.90
C ARG E 211 -26.26 8.43 39.94
N ARG E 212 -26.95 8.83 41.00
CA ARG E 212 -27.46 7.90 42.04
C ARG E 212 -28.61 7.05 41.45
N ARG E 213 -28.67 5.77 41.82
CA ARG E 213 -29.86 4.94 41.51
C ARG E 213 -30.26 4.21 42.79
N LYS E 214 -31.50 4.42 43.23
CA LYS E 214 -32.03 3.79 44.43
C LYS E 214 -32.37 2.33 44.16
N VAL E 215 -32.42 1.55 45.25
CA VAL E 215 -32.64 0.13 45.19
C VAL E 215 -33.94 -0.11 44.42
N SER E 216 -33.93 -1.13 43.57
CA SER E 216 -35.08 -1.45 42.73
C SER E 216 -36.28 -1.82 43.60
N LYS E 217 -37.49 -1.43 43.16
CA LYS E 217 -38.72 -1.79 43.86
C LYS E 217 -39.41 -3.01 43.28
N HIS E 218 -38.87 -3.60 42.22
CA HIS E 218 -39.35 -4.89 41.69
C HIS E 218 -39.23 -6.06 42.71
N LYS E 219 -40.05 -7.10 42.55
CA LYS E 219 -39.82 -8.38 43.25
C LYS E 219 -38.44 -8.93 42.87
N HIS E 220 -37.82 -9.67 43.79
CA HIS E 220 -36.63 -10.42 43.47
C HIS E 220 -36.91 -11.46 42.40
N ALA E 221 -35.93 -11.67 41.51
CA ALA E 221 -35.96 -12.78 40.54
C ALA E 221 -35.44 -14.06 41.18
N ASN E 222 -36.36 -14.89 41.67
CA ASN E 222 -35.98 -16.06 42.48
C ASN E 222 -36.11 -17.36 41.71
N PHE E 223 -35.50 -18.43 42.19
CA PHE E 223 -35.48 -19.65 41.42
C PHE E 223 -35.65 -20.94 42.24
N TYR E 224 -35.95 -20.84 43.53
CA TYR E 224 -36.32 -22.09 44.22
C TYR E 224 -37.74 -22.57 43.88
N PRO E 225 -38.02 -23.87 44.12
CA PRO E 225 -39.35 -24.35 43.74
C PRO E 225 -40.54 -23.54 44.34
N LYS E 226 -40.43 -23.10 45.60
CA LYS E 226 -41.50 -22.27 46.19
C LYS E 226 -41.73 -20.95 45.45
N HIS E 227 -40.63 -20.32 45.05
CA HIS E 227 -40.71 -19.11 44.25
C HIS E 227 -41.31 -19.38 42.86
N MET E 228 -40.97 -20.53 42.27
CA MET E 228 -41.45 -20.87 40.91
C MET E 228 -42.94 -21.17 40.88
N ILE E 229 -43.39 -21.93 41.87
CA ILE E 229 -44.84 -22.11 42.08
C ILE E 229 -45.57 -20.76 42.07
N GLU E 230 -45.09 -19.80 42.84
CA GLU E 230 -45.60 -18.41 42.84
CA GLU E 230 -45.74 -18.49 42.79
C GLU E 230 -45.59 -17.80 41.43
N LYS E 231 -44.49 -18.01 40.70
CA LYS E 231 -44.22 -17.25 39.46
C LYS E 231 -44.96 -17.83 38.24
N VAL E 232 -44.89 -19.16 38.10
CA VAL E 232 -45.50 -19.85 36.97
C VAL E 232 -46.66 -20.84 37.29
N GLY E 233 -47.12 -20.89 38.55
CA GLY E 233 -48.29 -21.70 38.92
C GLY E 233 -47.94 -23.04 39.55
N ALA E 234 -46.98 -23.75 38.97
CA ALA E 234 -46.65 -25.12 39.40
C ALA E 234 -45.28 -25.52 38.85
N MET E 235 -44.58 -26.40 39.56
CA MET E 235 -43.41 -27.09 39.00
C MET E 235 -43.80 -28.16 37.96
N ARG E 236 -42.87 -28.54 37.08
CA ARG E 236 -43.11 -29.72 36.24
C ARG E 236 -43.19 -30.96 37.11
N PRO E 237 -44.05 -31.93 36.74
CA PRO E 237 -44.09 -33.20 37.49
C PRO E 237 -42.67 -33.79 37.62
N GLU E 238 -42.37 -34.48 38.72
CA GLU E 238 -41.13 -35.26 38.82
C GLU E 238 -40.95 -36.17 37.58
N ALA E 239 -39.75 -36.18 37.01
CA ALA E 239 -39.53 -36.98 35.79
C ALA E 239 -39.22 -38.46 36.09
N PRO E 240 -39.61 -39.36 35.18
CA PRO E 240 -39.23 -40.77 35.33
C PRO E 240 -37.71 -40.90 35.43
N PRO E 241 -37.24 -41.65 36.45
CA PRO E 241 -35.81 -41.70 36.76
C PRO E 241 -34.97 -42.43 35.69
N ILE E 242 -33.73 -41.97 35.53
CA ILE E 242 -32.76 -42.67 34.73
C ILE E 242 -31.68 -43.15 35.71
N ASN E 243 -31.57 -44.47 35.85
CA ASN E 243 -30.73 -45.07 36.91
C ASN E 243 -29.49 -45.71 36.36
N VAL E 244 -28.39 -45.52 37.09
CA VAL E 244 -27.06 -45.89 36.66
C VAL E 244 -26.43 -46.78 37.73
N THR E 245 -26.36 -48.06 37.44
CA THR E 245 -25.78 -48.99 38.40
C THR E 245 -24.55 -49.68 37.85
N GLN E 246 -23.58 -49.89 38.75
CA GLN E 246 -22.42 -50.72 38.42
C GLN E 246 -22.31 -51.94 39.36
N PRO E 247 -23.14 -52.97 39.09
CA PRO E 247 -23.27 -54.06 40.06
C PRO E 247 -21.96 -54.82 40.33
N GLU E 248 -21.09 -54.94 39.33
CA GLU E 248 -19.84 -55.64 39.56
C GLU E 248 -18.66 -54.73 39.92
N GLY E 249 -18.95 -53.49 40.30
CA GLY E 249 -17.89 -52.54 40.72
C GLY E 249 -17.37 -51.71 39.55
N VAL E 250 -16.22 -51.06 39.72
CA VAL E 250 -15.67 -50.24 38.65
C VAL E 250 -14.50 -50.90 37.97
N SER E 251 -14.17 -50.43 36.78
CA SER E 251 -12.97 -50.89 36.11
C SER E 251 -11.68 -50.19 36.53
N PHE E 252 -11.74 -49.01 37.11
CA PHE E 252 -10.50 -48.31 37.48
C PHE E 252 -9.96 -48.79 38.81
N LYS E 253 -8.68 -48.58 39.08
CA LYS E 253 -8.12 -48.95 40.38
C LYS E 253 -7.33 -47.78 40.99
N MET E 254 -7.69 -47.38 42.21
CA MET E 254 -6.95 -46.34 42.95
C MET E 254 -6.07 -46.93 44.05
N THR E 255 -4.80 -46.53 44.05
CA THR E 255 -3.88 -46.80 45.15
C THR E 255 -3.38 -45.49 45.75
N GLY E 256 -3.97 -45.10 46.88
CA GLY E 256 -3.89 -43.72 47.34
C GLY E 256 -4.41 -42.78 46.26
N ASN E 257 -3.53 -41.91 45.76
CA ASN E 257 -3.95 -40.91 44.78
C ASN E 257 -3.57 -41.33 43.37
N VAL E 258 -3.00 -42.52 43.24
CA VAL E 258 -2.59 -43.03 41.94
C VAL E 258 -3.76 -43.72 41.25
N MET E 259 -4.09 -43.25 40.06
CA MET E 259 -5.13 -43.85 39.26
C MET E 259 -4.58 -44.77 38.17
N GLU E 260 -5.30 -45.87 37.93
CA GLU E 260 -5.02 -46.75 36.81
C GLU E 260 -6.33 -47.10 36.15
N TRP E 261 -6.39 -46.94 34.83
CA TRP E 261 -7.61 -47.15 34.09
C TRP E 261 -7.27 -47.17 32.62
N SER E 262 -7.80 -48.19 31.93
CA SER E 262 -7.67 -48.29 30.50
C SER E 262 -6.25 -47.91 30.06
N ASN E 263 -5.25 -48.51 30.73
CA ASN E 263 -3.83 -48.35 30.37
C ASN E 263 -3.16 -47.03 30.80
N PHE E 264 -4.00 -46.06 31.20
CA PHE E 264 -3.53 -44.82 31.77
C PHE E 264 -3.07 -45.02 33.21
N LYS E 265 -2.00 -44.35 33.57
CA LYS E 265 -1.63 -44.28 34.95
C LYS E 265 -1.18 -42.86 35.26
N PHE E 266 -1.63 -42.33 36.38
CA PHE E 266 -1.29 -40.98 36.76
C PHE E 266 -1.63 -40.69 38.23
N HIS E 267 -1.04 -39.64 38.77
CA HIS E 267 -1.30 -39.22 40.12
C HIS E 267 -2.29 -38.04 40.17
N ILE E 268 -3.28 -38.12 41.06
CA ILE E 268 -4.32 -37.08 41.17
C ILE E 268 -4.01 -36.30 42.42
N GLY E 269 -3.42 -35.12 42.25
CA GLY E 269 -3.15 -34.21 43.35
C GLY E 269 -4.17 -33.09 43.42
N PHE E 270 -3.96 -32.20 44.38
CA PHE E 270 -4.93 -31.16 44.67
C PHE E 270 -4.25 -30.12 45.51
N ASN E 271 -4.46 -28.85 45.13
CA ASN E 271 -4.04 -27.77 46.00
C ASN E 271 -5.01 -26.60 46.03
N TYR E 272 -4.77 -25.73 47.00
CA TYR E 272 -5.62 -24.57 47.31
C TYR E 272 -5.90 -23.65 46.11
N ARG E 273 -5.03 -23.67 45.12
CA ARG E 273 -4.98 -22.64 44.11
C ARG E 273 -5.41 -23.21 42.75
N GLU E 274 -4.74 -24.26 42.30
CA GLU E 274 -5.08 -24.87 41.02
C GLU E 274 -6.34 -25.76 41.05
N GLY E 275 -6.71 -26.21 42.25
CA GLY E 275 -7.63 -27.31 42.37
C GLY E 275 -6.95 -28.59 41.91
N ILE E 276 -7.60 -29.35 41.03
CA ILE E 276 -7.06 -30.65 40.61
C ILE E 276 -5.75 -30.47 39.82
N VAL E 277 -4.76 -31.31 40.14
CA VAL E 277 -3.45 -31.32 39.47
C VAL E 277 -3.10 -32.75 39.08
N LEU E 278 -3.02 -33.01 37.78
CA LEU E 278 -2.79 -34.36 37.33
C LEU E 278 -1.32 -34.47 36.94
N SER E 279 -0.65 -35.50 37.42
CA SER E 279 0.82 -35.64 37.31
C SER E 279 1.26 -37.01 36.80
N ASP E 280 2.46 -37.06 36.23
CA ASP E 280 3.14 -38.34 35.99
C ASP E 280 2.23 -39.22 35.15
N VAL E 281 1.68 -38.64 34.08
CA VAL E 281 0.69 -39.36 33.26
C VAL E 281 1.45 -40.25 32.28
N SER E 282 1.09 -41.53 32.25
CA SER E 282 1.71 -42.46 31.30
C SER E 282 0.65 -43.36 30.69
N TYR E 283 1.03 -44.03 29.60
CA TYR E 283 0.13 -44.98 28.96
C TYR E 283 0.87 -46.29 28.67
N ASN E 284 0.26 -47.38 29.08
CA ASN E 284 0.86 -48.69 28.96
C ASN E 284 0.58 -49.31 27.59
N ASP E 285 1.54 -49.18 26.69
CA ASP E 285 1.35 -49.58 25.30
C ASP E 285 1.79 -51.05 25.17
N HIS E 286 0.86 -51.97 25.46
CA HIS E 286 1.11 -53.42 25.61
C HIS E 286 2.44 -53.75 26.25
N GLY E 287 2.64 -53.33 27.49
CA GLY E 287 3.90 -53.58 28.20
C GLY E 287 4.95 -52.48 28.14
N ASN E 288 4.88 -51.62 27.13
CA ASN E 288 5.77 -50.47 27.08
C ASN E 288 5.10 -49.24 27.72
N VAL E 289 5.47 -48.94 28.96
CA VAL E 289 4.88 -47.82 29.69
C VAL E 289 5.51 -46.53 29.15
N ARG E 290 4.70 -45.71 28.48
CA ARG E 290 5.21 -44.50 27.79
C ARG E 290 4.75 -43.22 28.48
N PRO E 291 5.69 -42.37 28.93
CA PRO E 291 5.19 -41.12 29.52
C PRO E 291 4.46 -40.25 28.48
N ILE E 292 3.53 -39.44 28.97
CA ILE E 292 2.82 -38.44 28.12
C ILE E 292 3.02 -37.04 28.69
N PHE E 293 2.55 -36.80 29.90
CA PHE E 293 2.78 -35.51 30.56
C PHE E 293 3.31 -35.71 31.93
N HIS E 294 4.18 -34.81 32.36
CA HIS E 294 4.60 -34.78 33.74
C HIS E 294 3.53 -34.15 34.66
N ARG E 295 2.86 -33.10 34.15
CA ARG E 295 1.91 -32.31 34.95
C ARG E 295 0.94 -31.53 34.07
N ILE E 296 -0.33 -31.57 34.42
CA ILE E 296 -1.35 -30.80 33.74
C ILE E 296 -2.38 -30.29 34.76
N SER E 297 -2.74 -29.00 34.64
CA SER E 297 -3.58 -28.30 35.61
C SER E 297 -4.07 -26.96 34.99
N LEU E 298 -5.07 -26.30 35.59
CA LEU E 298 -5.34 -24.87 35.30
C LEU E 298 -4.48 -23.98 36.22
N SER E 299 -3.79 -22.99 35.65
CA SER E 299 -2.76 -22.27 36.41
C SER E 299 -3.11 -20.80 36.75
N GLU E 300 -4.07 -20.26 36.01
CA GLU E 300 -4.58 -18.91 36.24
C GLU E 300 -5.84 -18.79 35.40
N MET E 301 -6.62 -17.76 35.71
CA MET E 301 -7.84 -17.44 34.95
C MET E 301 -7.88 -15.93 34.89
N ILE E 302 -8.72 -15.36 34.06
CA ILE E 302 -9.05 -13.95 34.25
C ILE E 302 -10.41 -13.78 33.60
N VAL E 303 -11.27 -13.01 34.24
CA VAL E 303 -12.64 -12.83 33.78
C VAL E 303 -12.83 -11.31 33.59
N PRO E 304 -12.29 -10.75 32.50
CA PRO E 304 -12.33 -9.29 32.35
C PRO E 304 -13.74 -8.82 31.94
N TYR E 305 -14.29 -7.81 32.61
CA TYR E 305 -15.60 -7.24 32.24
C TYR E 305 -15.39 -6.11 31.28
N GLY E 306 -16.42 -5.81 30.48
CA GLY E 306 -16.25 -4.93 29.34
C GLY E 306 -16.98 -3.62 29.44
N SER E 307 -17.40 -3.22 30.64
CA SER E 307 -17.96 -1.84 30.77
C SER E 307 -16.84 -0.87 31.18
N PRO E 308 -16.65 0.23 30.43
CA PRO E 308 -15.54 1.16 30.70
C PRO E 308 -15.81 2.08 31.87
N GLU E 309 -17.02 2.05 32.44
CA GLU E 309 -17.39 3.08 33.42
C GLU E 309 -16.86 2.74 34.80
N PHE E 310 -16.52 3.76 35.58
CA PHE E 310 -15.90 3.58 36.88
C PHE E 310 -16.96 3.10 37.84
N PRO E 311 -16.64 2.16 38.74
CA PRO E 311 -15.36 1.51 38.98
C PRO E 311 -15.31 0.10 38.35
N HIS E 312 -16.02 -0.11 37.24
CA HIS E 312 -16.12 -1.47 36.72
C HIS E 312 -14.89 -2.07 36.05
N GLN E 313 -13.93 -1.23 35.71
CA GLN E 313 -12.59 -1.68 35.32
C GLN E 313 -11.97 -2.55 36.38
N ARG E 314 -12.45 -2.50 37.61
CA ARG E 314 -11.83 -3.32 38.69
C ARG E 314 -12.45 -4.72 38.75
N LYS E 315 -13.36 -5.00 37.80
CA LYS E 315 -13.88 -6.36 37.63
C LYS E 315 -13.09 -7.08 36.52
N HIS E 316 -12.09 -7.85 36.93
CA HIS E 316 -11.28 -8.66 36.02
C HIS E 316 -10.63 -9.72 36.90
N ALA E 317 -11.47 -10.40 37.68
CA ALA E 317 -10.98 -11.39 38.64
C ALA E 317 -10.02 -12.35 37.99
N LEU E 318 -8.89 -12.62 38.63
CA LEU E 318 -8.09 -13.80 38.32
C LEU E 318 -8.39 -14.88 39.37
N ASP E 319 -9.44 -15.65 39.15
CA ASP E 319 -10.01 -16.45 40.26
C ASP E 319 -9.02 -17.36 40.95
N ILE E 320 -8.16 -17.98 40.15
CA ILE E 320 -7.25 -18.97 40.68
C ILE E 320 -6.18 -18.28 41.54
N GLY E 321 -5.65 -17.16 41.05
CA GLY E 321 -4.55 -16.52 41.75
C GLY E 321 -4.98 -15.67 42.93
N GLU E 322 -6.24 -15.27 42.91
CA GLU E 322 -6.75 -14.28 43.81
C GLU E 322 -7.68 -14.88 44.90
N TYR E 323 -8.28 -16.05 44.62
CA TYR E 323 -9.17 -16.69 45.62
C TYR E 323 -8.87 -18.17 45.79
N GLY E 324 -8.53 -18.85 44.68
CA GLY E 324 -8.04 -20.25 44.75
C GLY E 324 -9.13 -21.24 44.38
N ALA E 325 -8.94 -21.98 43.28
CA ALA E 325 -9.88 -23.03 42.91
C ALA E 325 -9.96 -24.19 43.93
N GLY E 326 -8.94 -24.38 44.75
CA GLY E 326 -9.08 -25.32 45.88
C GLY E 326 -9.88 -24.72 47.01
N TYR E 327 -9.50 -23.49 47.37
CA TYR E 327 -10.13 -22.83 48.50
C TYR E 327 -11.62 -22.64 48.25
N MET E 328 -12.00 -22.43 46.98
CA MET E 328 -13.38 -22.16 46.62
C MET E 328 -14.15 -23.43 46.35
N THR E 329 -13.50 -24.60 46.43
CA THR E 329 -14.17 -25.82 45.95
C THR E 329 -15.41 -26.31 46.77
N ASN E 330 -16.45 -26.81 46.10
CA ASN E 330 -17.62 -27.37 46.79
C ASN E 330 -17.39 -28.82 47.32
N PRO E 331 -17.89 -29.16 48.53
CA PRO E 331 -18.09 -30.58 48.88
C PRO E 331 -19.10 -31.19 47.94
N LEU E 332 -18.79 -32.31 47.28
CA LEU E 332 -19.66 -32.78 46.19
C LEU E 332 -20.64 -33.85 46.73
N SER E 333 -21.67 -34.19 45.96
CA SER E 333 -22.90 -34.86 46.49
C SER E 333 -22.84 -35.17 48.00
N LEU E 334 -23.44 -34.37 48.90
CA LEU E 334 -24.82 -33.78 48.88
C LEU E 334 -25.55 -33.33 47.59
N GLY E 335 -24.90 -32.50 46.78
CA GLY E 335 -25.55 -31.95 45.58
C GLY E 335 -26.20 -32.92 44.60
N CYS E 336 -25.72 -34.16 44.54
CA CYS E 336 -25.98 -35.00 43.36
CA CYS E 336 -25.91 -35.02 43.34
C CYS E 336 -25.34 -34.31 42.13
N ASP E 337 -24.08 -33.92 42.26
CA ASP E 337 -23.29 -33.38 41.18
C ASP E 337 -22.71 -34.58 40.48
N CYS E 338 -22.53 -35.64 41.25
CA CYS E 338 -21.79 -36.81 40.85
C CYS E 338 -22.63 -38.09 40.86
N LYS E 339 -23.24 -38.39 39.72
CA LYS E 339 -24.14 -39.54 39.60
C LYS E 339 -23.35 -40.79 39.23
N GLY E 340 -23.57 -41.87 39.98
CA GLY E 340 -22.95 -43.16 39.70
C GLY E 340 -22.21 -43.72 40.89
N VAL E 341 -21.39 -44.74 40.65
CA VAL E 341 -20.45 -45.26 41.64
C VAL E 341 -19.17 -44.39 41.68
N ILE E 342 -19.05 -43.62 42.76
CA ILE E 342 -18.10 -42.50 42.81
C ILE E 342 -16.98 -42.81 43.81
N HIS E 343 -15.74 -42.44 43.51
CA HIS E 343 -14.67 -42.45 44.51
C HIS E 343 -14.37 -40.98 44.82
N TYR E 344 -14.28 -40.63 46.10
CA TYR E 344 -14.07 -39.23 46.49
C TYR E 344 -12.68 -39.02 47.05
N LEU E 345 -12.15 -37.81 46.86
CA LEU E 345 -10.96 -37.32 47.60
C LEU E 345 -11.33 -36.06 48.38
N ASP E 346 -10.65 -35.89 49.52
CA ASP E 346 -10.80 -34.77 50.43
C ASP E 346 -9.68 -33.81 50.13
N ALA E 347 -9.87 -32.53 50.48
CA ALA E 347 -8.80 -31.56 50.38
C ALA E 347 -8.39 -31.06 51.75
N HIS E 348 -7.11 -30.75 51.91
CA HIS E 348 -6.68 -30.23 53.20
C HIS E 348 -5.95 -28.91 53.06
N PHE E 349 -6.32 -27.91 53.86
CA PHE E 349 -5.65 -26.62 53.87
C PHE E 349 -5.30 -26.17 55.30
N SER E 350 -4.78 -24.95 55.43
CA SER E 350 -4.57 -24.33 56.73
C SER E 350 -5.58 -23.21 56.93
N ASP E 351 -6.02 -23.01 58.16
CA ASP E 351 -6.72 -21.81 58.54
C ASP E 351 -5.72 -20.78 59.07
N ARG E 352 -6.20 -19.55 59.27
CA ARG E 352 -5.45 -18.45 59.87
C ARG E 352 -4.60 -18.79 61.06
N ALA E 353 -5.10 -19.66 61.93
CA ALA E 353 -4.36 -20.01 63.13
C ALA E 353 -3.28 -21.06 62.85
N GLY E 354 -3.32 -21.67 61.66
CA GLY E 354 -2.33 -22.69 61.35
C GLY E 354 -2.83 -24.09 61.64
N ASP E 355 -4.12 -24.22 61.92
CA ASP E 355 -4.76 -25.52 62.06
C ASP E 355 -5.29 -26.04 60.71
N PRO E 356 -5.23 -27.37 60.48
CA PRO E 356 -5.73 -27.92 59.24
C PRO E 356 -7.23 -27.80 59.16
N ILE E 357 -7.73 -27.49 57.96
CA ILE E 357 -9.15 -27.65 57.67
C ILE E 357 -9.31 -28.62 56.50
N THR E 358 -10.48 -29.23 56.45
CA THR E 358 -10.76 -30.26 55.48
C THR E 358 -11.98 -29.82 54.66
N VAL E 359 -11.88 -29.91 53.33
CA VAL E 359 -13.06 -30.02 52.46
C VAL E 359 -13.28 -31.47 52.03
N LYS E 360 -14.37 -32.05 52.54
CA LYS E 360 -14.74 -33.42 52.22
C LYS E 360 -15.30 -33.52 50.80
N ASN E 361 -14.94 -34.60 50.11
CA ASN E 361 -15.51 -34.86 48.81
C ASN E 361 -15.27 -33.69 47.85
N ALA E 362 -14.04 -33.16 47.90
CA ALA E 362 -13.58 -32.11 47.03
C ALA E 362 -13.49 -32.54 45.57
N VAL E 363 -13.11 -33.80 45.35
CA VAL E 363 -12.86 -34.33 44.01
C VAL E 363 -13.64 -35.60 43.83
N CYS E 364 -14.31 -35.68 42.71
CA CYS E 364 -15.08 -36.87 42.44
CA CYS E 364 -15.19 -36.77 42.37
C CYS E 364 -14.58 -37.54 41.20
N ILE E 365 -14.50 -38.86 41.30
CA ILE E 365 -13.89 -39.68 40.29
C ILE E 365 -14.86 -40.78 39.95
N HIS E 366 -15.20 -40.94 38.67
CA HIS E 366 -16.04 -42.04 38.26
C HIS E 366 -15.92 -42.32 36.77
N GLU E 367 -16.56 -43.40 36.32
CA GLU E 367 -16.50 -43.71 34.91
C GLU E 367 -17.91 -43.72 34.34
N GLU E 368 -18.06 -43.40 33.06
CA GLU E 368 -19.36 -43.20 32.43
C GLU E 368 -19.35 -43.80 31.04
N ASP E 369 -20.52 -44.16 30.54
CA ASP E 369 -20.62 -44.45 29.12
C ASP E 369 -20.29 -43.19 28.31
N ASP E 370 -19.67 -43.38 27.16
CA ASP E 370 -19.37 -42.26 26.28
C ASP E 370 -19.79 -42.54 24.84
N GLY E 371 -20.89 -43.23 24.63
CA GLY E 371 -21.34 -43.60 23.27
C GLY E 371 -20.33 -44.54 22.57
N LEU E 372 -20.18 -44.38 21.25
CA LEU E 372 -19.38 -45.33 20.47
C LEU E 372 -17.92 -44.97 20.49
N LEU E 373 -17.06 -45.97 20.62
CA LEU E 373 -15.65 -45.78 20.42
C LEU E 373 -15.33 -45.86 18.94
N PHE E 374 -15.89 -46.86 18.26
CA PHE E 374 -15.73 -47.04 16.82
C PHE E 374 -16.75 -48.07 16.32
N LYS E 375 -16.97 -48.06 15.01
CA LYS E 375 -17.92 -48.95 14.38
C LYS E 375 -17.65 -49.04 12.88
N HIS E 376 -17.75 -50.25 12.34
CA HIS E 376 -17.75 -50.46 10.90
C HIS E 376 -18.54 -51.70 10.46
N SER E 377 -19.32 -51.55 9.40
CA SER E 377 -20.07 -52.64 8.83
C SER E 377 -19.88 -52.71 7.28
N ASP E 378 -19.92 -53.92 6.73
CA ASP E 378 -19.73 -54.14 5.27
C ASP E 378 -21.06 -54.08 4.55
N PHE E 379 -21.22 -53.18 3.59
CA PHE E 379 -22.46 -53.11 2.82
C PHE E 379 -22.80 -54.42 2.05
N ARG E 380 -21.76 -55.20 1.75
CA ARG E 380 -21.91 -56.36 0.87
C ARG E 380 -22.89 -57.44 1.34
N ASP E 381 -22.97 -57.66 2.64
CA ASP E 381 -23.97 -58.58 3.20
C ASP E 381 -24.94 -57.79 4.05
N ASN E 382 -25.25 -56.60 3.57
CA ASN E 382 -26.17 -55.73 4.26
C ASN E 382 -25.84 -55.44 5.75
N PHE E 383 -24.58 -55.19 6.05
CA PHE E 383 -24.11 -54.87 7.40
C PHE E 383 -24.19 -55.99 8.41
N ALA E 384 -24.48 -57.21 7.95
CA ALA E 384 -24.36 -58.40 8.80
C ALA E 384 -22.92 -58.54 9.29
N THR E 385 -21.97 -58.21 8.43
CA THR E 385 -20.60 -57.99 8.85
C THR E 385 -20.52 -56.62 9.53
N SER E 386 -20.23 -56.64 10.83
CA SER E 386 -20.32 -55.44 11.63
C SER E 386 -19.50 -55.64 12.89
N LEU E 387 -18.73 -54.63 13.26
CA LEU E 387 -18.14 -54.60 14.57
C LEU E 387 -18.41 -53.24 15.24
N VAL E 388 -18.75 -53.28 16.53
CA VAL E 388 -19.20 -52.12 17.29
C VAL E 388 -18.60 -52.23 18.66
N THR E 389 -17.86 -51.20 19.07
CA THR E 389 -17.27 -51.16 20.41
C THR E 389 -17.71 -49.86 21.06
N ARG E 390 -18.25 -49.98 22.28
CA ARG E 390 -18.68 -48.82 23.06
C ARG E 390 -17.52 -48.17 23.82
N ALA E 391 -17.62 -46.84 23.96
CA ALA E 391 -16.64 -46.05 24.72
C ALA E 391 -17.06 -45.84 26.16
N THR E 392 -16.05 -45.84 27.01
CA THR E 392 -16.21 -45.51 28.40
CA THR E 392 -16.18 -45.55 28.41
C THR E 392 -15.16 -44.43 28.70
N LYS E 393 -15.54 -43.43 29.52
CA LYS E 393 -14.63 -42.32 29.86
C LYS E 393 -14.40 -42.25 31.34
N LEU E 394 -13.24 -41.73 31.74
CA LEU E 394 -12.88 -41.60 33.17
C LEU E 394 -12.96 -40.11 33.52
N VAL E 395 -13.81 -39.72 34.47
CA VAL E 395 -13.99 -38.33 34.80
C VAL E 395 -13.38 -37.98 36.17
N VAL E 396 -12.44 -37.05 36.23
CA VAL E 396 -11.96 -36.54 37.52
C VAL E 396 -12.41 -35.07 37.59
N SER E 397 -13.26 -34.72 38.58
CA SER E 397 -13.94 -33.45 38.57
CA SER E 397 -13.87 -33.42 38.58
C SER E 397 -14.00 -32.78 39.94
N GLN E 398 -14.21 -31.47 39.90
CA GLN E 398 -14.46 -30.65 41.09
C GLN E 398 -15.41 -29.56 40.58
N ILE E 399 -16.13 -28.93 41.50
CA ILE E 399 -16.94 -27.74 41.23
C ILE E 399 -16.56 -26.69 42.27
N PHE E 400 -16.24 -25.47 41.81
CA PHE E 400 -15.91 -24.36 42.73
C PHE E 400 -16.84 -23.16 42.54
N THR E 401 -17.07 -22.43 43.63
CA THR E 401 -18.01 -21.30 43.62
C THR E 401 -17.17 -20.06 43.88
N ALA E 402 -17.23 -19.11 42.96
CA ALA E 402 -16.58 -17.82 43.17
C ALA E 402 -17.66 -16.77 43.33
N ALA E 403 -18.10 -16.60 44.57
CA ALA E 403 -19.27 -15.81 44.92
C ALA E 403 -20.45 -16.14 43.99
N ASN E 404 -20.68 -15.34 42.96
CA ASN E 404 -21.88 -15.56 42.12
C ASN E 404 -21.69 -16.77 41.15
N GLU E 406 -20.39 -20.44 39.31
CA GLU E 406 -19.95 -21.83 39.52
C GLU E 406 -19.15 -22.32 38.28
N TYR E 407 -17.95 -22.84 38.52
CA TYR E 407 -17.11 -23.45 37.50
C TYR E 407 -17.06 -24.94 37.78
N CYS E 408 -17.52 -25.74 36.82
CA CYS E 408 -17.64 -27.19 36.96
C CYS E 408 -16.58 -27.75 36.00
N LEU E 409 -15.53 -28.35 36.59
CA LEU E 409 -14.36 -28.76 35.84
C LEU E 409 -14.32 -30.26 35.78
N TYR E 410 -14.13 -30.80 34.57
CA TYR E 410 -14.12 -32.24 34.41
C TYR E 410 -12.91 -32.60 33.59
N TRP E 411 -11.91 -33.28 34.18
CA TRP E 411 -10.81 -33.88 33.44
C TRP E 411 -11.21 -35.32 32.97
N VAL E 412 -11.09 -35.57 31.68
CA VAL E 412 -11.70 -36.73 31.08
C VAL E 412 -10.64 -37.53 30.28
N PHE E 413 -10.48 -38.79 30.63
CA PHE E 413 -9.59 -39.70 29.92
C PHE E 413 -10.39 -40.62 29.04
N MET E 414 -9.90 -40.86 27.84
CA MET E 414 -10.68 -41.63 26.90
C MET E 414 -9.93 -42.83 26.37
N GLN E 415 -10.66 -43.75 25.74
CA GLN E 415 -10.11 -45.07 25.43
C GLN E 415 -9.39 -45.13 24.11
N ASP E 416 -9.40 -44.02 23.39
CA ASP E 416 -8.49 -43.84 22.26
C ASP E 416 -7.17 -43.18 22.66
N GLY E 417 -6.91 -43.02 23.95
CA GLY E 417 -5.69 -42.34 24.39
C GLY E 417 -5.78 -40.82 24.54
N ALA E 418 -6.91 -40.22 24.15
CA ALA E 418 -7.08 -38.77 24.24
C ALA E 418 -7.40 -38.35 25.69
N ILE E 419 -7.02 -37.13 26.01
CA ILE E 419 -7.38 -36.53 27.30
C ILE E 419 -8.12 -35.21 27.00
N ARG E 420 -9.25 -34.98 27.67
CA ARG E 420 -10.18 -33.88 27.35
C ARG E 420 -10.37 -33.04 28.63
N LEU E 421 -10.42 -31.72 28.49
CA LEU E 421 -10.89 -30.90 29.61
C LEU E 421 -12.25 -30.29 29.22
N ASP E 422 -13.30 -30.65 29.97
CA ASP E 422 -14.61 -30.05 29.78
C ASP E 422 -14.86 -29.13 30.99
N ILE E 423 -15.39 -27.96 30.68
CA ILE E 423 -15.80 -27.03 31.68
C ILE E 423 -17.25 -26.67 31.40
N ARG E 424 -18.01 -26.58 32.47
CA ARG E 424 -19.33 -25.98 32.39
C ARG E 424 -19.40 -24.82 33.36
N LEU E 425 -19.79 -23.66 32.82
CA LEU E 425 -20.06 -22.45 33.62
C LEU E 425 -21.52 -22.42 33.97
N THR E 426 -21.80 -22.18 35.24
CA THR E 426 -23.18 -21.93 35.61
C THR E 426 -23.13 -20.96 36.81
N GLY E 427 -24.14 -21.02 37.66
CA GLY E 427 -24.28 -19.99 38.71
C GLY E 427 -25.08 -18.80 38.22
N ILE E 428 -24.69 -17.62 38.73
CA ILE E 428 -25.39 -16.37 38.50
C ILE E 428 -24.55 -15.28 37.85
N LEU E 429 -25.15 -14.55 36.93
CA LEU E 429 -24.49 -13.41 36.37
C LEU E 429 -24.07 -12.41 37.50
N ASN E 430 -22.91 -11.79 37.36
CA ASN E 430 -22.60 -10.53 38.07
C ASN E 430 -23.50 -9.48 37.48
N THR E 431 -24.09 -8.63 38.35
CA THR E 431 -25.09 -7.67 37.96
C THR E 431 -24.78 -6.40 38.72
N TYR E 432 -25.09 -5.28 38.07
CA TYR E 432 -24.96 -3.91 38.57
C TYR E 432 -26.31 -3.23 38.31
N ILE E 433 -26.62 -2.17 39.03
CA ILE E 433 -27.95 -1.62 38.96
C ILE E 433 -28.14 -0.84 37.61
N LEU E 434 -29.36 -0.77 37.11
CA LEU E 434 -29.61 0.01 35.90
C LEU E 434 -30.76 0.97 36.21
N GLY E 435 -30.63 2.26 35.93
CA GLY E 435 -31.76 3.18 36.15
C GLY E 435 -32.99 2.87 35.30
N ASP E 436 -34.18 3.40 35.67
CA ASP E 436 -35.38 3.22 34.83
C ASP E 436 -35.14 3.73 33.41
N ASP E 437 -34.48 4.88 33.29
CA ASP E 437 -34.31 5.36 31.92
CA ASP E 437 -34.21 5.57 32.01
C ASP E 437 -32.89 5.15 31.34
N GLU E 438 -32.18 4.17 31.92
CA GLU E 438 -30.81 3.86 31.52
C GLU E 438 -30.79 2.71 30.50
N GLU E 439 -30.02 2.89 29.45
CA GLU E 439 -29.73 1.84 28.48
C GLU E 439 -28.55 1.01 28.95
N ALA E 440 -28.69 -0.32 28.94
CA ALA E 440 -27.55 -1.14 29.34
C ALA E 440 -26.53 -1.15 28.21
N GLY E 441 -26.99 -1.12 26.96
CA GLY E 441 -26.08 -1.53 25.83
C GLY E 441 -25.19 -0.34 25.61
N PRO E 442 -24.01 -0.53 25.04
CA PRO E 442 -23.57 -1.77 24.45
C PRO E 442 -22.66 -2.59 25.35
N TRP E 443 -22.50 -2.19 26.61
CA TRP E 443 -21.56 -2.88 27.48
C TRP E 443 -22.21 -3.97 28.32
N GLY E 444 -23.53 -4.07 28.22
CA GLY E 444 -24.27 -4.95 29.10
C GLY E 444 -25.67 -5.25 28.60
N THR E 445 -26.35 -6.16 29.29
CA THR E 445 -27.73 -6.53 28.93
C THR E 445 -28.70 -6.29 30.06
N ARG E 446 -29.85 -5.65 29.75
CA ARG E 446 -30.94 -5.54 30.73
C ARG E 446 -31.61 -6.92 30.82
N VAL E 447 -31.25 -7.74 31.82
CA VAL E 447 -31.75 -9.13 31.86
C VAL E 447 -32.99 -9.25 32.72
N TYR E 448 -33.37 -8.13 33.33
CA TYR E 448 -34.46 -8.07 34.31
C TYR E 448 -34.60 -6.60 34.66
N PRO E 449 -35.76 -6.15 35.13
CA PRO E 449 -35.87 -4.68 35.23
C PRO E 449 -34.88 -4.11 36.30
N ASN E 450 -34.20 -3.01 35.94
CA ASN E 450 -33.16 -2.39 36.77
C ASN E 450 -31.93 -3.21 36.98
N VAL E 451 -31.74 -4.24 36.14
CA VAL E 451 -30.57 -5.09 36.30
C VAL E 451 -29.70 -5.08 35.04
N ASN E 452 -28.46 -4.63 35.16
CA ASN E 452 -27.53 -4.59 34.02
C ASN E 452 -26.51 -5.70 34.23
N ALA E 453 -26.44 -6.65 33.30
CA ALA E 453 -25.40 -7.64 33.36
C ALA E 453 -24.34 -7.34 32.30
N HIS E 454 -23.14 -6.99 32.78
CA HIS E 454 -22.08 -6.46 31.91
C HIS E 454 -21.48 -7.58 31.10
N ASN E 455 -21.14 -7.31 29.84
CA ASN E 455 -20.28 -8.19 29.05
C ASN E 455 -18.97 -8.54 29.81
N HIS E 456 -18.45 -9.75 29.60
CA HIS E 456 -17.17 -10.14 30.18
C HIS E 456 -16.67 -11.36 29.35
N GLN E 457 -15.42 -11.75 29.54
CA GLN E 457 -14.87 -13.01 28.94
C GLN E 457 -14.52 -13.87 30.13
N HIS E 458 -14.41 -15.19 29.93
CA HIS E 458 -13.83 -16.07 30.98
C HIS E 458 -12.66 -16.74 30.30
N LEU E 459 -11.43 -16.44 30.77
CA LEU E 459 -10.23 -16.97 30.13
C LEU E 459 -9.47 -17.79 31.16
N PHE E 460 -8.90 -18.90 30.70
CA PHE E 460 -8.25 -19.89 31.54
C PHE E 460 -6.87 -20.13 30.96
N SER E 461 -5.90 -20.38 31.84
CA SER E 461 -4.56 -20.72 31.38
C SER E 461 -4.22 -22.19 31.74
N LEU E 462 -4.34 -23.05 30.73
CA LEU E 462 -4.05 -24.46 30.85
C LEU E 462 -2.52 -24.59 30.85
N ARG E 463 -1.98 -25.26 31.87
CA ARG E 463 -0.54 -25.44 31.97
C ARG E 463 -0.16 -26.92 31.78
N ILE E 464 0.59 -27.16 30.70
CA ILE E 464 1.01 -28.52 30.30
C ILE E 464 2.52 -28.59 30.37
N ASP E 465 3.03 -29.44 31.26
CA ASP E 465 4.44 -29.78 31.32
C ASP E 465 4.55 -31.16 30.63
N PRO E 466 5.00 -31.18 29.37
CA PRO E 466 4.84 -32.39 28.62
C PRO E 466 6.05 -33.33 28.84
N ARG E 467 5.83 -34.62 28.60
CA ARG E 467 6.94 -35.56 28.52
C ARG E 467 6.61 -36.59 27.43
N ILE E 468 6.32 -36.11 26.22
CA ILE E 468 5.71 -36.97 25.18
C ILE E 468 6.70 -38.12 24.84
N ASP E 469 6.36 -39.36 25.18
CA ASP E 469 7.26 -40.49 24.92
C ASP E 469 8.64 -40.30 25.52
N GLY E 470 8.74 -39.68 26.69
CA GLY E 470 10.04 -39.36 27.27
C GLY E 470 10.42 -37.91 27.10
N ASP E 471 11.71 -37.63 27.32
CA ASP E 471 12.21 -36.27 27.48
C ASP E 471 12.79 -35.69 26.21
N GLY E 472 12.84 -34.35 26.16
CA GLY E 472 13.25 -33.65 24.96
C GLY E 472 12.02 -33.50 24.05
N ASN E 473 11.34 -32.38 24.15
CA ASN E 473 10.07 -32.19 23.45
C ASN E 473 10.18 -30.87 22.68
N SER E 474 9.30 -30.72 21.72
CA SER E 474 9.16 -29.51 20.98
C SER E 474 7.68 -29.20 20.81
N ALA E 475 7.38 -28.01 20.29
CA ALA E 475 6.04 -27.69 20.01
C ALA E 475 5.96 -27.01 18.67
N ALA E 476 4.78 -27.09 18.05
CA ALA E 476 4.56 -26.59 16.70
C ALA E 476 3.10 -26.10 16.52
N ALA E 477 2.90 -25.12 15.62
CA ALA E 477 1.57 -24.82 15.06
C ALA E 477 1.38 -25.63 13.78
N CYS E 478 0.17 -26.20 13.57
CA CYS E 478 -0.18 -26.87 12.30
C CYS E 478 -1.32 -26.16 11.60
N ASP E 479 -1.13 -25.77 10.36
CA ASP E 479 -2.11 -24.94 9.67
C ASP E 479 -2.45 -25.65 8.38
N ALA E 480 -3.73 -25.89 8.08
CA ALA E 480 -4.14 -26.51 6.81
C ALA E 480 -3.97 -25.46 5.75
N LYS E 481 -3.34 -25.76 4.62
CA LYS E 481 -3.12 -24.79 3.52
CA LYS E 481 -3.22 -24.79 3.51
C LYS E 481 -3.39 -25.52 2.21
N SER E 482 -4.00 -24.83 1.24
CA SER E 482 -4.01 -25.30 -0.13
C SER E 482 -2.56 -25.33 -0.62
N SER E 483 -2.29 -26.23 -1.55
CA SER E 483 -1.11 -26.15 -2.35
C SER E 483 -0.89 -24.72 -2.84
N PRO E 484 0.38 -24.28 -2.92
CA PRO E 484 0.64 -22.94 -3.52
C PRO E 484 0.57 -22.94 -5.02
N TYR E 485 0.59 -24.13 -5.62
CA TYR E 485 0.48 -24.17 -7.09
C TYR E 485 -0.97 -23.88 -7.55
N PRO E 486 -1.12 -23.09 -8.60
CA PRO E 486 -2.49 -22.69 -9.03
C PRO E 486 -3.28 -23.86 -9.66
N LEU E 487 -4.61 -23.83 -9.54
CA LEU E 487 -5.52 -24.54 -10.44
C LEU E 487 -4.99 -24.58 -11.89
N GLY E 488 -4.98 -25.76 -12.50
CA GLY E 488 -4.59 -25.86 -13.95
C GLY E 488 -3.06 -26.10 -14.17
N SER E 489 -2.24 -26.05 -13.11
CA SER E 489 -0.79 -26.26 -13.27
C SER E 489 -0.52 -27.78 -13.26
N PRO E 490 0.64 -28.26 -13.76
CA PRO E 490 0.87 -29.71 -13.71
C PRO E 490 0.81 -30.22 -12.27
N GLU E 491 1.14 -29.36 -11.33
CA GLU E 491 1.26 -29.76 -9.92
C GLU E 491 -0.08 -29.87 -9.19
N ASN E 492 -1.07 -29.14 -9.69
CA ASN E 492 -2.35 -29.00 -9.02
C ASN E 492 -3.45 -28.92 -10.06
N MET E 493 -3.52 -29.89 -10.95
CA MET E 493 -4.34 -29.71 -12.16
C MET E 493 -5.76 -29.31 -11.84
N TYR E 494 -6.35 -29.97 -10.86
CA TYR E 494 -7.76 -29.69 -10.59
C TYR E 494 -7.92 -28.80 -9.34
N GLY E 495 -6.82 -28.28 -8.80
CA GLY E 495 -6.93 -27.27 -7.71
C GLY E 495 -7.37 -27.81 -6.36
N ASN E 496 -7.29 -29.12 -6.18
CA ASN E 496 -7.78 -29.72 -4.91
C ASN E 496 -6.70 -30.00 -3.89
N ALA E 497 -5.42 -29.91 -4.31
CA ALA E 497 -4.32 -30.32 -3.40
C ALA E 497 -4.27 -29.46 -2.16
N PHE E 498 -4.10 -30.09 -1.00
CA PHE E 498 -3.85 -29.35 0.24
C PHE E 498 -3.06 -30.16 1.25
N TYR E 499 -2.44 -29.48 2.21
CA TYR E 499 -1.49 -30.13 3.13
C TYR E 499 -1.51 -29.42 4.48
N SER E 500 -0.85 -30.00 5.47
CA SER E 500 -0.70 -29.36 6.75
C SER E 500 0.68 -28.75 6.82
N GLU E 501 0.77 -27.44 7.09
CA GLU E 501 2.07 -26.83 7.26
C GLU E 501 2.41 -26.81 8.74
N LYS E 502 3.55 -27.36 9.10
CA LYS E 502 3.95 -27.43 10.51
C LYS E 502 5.04 -26.41 10.75
N THR E 503 4.81 -25.47 11.65
CA THR E 503 5.83 -24.50 12.00
C THR E 503 6.38 -24.87 13.38
N THR E 504 7.54 -25.49 13.43
CA THR E 504 8.09 -25.91 14.74
C THR E 504 8.58 -24.69 15.45
N PHE E 505 8.23 -24.49 16.70
CA PHE E 505 8.76 -23.33 17.40
C PHE E 505 10.22 -23.55 17.83
N LYS E 506 11.08 -22.60 17.47
CA LYS E 506 12.52 -22.68 17.78
C LYS E 506 12.87 -21.90 19.05
N THR E 507 12.42 -20.64 19.12
CA THR E 507 12.59 -19.80 20.31
C THR E 507 11.22 -19.44 20.92
N VAL E 508 11.19 -18.95 22.17
CA VAL E 508 9.95 -18.57 22.82
C VAL E 508 9.09 -17.65 21.93
N LYS E 509 9.72 -16.70 21.26
CA LYS E 509 8.97 -15.73 20.54
C LYS E 509 8.18 -16.42 19.43
N ASP E 510 8.68 -17.53 18.91
CA ASP E 510 8.01 -18.17 17.78
C ASP E 510 6.65 -18.72 18.19
N SER E 511 6.57 -19.12 19.47
CA SER E 511 5.43 -19.88 19.95
C SER E 511 4.22 -19.02 20.21
N LEU E 512 4.42 -17.69 20.27
CA LEU E 512 3.32 -16.78 20.63
C LEU E 512 2.32 -16.66 19.48
N THR E 513 1.29 -17.51 19.55
CA THR E 513 0.40 -17.75 18.42
C THR E 513 -1.04 -17.80 18.94
N ASN E 514 -1.97 -17.50 18.05
CA ASN E 514 -3.36 -17.54 18.36
C ASN E 514 -4.05 -18.61 17.55
N TYR E 515 -5.17 -19.10 18.07
CA TYR E 515 -6.00 -19.92 17.23
C TYR E 515 -6.29 -19.10 15.96
N GLU E 516 -6.35 -19.75 14.78
CA GLU E 516 -6.75 -19.15 13.51
C GLU E 516 -7.79 -20.03 12.81
N SER E 517 -9.00 -19.51 12.51
CA SER E 517 -10.01 -20.30 11.85
C SER E 517 -9.61 -20.48 10.42
N ALA E 518 -8.89 -19.50 9.85
CA ALA E 518 -8.59 -19.53 8.42
C ALA E 518 -7.72 -20.73 8.05
N THR E 519 -6.99 -21.33 9.00
CA THR E 519 -6.26 -22.53 8.69
C THR E 519 -6.65 -23.73 9.60
N GLY E 520 -7.72 -23.62 10.39
CA GLY E 520 -8.05 -24.74 11.28
C GLY E 520 -6.90 -25.05 12.25
N ARG E 521 -6.21 -24.05 12.75
CA ARG E 521 -4.98 -24.31 13.49
C ARG E 521 -5.14 -25.31 14.61
N SER E 522 -4.24 -26.30 14.67
CA SER E 522 -3.94 -27.03 15.90
C SER E 522 -2.50 -26.80 16.30
N TRP E 523 -2.17 -27.30 17.49
CA TRP E 523 -0.77 -27.30 17.96
C TRP E 523 -0.28 -28.72 18.30
N ASP E 524 0.95 -29.01 17.93
CA ASP E 524 1.54 -30.31 18.30
C ASP E 524 2.50 -30.13 19.45
N ILE E 525 2.48 -31.10 20.34
CA ILE E 525 3.55 -31.29 21.29
C ILE E 525 4.15 -32.67 21.04
N PHE E 526 5.44 -32.68 20.69
CA PHE E 526 6.05 -33.85 20.08
C PHE E 526 7.48 -34.10 20.58
N ASN E 527 7.90 -35.32 20.41
CA ASN E 527 9.27 -35.72 20.78
C ASN E 527 10.10 -35.86 19.49
N PRO E 528 10.97 -34.89 19.18
CA PRO E 528 11.70 -34.96 17.90
C PRO E 528 12.83 -36.03 17.88
N ASN E 529 13.06 -36.68 19.00
CA ASN E 529 14.05 -37.76 19.09
C ASN E 529 13.51 -39.10 18.58
N LYS E 530 12.19 -39.23 18.45
CA LYS E 530 11.58 -40.51 18.05
C LYS E 530 10.79 -40.42 16.76
N VAL E 531 10.44 -41.57 16.20
CA VAL E 531 9.83 -41.67 14.88
C VAL E 531 8.79 -42.72 14.96
N ASN E 532 7.61 -42.42 14.43
CA ASN E 532 6.62 -43.43 14.13
C ASN E 532 7.12 -44.31 13.00
N PRO E 533 7.19 -45.64 13.22
CA PRO E 533 7.71 -46.56 12.19
C PRO E 533 6.81 -46.64 10.94
N TYR E 534 5.53 -46.31 11.07
CA TYR E 534 4.68 -46.28 9.86
C TYR E 534 4.76 -44.93 9.16
N SER E 535 4.42 -43.86 9.88
CA SER E 535 4.20 -42.56 9.21
C SER E 535 5.50 -41.77 9.04
N GLY E 536 6.49 -42.07 9.90
CA GLY E 536 7.77 -41.38 9.82
C GLY E 536 7.76 -40.03 10.51
N LYS E 537 6.68 -39.73 11.27
CA LYS E 537 6.52 -38.42 11.93
C LYS E 537 6.81 -38.65 13.40
N PRO E 538 7.20 -37.59 14.13
CA PRO E 538 7.49 -37.80 15.57
C PRO E 538 6.25 -38.12 16.37
N PRO E 539 6.36 -38.91 17.48
CA PRO E 539 5.18 -39.11 18.34
C PRO E 539 4.66 -37.79 18.90
N SER E 540 3.35 -37.57 18.87
CA SER E 540 2.81 -36.32 19.37
C SER E 540 1.46 -36.48 20.04
N TYR E 541 1.16 -35.49 20.88
CA TYR E 541 -0.19 -35.18 21.29
C TYR E 541 -0.57 -33.84 20.69
N LYS E 542 -1.73 -33.82 20.02
CA LYS E 542 -2.20 -32.64 19.33
C LYS E 542 -3.27 -31.97 20.18
N LEU E 543 -3.07 -30.68 20.49
CA LEU E 543 -4.05 -29.83 21.14
C LEU E 543 -5.06 -29.34 20.10
N VAL E 544 -6.31 -29.78 20.26
CA VAL E 544 -7.39 -29.43 19.34
C VAL E 544 -8.35 -28.53 20.16
N SER E 545 -8.36 -27.21 19.90
CA SER E 545 -9.02 -26.25 20.78
C SER E 545 -9.49 -25.09 19.89
N THR E 546 -10.81 -24.80 19.84
CA THR E 546 -11.31 -23.69 19.01
C THR E 546 -11.99 -22.64 19.86
N GLN E 547 -12.21 -22.92 21.14
CA GLN E 547 -12.78 -21.91 22.03
C GLN E 547 -11.66 -21.05 22.59
N CYS E 548 -11.16 -20.22 21.69
CA CYS E 548 -9.95 -19.46 21.91
C CYS E 548 -10.15 -17.98 21.56
N PRO E 549 -10.83 -17.23 22.43
CA PRO E 549 -11.15 -15.81 22.11
C PRO E 549 -9.89 -14.95 22.14
N PRO E 550 -9.77 -13.96 21.24
CA PRO E 550 -8.77 -12.93 21.48
C PRO E 550 -9.06 -12.21 22.80
N LEU E 551 -8.00 -11.69 23.45
CA LEU E 551 -8.22 -10.80 24.61
C LEU E 551 -8.76 -9.52 24.03
N LEU E 552 -9.93 -9.10 24.48
CA LEU E 552 -10.56 -7.90 23.97
C LEU E 552 -10.02 -6.61 24.56
N ALA E 553 -9.65 -6.64 25.83
CA ALA E 553 -8.95 -5.51 26.46
C ALA E 553 -7.75 -5.10 25.63
N LYS E 554 -7.52 -3.79 25.48
CA LYS E 554 -6.39 -3.30 24.67
C LYS E 554 -5.03 -3.61 25.27
N GLU E 555 -4.02 -3.60 24.39
CA GLU E 555 -2.63 -3.59 24.82
C GLU E 555 -2.45 -2.42 25.76
N GLY E 556 -1.70 -2.67 26.81
CA GLY E 556 -1.41 -1.64 27.79
C GLY E 556 -2.47 -1.43 28.83
N SER E 557 -3.56 -2.18 28.72
CA SER E 557 -4.69 -2.07 29.65
C SER E 557 -4.35 -2.86 30.91
N LEU E 558 -4.99 -2.50 32.02
CA LEU E 558 -4.83 -3.23 33.28
C LEU E 558 -4.94 -4.73 33.06
N VAL E 559 -5.97 -5.12 32.33
CA VAL E 559 -6.23 -6.50 32.12
C VAL E 559 -5.11 -7.18 31.33
N ALA E 560 -4.70 -6.57 30.22
CA ALA E 560 -3.61 -7.18 29.40
C ALA E 560 -2.30 -7.23 30.23
N LYS E 561 -2.09 -6.23 31.11
CA LYS E 561 -0.83 -6.14 31.91
C LYS E 561 -0.80 -7.17 33.03
N ARG E 562 -1.95 -7.38 33.67
CA ARG E 562 -1.98 -8.32 34.81
C ARG E 562 -2.10 -9.75 34.38
N ALA E 563 -2.56 -9.97 33.15
CA ALA E 563 -2.59 -11.33 32.56
C ALA E 563 -1.85 -11.40 31.24
N PRO E 564 -0.51 -11.32 31.28
CA PRO E 564 0.33 -11.30 30.08
C PRO E 564 0.18 -12.59 29.23
N TRP E 565 -0.21 -13.70 29.87
CA TRP E 565 -0.43 -14.98 29.19
C TRP E 565 -1.70 -14.93 28.33
N ALA E 566 -2.63 -14.03 28.63
CA ALA E 566 -3.93 -14.09 27.95
C ALA E 566 -3.95 -13.50 26.54
N SER E 567 -2.90 -12.77 26.16
CA SER E 567 -2.86 -12.12 24.84
CA SER E 567 -2.89 -12.13 24.85
C SER E 567 -2.57 -13.12 23.72
N HIS E 568 -2.14 -14.35 24.06
CA HIS E 568 -1.90 -15.35 23.03
C HIS E 568 -2.59 -16.66 23.43
N SER E 569 -3.21 -17.36 22.47
CA SER E 569 -3.75 -18.72 22.71
C SER E 569 -2.69 -19.70 23.19
N VAL E 570 -1.44 -19.50 22.75
CA VAL E 570 -0.35 -20.39 23.13
C VAL E 570 0.92 -19.60 23.51
N ASN E 571 1.56 -19.98 24.63
CA ASN E 571 2.86 -19.47 25.07
C ASN E 571 3.75 -20.67 25.45
N VAL E 572 4.89 -20.81 24.79
CA VAL E 572 5.78 -21.92 25.14
C VAL E 572 7.12 -21.39 25.66
N VAL E 573 7.48 -21.79 26.88
CA VAL E 573 8.66 -21.28 27.56
C VAL E 573 9.50 -22.44 28.15
N PRO E 574 10.83 -22.23 28.35
CA PRO E 574 11.63 -23.29 28.94
C PRO E 574 11.07 -23.69 30.29
N TYR E 575 11.13 -24.99 30.55
CA TYR E 575 10.87 -25.44 31.89
C TYR E 575 11.89 -24.83 32.86
N LYS E 576 11.44 -24.32 33.99
CA LYS E 576 12.28 -24.27 35.19
C LYS E 576 11.40 -24.69 36.35
N ASP E 577 12.01 -25.16 37.45
CA ASP E 577 11.25 -25.38 38.67
C ASP E 577 10.48 -24.15 39.16
N ASN E 578 9.28 -24.41 39.68
CA ASN E 578 8.40 -23.42 40.23
CA ASN E 578 8.37 -23.41 40.25
C ASN E 578 7.93 -22.31 39.27
N ARG E 579 7.76 -22.66 38.00
CA ARG E 579 7.11 -21.79 37.01
C ARG E 579 5.70 -22.33 36.88
N LEU E 580 4.88 -22.02 37.89
CA LEU E 580 3.52 -22.47 37.94
C LEU E 580 2.53 -21.37 37.47
N TYR E 581 2.70 -20.14 37.97
CA TYR E 581 1.62 -19.14 37.98
C TYR E 581 1.96 -17.93 37.11
N PRO E 582 1.30 -17.86 35.95
CA PRO E 582 1.73 -16.99 34.85
C PRO E 582 1.40 -15.51 35.09
N SER E 583 0.56 -15.23 36.09
CA SER E 583 0.39 -13.85 36.57
C SER E 583 1.17 -13.51 37.84
N GLY E 584 2.17 -14.34 38.19
CA GLY E 584 3.00 -14.07 39.40
C GLY E 584 2.45 -14.84 40.60
N ASP E 585 3.24 -14.92 41.67
CA ASP E 585 2.94 -15.81 42.77
C ASP E 585 1.91 -15.18 43.68
N HIS E 586 1.92 -13.84 43.74
CA HIS E 586 0.99 -13.05 44.57
C HIS E 586 0.25 -12.04 43.70
N VAL E 587 -0.96 -12.43 43.29
CA VAL E 587 -1.66 -11.73 42.20
C VAL E 587 -2.42 -10.51 42.70
N PRO E 588 -3.21 -10.59 43.82
CA PRO E 588 -3.98 -9.36 44.14
C PRO E 588 -3.17 -8.05 44.18
N GLN E 589 -3.74 -7.01 43.56
CA GLN E 589 -3.19 -5.65 43.64
C GLN E 589 -1.87 -5.43 42.93
N TRP E 590 -1.34 -6.43 42.25
CA TRP E 590 -0.22 -6.19 41.32
C TRP E 590 -0.71 -5.35 40.14
N SER E 591 0.03 -4.29 39.81
CA SER E 591 -0.43 -3.35 38.78
C SER E 591 -0.32 -3.95 37.39
N GLY E 592 0.42 -5.06 37.29
CA GLY E 592 0.84 -5.56 36.00
C GLY E 592 2.15 -4.97 35.46
N ASP E 593 2.77 -4.04 36.17
CA ASP E 593 4.12 -3.55 35.83
C ASP E 593 5.19 -4.46 36.44
N GLY E 594 6.17 -4.87 35.67
CA GLY E 594 7.27 -5.66 36.20
C GLY E 594 7.47 -6.96 35.44
N VAL E 595 8.63 -7.56 35.70
CA VAL E 595 9.08 -8.75 34.98
C VAL E 595 8.85 -9.92 35.95
N ARG E 596 7.68 -10.56 35.81
CA ARG E 596 7.35 -11.67 36.70
C ARG E 596 6.33 -12.51 35.96
N GLY E 597 6.04 -13.74 36.47
CA GLY E 597 5.19 -14.73 35.75
C GLY E 597 5.52 -14.83 34.25
N MET E 598 4.49 -14.99 33.42
CA MET E 598 4.72 -15.27 32.01
C MET E 598 5.66 -14.23 31.39
N ARG E 599 5.59 -12.96 31.80
CA ARG E 599 6.46 -11.92 31.23
C ARG E 599 7.95 -12.24 31.51
N GLU E 600 8.25 -12.62 32.74
CA GLU E 600 9.60 -13.05 33.08
C GLU E 600 9.98 -14.24 32.24
N TRP E 601 9.12 -15.25 32.20
CA TRP E 601 9.50 -16.51 31.51
C TRP E 601 9.69 -16.31 29.99
N ILE E 602 8.95 -15.39 29.41
CA ILE E 602 9.12 -15.08 28.01
C ILE E 602 10.45 -14.31 27.80
N GLY E 603 10.79 -13.43 28.75
CA GLY E 603 12.03 -12.66 28.69
C GLY E 603 12.11 -11.90 27.39
N ASP E 604 13.24 -11.99 26.70
CA ASP E 604 13.39 -11.29 25.42
C ASP E 604 12.91 -12.14 24.23
N GLY E 605 12.36 -13.31 24.53
CA GLY E 605 11.82 -14.21 23.53
C GLY E 605 12.84 -15.02 22.75
N SER E 606 14.12 -15.00 23.16
CA SER E 606 15.16 -15.59 22.34
C SER E 606 15.54 -17.00 22.76
N GLU E 607 15.11 -17.45 23.94
CA GLU E 607 15.51 -18.77 24.43
C GLU E 607 14.92 -19.95 23.67
N ASN E 608 15.75 -20.97 23.52
CA ASN E 608 15.39 -22.18 22.83
C ASN E 608 14.23 -22.94 23.47
N ILE E 609 13.34 -23.48 22.64
CA ILE E 609 12.28 -24.39 23.14
C ILE E 609 12.10 -25.62 22.25
N ASP E 610 13.03 -25.79 21.32
CA ASP E 610 13.08 -26.95 20.45
C ASP E 610 13.91 -28.08 21.08
N ASN E 611 13.30 -29.24 21.27
CA ASN E 611 13.98 -30.42 21.81
C ASN E 611 14.68 -30.18 23.13
N THR E 612 13.87 -29.86 24.14
CA THR E 612 14.35 -29.53 25.49
C THR E 612 13.16 -29.73 26.46
N ASP E 613 13.30 -29.30 27.71
CA ASP E 613 12.17 -29.37 28.64
C ASP E 613 11.39 -28.07 28.55
N ILE E 614 10.14 -28.18 28.12
CA ILE E 614 9.30 -27.00 27.88
C ILE E 614 8.06 -26.95 28.77
N LEU E 615 7.41 -25.79 28.80
CA LEU E 615 6.09 -25.63 29.39
C LEU E 615 5.19 -24.95 28.38
N PHE E 616 3.99 -25.50 28.23
CA PHE E 616 3.04 -25.09 27.20
C PHE E 616 1.86 -24.47 27.92
N PHE E 617 1.70 -23.14 27.80
CA PHE E 617 0.55 -22.49 28.45
C PHE E 617 -0.46 -22.12 27.38
N HIS E 618 -1.68 -22.64 27.50
CA HIS E 618 -2.74 -22.43 26.49
C HIS E 618 -3.90 -21.58 27.09
N THR E 619 -4.24 -20.47 26.45
CA THR E 619 -5.35 -19.65 26.89
C THR E 619 -6.58 -20.03 26.05
N PHE E 620 -7.65 -20.45 26.71
CA PHE E 620 -8.92 -20.71 26.06
C PHE E 620 -10.04 -20.14 26.95
N GLY E 621 -11.29 -20.18 26.48
CA GLY E 621 -12.41 -19.63 27.28
C GLY E 621 -13.50 -19.20 26.32
N ILE E 622 -14.34 -18.27 26.79
CA ILE E 622 -15.53 -17.82 26.06
C ILE E 622 -15.69 -16.29 26.29
N THR E 623 -16.40 -15.66 25.38
CA THR E 623 -16.82 -14.28 25.55
C THR E 623 -18.32 -14.33 25.80
N HIS E 624 -18.75 -13.73 26.90
CA HIS E 624 -20.15 -13.87 27.31
C HIS E 624 -20.89 -12.54 27.12
N PHE E 625 -21.92 -12.54 26.27
CA PHE E 625 -22.79 -11.41 26.17
C PHE E 625 -24.12 -11.85 26.79
N PRO E 626 -24.45 -11.37 27.99
CA PRO E 626 -25.57 -11.98 28.72
C PRO E 626 -26.90 -11.83 28.03
N ALA E 627 -27.80 -12.76 28.34
CA ALA E 627 -29.16 -12.64 27.78
C ALA E 627 -30.11 -13.05 28.86
N PRO E 628 -31.38 -12.69 28.73
CA PRO E 628 -32.30 -13.01 29.84
C PRO E 628 -32.33 -14.49 30.18
N GLU E 629 -32.08 -15.34 29.18
CA GLU E 629 -32.09 -16.78 29.48
C GLU E 629 -31.06 -17.08 30.58
N ASP E 630 -30.05 -16.23 30.75
CA ASP E 630 -29.00 -16.52 31.75
C ASP E 630 -29.45 -16.14 33.17
N PHE E 631 -30.66 -15.59 33.31
CA PHE E 631 -31.05 -15.02 34.61
C PHE E 631 -32.38 -15.64 35.09
N PRO E 632 -32.57 -15.77 36.42
CA PRO E 632 -31.74 -15.32 37.55
C PRO E 632 -30.64 -16.31 37.87
N LEU E 633 -30.62 -17.43 37.14
CA LEU E 633 -29.71 -18.54 37.35
C LEU E 633 -29.43 -19.11 35.95
N MET E 634 -28.16 -19.36 35.66
CA MET E 634 -27.70 -19.58 34.29
CA MET E 634 -27.76 -19.60 34.28
C MET E 634 -27.62 -21.07 33.90
N PRO E 635 -28.27 -21.46 32.78
CA PRO E 635 -28.01 -22.81 32.29
C PRO E 635 -26.55 -23.02 31.88
N ALA E 636 -26.05 -24.23 32.18
CA ALA E 636 -24.66 -24.60 31.98
C ALA E 636 -24.20 -24.20 30.58
N GLU E 637 -23.02 -23.57 30.50
CA GLU E 637 -22.41 -23.24 29.20
C GLU E 637 -21.10 -24.04 29.04
N PRO E 638 -21.01 -24.85 27.97
CA PRO E 638 -19.85 -25.76 27.78
C PRO E 638 -18.61 -25.07 27.20
N ILE E 639 -17.46 -25.45 27.71
CA ILE E 639 -16.17 -25.22 27.09
C ILE E 639 -15.37 -26.52 27.07
N THR E 640 -14.68 -26.77 25.97
CA THR E 640 -13.86 -27.98 25.89
C THR E 640 -12.62 -27.79 25.04
N LEU E 641 -11.64 -28.64 25.30
CA LEU E 641 -10.38 -28.74 24.57
C LEU E 641 -9.93 -30.17 24.73
N MET E 642 -9.07 -30.62 23.80
CA MET E 642 -8.69 -32.03 23.74
C MET E 642 -7.19 -32.16 23.35
N LEU E 643 -6.50 -33.12 23.96
CA LEU E 643 -5.15 -33.52 23.57
C LEU E 643 -5.23 -34.95 23.04
N ARG E 644 -5.01 -35.09 21.72
CA ARG E 644 -5.18 -36.39 21.13
CA ARG E 644 -5.26 -36.31 20.94
C ARG E 644 -3.90 -36.96 20.53
N PRO E 645 -3.68 -38.26 20.80
CA PRO E 645 -2.43 -38.85 20.29
C PRO E 645 -2.41 -38.87 18.75
N ARG E 646 -1.36 -38.33 18.15
CA ARG E 646 -1.24 -38.39 16.69
C ARG E 646 0.19 -38.80 16.33
N HIS E 647 0.29 -39.96 15.66
CA HIS E 647 1.55 -40.62 15.38
C HIS E 647 2.21 -41.12 16.69
N PHE E 648 1.46 -41.06 17.79
CA PHE E 648 1.95 -41.68 19.03
C PHE E 648 1.89 -43.20 18.97
N PHE E 649 0.75 -43.75 18.56
CA PHE E 649 0.61 -45.20 18.39
C PHE E 649 0.87 -45.56 16.92
N THR E 650 0.96 -46.85 16.63
CA THR E 650 1.07 -47.32 15.25
C THR E 650 -0.27 -47.83 14.74
N GLU E 651 -1.25 -47.93 15.64
CA GLU E 651 -2.64 -48.23 15.25
C GLU E 651 -3.61 -47.83 16.36
N ASN E 652 -4.91 -47.77 16.04
CA ASN E 652 -5.97 -47.49 17.02
C ASN E 652 -5.70 -48.33 18.28
N PRO E 653 -5.36 -47.68 19.40
CA PRO E 653 -4.99 -48.37 20.61
C PRO E 653 -6.14 -49.05 21.32
N GLY E 654 -7.38 -48.84 20.92
CA GLY E 654 -8.53 -49.45 21.62
C GLY E 654 -9.07 -50.75 21.04
N LEU E 655 -8.37 -51.32 20.07
CA LEU E 655 -8.87 -52.49 19.30
C LEU E 655 -8.85 -53.81 20.08
N ASP E 656 -8.12 -53.87 21.18
CA ASP E 656 -8.19 -55.02 22.09
C ASP E 656 -9.29 -54.91 23.16
N ILE E 657 -10.08 -53.84 23.11
CA ILE E 657 -11.27 -53.74 23.94
C ILE E 657 -12.37 -54.61 23.35
N GLN E 658 -13.10 -55.33 24.21
CA GLN E 658 -14.11 -56.25 23.72
C GLN E 658 -15.24 -55.49 23.05
N PRO E 659 -15.50 -55.80 21.79
CA PRO E 659 -16.66 -55.25 21.11
C PRO E 659 -17.97 -55.53 21.87
N SER E 660 -18.97 -54.69 21.65
CA SER E 660 -20.31 -54.87 22.21
C SER E 660 -21.09 -55.77 21.31
N TYR E 661 -20.64 -55.82 20.06
CA TYR E 661 -21.20 -56.68 19.01
C TYR E 661 -20.16 -56.88 17.91
N ALA E 662 -19.98 -58.11 17.47
CA ALA E 662 -19.00 -58.44 16.42
C ALA E 662 -19.45 -59.64 15.59
N MET E 663 -19.63 -59.43 14.29
CA MET E 663 -19.89 -60.54 13.39
C MET E 663 -19.03 -60.43 12.14
N THR E 664 -18.27 -61.49 11.84
CA THR E 664 -17.44 -61.55 10.63
C THR E 664 -18.25 -61.95 9.41
N THR E 665 -17.67 -61.78 8.24
CA THR E 665 -18.28 -62.24 7.00
C THR E 665 -18.55 -63.75 6.99
N SER E 666 -17.56 -64.53 7.38
CA SER E 666 -17.72 -66.00 7.46
C SER E 666 -18.84 -66.38 8.45
N GLU E 667 -18.83 -65.75 9.63
CA GLU E 667 -19.93 -65.93 10.58
C GLU E 667 -21.30 -65.59 10.03
N ALA E 668 -21.41 -64.47 9.32
CA ALA E 668 -22.68 -64.07 8.75
C ALA E 668 -23.20 -65.06 7.73
N LYS E 669 -22.30 -65.63 6.91
CA LYS E 669 -22.64 -66.64 5.91
C LYS E 669 -23.25 -67.87 6.57
N ARG E 670 -22.64 -68.28 7.68
CA ARG E 670 -22.98 -69.50 8.42
C ARG E 670 -24.26 -69.43 9.25
N ALA E 671 -24.75 -68.23 9.57
CA ALA E 671 -25.99 -68.08 10.34
C ALA E 671 -27.24 -68.15 9.43
N VAL E 672 -27.00 -68.58 8.19
CA VAL E 672 -27.96 -68.83 7.07
C VAL E 672 -28.27 -67.63 6.17
N PRO F 18 -57.34 -43.78 -0.97
CA PRO F 18 -56.73 -44.99 -0.40
C PRO F 18 -55.73 -44.72 0.76
N ALA F 19 -56.14 -45.04 1.99
CA ALA F 19 -55.30 -44.91 3.20
C ALA F 19 -54.34 -43.70 3.23
N ARG F 20 -54.81 -42.64 3.90
CA ARG F 20 -54.09 -41.40 4.12
C ARG F 20 -53.38 -41.43 5.48
N PRO F 21 -52.18 -40.81 5.59
CA PRO F 21 -51.53 -40.73 6.90
C PRO F 21 -52.17 -39.72 7.87
N ALA F 22 -52.06 -40.05 9.15
CA ALA F 22 -52.01 -39.08 10.23
C ALA F 22 -51.75 -37.64 9.72
N HIS F 23 -50.53 -37.44 9.24
CA HIS F 23 -49.85 -36.16 9.30
C HIS F 23 -49.27 -35.92 7.89
N PRO F 24 -49.49 -34.73 7.35
CA PRO F 24 -48.99 -34.43 6.01
C PRO F 24 -47.48 -34.64 5.78
N LEU F 25 -46.66 -34.57 6.82
CA LEU F 25 -45.22 -34.76 6.69
C LEU F 25 -44.73 -36.19 6.94
N ASP F 26 -45.63 -37.13 7.18
CA ASP F 26 -45.20 -38.52 7.33
C ASP F 26 -44.60 -38.99 6.01
N PRO F 27 -43.53 -39.79 6.08
CA PRO F 27 -42.94 -40.40 4.90
C PRO F 27 -44.00 -41.29 4.21
N LEU F 28 -43.83 -41.55 2.91
CA LEU F 28 -44.71 -42.46 2.21
C LEU F 28 -44.69 -43.79 2.93
N SER F 29 -45.85 -44.39 3.11
CA SER F 29 -45.92 -45.76 3.63
C SER F 29 -45.59 -46.75 2.52
N THR F 30 -45.44 -48.02 2.89
CA THR F 30 -45.16 -49.04 1.90
C THR F 30 -46.29 -49.14 0.90
N ALA F 31 -47.52 -48.93 1.37
CA ALA F 31 -48.65 -48.96 0.47
C ALA F 31 -48.65 -47.77 -0.46
N GLU F 32 -48.35 -46.58 0.05
CA GLU F 32 -48.25 -45.41 -0.84
C GLU F 32 -47.17 -45.54 -1.93
N ILE F 33 -46.02 -46.11 -1.56
CA ILE F 33 -44.92 -46.35 -2.50
C ILE F 33 -45.40 -47.26 -3.66
N LYS F 34 -46.03 -48.38 -3.30
CA LYS F 34 -46.61 -49.31 -4.25
C LYS F 34 -47.73 -48.68 -5.08
N ALA F 35 -48.63 -47.93 -4.45
CA ALA F 35 -49.59 -47.14 -5.22
C ALA F 35 -48.88 -46.24 -6.26
N ALA F 36 -47.77 -45.62 -5.85
CA ALA F 36 -47.07 -44.66 -6.72
C ALA F 36 -46.43 -45.32 -7.92
N THR F 37 -45.73 -46.42 -7.68
CA THR F 37 -45.02 -47.13 -8.73
C THR F 37 -45.98 -47.79 -9.74
N ASN F 38 -47.06 -48.40 -9.24
CA ASN F 38 -48.12 -48.93 -10.12
C ASN F 38 -48.59 -47.80 -11.03
N THR F 39 -48.81 -46.60 -10.48
CA THR F 39 -49.29 -45.47 -11.28
C THR F 39 -48.30 -45.08 -12.40
N VAL F 40 -47.00 -45.06 -12.06
CA VAL F 40 -45.98 -44.68 -13.00
C VAL F 40 -45.77 -45.76 -14.05
N LYS F 41 -45.74 -47.03 -13.62
CA LYS F 41 -45.67 -48.14 -14.60
C LYS F 41 -46.80 -48.01 -15.60
N SER F 42 -47.99 -47.75 -15.10
CA SER F 42 -49.19 -47.68 -15.93
CA SER F 42 -49.14 -47.72 -15.96
C SER F 42 -49.13 -46.51 -16.90
N TYR F 43 -48.58 -45.39 -16.43
CA TYR F 43 -48.43 -44.21 -17.28
C TYR F 43 -47.40 -44.40 -18.42
N PHE F 44 -46.31 -45.11 -18.13
CA PHE F 44 -45.31 -45.45 -19.12
C PHE F 44 -45.61 -46.86 -19.64
N ALA F 45 -46.86 -47.03 -20.10
CA ALA F 45 -47.39 -48.32 -20.53
C ALA F 45 -46.52 -48.92 -21.64
N GLY F 46 -46.12 -50.17 -21.42
CA GLY F 46 -45.36 -50.91 -22.42
C GLY F 46 -43.97 -50.34 -22.66
N LYS F 47 -43.44 -49.65 -21.65
CA LYS F 47 -42.03 -49.29 -21.64
C LYS F 47 -41.26 -49.93 -20.48
N LYS F 48 -40.02 -50.27 -20.76
CA LYS F 48 -39.10 -50.88 -19.79
C LYS F 48 -38.51 -49.78 -18.88
N ILE F 49 -39.14 -49.55 -17.72
CA ILE F 49 -38.63 -48.57 -16.79
C ILE F 49 -38.15 -49.23 -15.50
N SER F 50 -37.18 -48.61 -14.83
CA SER F 50 -36.77 -48.98 -13.48
C SER F 50 -36.82 -47.79 -12.52
N PHE F 51 -36.97 -48.08 -11.23
CA PHE F 51 -37.19 -47.02 -10.25
C PHE F 51 -35.91 -46.65 -9.53
N ASN F 52 -35.59 -45.37 -9.55
CA ASN F 52 -34.43 -44.86 -8.84
C ASN F 52 -34.81 -44.31 -7.46
N THR F 53 -35.89 -43.55 -7.43
CA THR F 53 -36.35 -42.87 -6.24
C THR F 53 -37.88 -42.72 -6.21
N VAL F 54 -38.50 -43.12 -5.11
CA VAL F 54 -39.90 -42.79 -4.90
C VAL F 54 -40.04 -42.26 -3.48
N THR F 55 -40.42 -41.00 -3.35
CA THR F 55 -40.41 -40.39 -2.03
C THR F 55 -41.45 -39.31 -1.94
N LEU F 56 -41.78 -38.92 -0.70
CA LEU F 56 -42.76 -37.89 -0.44
C LEU F 56 -42.32 -36.59 -1.04
N ARG F 57 -43.19 -35.97 -1.83
CA ARG F 57 -43.01 -34.56 -2.08
C ARG F 57 -43.73 -33.83 -0.93
N GLU F 58 -42.94 -33.24 -0.04
CA GLU F 58 -43.50 -32.48 1.04
C GLU F 58 -44.43 -31.37 0.58
N PRO F 59 -45.44 -31.07 1.39
CA PRO F 59 -46.35 -29.99 1.01
C PRO F 59 -45.64 -28.65 1.04
N ALA F 60 -46.02 -27.75 0.13
CA ALA F 60 -45.74 -26.30 0.23
C ALA F 60 -45.77 -25.77 1.66
N ARG F 61 -44.82 -24.94 2.02
CA ARG F 61 -44.70 -24.42 3.38
C ARG F 61 -45.98 -23.69 3.81
N LYS F 62 -46.43 -22.77 2.97
CA LYS F 62 -47.61 -21.99 3.21
C LYS F 62 -48.89 -22.86 3.35
N ALA F 63 -49.12 -23.81 2.43
CA ALA F 63 -50.23 -24.75 2.54
C ALA F 63 -50.14 -25.56 3.84
N TYR F 64 -48.93 -25.98 4.21
CA TYR F 64 -48.78 -26.69 5.48
C TYR F 64 -49.16 -25.82 6.69
N ILE F 65 -48.65 -24.59 6.74
CA ILE F 65 -48.89 -23.74 7.87
C ILE F 65 -50.41 -23.37 7.93
N GLN F 66 -51.04 -23.21 6.77
CA GLN F 66 -52.47 -22.91 6.74
C GLN F 66 -53.28 -24.05 7.34
N TRP F 67 -52.96 -25.27 6.90
CA TRP F 67 -53.62 -26.45 7.38
C TRP F 67 -53.45 -26.54 8.89
N LYS F 68 -52.21 -26.49 9.33
CA LYS F 68 -51.89 -26.64 10.75
C LYS F 68 -52.54 -25.60 11.64
N GLU F 69 -52.68 -24.38 11.15
CA GLU F 69 -52.88 -23.23 12.03
C GLU F 69 -54.10 -22.40 11.70
N GLN F 70 -54.48 -22.34 10.42
CA GLN F 70 -55.57 -21.47 9.95
C GLN F 70 -56.74 -22.27 9.37
N GLY F 71 -56.93 -23.51 9.86
CA GLY F 71 -57.95 -24.41 9.31
C GLY F 71 -57.99 -24.49 7.78
N GLY F 72 -56.84 -24.37 7.12
CA GLY F 72 -56.78 -24.61 5.68
C GLY F 72 -57.01 -26.08 5.30
N PRO F 73 -57.27 -26.34 4.03
CA PRO F 73 -57.45 -27.72 3.56
C PRO F 73 -56.22 -28.60 3.84
N LEU F 74 -56.42 -29.88 4.09
CA LEU F 74 -55.31 -30.84 4.17
C LEU F 74 -54.63 -31.01 2.79
N PRO F 75 -53.31 -30.77 2.70
CA PRO F 75 -52.63 -30.79 1.40
C PRO F 75 -52.69 -32.16 0.72
N PRO F 76 -52.71 -32.17 -0.62
CA PRO F 76 -52.71 -33.44 -1.31
C PRO F 76 -51.45 -34.23 -0.98
N ARG F 77 -51.62 -35.52 -0.81
CA ARG F 77 -50.54 -36.44 -0.65
C ARG F 77 -49.80 -36.69 -1.98
N LEU F 78 -48.51 -36.30 -2.06
CA LEU F 78 -47.77 -36.37 -3.34
C LEU F 78 -46.51 -37.25 -3.30
N ALA F 79 -46.28 -38.01 -4.38
CA ALA F 79 -45.07 -38.81 -4.49
C ALA F 79 -44.18 -38.30 -5.60
N TYR F 80 -42.94 -38.01 -5.25
CA TYR F 80 -41.90 -37.70 -6.23
C TYR F 80 -41.22 -38.97 -6.69
N TYR F 81 -41.13 -39.14 -8.01
CA TYR F 81 -40.36 -40.25 -8.59
C TYR F 81 -39.25 -39.82 -9.55
N VAL F 82 -38.19 -40.63 -9.54
CA VAL F 82 -37.16 -40.66 -10.54
C VAL F 82 -37.07 -42.10 -11.15
N ILE F 83 -37.15 -42.18 -12.47
CA ILE F 83 -37.06 -43.48 -13.18
C ILE F 83 -36.04 -43.40 -14.32
N LEU F 84 -35.49 -44.55 -14.68
CA LEU F 84 -34.67 -44.67 -15.86
C LEU F 84 -35.49 -45.48 -16.85
N GLU F 85 -35.32 -45.20 -18.13
CA GLU F 85 -35.82 -46.09 -19.17
C GLU F 85 -34.66 -46.70 -19.97
N ALA F 86 -34.60 -48.04 -20.00
CA ALA F 86 -33.61 -48.78 -20.78
C ALA F 86 -33.47 -48.17 -22.19
N GLY F 87 -32.23 -47.85 -22.57
CA GLY F 87 -31.94 -47.27 -23.89
C GLY F 87 -32.29 -45.79 -24.05
N LYS F 88 -32.64 -45.11 -22.96
CA LYS F 88 -32.87 -43.66 -23.00
C LYS F 88 -31.86 -42.97 -22.08
N PRO F 89 -31.30 -41.80 -22.50
CA PRO F 89 -30.23 -41.25 -21.63
C PRO F 89 -30.80 -40.49 -20.44
N GLY F 90 -30.04 -40.32 -19.35
CA GLY F 90 -30.55 -39.51 -18.23
C GLY F 90 -31.71 -40.19 -17.51
N VAL F 91 -32.75 -39.44 -17.19
CA VAL F 91 -33.82 -39.93 -16.32
C VAL F 91 -35.10 -39.23 -16.72
N LYS F 92 -36.19 -39.69 -16.13
CA LYS F 92 -37.42 -38.91 -16.11
C LYS F 92 -37.80 -38.80 -14.65
N GLU F 93 -38.50 -37.72 -14.33
CA GLU F 93 -38.93 -37.45 -12.94
C GLU F 93 -40.32 -36.84 -13.01
N GLY F 94 -41.04 -36.88 -11.90
CA GLY F 94 -42.33 -36.23 -11.81
C GLY F 94 -43.08 -36.52 -10.52
N LEU F 95 -44.35 -36.16 -10.51
CA LEU F 95 -45.19 -36.32 -9.33
C LEU F 95 -46.38 -37.22 -9.62
N VAL F 96 -46.68 -38.10 -8.67
CA VAL F 96 -47.93 -38.84 -8.64
C VAL F 96 -48.81 -38.24 -7.56
N ASP F 97 -50.03 -37.83 -7.91
CA ASP F 97 -51.08 -37.55 -6.91
C ASP F 97 -51.68 -38.85 -6.45
N LEU F 98 -51.49 -39.18 -5.17
CA LEU F 98 -51.83 -40.51 -4.66
C LEU F 98 -53.34 -40.77 -4.50
N ALA F 99 -54.08 -39.75 -4.07
CA ALA F 99 -55.53 -39.88 -3.90
C ALA F 99 -56.20 -40.30 -5.22
N SER F 100 -55.70 -39.76 -6.35
CA SER F 100 -56.31 -40.02 -7.64
C SER F 100 -55.50 -41.00 -8.46
N LEU F 101 -54.43 -41.52 -7.88
CA LEU F 101 -53.57 -42.48 -8.58
C LEU F 101 -53.25 -42.00 -10.00
N SER F 102 -52.84 -40.74 -10.12
CA SER F 102 -52.45 -40.19 -11.40
C SER F 102 -51.16 -39.32 -11.41
N VAL F 103 -50.38 -39.41 -12.50
CA VAL F 103 -49.15 -38.64 -12.68
C VAL F 103 -49.56 -37.22 -13.08
N ILE F 104 -49.15 -36.21 -12.32
CA ILE F 104 -49.61 -34.82 -12.55
C ILE F 104 -48.51 -33.87 -13.04
N GLU F 105 -47.26 -34.33 -12.97
CA GLU F 105 -46.12 -33.62 -13.51
C GLU F 105 -45.17 -34.70 -13.98
N THR F 106 -44.55 -34.46 -15.13
CA THR F 106 -43.53 -35.37 -15.60
C THR F 106 -42.58 -34.68 -16.55
N ARG F 107 -41.30 -35.02 -16.48
CA ARG F 107 -40.35 -34.52 -17.48
C ARG F 107 -39.13 -35.40 -17.66
N ALA F 108 -38.57 -35.32 -18.87
CA ALA F 108 -37.34 -36.02 -19.23
C ALA F 108 -36.12 -35.13 -18.98
N LEU F 109 -35.15 -35.66 -18.26
CA LEU F 109 -33.89 -34.96 -18.08
C LEU F 109 -32.80 -35.82 -18.73
N GLU F 110 -32.47 -35.50 -19.98
CA GLU F 110 -31.52 -36.37 -20.66
C GLU F 110 -30.04 -36.26 -20.27
N THR F 111 -29.66 -35.14 -19.64
CA THR F 111 -28.24 -34.83 -19.45
C THR F 111 -27.92 -34.73 -17.93
N VAL F 112 -28.63 -35.48 -17.08
CA VAL F 112 -28.21 -35.58 -15.68
C VAL F 112 -28.08 -37.06 -15.30
N GLN F 113 -27.51 -37.33 -14.13
CA GLN F 113 -27.52 -38.69 -13.59
C GLN F 113 -28.00 -38.68 -12.16
N PRO F 114 -28.74 -39.72 -11.72
CA PRO F 114 -29.37 -39.66 -10.41
C PRO F 114 -28.53 -40.35 -9.34
N ILE F 115 -28.94 -40.16 -8.09
CA ILE F 115 -28.31 -40.78 -6.92
C ILE F 115 -28.10 -42.28 -7.14
N LEU F 116 -26.99 -42.84 -6.66
CA LEU F 116 -26.73 -44.28 -6.83
C LEU F 116 -27.34 -45.10 -5.69
N THR F 117 -28.34 -45.93 -6.02
CA THR F 117 -29.01 -46.78 -5.03
C THR F 117 -28.14 -47.98 -4.65
N VAL F 118 -28.56 -48.70 -3.62
CA VAL F 118 -27.89 -49.93 -3.19
C VAL F 118 -27.81 -50.97 -4.33
N GLU F 119 -28.88 -51.07 -5.12
CA GLU F 119 -28.91 -52.01 -6.23
C GLU F 119 -27.95 -51.61 -7.36
N ASP F 120 -28.02 -50.33 -7.72
CA ASP F 120 -27.05 -49.66 -8.61
C ASP F 120 -25.60 -49.99 -8.27
N LEU F 121 -25.26 -50.02 -7.00
CA LEU F 121 -23.90 -50.29 -6.59
C LEU F 121 -23.54 -51.78 -6.46
N CYS F 122 -24.53 -52.63 -6.14
CA CYS F 122 -24.28 -54.03 -5.72
CA CYS F 122 -24.15 -53.95 -5.69
C CYS F 122 -23.60 -54.85 -6.80
N SER F 123 -24.01 -54.62 -8.06
CA SER F 123 -23.51 -55.41 -9.19
C SER F 123 -22.09 -55.05 -9.63
N THR F 124 -21.54 -53.91 -9.19
CA THR F 124 -20.26 -53.46 -9.74
C THR F 124 -19.09 -54.41 -9.45
N GLU F 125 -19.05 -55.04 -8.27
CA GLU F 125 -17.95 -55.95 -7.94
C GLU F 125 -17.87 -57.14 -8.90
N GLU F 126 -19.02 -57.65 -9.28
CA GLU F 126 -19.08 -58.87 -10.07
C GLU F 126 -18.72 -58.51 -11.51
N VAL F 127 -19.19 -57.36 -11.98
CA VAL F 127 -18.77 -56.82 -13.27
C VAL F 127 -17.25 -56.76 -13.37
N ILE F 128 -16.57 -56.21 -12.36
CA ILE F 128 -15.12 -56.13 -12.50
C ILE F 128 -14.37 -57.47 -12.30
N ARG F 129 -14.88 -58.36 -11.44
CA ARG F 129 -14.25 -59.66 -11.32
C ARG F 129 -14.27 -60.41 -12.66
N ASN F 130 -15.34 -60.25 -13.43
CA ASN F 130 -15.51 -60.95 -14.67
C ASN F 130 -14.95 -60.20 -15.89
N ASP F 131 -14.31 -59.06 -15.68
CA ASP F 131 -13.88 -58.28 -16.84
C ASP F 131 -12.48 -58.63 -17.34
N PRO F 132 -12.37 -58.98 -18.64
CA PRO F 132 -11.08 -59.52 -19.08
C PRO F 132 -9.94 -58.54 -18.85
N ALA F 133 -10.17 -57.24 -19.09
CA ALA F 133 -9.10 -56.24 -18.95
C ALA F 133 -8.72 -56.00 -17.48
N VAL F 134 -9.73 -56.08 -16.59
CA VAL F 134 -9.51 -55.93 -15.16
C VAL F 134 -8.71 -57.14 -14.71
N ILE F 135 -9.15 -58.33 -15.14
CA ILE F 135 -8.46 -59.60 -14.81
C ILE F 135 -6.98 -59.48 -15.17
N GLU F 136 -6.72 -58.97 -16.38
CA GLU F 136 -5.35 -58.69 -16.84
C GLU F 136 -4.58 -57.77 -15.88
N GLN F 137 -5.21 -56.65 -15.47
CA GLN F 137 -4.59 -55.73 -14.52
C GLN F 137 -4.29 -56.38 -13.16
N CYS F 138 -5.18 -57.25 -12.72
CA CYS F 138 -4.95 -57.99 -11.49
C CYS F 138 -3.77 -58.94 -11.63
N VAL F 139 -3.63 -59.58 -12.80
CA VAL F 139 -2.47 -60.45 -13.07
C VAL F 139 -1.16 -59.65 -13.04
N LEU F 140 -1.09 -58.52 -13.75
CA LEU F 140 0.05 -57.63 -13.65
C LEU F 140 0.33 -57.13 -12.20
N SER F 141 -0.68 -57.09 -11.35
CA SER F 141 -0.50 -56.57 -9.99
C SER F 141 -0.03 -57.66 -9.04
N GLY F 142 0.03 -58.91 -9.52
CA GLY F 142 0.58 -60.02 -8.73
C GLY F 142 -0.50 -60.88 -8.14
N ILE F 143 -1.70 -60.78 -8.69
CA ILE F 143 -2.80 -61.63 -8.30
C ILE F 143 -3.22 -62.51 -9.49
N PRO F 144 -3.15 -63.85 -9.33
CA PRO F 144 -3.46 -64.81 -10.41
C PRO F 144 -4.94 -64.80 -10.84
N ALA F 145 -5.21 -64.90 -12.13
CA ALA F 145 -6.59 -64.91 -12.65
C ALA F 145 -7.63 -65.83 -11.97
N ASN F 146 -7.20 -66.93 -11.36
CA ASN F 146 -8.16 -67.77 -10.64
C ASN F 146 -8.33 -67.42 -9.14
N GLU F 147 -7.70 -66.32 -8.72
CA GLU F 147 -7.91 -65.75 -7.38
C GLU F 147 -8.73 -64.45 -7.44
N MET F 148 -9.57 -64.35 -8.46
CA MET F 148 -10.34 -63.16 -8.73
C MET F 148 -11.53 -63.00 -7.73
N HIS F 149 -11.84 -64.07 -6.98
CA HIS F 149 -12.82 -63.97 -5.89
C HIS F 149 -12.27 -63.23 -4.64
N LYS F 150 -10.96 -63.05 -4.62
CA LYS F 150 -10.23 -62.27 -3.62
C LYS F 150 -10.15 -60.76 -3.92
N VAL F 151 -10.58 -60.37 -5.12
CA VAL F 151 -10.52 -58.97 -5.49
C VAL F 151 -11.84 -58.31 -5.12
N TYR F 152 -11.76 -57.14 -4.49
CA TYR F 152 -12.97 -56.38 -4.13
C TYR F 152 -12.91 -54.93 -4.64
N CYS F 153 -14.08 -54.30 -4.72
CA CYS F 153 -14.07 -52.88 -4.95
C CYS F 153 -15.17 -52.14 -4.19
N ASP F 154 -14.86 -50.88 -3.83
CA ASP F 154 -15.89 -49.99 -3.33
C ASP F 154 -16.33 -49.21 -4.53
N PRO F 155 -17.60 -49.40 -4.93
CA PRO F 155 -18.11 -48.75 -6.13
C PRO F 155 -18.53 -47.29 -5.79
N TRP F 156 -17.83 -46.33 -6.35
CA TRP F 156 -18.17 -44.95 -6.14
C TRP F 156 -18.79 -44.44 -7.40
N THR F 157 -19.56 -43.37 -7.31
CA THR F 157 -19.80 -42.63 -8.52
C THR F 157 -18.48 -42.11 -9.04
N ILE F 158 -18.38 -41.99 -10.34
CA ILE F 158 -17.16 -41.46 -10.91
C ILE F 158 -16.99 -40.01 -10.40
N GLY F 159 -18.11 -39.40 -9.95
CA GLY F 159 -18.09 -38.07 -9.35
C GLY F 159 -18.13 -37.04 -10.48
N TYR F 160 -16.97 -36.78 -11.11
CA TYR F 160 -16.98 -36.08 -12.41
C TYR F 160 -15.70 -36.35 -13.18
N ASP F 161 -15.88 -36.87 -14.38
CA ASP F 161 -14.76 -37.02 -15.27
C ASP F 161 -15.12 -36.42 -16.60
N GLU F 162 -14.26 -35.51 -17.07
CA GLU F 162 -14.58 -34.69 -18.24
C GLU F 162 -14.39 -35.45 -19.56
N ARG F 163 -13.90 -36.68 -19.50
CA ARG F 163 -13.80 -37.50 -20.70
C ARG F 163 -15.22 -37.93 -21.15
N TRP F 164 -16.16 -38.05 -20.20
CA TRP F 164 -17.55 -38.54 -20.44
C TRP F 164 -18.71 -37.63 -20.00
N GLY F 165 -18.50 -36.63 -19.12
CA GLY F 165 -19.62 -35.78 -18.68
C GLY F 165 -20.76 -36.59 -18.09
N THR F 166 -21.99 -36.30 -18.49
CA THR F 166 -23.12 -37.13 -18.05
C THR F 166 -23.60 -38.06 -19.17
N GLY F 167 -22.81 -38.25 -20.23
CA GLY F 167 -23.36 -38.95 -21.41
C GLY F 167 -23.46 -40.46 -21.22
N LYS F 168 -22.88 -41.00 -20.15
CA LYS F 168 -23.14 -42.37 -19.71
C LYS F 168 -23.17 -42.32 -18.21
N ARG F 169 -23.84 -43.31 -17.61
CA ARG F 169 -23.92 -43.35 -16.16
C ARG F 169 -22.74 -44.18 -15.64
N LEU F 170 -21.81 -43.55 -14.92
CA LEU F 170 -20.53 -44.21 -14.64
C LEU F 170 -20.22 -44.37 -13.15
N GLN F 171 -19.54 -45.46 -12.82
CA GLN F 171 -18.94 -45.62 -11.51
C GLN F 171 -17.44 -45.73 -11.68
N GLN F 172 -16.69 -45.48 -10.62
CA GLN F 172 -15.28 -45.80 -10.62
C GLN F 172 -15.11 -46.85 -9.49
N ALA F 173 -14.29 -47.87 -9.73
CA ALA F 173 -14.20 -48.92 -8.73
C ALA F 173 -12.88 -48.72 -8.03
N LEU F 174 -12.95 -48.46 -6.74
CA LEU F 174 -11.70 -48.42 -6.00
C LEU F 174 -11.39 -49.82 -5.54
N VAL F 175 -10.27 -50.35 -6.03
CA VAL F 175 -10.06 -51.79 -5.97
C VAL F 175 -9.20 -52.20 -4.80
N TYR F 176 -9.59 -53.28 -4.12
CA TYR F 176 -8.83 -53.82 -3.00
C TYR F 176 -8.68 -55.32 -3.13
N TYR F 177 -7.88 -55.88 -2.23
CA TYR F 177 -7.59 -57.28 -2.18
C TYR F 177 -7.71 -57.83 -0.74
N ARG F 178 -8.38 -58.98 -0.60
CA ARG F 178 -8.49 -59.71 0.69
C ARG F 178 -7.85 -61.11 0.61
N SER F 179 -6.94 -61.44 1.52
CA SER F 179 -6.40 -62.84 1.63
C SER F 179 -7.47 -63.85 2.08
N ASP F 180 -8.26 -63.42 3.04
CA ASP F 180 -9.33 -64.21 3.61
C ASP F 180 -10.54 -63.27 3.64
N GLU F 181 -11.73 -63.80 3.36
CA GLU F 181 -12.93 -62.95 3.29
C GLU F 181 -13.24 -62.15 4.56
N ASP F 182 -12.66 -62.52 5.71
CA ASP F 182 -12.88 -61.81 6.98
C ASP F 182 -11.88 -60.68 7.22
N ASP F 183 -10.90 -60.52 6.33
CA ASP F 183 -9.95 -59.41 6.39
C ASP F 183 -10.67 -58.07 6.18
N SER F 184 -10.12 -57.01 6.74
CA SER F 184 -10.40 -55.67 6.25
C SER F 184 -9.49 -55.37 5.07
N GLN F 185 -10.12 -55.21 3.93
CA GLN F 185 -9.45 -55.07 2.67
C GLN F 185 -8.56 -53.82 2.53
N TYR F 186 -8.73 -52.83 3.43
CA TYR F 186 -8.20 -51.47 3.18
C TYR F 186 -6.70 -51.32 3.32
N SER F 187 -6.05 -52.41 3.78
CA SER F 187 -4.61 -52.45 3.85
C SER F 187 -4.03 -52.83 2.50
N HIS F 188 -4.88 -53.30 1.61
CA HIS F 188 -4.39 -53.83 0.34
C HIS F 188 -5.08 -53.26 -0.89
N PRO F 189 -4.99 -51.93 -1.10
CA PRO F 189 -5.47 -51.28 -2.33
C PRO F 189 -4.64 -51.72 -3.54
N LEU F 190 -5.27 -51.83 -4.72
CA LEU F 190 -4.57 -52.06 -5.98
C LEU F 190 -4.39 -50.69 -6.65
N ASP F 191 -3.57 -50.64 -7.70
CA ASP F 191 -3.07 -49.38 -8.15
C ASP F 191 -3.92 -48.72 -9.22
N PHE F 192 -4.90 -49.43 -9.74
CA PHE F 192 -5.57 -49.00 -10.97
C PHE F 192 -7.02 -48.81 -10.64
N CYS F 193 -7.74 -48.19 -11.56
CA CYS F 193 -9.09 -47.78 -11.27
C CYS F 193 -10.02 -48.03 -12.47
N PRO F 194 -10.82 -49.11 -12.44
CA PRO F 194 -11.74 -49.40 -13.54
C PRO F 194 -12.90 -48.41 -13.53
N ILE F 195 -13.28 -47.96 -14.74
CA ILE F 195 -14.48 -47.15 -14.95
C ILE F 195 -15.58 -48.07 -15.55
N VAL F 196 -16.77 -48.06 -14.93
CA VAL F 196 -17.86 -48.99 -15.23
C VAL F 196 -19.12 -48.24 -15.66
N ASP F 197 -19.70 -48.69 -16.78
CA ASP F 197 -21.02 -48.21 -17.24
C ASP F 197 -22.10 -48.91 -16.41
N THR F 198 -22.79 -48.15 -15.57
CA THR F 198 -23.72 -48.69 -14.57
C THR F 198 -24.86 -49.39 -15.28
N GLU F 199 -25.35 -48.79 -16.35
CA GLU F 199 -26.47 -49.35 -17.06
C GLU F 199 -26.09 -50.57 -17.96
N GLU F 200 -25.01 -50.47 -18.74
CA GLU F 200 -24.46 -51.62 -19.53
C GLU F 200 -23.90 -52.80 -18.71
N LYS F 201 -23.59 -52.55 -17.44
CA LYS F 201 -22.81 -53.50 -16.63
C LYS F 201 -21.50 -53.94 -17.31
N LYS F 202 -20.62 -52.99 -17.60
CA LYS F 202 -19.32 -53.29 -18.20
C LYS F 202 -18.27 -52.24 -17.98
N VAL F 203 -17.03 -52.68 -17.96
CA VAL F 203 -15.90 -51.80 -17.86
C VAL F 203 -15.64 -51.12 -19.22
N ILE F 204 -15.55 -49.79 -19.26
CA ILE F 204 -15.28 -49.11 -20.53
C ILE F 204 -13.90 -48.47 -20.59
N PHE F 205 -13.21 -48.45 -19.45
CA PHE F 205 -11.89 -47.85 -19.34
C PHE F 205 -11.22 -48.28 -18.02
N ILE F 206 -9.91 -48.23 -17.96
CA ILE F 206 -9.25 -48.47 -16.69
C ILE F 206 -8.11 -47.47 -16.58
N ASP F 207 -8.13 -46.66 -15.52
CA ASP F 207 -7.06 -45.68 -15.31
C ASP F 207 -5.88 -46.43 -14.74
N ILE F 208 -4.72 -46.32 -15.38
CA ILE F 208 -3.59 -47.09 -14.95
C ILE F 208 -2.46 -46.12 -14.69
N PRO F 209 -1.84 -46.16 -13.49
CA PRO F 209 -0.81 -45.16 -13.25
C PRO F 209 0.48 -45.37 -14.07
N ASN F 210 1.19 -44.29 -14.30
CA ASN F 210 2.55 -44.33 -14.83
C ASN F 210 3.50 -45.30 -14.13
N ARG F 211 3.55 -45.21 -12.80
CA ARG F 211 4.44 -46.03 -11.97
C ARG F 211 3.56 -47.16 -11.42
N ARG F 212 3.74 -48.40 -11.89
CA ARG F 212 2.97 -49.54 -11.35
C ARG F 212 3.40 -49.88 -9.92
N ARG F 213 2.41 -50.22 -9.08
CA ARG F 213 2.69 -50.81 -7.78
C ARG F 213 1.91 -52.10 -7.61
N LYS F 214 2.63 -53.19 -7.35
CA LYS F 214 1.98 -54.50 -7.18
C LYS F 214 1.38 -54.65 -5.80
N VAL F 215 0.45 -55.58 -5.66
CA VAL F 215 -0.24 -55.76 -4.41
C VAL F 215 0.76 -55.90 -3.23
N SER F 216 0.41 -55.32 -2.07
CA SER F 216 1.23 -55.45 -0.90
C SER F 216 1.43 -56.93 -0.48
N LYS F 217 2.62 -57.26 0.03
CA LYS F 217 2.86 -58.64 0.46
C LYS F 217 2.65 -58.80 1.95
N HIS F 218 2.35 -57.68 2.65
CA HIS F 218 2.27 -57.68 4.11
C HIS F 218 1.02 -58.39 4.59
N LYS F 219 1.00 -58.80 5.86
CA LYS F 219 -0.25 -59.23 6.50
C LYS F 219 -1.32 -58.10 6.37
N HIS F 220 -2.58 -58.48 6.21
CA HIS F 220 -3.69 -57.55 6.31
C HIS F 220 -3.73 -56.88 7.67
N ALA F 221 -4.11 -55.60 7.72
CA ALA F 221 -4.33 -54.88 8.98
C ALA F 221 -5.75 -55.11 9.54
N ASN F 222 -5.87 -56.05 10.46
CA ASN F 222 -7.18 -56.53 10.87
C ASN F 222 -7.57 -56.11 12.28
N PHE F 223 -8.86 -56.21 12.58
CA PHE F 223 -9.37 -55.63 13.82
C PHE F 223 -10.42 -56.46 14.56
N TYR F 224 -10.79 -57.62 14.06
CA TYR F 224 -11.76 -58.43 14.81
C TYR F 224 -11.04 -59.09 16.00
N PRO F 225 -11.78 -59.42 17.09
CA PRO F 225 -11.10 -60.05 18.24
C PRO F 225 -10.18 -61.26 17.91
N LYS F 226 -10.56 -62.11 16.94
CA LYS F 226 -9.67 -63.24 16.58
C LYS F 226 -8.34 -62.76 15.96
N HIS F 227 -8.41 -61.68 15.15
CA HIS F 227 -7.21 -61.03 14.64
C HIS F 227 -6.37 -60.40 15.74
N MET F 228 -7.03 -59.77 16.71
CA MET F 228 -6.35 -59.01 17.72
C MET F 228 -5.66 -59.99 18.66
N ILE F 229 -6.30 -61.12 18.98
CA ILE F 229 -5.64 -62.17 19.81
C ILE F 229 -4.30 -62.57 19.17
N GLU F 230 -4.32 -62.88 17.88
CA GLU F 230 -3.08 -63.13 17.15
C GLU F 230 -2.09 -61.96 17.19
N LYS F 231 -2.58 -60.74 16.95
CA LYS F 231 -1.71 -59.56 16.84
C LYS F 231 -1.02 -59.07 18.15
N VAL F 232 -1.74 -59.04 19.27
CA VAL F 232 -1.19 -58.44 20.52
C VAL F 232 -1.17 -59.40 21.71
N GLY F 233 -1.74 -60.58 21.54
CA GLY F 233 -1.60 -61.66 22.52
C GLY F 233 -2.93 -62.06 23.08
N ALA F 234 -3.75 -61.07 23.46
CA ALA F 234 -5.06 -61.33 24.08
C ALA F 234 -5.94 -60.07 24.03
N MET F 235 -7.26 -60.23 23.96
CA MET F 235 -8.20 -59.14 24.26
C MET F 235 -8.02 -58.65 25.71
N ARG F 236 -8.46 -57.43 26.04
CA ARG F 236 -8.54 -57.05 27.45
C ARG F 236 -9.73 -57.82 28.01
N PRO F 237 -9.72 -58.12 29.32
CA PRO F 237 -10.90 -58.74 29.93
C PRO F 237 -12.16 -57.88 29.74
N GLU F 238 -13.34 -58.50 29.77
CA GLU F 238 -14.55 -57.71 29.73
C GLU F 238 -14.66 -56.79 30.95
N ALA F 239 -14.94 -55.52 30.72
CA ALA F 239 -15.02 -54.55 31.81
C ALA F 239 -16.31 -54.75 32.62
N PRO F 240 -16.25 -54.45 33.94
CA PRO F 240 -17.50 -54.53 34.70
C PRO F 240 -18.54 -53.63 34.06
N PRO F 241 -19.79 -54.09 33.93
CA PRO F 241 -20.71 -53.32 33.10
C PRO F 241 -21.31 -52.06 33.79
N ILE F 242 -21.86 -51.17 32.96
CA ILE F 242 -22.55 -49.96 33.42
C ILE F 242 -23.98 -50.04 32.90
N ASN F 243 -24.93 -50.27 33.80
CA ASN F 243 -26.31 -50.49 33.38
C ASN F 243 -27.13 -49.23 33.50
N VAL F 244 -27.89 -48.97 32.44
CA VAL F 244 -28.76 -47.82 32.37
C VAL F 244 -30.17 -48.35 32.33
N THR F 245 -30.98 -47.99 33.32
CA THR F 245 -32.37 -48.44 33.38
C THR F 245 -33.38 -47.31 33.61
N GLN F 246 -34.59 -47.50 33.10
CA GLN F 246 -35.67 -46.57 33.30
C GLN F 246 -36.91 -47.33 33.77
N PRO F 247 -36.97 -47.65 35.08
CA PRO F 247 -38.01 -48.58 35.54
C PRO F 247 -39.41 -48.01 35.38
N GLU F 248 -39.56 -46.70 35.48
CA GLU F 248 -40.87 -46.07 35.27
C GLU F 248 -41.09 -45.57 33.85
N GLY F 249 -40.27 -46.02 32.93
CA GLY F 249 -40.42 -45.64 31.51
C GLY F 249 -39.83 -44.27 31.18
N VAL F 250 -40.24 -43.70 30.05
CA VAL F 250 -39.61 -42.47 29.53
C VAL F 250 -40.46 -41.22 29.76
N SER F 251 -39.86 -40.04 29.65
CA SER F 251 -40.67 -38.84 29.75
C SER F 251 -41.21 -38.31 28.42
N PHE F 252 -40.70 -38.77 27.29
CA PHE F 252 -41.21 -38.26 26.01
C PHE F 252 -42.45 -39.00 25.53
N LYS F 253 -43.24 -38.39 24.67
CA LYS F 253 -44.45 -39.04 24.15
C LYS F 253 -44.50 -38.91 22.61
N MET F 254 -44.57 -40.05 21.94
CA MET F 254 -44.68 -40.08 20.49
C MET F 254 -46.09 -40.40 20.10
N THR F 255 -46.62 -39.62 19.15
CA THR F 255 -47.93 -39.87 18.58
C THR F 255 -47.72 -39.96 17.07
N GLY F 256 -47.49 -41.18 16.59
CA GLY F 256 -47.01 -41.39 15.22
C GLY F 256 -45.57 -40.93 15.09
N ASN F 257 -45.34 -39.95 14.22
CA ASN F 257 -44.03 -39.36 14.13
C ASN F 257 -43.83 -38.07 14.94
N VAL F 258 -44.88 -37.65 15.66
CA VAL F 258 -44.82 -36.42 16.43
C VAL F 258 -44.25 -36.66 17.83
N MET F 259 -43.18 -35.93 18.14
CA MET F 259 -42.52 -36.03 19.46
C MET F 259 -42.97 -34.90 20.40
N GLU F 260 -43.29 -35.23 21.65
CA GLU F 260 -43.41 -34.22 22.72
C GLU F 260 -42.48 -34.56 23.85
N TRP F 261 -41.56 -33.64 24.13
CA TRP F 261 -40.60 -33.84 25.19
C TRP F 261 -40.21 -32.49 25.73
N SER F 262 -40.45 -32.33 27.02
CA SER F 262 -39.95 -31.20 27.76
C SER F 262 -40.30 -29.87 27.05
N ASN F 263 -41.58 -29.72 26.70
CA ASN F 263 -42.10 -28.51 26.01
C ASN F 263 -41.89 -28.38 24.49
N PHE F 264 -40.97 -29.17 23.96
CA PHE F 264 -40.73 -29.18 22.53
C PHE F 264 -41.77 -30.10 21.89
N LYS F 265 -42.24 -29.71 20.73
CA LYS F 265 -43.08 -30.55 19.95
C LYS F 265 -42.58 -30.40 18.50
N PHE F 266 -42.34 -31.52 17.85
CA PHE F 266 -41.88 -31.52 16.47
C PHE F 266 -42.22 -32.84 15.79
N HIS F 267 -42.16 -32.83 14.46
CA HIS F 267 -42.38 -34.00 13.64
C HIS F 267 -41.04 -34.59 13.16
N ILE F 268 -40.88 -35.90 13.35
CA ILE F 268 -39.66 -36.58 12.96
C ILE F 268 -39.92 -37.32 11.64
N GLY F 269 -39.30 -36.86 10.57
CA GLY F 269 -39.47 -37.46 9.26
C GLY F 269 -38.19 -38.16 8.84
N PHE F 270 -38.23 -38.75 7.65
CA PHE F 270 -37.08 -39.49 7.14
C PHE F 270 -37.19 -39.68 5.64
N ASN F 271 -36.07 -39.50 4.93
CA ASN F 271 -36.08 -39.80 3.52
C ASN F 271 -34.75 -40.34 3.01
N TYR F 272 -34.81 -40.88 1.80
CA TYR F 272 -33.71 -41.63 1.18
C TYR F 272 -32.39 -40.84 1.14
N ARG F 273 -32.53 -39.53 1.03
CA ARG F 273 -31.42 -38.64 0.75
C ARG F 273 -30.91 -37.95 2.02
N GLU F 274 -31.75 -37.17 2.67
CA GLU F 274 -31.35 -36.43 3.87
C GLU F 274 -31.23 -37.32 5.11
N GLY F 275 -31.83 -38.51 5.11
CA GLY F 275 -32.01 -39.24 6.40
C GLY F 275 -33.02 -38.49 7.29
N ILE F 276 -32.67 -38.24 8.55
CA ILE F 276 -33.59 -37.57 9.50
C ILE F 276 -33.92 -36.14 9.06
N VAL F 277 -35.21 -35.79 9.05
CA VAL F 277 -35.74 -34.43 8.80
C VAL F 277 -36.67 -34.03 9.95
N LEU F 278 -36.28 -33.00 10.69
CA LEU F 278 -37.11 -32.51 11.79
C LEU F 278 -37.98 -31.31 11.40
N SER F 279 -39.29 -31.41 11.63
CA SER F 279 -40.21 -30.43 11.10
C SER F 279 -41.09 -29.80 12.19
N ASP F 280 -41.49 -28.57 11.96
CA ASP F 280 -42.60 -28.00 12.69
C ASP F 280 -42.19 -28.04 14.13
N VAL F 281 -41.00 -27.50 14.42
CA VAL F 281 -40.47 -27.52 15.77
C VAL F 281 -40.99 -26.32 16.53
N SER F 282 -41.63 -26.57 17.68
CA SER F 282 -42.14 -25.51 18.55
C SER F 282 -41.75 -25.79 19.99
N TYR F 283 -41.85 -24.76 20.85
CA TYR F 283 -41.57 -24.89 22.28
C TYR F 283 -42.76 -24.32 23.05
N ASN F 284 -43.29 -25.12 23.97
CA ASN F 284 -44.47 -24.67 24.73
C ASN F 284 -44.03 -23.87 25.96
N ASP F 285 -44.16 -22.55 25.84
CA ASP F 285 -43.69 -21.63 26.84
C ASP F 285 -44.85 -21.26 27.77
N HIS F 286 -45.15 -22.17 28.72
CA HIS F 286 -46.22 -21.95 29.70
C HIS F 286 -47.54 -21.57 29.02
N GLY F 287 -47.93 -22.37 28.04
CA GLY F 287 -49.20 -22.16 27.38
C GLY F 287 -49.05 -21.38 26.11
N ASN F 288 -47.96 -20.64 25.96
CA ASN F 288 -47.72 -20.01 24.67
C ASN F 288 -46.87 -20.91 23.78
N VAL F 289 -47.50 -21.52 22.79
CA VAL F 289 -46.81 -22.43 21.88
C VAL F 289 -46.10 -21.61 20.78
N ARG F 290 -44.77 -21.61 20.83
CA ARG F 290 -43.96 -20.69 19.97
C ARG F 290 -43.20 -21.50 18.91
N PRO F 291 -43.49 -21.26 17.64
CA PRO F 291 -42.69 -21.88 16.56
C PRO F 291 -41.21 -21.52 16.72
N ILE F 292 -40.32 -22.43 16.34
CA ILE F 292 -38.87 -22.15 16.30
C ILE F 292 -38.35 -22.39 14.88
N PHE F 293 -38.47 -23.64 14.37
CA PHE F 293 -37.99 -23.98 13.04
C PHE F 293 -39.13 -24.71 12.34
N HIS F 294 -39.26 -24.43 11.06
CA HIS F 294 -40.23 -25.18 10.29
C HIS F 294 -39.62 -26.48 9.75
N ARG F 295 -38.31 -26.47 9.52
CA ARG F 295 -37.60 -27.64 8.98
C ARG F 295 -36.08 -27.56 9.26
N ILE F 296 -35.49 -28.68 9.70
CA ILE F 296 -34.05 -28.72 9.83
C ILE F 296 -33.48 -30.07 9.42
N SER F 297 -32.36 -30.07 8.69
CA SER F 297 -31.76 -31.33 8.28
C SER F 297 -30.40 -31.11 7.67
N LEU F 298 -29.72 -32.20 7.35
CA LEU F 298 -28.52 -32.13 6.54
C LEU F 298 -28.94 -32.26 5.10
N SER F 299 -28.50 -31.34 4.26
CA SER F 299 -29.05 -31.27 2.91
C SER F 299 -28.04 -31.66 1.83
N GLU F 300 -26.75 -31.61 2.14
CA GLU F 300 -25.69 -32.04 1.22
C GLU F 300 -24.40 -32.28 1.99
N MET F 301 -23.46 -33.03 1.38
CA MET F 301 -22.11 -33.19 1.97
C MET F 301 -21.11 -33.02 0.86
N ILE F 302 -19.86 -32.71 1.19
CA ILE F 302 -18.78 -32.97 0.23
C ILE F 302 -17.55 -33.41 1.00
N VAL F 303 -16.87 -34.49 0.55
CA VAL F 303 -15.67 -35.02 1.22
C VAL F 303 -14.48 -34.92 0.21
N PRO F 304 -13.95 -33.69 0.04
CA PRO F 304 -12.95 -33.49 -1.00
C PRO F 304 -11.57 -33.99 -0.54
N TYR F 305 -10.93 -34.83 -1.36
CA TYR F 305 -9.59 -35.30 -1.04
C TYR F 305 -8.50 -34.32 -1.53
N GLY F 306 -7.34 -34.36 -0.87
CA GLY F 306 -6.31 -33.42 -1.18
C GLY F 306 -5.08 -33.90 -1.97
N SER F 307 -5.18 -35.04 -2.66
CA SER F 307 -4.07 -35.41 -3.52
C SER F 307 -4.36 -34.92 -4.93
N PRO F 308 -3.41 -34.17 -5.54
CA PRO F 308 -3.66 -33.66 -6.92
C PRO F 308 -3.40 -34.68 -8.02
N GLU F 309 -2.88 -35.85 -7.67
CA GLU F 309 -2.45 -36.83 -8.68
C GLU F 309 -3.64 -37.58 -9.24
N PHE F 310 -3.59 -37.85 -10.53
CA PHE F 310 -4.64 -38.51 -11.26
C PHE F 310 -4.76 -39.95 -10.78
N PRO F 311 -6.01 -40.50 -10.63
CA PRO F 311 -7.32 -39.88 -10.83
C PRO F 311 -7.93 -39.42 -9.48
N HIS F 312 -7.08 -39.16 -8.48
CA HIS F 312 -7.61 -38.84 -7.14
C HIS F 312 -8.37 -37.50 -7.02
N GLN F 313 -8.32 -36.66 -8.04
CA GLN F 313 -9.27 -35.54 -8.11
C GLN F 313 -10.73 -36.00 -8.11
N ARG F 314 -11.01 -37.28 -8.42
CA ARG F 314 -12.42 -37.72 -8.52
C ARG F 314 -12.90 -38.23 -7.19
N LYS F 315 -12.07 -38.08 -6.16
CA LYS F 315 -12.52 -38.30 -4.78
C LYS F 315 -12.91 -36.99 -4.10
N HIS F 316 -14.20 -36.71 -4.23
CA HIS F 316 -14.85 -35.62 -3.52
C HIS F 316 -16.33 -35.98 -3.43
N ALA F 317 -16.59 -37.10 -2.75
CA ALA F 317 -17.97 -37.64 -2.60
C ALA F 317 -18.91 -36.61 -2.04
N LEU F 318 -20.08 -36.45 -2.67
CA LEU F 318 -21.16 -35.70 -2.06
C LEU F 318 -22.14 -36.74 -1.57
N ASP F 319 -21.88 -37.24 -0.37
CA ASP F 319 -22.51 -38.47 0.07
C ASP F 319 -24.02 -38.48 0.10
N ILE F 320 -24.60 -37.39 0.57
CA ILE F 320 -26.05 -37.23 0.58
C ILE F 320 -26.67 -37.23 -0.82
N GLY F 321 -26.19 -36.37 -1.72
CA GLY F 321 -26.78 -36.27 -3.08
C GLY F 321 -26.43 -37.41 -4.02
N GLU F 322 -25.30 -38.05 -3.77
CA GLU F 322 -24.82 -39.12 -4.63
C GLU F 322 -25.16 -40.54 -4.19
N TYR F 323 -25.38 -40.75 -2.88
CA TYR F 323 -25.80 -42.08 -2.37
C TYR F 323 -27.04 -42.09 -1.45
N GLY F 324 -27.15 -41.05 -0.59
CA GLY F 324 -28.31 -40.91 0.29
C GLY F 324 -28.02 -41.35 1.70
N ALA F 325 -28.18 -40.42 2.65
CA ALA F 325 -28.07 -40.76 4.07
C ALA F 325 -29.16 -41.72 4.50
N GLY F 326 -30.28 -41.69 3.77
CA GLY F 326 -31.38 -42.64 3.99
C GLY F 326 -31.01 -44.01 3.44
N TYR F 327 -30.78 -44.09 2.13
CA TYR F 327 -30.35 -45.33 1.49
C TYR F 327 -29.22 -46.06 2.20
N MET F 328 -28.31 -45.30 2.77
CA MET F 328 -27.10 -45.87 3.33
C MET F 328 -27.25 -46.24 4.79
N THR F 329 -28.45 -46.06 5.34
CA THR F 329 -28.54 -46.01 6.80
C THR F 329 -28.52 -47.44 7.40
N ASN F 330 -27.95 -47.59 8.60
CA ASN F 330 -27.86 -48.89 9.27
C ASN F 330 -29.13 -49.21 10.07
N PRO F 331 -29.62 -50.44 9.96
CA PRO F 331 -30.50 -50.95 11.03
C PRO F 331 -29.78 -50.87 12.37
N LEU F 332 -30.43 -50.30 13.37
CA LEU F 332 -29.76 -50.03 14.64
C LEU F 332 -29.94 -51.08 15.77
N SER F 333 -30.95 -51.93 15.68
CA SER F 333 -31.18 -52.95 16.74
C SER F 333 -29.93 -53.71 17.23
N LEU F 334 -29.12 -54.21 16.29
CA LEU F 334 -28.04 -55.17 16.61
C LEU F 334 -26.83 -54.61 17.39
N GLY F 335 -26.05 -53.73 16.78
CA GLY F 335 -24.84 -53.16 17.43
C GLY F 335 -24.83 -52.85 18.93
N CYS F 336 -26.00 -52.61 19.54
CA CYS F 336 -26.06 -51.75 20.73
C CYS F 336 -25.40 -50.40 20.35
N ASP F 337 -25.92 -49.84 19.27
CA ASP F 337 -25.57 -48.51 18.83
C ASP F 337 -26.37 -47.57 19.71
N CYS F 338 -27.62 -47.99 19.98
CA CYS F 338 -28.56 -47.23 20.79
C CYS F 338 -28.77 -47.93 22.12
N LYS F 339 -28.14 -47.39 23.16
CA LYS F 339 -28.15 -47.97 24.49
C LYS F 339 -29.26 -47.34 25.37
N GLY F 340 -30.09 -48.20 25.95
CA GLY F 340 -31.10 -47.79 26.94
C GLY F 340 -32.52 -48.17 26.54
N VAL F 341 -33.50 -47.36 26.96
CA VAL F 341 -34.90 -47.58 26.54
C VAL F 341 -35.25 -46.75 25.29
N ILE F 342 -35.56 -47.45 24.19
CA ILE F 342 -35.46 -46.92 22.85
C ILE F 342 -36.81 -46.97 22.11
N HIS F 343 -37.14 -45.90 21.39
CA HIS F 343 -38.24 -45.93 20.42
C HIS F 343 -37.63 -45.91 19.02
N TYR F 344 -38.04 -46.83 18.15
CA TYR F 344 -37.43 -46.93 16.82
C TYR F 344 -38.40 -46.50 15.72
N LEU F 345 -37.87 -45.93 14.65
CA LEU F 345 -38.63 -45.73 13.43
C LEU F 345 -37.98 -46.53 12.30
N ASP F 346 -38.81 -47.07 11.41
CA ASP F 346 -38.35 -47.83 10.23
C ASP F 346 -38.26 -46.87 9.05
N ALA F 347 -37.47 -47.17 8.03
CA ALA F 347 -37.59 -46.37 6.80
C ALA F 347 -38.14 -47.20 5.65
N HIS F 348 -38.85 -46.56 4.74
CA HIS F 348 -39.41 -47.23 3.56
C HIS F 348 -38.98 -46.52 2.29
N PHE F 349 -38.44 -47.29 1.35
CA PHE F 349 -38.04 -46.80 0.02
C PHE F 349 -38.67 -47.69 -1.05
N SER F 350 -38.40 -47.39 -2.33
CA SER F 350 -38.70 -48.30 -3.42
C SER F 350 -37.45 -48.99 -3.94
N ASP F 351 -37.58 -50.20 -4.45
CA ASP F 351 -36.47 -50.81 -5.19
C ASP F 351 -36.61 -50.58 -6.69
N ARG F 352 -35.66 -51.13 -7.46
CA ARG F 352 -35.66 -50.96 -8.94
C ARG F 352 -36.98 -51.41 -9.58
N ALA F 353 -37.57 -52.46 -9.02
CA ALA F 353 -38.78 -53.06 -9.62
C ALA F 353 -40.04 -52.31 -9.24
N GLY F 354 -39.93 -51.37 -8.29
CA GLY F 354 -41.08 -50.57 -7.85
C GLY F 354 -41.77 -51.12 -6.62
N ASP F 355 -41.09 -52.04 -5.93
CA ASP F 355 -41.60 -52.62 -4.70
C ASP F 355 -40.97 -52.03 -3.45
N PRO F 356 -41.80 -51.81 -2.42
CA PRO F 356 -41.30 -51.27 -1.18
C PRO F 356 -40.18 -52.11 -0.59
N ILE F 357 -39.05 -51.51 -0.25
CA ILE F 357 -38.15 -52.11 0.74
C ILE F 357 -38.18 -51.35 2.05
N THR F 358 -37.78 -52.03 3.10
CA THR F 358 -37.90 -51.49 4.43
C THR F 358 -36.51 -51.62 5.02
N VAL F 359 -36.00 -50.58 5.67
CA VAL F 359 -34.93 -50.78 6.64
C VAL F 359 -35.44 -50.58 8.05
N LYS F 360 -35.27 -51.60 8.89
CA LYS F 360 -35.87 -51.64 10.20
C LYS F 360 -34.98 -50.88 11.12
N ASN F 361 -35.57 -50.14 12.07
CA ASN F 361 -34.82 -49.49 13.09
C ASN F 361 -33.81 -48.50 12.46
N ALA F 362 -34.27 -47.70 11.50
CA ALA F 362 -33.41 -46.73 10.85
C ALA F 362 -33.08 -45.56 11.77
N VAL F 363 -34.03 -45.19 12.62
CA VAL F 363 -33.87 -44.08 13.52
C VAL F 363 -34.06 -44.58 14.94
N CYS F 364 -33.23 -44.12 15.85
CA CYS F 364 -33.47 -44.43 17.25
CA CYS F 364 -33.38 -44.44 17.27
C CYS F 364 -33.69 -43.19 18.11
N ILE F 365 -34.69 -43.27 18.97
CA ILE F 365 -35.10 -42.14 19.81
C ILE F 365 -34.96 -42.51 21.27
N HIS F 366 -34.24 -41.71 22.05
CA HIS F 366 -34.12 -42.00 23.47
C HIS F 366 -33.65 -40.82 24.30
N GLU F 367 -33.83 -40.91 25.62
CA GLU F 367 -33.40 -39.84 26.52
C GLU F 367 -32.30 -40.31 27.46
N GLU F 368 -31.32 -39.45 27.62
CA GLU F 368 -30.12 -39.74 28.35
C GLU F 368 -29.86 -38.64 29.38
N ASP F 369 -29.11 -39.00 30.41
CA ASP F 369 -28.56 -38.04 31.33
C ASP F 369 -27.59 -37.14 30.63
N ASP F 370 -27.62 -35.85 30.98
CA ASP F 370 -26.69 -34.93 30.34
C ASP F 370 -25.92 -34.02 31.29
N GLY F 371 -25.53 -34.53 32.45
CA GLY F 371 -24.74 -33.72 33.40
C GLY F 371 -25.61 -32.75 34.20
N LEU F 372 -25.05 -31.59 34.58
CA LEU F 372 -25.77 -30.56 35.30
C LEU F 372 -26.43 -29.63 34.31
N LEU F 373 -27.67 -29.23 34.59
CA LEU F 373 -28.35 -28.17 33.84
C LEU F 373 -27.94 -26.82 34.43
N PHE F 374 -28.04 -26.69 35.77
CA PHE F 374 -27.51 -25.51 36.49
C PHE F 374 -27.28 -25.81 37.97
N LYS F 375 -26.53 -24.93 38.63
CA LYS F 375 -26.20 -25.09 40.06
C LYS F 375 -25.79 -23.74 40.63
N HIS F 376 -26.20 -23.47 41.86
CA HIS F 376 -25.64 -22.38 42.61
C HIS F 376 -25.76 -22.66 44.10
N SER F 377 -24.69 -22.30 44.82
CA SER F 377 -24.62 -22.36 46.27
C SER F 377 -24.13 -21.04 46.81
N ASP F 378 -24.55 -20.71 48.02
CA ASP F 378 -24.14 -19.51 48.72
C ASP F 378 -22.95 -19.81 49.66
N PHE F 379 -21.83 -19.08 49.51
CA PHE F 379 -20.65 -19.32 50.34
C PHE F 379 -20.89 -18.92 51.81
N ARG F 380 -21.91 -18.09 52.07
CA ARG F 380 -22.14 -17.50 53.39
C ARG F 380 -22.42 -18.54 54.49
N ASP F 381 -23.09 -19.63 54.11
CA ASP F 381 -23.32 -20.75 55.04
C ASP F 381 -22.58 -22.03 54.59
N ASN F 382 -21.38 -21.82 54.06
CA ASN F 382 -20.58 -22.88 53.51
C ASN F 382 -21.32 -23.80 52.54
N PHE F 383 -22.12 -23.21 51.63
CA PHE F 383 -22.81 -23.96 50.57
C PHE F 383 -23.97 -24.83 51.06
N ALA F 384 -24.40 -24.70 52.31
CA ALA F 384 -25.62 -25.41 52.71
C ALA F 384 -26.83 -24.85 51.94
N THR F 385 -26.86 -23.54 51.67
CA THR F 385 -27.87 -22.94 50.73
C THR F 385 -27.41 -23.31 49.32
N SER F 386 -28.18 -24.12 48.60
CA SER F 386 -27.68 -24.69 47.35
C SER F 386 -28.85 -25.19 46.52
N LEU F 387 -28.79 -25.07 45.20
CA LEU F 387 -29.80 -25.68 44.32
C LEU F 387 -29.08 -26.30 43.15
N VAL F 388 -29.51 -27.49 42.77
CA VAL F 388 -28.85 -28.25 41.73
C VAL F 388 -29.95 -28.94 40.94
N THR F 389 -29.86 -28.88 39.62
CA THR F 389 -30.82 -29.49 38.71
C THR F 389 -30.07 -30.21 37.60
N ARG F 390 -30.36 -31.49 37.40
CA ARG F 390 -29.61 -32.31 36.47
C ARG F 390 -30.29 -32.11 35.13
N ALA F 391 -29.52 -32.29 34.05
CA ALA F 391 -30.09 -32.11 32.71
C ALA F 391 -30.41 -33.47 32.10
N THR F 392 -31.43 -33.50 31.26
CA THR F 392 -31.76 -34.68 30.49
C THR F 392 -31.85 -34.23 29.03
N LYS F 393 -31.26 -34.99 28.10
CA LYS F 393 -31.30 -34.63 26.67
C LYS F 393 -32.12 -35.64 25.89
N LEU F 394 -32.77 -35.19 24.82
CA LEU F 394 -33.44 -36.12 23.93
C LEU F 394 -32.62 -36.31 22.64
N VAL F 395 -32.41 -37.57 22.27
CA VAL F 395 -31.57 -37.91 21.11
C VAL F 395 -32.36 -38.60 19.99
N VAL F 396 -32.31 -38.04 18.79
CA VAL F 396 -32.89 -38.65 17.61
C VAL F 396 -31.73 -38.94 16.70
N SER F 397 -31.51 -40.21 16.37
CA SER F 397 -30.22 -40.60 15.85
CA SER F 397 -30.22 -40.60 15.85
C SER F 397 -30.29 -41.64 14.71
N GLN F 398 -29.28 -41.60 13.84
CA GLN F 398 -29.11 -42.57 12.75
C GLN F 398 -27.63 -42.75 12.52
N ILE F 399 -27.25 -43.83 11.85
CA ILE F 399 -25.86 -44.08 11.50
C ILE F 399 -25.91 -44.60 10.07
N PHE F 400 -25.20 -43.94 9.15
CA PHE F 400 -25.09 -44.46 7.79
C PHE F 400 -23.66 -44.82 7.41
N THR F 401 -23.56 -45.72 6.44
CA THR F 401 -22.32 -46.32 6.02
C THR F 401 -22.13 -45.97 4.56
N ALA F 402 -21.01 -45.30 4.27
CA ALA F 402 -20.75 -44.90 2.89
C ALA F 402 -19.49 -45.61 2.49
N ALA F 403 -19.66 -46.85 2.04
CA ALA F 403 -18.52 -47.75 1.75
C ALA F 403 -17.63 -47.92 2.96
N ASN F 404 -16.48 -47.23 2.99
CA ASN F 404 -15.56 -47.27 4.14
C ASN F 404 -15.99 -46.46 5.38
N GLU F 406 -18.21 -44.44 8.37
CA GLU F 406 -19.41 -44.42 9.16
C GLU F 406 -19.67 -43.01 9.68
N TYR F 407 -20.87 -42.53 9.41
CA TYR F 407 -21.35 -41.25 9.92
C TYR F 407 -22.43 -41.47 10.96
N CYS F 408 -22.16 -41.13 12.22
CA CYS F 408 -23.17 -41.25 13.26
C CYS F 408 -23.76 -39.88 13.56
N LEU F 409 -25.07 -39.73 13.45
CA LEU F 409 -25.69 -38.40 13.52
C LEU F 409 -26.66 -38.36 14.73
N TYR F 410 -26.51 -37.38 15.61
CA TYR F 410 -27.36 -37.27 16.81
C TYR F 410 -27.97 -35.86 16.85
N TRP F 411 -29.26 -35.76 16.61
CA TRP F 411 -29.99 -34.52 16.86
C TRP F 411 -30.40 -34.54 18.32
N VAL F 412 -29.99 -33.49 19.03
CA VAL F 412 -30.09 -33.48 20.49
C VAL F 412 -30.93 -32.27 20.93
N PHE F 413 -32.04 -32.54 21.63
CA PHE F 413 -32.85 -31.46 22.23
C PHE F 413 -32.49 -31.35 23.69
N MET F 414 -32.36 -30.10 24.16
CA MET F 414 -31.90 -29.86 25.51
C MET F 414 -32.86 -29.02 26.31
N GLN F 415 -32.73 -29.08 27.62
CA GLN F 415 -33.76 -28.53 28.48
C GLN F 415 -33.62 -27.06 28.78
N ASP F 416 -32.56 -26.43 28.29
CA ASP F 416 -32.46 -24.99 28.24
C ASP F 416 -33.10 -24.44 26.97
N GLY F 417 -33.74 -25.33 26.21
CA GLY F 417 -34.34 -24.98 24.94
C GLY F 417 -33.39 -25.01 23.73
N ALA F 418 -32.12 -25.31 23.95
CA ALA F 418 -31.15 -25.35 22.85
C ALA F 418 -31.35 -26.66 22.03
N ILE F 419 -30.85 -26.62 20.80
CA ILE F 419 -30.89 -27.77 19.90
C ILE F 419 -29.47 -27.93 19.36
N ARG F 420 -28.95 -29.12 19.46
CA ARG F 420 -27.55 -29.35 19.11
C ARG F 420 -27.49 -30.45 18.02
N LEU F 421 -26.55 -30.32 17.08
CA LEU F 421 -26.24 -31.47 16.20
C LEU F 421 -24.86 -32.07 16.53
N ASP F 422 -24.81 -33.31 16.97
CA ASP F 422 -23.55 -34.00 17.23
C ASP F 422 -23.34 -35.04 16.16
N ILE F 423 -22.13 -35.08 15.61
CA ILE F 423 -21.77 -36.07 14.62
C ILE F 423 -20.55 -36.82 15.12
N ARG F 424 -20.56 -38.14 15.00
CA ARG F 424 -19.27 -38.83 15.10
C ARG F 424 -18.92 -39.53 13.84
N LEU F 425 -17.68 -39.34 13.38
CA LEU F 425 -17.12 -40.07 12.25
C LEU F 425 -16.30 -41.27 12.73
N THR F 426 -16.56 -42.40 12.13
CA THR F 426 -15.73 -43.56 12.38
C THR F 426 -15.74 -44.37 11.09
N GLY F 427 -15.47 -45.66 11.22
CA GLY F 427 -15.23 -46.49 10.04
C GLY F 427 -13.77 -46.49 9.67
N ILE F 428 -13.50 -46.49 8.37
CA ILE F 428 -12.19 -46.83 7.86
C ILE F 428 -11.74 -45.79 6.85
N LEU F 429 -10.47 -45.40 6.97
CA LEU F 429 -9.83 -44.50 6.02
C LEU F 429 -9.96 -45.01 4.59
N ASN F 430 -10.19 -44.08 3.68
CA ASN F 430 -9.91 -44.32 2.26
C ASN F 430 -8.40 -44.49 2.10
N THR F 431 -7.98 -45.53 1.40
CA THR F 431 -6.57 -45.77 1.24
C THR F 431 -6.22 -46.07 -0.21
N TYR F 432 -5.00 -45.70 -0.60
CA TYR F 432 -4.51 -46.01 -1.92
C TYR F 432 -3.12 -46.60 -1.72
N ILE F 433 -2.60 -47.24 -2.75
CA ILE F 433 -1.37 -48.05 -2.60
C ILE F 433 -0.18 -47.12 -2.54
N LEU F 434 0.78 -47.49 -1.72
CA LEU F 434 2.01 -46.74 -1.58
C LEU F 434 3.20 -47.64 -1.89
N GLY F 435 4.02 -47.21 -2.85
CA GLY F 435 5.26 -47.93 -3.19
C GLY F 435 6.10 -48.16 -1.96
N ASP F 436 6.99 -49.16 -1.99
CA ASP F 436 7.93 -49.39 -0.89
C ASP F 436 8.74 -48.14 -0.62
N ASP F 437 9.26 -47.52 -1.66
CA ASP F 437 10.11 -46.35 -1.44
C ASP F 437 9.37 -45.00 -1.69
N GLU F 438 8.04 -45.05 -1.72
CA GLU F 438 7.24 -43.88 -2.09
C GLU F 438 6.92 -43.02 -0.86
N GLU F 439 7.24 -41.73 -0.96
CA GLU F 439 6.79 -40.76 0.04
C GLU F 439 5.28 -40.46 -0.10
N ALA F 440 4.54 -40.70 0.99
CA ALA F 440 3.12 -40.31 1.08
C ALA F 440 2.89 -38.80 1.09
N GLY F 441 3.66 -38.08 1.93
CA GLY F 441 3.41 -36.67 2.18
C GLY F 441 3.79 -35.87 0.95
N PRO F 442 3.28 -34.64 0.83
CA PRO F 442 2.46 -33.90 1.79
C PRO F 442 0.94 -34.15 1.74
N TRP F 443 0.49 -35.00 0.79
CA TRP F 443 -0.94 -35.15 0.49
C TRP F 443 -1.63 -36.29 1.23
N GLY F 444 -0.84 -37.16 1.88
CA GLY F 444 -1.37 -38.31 2.56
C GLY F 444 -0.38 -38.76 3.62
N THR F 445 -0.78 -39.78 4.40
CA THR F 445 0.02 -40.34 5.46
C THR F 445 0.19 -41.86 5.28
N ARG F 446 1.39 -42.35 5.53
CA ARG F 446 1.66 -43.77 5.47
C ARG F 446 1.18 -44.35 6.78
N VAL F 447 0.00 -44.95 6.78
CA VAL F 447 -0.64 -45.39 8.07
C VAL F 447 -0.36 -46.89 8.36
N TYR F 448 0.32 -47.53 7.41
CA TYR F 448 0.64 -48.96 7.44
C TYR F 448 1.54 -49.20 6.21
N PRO F 449 2.43 -50.20 6.27
CA PRO F 449 3.32 -50.42 5.13
C PRO F 449 2.54 -50.56 3.81
N ASN F 450 2.96 -49.83 2.77
CA ASN F 450 2.30 -49.81 1.45
C ASN F 450 0.89 -49.18 1.40
N VAL F 451 0.51 -48.47 2.45
CA VAL F 451 -0.82 -47.82 2.53
C VAL F 451 -0.75 -46.27 2.65
N ASN F 452 -1.33 -45.58 1.68
CA ASN F 452 -1.41 -44.11 1.68
C ASN F 452 -2.87 -43.66 1.94
N ALA F 453 -3.06 -42.94 3.05
CA ALA F 453 -4.35 -42.41 3.42
C ALA F 453 -4.30 -40.92 3.09
N HIS F 454 -4.95 -40.59 1.98
CA HIS F 454 -5.00 -39.23 1.47
C HIS F 454 -5.67 -38.25 2.45
N ASN F 455 -5.10 -37.06 2.60
CA ASN F 455 -5.80 -35.92 3.26
C ASN F 455 -7.17 -35.65 2.62
N HIS F 456 -8.10 -35.20 3.45
CA HIS F 456 -9.44 -34.86 2.95
C HIS F 456 -10.14 -33.99 3.98
N GLN F 457 -11.22 -33.34 3.56
CA GLN F 457 -12.13 -32.68 4.51
C GLN F 457 -13.46 -33.42 4.47
N HIS F 458 -14.24 -33.29 5.53
CA HIS F 458 -15.59 -33.78 5.60
C HIS F 458 -16.42 -32.51 5.83
N LEU F 459 -17.17 -32.05 4.81
CA LEU F 459 -17.99 -30.81 4.95
C LEU F 459 -19.47 -31.17 4.84
N PHE F 460 -20.33 -30.49 5.58
CA PHE F 460 -21.76 -30.80 5.57
C PHE F 460 -22.51 -29.51 5.38
N SER F 461 -23.73 -29.58 4.84
CA SER F 461 -24.54 -28.36 4.69
C SER F 461 -25.85 -28.51 5.49
N LEU F 462 -25.88 -27.89 6.66
CA LEU F 462 -27.08 -27.87 7.50
C LEU F 462 -28.05 -26.88 6.88
N ARG F 463 -29.26 -27.34 6.62
CA ARG F 463 -30.31 -26.52 6.06
C ARG F 463 -31.38 -26.24 7.13
N ILE F 464 -31.47 -24.96 7.52
CA ILE F 464 -32.40 -24.49 8.51
C ILE F 464 -33.44 -23.66 7.80
N ASP F 465 -34.70 -24.11 7.90
CA ASP F 465 -35.84 -23.24 7.53
C ASP F 465 -36.46 -22.69 8.79
N PRO F 466 -36.16 -21.41 9.12
CA PRO F 466 -36.54 -21.00 10.48
C PRO F 466 -37.92 -20.40 10.55
N ARG F 467 -38.46 -20.38 11.78
CA ARG F 467 -39.73 -19.73 12.05
C ARG F 467 -39.67 -19.14 13.46
N ILE F 468 -38.67 -18.33 13.71
CA ILE F 468 -38.34 -17.93 15.08
C ILE F 468 -39.47 -17.12 15.70
N ASP F 469 -40.22 -17.74 16.62
CA ASP F 469 -41.39 -17.08 17.22
C ASP F 469 -42.40 -16.61 16.17
N GLY F 470 -42.54 -17.38 15.09
CA GLY F 470 -43.42 -17.04 13.97
C GLY F 470 -42.69 -16.56 12.73
N ASP F 471 -43.48 -15.88 11.90
CA ASP F 471 -43.15 -15.56 10.54
C ASP F 471 -42.52 -14.20 10.39
N GLY F 472 -41.64 -14.12 9.38
CA GLY F 472 -40.84 -12.95 9.15
C GLY F 472 -39.57 -13.08 9.97
N ASN F 473 -38.48 -13.52 9.34
CA ASN F 473 -37.24 -13.70 10.08
C ASN F 473 -36.09 -12.98 9.34
N SER F 474 -34.97 -12.80 10.05
CA SER F 474 -33.75 -12.23 9.52
C SER F 474 -32.58 -13.03 10.04
N ALA F 475 -31.39 -12.83 9.47
CA ALA F 475 -30.17 -13.38 10.06
C ALA F 475 -29.08 -12.33 10.13
N ALA F 476 -28.07 -12.59 10.97
CA ALA F 476 -27.05 -11.61 11.26
C ALA F 476 -25.79 -12.35 11.67
N ALA F 477 -24.62 -11.73 11.42
CA ALA F 477 -23.35 -12.11 12.07
C ALA F 477 -23.10 -11.28 13.32
N CYS F 478 -22.60 -11.93 14.39
CA CYS F 478 -22.25 -11.24 15.64
C CYS F 478 -20.78 -11.38 15.94
N ASP F 479 -20.08 -10.25 16.07
CA ASP F 479 -18.64 -10.21 16.19
C ASP F 479 -18.28 -9.44 17.46
N ALA F 480 -17.54 -10.08 18.37
CA ALA F 480 -16.97 -9.42 19.54
C ALA F 480 -15.96 -8.43 19.05
N LYS F 481 -16.04 -7.16 19.50
CA LYS F 481 -15.12 -6.11 19.10
C LYS F 481 -14.72 -5.33 20.33
N SER F 482 -13.44 -4.90 20.40
CA SER F 482 -13.03 -3.92 21.38
C SER F 482 -13.72 -2.61 21.03
N SER F 483 -13.93 -1.75 22.02
CA SER F 483 -14.41 -0.42 21.68
C SER F 483 -13.42 0.24 20.72
N PRO F 484 -13.92 1.15 19.83
CA PRO F 484 -12.94 1.81 18.96
C PRO F 484 -12.21 2.92 19.72
N TYR F 485 -12.71 3.32 20.88
CA TYR F 485 -11.98 4.34 21.64
C TYR F 485 -10.68 3.82 22.28
N PRO F 486 -9.63 4.65 22.30
CA PRO F 486 -8.36 4.10 22.76
C PRO F 486 -8.23 4.06 24.28
N LEU F 487 -7.36 3.17 24.75
CA LEU F 487 -6.87 3.19 26.11
C LEU F 487 -6.62 4.63 26.52
N GLY F 488 -7.16 5.02 27.67
CA GLY F 488 -6.85 6.32 28.23
C GLY F 488 -7.72 7.45 27.73
N SER F 489 -8.73 7.17 26.87
CA SER F 489 -9.70 8.23 26.52
C SER F 489 -10.79 8.28 27.60
N PRO F 490 -11.59 9.35 27.59
CA PRO F 490 -12.68 9.40 28.57
C PRO F 490 -13.64 8.24 28.41
N GLU F 491 -13.81 7.79 27.16
CA GLU F 491 -14.75 6.71 26.79
C GLU F 491 -14.29 5.28 27.15
N ASN F 492 -12.99 5.12 27.36
CA ASN F 492 -12.39 3.81 27.49
C ASN F 492 -11.06 3.97 28.30
N MET F 493 -11.21 4.57 29.47
CA MET F 493 -10.07 4.99 30.30
C MET F 493 -9.05 3.88 30.48
N TYR F 494 -9.52 2.71 30.88
CA TYR F 494 -8.67 1.56 31.20
C TYR F 494 -8.68 0.53 30.07
N GLY F 495 -9.25 0.90 28.93
CA GLY F 495 -9.07 0.10 27.70
C GLY F 495 -9.68 -1.28 27.73
N ASN F 496 -10.69 -1.44 28.58
CA ASN F 496 -11.35 -2.76 28.74
C ASN F 496 -12.69 -2.88 28.00
N ALA F 497 -13.24 -1.77 27.50
CA ALA F 497 -14.58 -1.84 26.87
C ALA F 497 -14.64 -2.78 25.67
N PHE F 498 -15.77 -3.52 25.54
CA PHE F 498 -16.04 -4.32 24.34
C PHE F 498 -17.52 -4.65 24.23
N TYR F 499 -17.94 -4.90 22.99
CA TYR F 499 -19.34 -5.04 22.64
C TYR F 499 -19.46 -6.07 21.56
N SER F 500 -20.70 -6.41 21.26
CA SER F 500 -20.95 -7.38 20.22
C SER F 500 -21.45 -6.58 19.01
N GLU F 501 -20.78 -6.64 17.87
CA GLU F 501 -21.29 -5.93 16.71
C GLU F 501 -22.22 -6.82 15.91
N LYS F 502 -23.44 -6.34 15.61
CA LYS F 502 -24.38 -7.16 14.87
C LYS F 502 -24.57 -6.64 13.46
N THR F 503 -24.35 -7.50 12.47
CA THR F 503 -24.49 -7.03 11.11
C THR F 503 -25.66 -7.78 10.52
N THR F 504 -26.82 -7.15 10.47
CA THR F 504 -27.99 -7.82 9.91
C THR F 504 -27.82 -7.95 8.41
N PHE F 505 -28.06 -9.10 7.84
CA PHE F 505 -27.95 -9.27 6.38
C PHE F 505 -29.19 -8.67 5.69
N LYS F 506 -28.98 -7.75 4.75
CA LYS F 506 -30.10 -7.17 3.97
C LYS F 506 -30.36 -7.96 2.71
N THR F 507 -29.29 -8.40 2.04
CA THR F 507 -29.47 -9.11 0.77
C THR F 507 -28.70 -10.38 0.84
N VAL F 508 -28.95 -11.29 -0.10
CA VAL F 508 -28.27 -12.57 -0.07
C VAL F 508 -26.75 -12.39 0.03
N LYS F 509 -26.22 -11.49 -0.82
CA LYS F 509 -24.79 -11.25 -0.85
C LYS F 509 -24.24 -10.95 0.54
N ASP F 510 -24.91 -10.15 1.35
CA ASP F 510 -24.40 -9.79 2.70
C ASP F 510 -24.15 -11.04 3.55
N SER F 511 -24.94 -12.08 3.31
CA SER F 511 -24.94 -13.20 4.25
C SER F 511 -23.79 -14.15 4.01
N LEU F 512 -23.10 -14.01 2.87
CA LEU F 512 -22.13 -15.01 2.50
C LEU F 512 -20.92 -14.80 3.42
N THR F 513 -20.80 -15.59 4.51
CA THR F 513 -19.85 -15.23 5.56
C THR F 513 -19.17 -16.48 6.12
N ASN F 514 -17.99 -16.32 6.73
CA ASN F 514 -17.23 -17.42 7.30
C ASN F 514 -17.07 -17.25 8.79
N TYR F 515 -16.85 -18.38 9.47
CA TYR F 515 -16.62 -18.31 10.91
C TYR F 515 -15.35 -17.46 11.00
N GLU F 516 -15.23 -16.55 11.98
CA GLU F 516 -13.96 -15.87 12.19
C GLU F 516 -13.52 -16.05 13.62
N SER F 517 -12.34 -16.61 13.84
CA SER F 517 -11.83 -16.72 15.22
C SER F 517 -11.50 -15.36 15.82
N ALA F 518 -11.10 -14.41 14.98
CA ALA F 518 -10.66 -13.10 15.46
C ALA F 518 -11.77 -12.32 16.16
N THR F 519 -13.04 -12.67 15.90
CA THR F 519 -14.18 -12.01 16.59
C THR F 519 -15.10 -13.02 17.31
N GLY F 520 -14.69 -14.29 17.43
CA GLY F 520 -15.54 -15.35 17.99
C GLY F 520 -16.93 -15.29 17.38
N ARG F 521 -17.02 -15.12 16.05
CA ARG F 521 -18.29 -14.97 15.35
C ARG F 521 -19.36 -15.97 15.67
N SER F 522 -20.58 -15.48 15.93
CA SER F 522 -21.74 -16.42 15.90
C SER F 522 -22.76 -15.80 14.94
N TRP F 523 -23.87 -16.49 14.65
CA TRP F 523 -24.89 -15.94 13.79
C TRP F 523 -26.22 -16.05 14.54
N ASP F 524 -27.07 -15.06 14.34
CA ASP F 524 -28.39 -15.08 14.93
C ASP F 524 -29.41 -15.29 13.83
N ILE F 525 -30.47 -16.01 14.17
CA ILE F 525 -31.64 -16.09 13.32
C ILE F 525 -32.74 -15.61 14.23
N PHE F 526 -33.35 -14.49 13.84
CA PHE F 526 -34.17 -13.73 14.74
C PHE F 526 -35.46 -13.22 14.07
N ASN F 527 -36.42 -12.81 14.91
CA ASN F 527 -37.68 -12.23 14.47
C ASN F 527 -37.70 -10.70 14.72
N PRO F 528 -37.44 -9.89 13.67
CA PRO F 528 -37.38 -8.42 13.88
C PRO F 528 -38.77 -7.80 14.17
N ASN F 529 -39.84 -8.59 14.07
CA ASN F 529 -41.17 -8.08 14.43
C ASN F 529 -41.50 -8.15 15.92
N LYS F 530 -40.60 -8.71 16.71
CA LYS F 530 -40.89 -8.88 18.14
C LYS F 530 -39.69 -8.43 18.95
N VAL F 531 -39.91 -8.27 20.26
CA VAL F 531 -38.95 -7.70 21.20
C VAL F 531 -39.09 -8.39 22.56
N ASN F 532 -37.96 -8.68 23.16
CA ASN F 532 -37.93 -9.22 24.49
C ASN F 532 -38.20 -8.00 25.39
N PRO F 533 -39.19 -8.12 26.30
CA PRO F 533 -39.59 -6.97 27.09
C PRO F 533 -38.55 -6.60 28.15
N TYR F 534 -37.63 -7.51 28.45
CA TYR F 534 -36.53 -7.19 29.36
C TYR F 534 -35.35 -6.57 28.57
N SER F 535 -34.78 -7.31 27.62
CA SER F 535 -33.48 -6.88 27.02
C SER F 535 -33.68 -5.89 25.90
N GLY F 536 -34.89 -5.88 25.32
CA GLY F 536 -35.18 -4.94 24.22
C GLY F 536 -34.68 -5.47 22.88
N LYS F 537 -34.21 -6.72 22.83
CA LYS F 537 -33.64 -7.31 21.58
C LYS F 537 -34.64 -8.27 21.02
N PRO F 538 -34.62 -8.51 19.69
CA PRO F 538 -35.53 -9.50 19.14
C PRO F 538 -35.25 -10.92 19.61
N PRO F 539 -36.32 -11.73 19.67
CA PRO F 539 -36.10 -13.15 20.06
C PRO F 539 -35.22 -13.82 19.01
N SER F 540 -34.28 -14.67 19.44
CA SER F 540 -33.44 -15.30 18.44
C SER F 540 -33.05 -16.70 18.86
N TYR F 541 -32.64 -17.49 17.87
CA TYR F 541 -31.77 -18.63 18.11
C TYR F 541 -30.40 -18.31 17.53
N LYS F 542 -29.36 -18.52 18.35
CA LYS F 542 -28.02 -18.17 17.94
C LYS F 542 -27.31 -19.46 17.52
N LEU F 543 -26.70 -19.45 16.33
CA LEU F 543 -25.86 -20.57 15.92
C LEU F 543 -24.44 -20.40 16.51
N VAL F 544 -24.02 -21.37 17.32
CA VAL F 544 -22.70 -21.36 17.92
C VAL F 544 -21.99 -22.56 17.30
N SER F 545 -21.09 -22.28 16.36
CA SER F 545 -20.49 -23.33 15.54
C SER F 545 -19.04 -22.91 15.29
N THR F 546 -18.06 -23.68 15.76
CA THR F 546 -16.65 -23.34 15.46
C THR F 546 -15.86 -24.34 14.57
N GLN F 547 -16.43 -25.52 14.31
CA GLN F 547 -15.82 -26.45 13.38
C GLN F 547 -16.30 -26.12 11.96
N CYS F 548 -15.69 -25.06 11.41
CA CYS F 548 -16.09 -24.44 10.12
C CYS F 548 -14.84 -24.27 9.25
N PRO F 549 -14.40 -25.38 8.62
CA PRO F 549 -13.17 -25.28 7.80
C PRO F 549 -13.36 -24.40 6.58
N PRO F 550 -12.35 -23.60 6.26
CA PRO F 550 -12.44 -23.03 4.94
C PRO F 550 -12.38 -24.17 3.90
N LEU F 551 -13.00 -23.97 2.73
CA LEU F 551 -12.87 -24.93 1.65
C LEU F 551 -11.47 -24.79 1.11
N LEU F 552 -10.68 -25.85 1.17
CA LEU F 552 -9.31 -25.78 0.73
C LEU F 552 -9.12 -25.88 -0.80
N ALA F 553 -9.96 -26.64 -1.49
CA ALA F 553 -9.89 -26.64 -2.97
C ALA F 553 -9.98 -25.22 -3.48
N LYS F 554 -9.31 -24.90 -4.60
CA LYS F 554 -9.34 -23.52 -5.15
C LYS F 554 -10.66 -23.12 -5.78
N GLU F 555 -10.84 -21.81 -5.94
CA GLU F 555 -11.91 -21.26 -6.74
C GLU F 555 -11.72 -21.80 -8.12
N GLY F 556 -12.82 -22.17 -8.76
CA GLY F 556 -12.76 -22.75 -10.12
C GLY F 556 -12.49 -24.21 -10.06
N SER F 557 -12.19 -24.76 -8.89
CA SER F 557 -11.83 -26.18 -8.92
C SER F 557 -13.14 -26.95 -9.06
N LEU F 558 -12.99 -28.21 -9.37
CA LEU F 558 -14.11 -29.10 -9.54
C LEU F 558 -14.89 -29.18 -8.24
N VAL F 559 -14.17 -29.32 -7.13
CA VAL F 559 -14.80 -29.40 -5.81
C VAL F 559 -15.61 -28.11 -5.54
N ALA F 560 -15.04 -26.94 -5.83
CA ALA F 560 -15.74 -25.70 -5.46
C ALA F 560 -16.95 -25.43 -6.42
N LYS F 561 -16.87 -25.90 -7.66
CA LYS F 561 -17.98 -25.71 -8.60
C LYS F 561 -19.15 -26.65 -8.30
N ARG F 562 -18.87 -27.85 -7.84
CA ARG F 562 -19.95 -28.81 -7.65
C ARG F 562 -20.56 -28.61 -6.26
N ALA F 563 -19.86 -27.93 -5.37
CA ALA F 563 -20.40 -27.61 -4.02
C ALA F 563 -20.31 -26.14 -3.76
N PRO F 564 -21.12 -25.32 -4.48
CA PRO F 564 -20.96 -23.87 -4.32
C PRO F 564 -21.33 -23.38 -2.91
N TRP F 565 -22.08 -24.20 -2.16
CA TRP F 565 -22.46 -23.83 -0.81
C TRP F 565 -21.23 -23.95 0.13
N ALA F 566 -20.22 -24.75 -0.26
CA ALA F 566 -19.17 -25.14 0.74
C ALA F 566 -18.12 -24.05 0.94
N SER F 567 -18.11 -23.03 0.06
CA SER F 567 -17.12 -21.95 0.03
CA SER F 567 -17.06 -22.03 0.13
C SER F 567 -17.35 -20.91 1.14
N HIS F 568 -18.55 -20.94 1.77
CA HIS F 568 -18.91 -20.02 2.88
C HIS F 568 -19.50 -20.81 4.06
N SER F 569 -19.24 -20.40 5.30
CA SER F 569 -19.88 -21.05 6.47
C SER F 569 -21.38 -20.84 6.49
N VAL F 570 -21.82 -19.68 6.00
CA VAL F 570 -23.22 -19.29 6.01
C VAL F 570 -23.67 -18.79 4.64
N ASN F 571 -24.80 -19.31 4.16
CA ASN F 571 -25.46 -18.76 2.94
C ASN F 571 -26.92 -18.58 3.29
N VAL F 572 -27.49 -17.39 3.08
CA VAL F 572 -28.89 -17.17 3.39
C VAL F 572 -29.58 -16.71 2.13
N VAL F 573 -30.63 -17.46 1.77
CA VAL F 573 -31.41 -17.20 0.56
C VAL F 573 -32.90 -17.10 0.88
N PRO F 574 -33.69 -16.44 -0.01
CA PRO F 574 -35.12 -16.42 0.19
C PRO F 574 -35.66 -17.81 0.13
N TYR F 575 -36.67 -18.08 0.94
CA TYR F 575 -37.40 -19.31 0.83
C TYR F 575 -38.20 -19.37 -0.48
N LYS F 576 -38.15 -20.55 -1.09
CA LYS F 576 -38.99 -20.93 -2.23
CA LYS F 576 -39.09 -20.92 -2.14
C LYS F 576 -39.33 -22.39 -1.92
N ASP F 577 -40.46 -22.88 -2.40
CA ASP F 577 -40.69 -24.34 -2.30
C ASP F 577 -39.65 -25.15 -3.08
N ASN F 578 -39.45 -26.39 -2.63
CA ASN F 578 -38.55 -27.29 -3.30
CA ASN F 578 -38.48 -27.35 -3.21
C ASN F 578 -37.06 -26.76 -3.36
N ARG F 579 -36.63 -25.96 -2.39
CA ARG F 579 -35.19 -25.54 -2.33
C ARG F 579 -34.50 -26.35 -1.27
N LEU F 580 -34.24 -27.62 -1.57
CA LEU F 580 -33.74 -28.55 -0.57
C LEU F 580 -32.21 -28.77 -0.71
N TYR F 581 -31.78 -29.06 -1.94
CA TYR F 581 -30.49 -29.68 -2.22
C TYR F 581 -29.52 -28.67 -2.92
N PRO F 582 -28.49 -28.20 -2.18
CA PRO F 582 -27.70 -27.06 -2.67
C PRO F 582 -26.67 -27.34 -3.78
N SER F 583 -26.33 -28.61 -4.06
CA SER F 583 -25.59 -28.93 -5.30
C SER F 583 -26.52 -29.47 -6.40
N GLY F 584 -27.82 -29.16 -6.30
CA GLY F 584 -28.76 -29.46 -7.39
C GLY F 584 -29.55 -30.73 -7.11
N ASP F 585 -30.53 -31.01 -7.95
CA ASP F 585 -31.36 -32.20 -7.73
C ASP F 585 -30.72 -33.54 -8.07
N HIS F 586 -29.91 -33.54 -9.11
CA HIS F 586 -29.30 -34.79 -9.59
C HIS F 586 -27.82 -34.54 -9.62
N VAL F 587 -27.14 -35.02 -8.58
CA VAL F 587 -25.76 -34.58 -8.32
C VAL F 587 -24.64 -35.28 -9.15
N PRO F 588 -24.65 -36.63 -9.23
CA PRO F 588 -23.50 -37.29 -9.89
C PRO F 588 -23.21 -36.78 -11.31
N GLN F 589 -21.91 -36.68 -11.64
CA GLN F 589 -21.46 -36.28 -12.98
C GLN F 589 -21.90 -34.90 -13.48
N TRP F 590 -22.56 -34.12 -12.64
CA TRP F 590 -22.60 -32.65 -12.86
C TRP F 590 -21.18 -32.04 -12.85
N SER F 591 -20.81 -31.30 -13.91
CA SER F 591 -19.53 -30.63 -13.95
C SER F 591 -19.39 -29.47 -12.93
N GLY F 592 -20.48 -28.93 -12.39
CA GLY F 592 -20.35 -27.69 -11.60
C GLY F 592 -20.59 -26.44 -12.39
N ASP F 593 -20.81 -26.60 -13.70
CA ASP F 593 -21.16 -25.48 -14.57
C ASP F 593 -22.67 -25.38 -14.66
N GLY F 594 -23.20 -24.19 -14.39
CA GLY F 594 -24.61 -23.93 -14.59
C GLY F 594 -25.24 -23.31 -13.35
N VAL F 595 -26.38 -22.69 -13.56
CA VAL F 595 -27.09 -21.99 -12.53
C VAL F 595 -28.10 -23.00 -11.94
N ARG F 596 -27.70 -23.65 -10.87
CA ARG F 596 -28.62 -24.55 -10.18
C ARG F 596 -28.23 -24.65 -8.73
N GLY F 597 -29.09 -25.23 -7.89
CA GLY F 597 -28.78 -25.34 -6.46
C GLY F 597 -28.53 -23.96 -5.88
N MET F 598 -27.60 -23.89 -4.94
CA MET F 598 -27.32 -22.69 -4.19
C MET F 598 -26.86 -21.60 -5.18
N ARG F 599 -26.18 -21.99 -6.26
CA ARG F 599 -25.77 -20.94 -7.22
C ARG F 599 -27.00 -20.25 -7.79
N GLU F 600 -28.06 -21.04 -8.01
CA GLU F 600 -29.32 -20.48 -8.54
C GLU F 600 -29.98 -19.64 -7.44
N TRP F 601 -29.96 -20.15 -6.22
CA TRP F 601 -30.66 -19.41 -5.15
C TRP F 601 -29.97 -18.10 -4.81
N ILE F 602 -28.63 -18.09 -4.89
CA ILE F 602 -27.89 -16.84 -4.67
C ILE F 602 -28.17 -15.82 -5.78
N GLY F 603 -28.26 -16.28 -7.03
CA GLY F 603 -28.58 -15.35 -8.16
C GLY F 603 -27.50 -14.29 -8.28
N ASP F 604 -27.92 -13.04 -8.54
CA ASP F 604 -26.97 -11.95 -8.50
C ASP F 604 -26.70 -11.44 -7.08
N GLY F 605 -27.22 -12.12 -6.06
CA GLY F 605 -27.02 -11.73 -4.66
C GLY F 605 -27.81 -10.55 -4.12
N SER F 606 -28.74 -9.97 -4.92
CA SER F 606 -29.44 -8.72 -4.54
C SER F 606 -30.80 -8.91 -3.83
N GLU F 607 -31.30 -10.15 -3.73
CA GLU F 607 -32.65 -10.31 -3.22
C GLU F 607 -32.67 -10.12 -1.70
N ASN F 608 -33.80 -9.66 -1.21
CA ASN F 608 -33.98 -9.33 0.18
C ASN F 608 -34.05 -10.60 1.05
N ILE F 609 -33.36 -10.59 2.18
CA ILE F 609 -33.55 -11.66 3.17
C ILE F 609 -33.80 -11.09 4.57
N ASP F 610 -34.13 -9.82 4.64
CA ASP F 610 -34.44 -9.18 5.92
C ASP F 610 -35.94 -9.20 6.19
N ASN F 611 -36.37 -9.81 7.30
CA ASN F 611 -37.78 -9.83 7.64
C ASN F 611 -38.64 -10.48 6.58
N THR F 612 -38.33 -11.72 6.23
CA THR F 612 -39.12 -12.39 5.21
C THR F 612 -39.00 -13.89 5.48
N ASP F 613 -39.38 -14.72 4.51
CA ASP F 613 -39.15 -16.14 4.69
C ASP F 613 -37.76 -16.50 4.15
N ILE F 614 -36.91 -17.11 4.97
CA ILE F 614 -35.50 -17.29 4.56
C ILE F 614 -35.04 -18.72 4.74
N LEU F 615 -33.90 -19.07 4.12
CA LEU F 615 -33.35 -20.39 4.28
C LEU F 615 -31.88 -20.15 4.65
N PHE F 616 -31.38 -20.87 5.65
CA PHE F 616 -30.06 -20.58 6.21
C PHE F 616 -29.29 -21.85 6.05
N PHE F 617 -28.31 -21.89 5.15
CA PHE F 617 -27.53 -23.13 4.98
C PHE F 617 -26.16 -22.94 5.64
N HIS F 618 -25.73 -23.83 6.55
CA HIS F 618 -24.48 -23.59 7.23
C HIS F 618 -23.54 -24.72 6.83
N THR F 619 -22.31 -24.38 6.44
CA THR F 619 -21.27 -25.36 6.12
C THR F 619 -20.40 -25.58 7.32
N PHE F 620 -20.21 -26.82 7.72
CA PHE F 620 -19.29 -27.07 8.90
C PHE F 620 -18.70 -28.43 8.65
N GLY F 621 -17.77 -28.85 9.49
CA GLY F 621 -17.15 -30.16 9.33
C GLY F 621 -15.71 -30.09 9.77
N ILE F 622 -14.85 -30.93 9.18
CA ILE F 622 -13.47 -31.02 9.65
C ILE F 622 -12.49 -31.22 8.52
N THR F 623 -11.23 -30.98 8.83
CA THR F 623 -10.16 -31.25 7.91
C THR F 623 -9.33 -32.36 8.52
N HIS F 624 -9.15 -33.45 7.78
CA HIS F 624 -8.66 -34.72 8.36
C HIS F 624 -7.33 -35.09 7.69
N PHE F 625 -6.25 -35.01 8.50
CA PHE F 625 -4.89 -35.41 8.11
C PHE F 625 -4.62 -36.76 8.82
N PRO F 626 -4.77 -37.89 8.08
CA PRO F 626 -4.76 -39.19 8.74
C PRO F 626 -3.48 -39.39 9.54
N ALA F 627 -3.59 -40.15 10.61
CA ALA F 627 -2.45 -40.61 11.45
C ALA F 627 -2.62 -42.11 11.69
N PRO F 628 -1.54 -42.82 12.07
CA PRO F 628 -1.70 -44.28 12.30
C PRO F 628 -2.82 -44.68 13.27
N GLU F 629 -3.10 -43.83 14.25
CA GLU F 629 -4.19 -44.08 15.20
C GLU F 629 -5.53 -44.30 14.48
N ASP F 630 -5.69 -43.74 13.28
CA ASP F 630 -6.94 -43.92 12.53
C ASP F 630 -7.11 -45.31 11.87
N PHE F 631 -6.02 -46.09 11.84
CA PHE F 631 -5.97 -47.35 11.08
C PHE F 631 -5.82 -48.50 12.04
N PRO F 632 -6.40 -49.66 11.72
CA PRO F 632 -7.18 -49.99 10.53
C PRO F 632 -8.66 -49.63 10.61
N LEU F 633 -9.05 -49.13 11.78
CA LEU F 633 -10.42 -48.80 12.12
C LEU F 633 -10.22 -47.52 12.95
N MET F 634 -11.04 -46.51 12.72
CA MET F 634 -10.80 -45.15 13.24
C MET F 634 -11.59 -44.91 14.54
N PRO F 635 -10.91 -44.44 15.60
CA PRO F 635 -11.64 -43.95 16.79
C PRO F 635 -12.56 -42.79 16.41
N ALA F 636 -13.71 -42.71 17.07
CA ALA F 636 -14.74 -41.73 16.75
C ALA F 636 -14.18 -40.30 16.83
N GLU F 637 -14.43 -39.54 15.76
CA GLU F 637 -14.07 -38.09 15.71
C GLU F 637 -15.33 -37.21 15.81
N PRO F 638 -15.39 -36.33 16.85
CA PRO F 638 -16.62 -35.57 17.13
C PRO F 638 -16.74 -34.29 16.32
N ILE F 639 -17.97 -33.95 15.93
CA ILE F 639 -18.26 -32.63 15.37
C ILE F 639 -19.56 -32.21 16.06
N THR F 640 -19.67 -30.92 16.39
CA THR F 640 -20.90 -30.41 16.97
C THR F 640 -21.16 -28.97 16.55
N LEU F 641 -22.43 -28.57 16.57
CA LEU F 641 -22.86 -27.15 16.45
C LEU F 641 -24.08 -27.09 17.34
N MET F 642 -24.52 -25.89 17.70
CA MET F 642 -25.63 -25.71 18.61
C MET F 642 -26.46 -24.50 18.19
N LEU F 643 -27.77 -24.58 18.38
CA LEU F 643 -28.65 -23.44 18.22
C LEU F 643 -29.26 -23.12 19.60
N ARG F 644 -28.91 -21.95 20.19
CA ARG F 644 -29.31 -21.60 21.56
CA ARG F 644 -29.30 -21.59 21.55
C ARG F 644 -30.31 -20.46 21.55
N PRO F 645 -31.35 -20.56 22.39
CA PRO F 645 -32.28 -19.41 22.43
C PRO F 645 -31.57 -18.28 23.12
N ARG F 646 -31.58 -17.10 22.51
CA ARG F 646 -31.00 -15.92 23.13
C ARG F 646 -31.99 -14.78 22.93
N HIS F 647 -32.41 -14.25 24.06
CA HIS F 647 -33.49 -13.28 24.07
C HIS F 647 -34.80 -13.89 23.64
N PHE F 648 -34.85 -15.21 23.50
CA PHE F 648 -36.12 -15.85 23.11
C PHE F 648 -37.05 -15.83 24.35
N PHE F 649 -36.50 -16.19 25.50
CA PHE F 649 -37.23 -16.19 26.75
C PHE F 649 -36.89 -14.95 27.53
N THR F 650 -37.58 -14.74 28.64
CA THR F 650 -37.29 -13.65 29.55
C THR F 650 -36.62 -14.21 30.78
N GLU F 651 -36.47 -15.52 30.90
CA GLU F 651 -35.64 -16.02 31.98
C GLU F 651 -35.28 -17.42 31.60
N ASN F 652 -34.30 -18.02 32.28
CA ASN F 652 -33.96 -19.43 32.10
C ASN F 652 -35.20 -20.33 32.13
N PRO F 653 -35.50 -21.00 31.01
CA PRO F 653 -36.77 -21.69 30.89
C PRO F 653 -36.80 -23.04 31.60
N GLY F 654 -35.69 -23.48 32.15
CA GLY F 654 -35.67 -24.76 32.84
C GLY F 654 -35.91 -24.71 34.35
N LEU F 655 -36.19 -23.52 34.91
CA LEU F 655 -36.31 -23.35 36.36
C LEU F 655 -37.51 -24.05 37.02
N ASP F 656 -38.48 -24.48 36.20
CA ASP F 656 -39.62 -25.24 36.71
C ASP F 656 -39.41 -26.77 36.69
N ILE F 657 -38.19 -27.22 36.40
CA ILE F 657 -37.86 -28.65 36.44
C ILE F 657 -37.48 -28.91 37.90
N GLN F 658 -37.96 -30.02 38.50
CA GLN F 658 -37.67 -30.29 39.92
C GLN F 658 -36.19 -30.45 40.06
N PRO F 659 -35.58 -29.68 40.97
CA PRO F 659 -34.17 -29.76 41.30
C PRO F 659 -33.85 -31.14 41.83
N SER F 660 -32.64 -31.67 41.61
CA SER F 660 -32.31 -32.93 42.27
C SER F 660 -31.94 -32.70 43.74
N TYR F 661 -31.54 -31.49 44.07
CA TYR F 661 -31.31 -31.10 45.45
C TYR F 661 -31.55 -29.60 45.58
N ALA F 662 -32.31 -29.24 46.63
CA ALA F 662 -32.57 -27.86 47.00
C ALA F 662 -32.64 -27.64 48.52
N MET F 663 -31.80 -26.75 49.03
CA MET F 663 -31.97 -26.20 50.36
C MET F 663 -31.89 -24.66 50.29
N THR F 664 -32.92 -23.98 50.82
CA THR F 664 -32.89 -22.51 51.00
C THR F 664 -32.10 -22.13 52.25
N THR F 665 -31.82 -20.85 52.39
CA THR F 665 -31.10 -20.33 53.55
C THR F 665 -31.87 -20.54 54.87
N SER F 666 -33.17 -20.27 54.84
CA SER F 666 -34.04 -20.58 55.97
C SER F 666 -33.99 -22.09 56.35
N GLU F 667 -34.04 -22.98 55.35
CA GLU F 667 -33.98 -24.42 55.60
C GLU F 667 -32.67 -24.85 56.22
N ALA F 668 -31.58 -24.24 55.78
CA ALA F 668 -30.28 -24.53 56.36
C ALA F 668 -30.16 -24.07 57.81
N LYS F 669 -30.77 -22.91 58.13
CA LYS F 669 -30.69 -22.36 59.48
CA LYS F 669 -30.75 -22.32 59.48
C LYS F 669 -31.49 -23.25 60.43
N ARG F 670 -32.54 -23.87 59.91
CA ARG F 670 -33.43 -24.71 60.71
C ARG F 670 -32.87 -26.11 60.89
N ALA F 671 -31.76 -26.41 60.21
CA ALA F 671 -31.17 -27.74 60.29
C ALA F 671 -29.97 -27.79 61.24
N VAL F 672 -29.47 -26.62 61.66
CA VAL F 672 -28.50 -26.53 62.78
C VAL F 672 -29.17 -26.26 64.17
#